data_5Q07
#
_entry.id   5Q07
#
_cell.length_a   66.190
_cell.length_b   284.507
_cell.length_c   83.226
_cell.angle_alpha   90.000
_cell.angle_beta   97.660
_cell.angle_gamma   90.000
#
_symmetry.space_group_name_H-M   'P 1 21 1'
#
loop_
_entity.id
_entity.type
_entity.pdbx_description
1 polymer 'Fructose-1,6-bisphosphatase 1'
2 non-polymer N-{[4-bromo-6-(morpholin-4-yl)pyridin-2-yl]carbamoyl}-5-(2-methoxyethyl)-4-methylthiophene-2-sulfonamide
3 water water
#
_entity_poly.entity_id   1
_entity_poly.type   'polypeptide(L)'
_entity_poly.pdbx_seq_one_letter_code
;MADQAPFDTDVNTLTRFVMEEGRKARGTGELTQLLNSLCTAVKAISSAVRKAGIAHLYGIAGSTNVTGDQVKKLDVLSND
LVMNMLKSSFATCVLVSEEDKHAIIVEPEKRGKYVVCFDPLDGSSNIDCLVSVGTIFGIYRKKSTDEPSEKDALQPGRNL
VAAGYALYGSATMLVLAMDCGVNCFMLDPAIGEFILVDKDVKIKKKGKIYSLNEGYAKDFDPAVTEYIQRKKFPPDNSAP
YGARYVGSMVADVHRTLVYGGIFLYPANKKSPNGKLRLLYECNPMAYVMEKAGGMATTGKEAVLDVIPTDIHQRAPVILG
SPDDVLEFLKVYEKHSAQ
;
_entity_poly.pdbx_strand_id   A,B,C,D,E,F,G,H
#
loop_
_chem_comp.id
_chem_comp.type
_chem_comp.name
_chem_comp.formula
95Y non-polymer N-{[4-bromo-6-(morpholin-4-yl)pyridin-2-yl]carbamoyl}-5-(2-methoxyethyl)-4-methylthiophene-2-sulfonamide 'C18 H23 Br N4 O5 S2'
#
# COMPACT_ATOMS: atom_id res chain seq x y z
N ASP A 10 21.03 45.87 15.99
CA ASP A 10 20.34 45.92 17.26
C ASP A 10 19.45 44.69 17.40
N VAL A 11 19.60 43.95 18.50
CA VAL A 11 18.83 42.71 18.69
C VAL A 11 17.37 43.02 18.99
N ASN A 12 16.49 42.17 18.50
CA ASN A 12 15.05 42.32 18.72
C ASN A 12 14.42 40.97 19.04
N THR A 13 13.47 40.96 19.97
CA THR A 13 12.76 39.74 20.33
C THR A 13 11.26 39.86 20.09
N LEU A 14 10.61 38.70 20.04
CA LEU A 14 9.17 38.67 19.83
C LEU A 14 8.48 39.50 20.89
N THR A 15 8.87 39.30 22.14
CA THR A 15 8.25 40.05 23.24
C THR A 15 8.52 41.53 23.08
N ARG A 16 9.78 41.90 22.82
CA ARG A 16 10.07 43.31 22.59
C ARG A 16 9.32 43.86 21.38
N PHE A 17 9.25 43.09 20.28
CA PHE A 17 8.63 43.57 19.04
C PHE A 17 7.13 43.84 19.22
N VAL A 18 6.40 42.88 19.78
CA VAL A 18 4.96 43.05 19.95
C VAL A 18 4.66 44.23 20.88
N MET A 19 5.41 44.34 21.99
CA MET A 19 5.12 45.38 22.97
C MET A 19 5.26 46.79 22.39
N GLU A 20 6.33 47.05 21.62
CA GLU A 20 6.48 48.39 21.06
C GLU A 20 5.50 48.66 19.92
N GLU A 21 5.18 47.65 19.10
CA GLU A 21 4.09 47.83 18.13
C GLU A 21 2.78 48.12 18.84
N GLY A 22 2.55 47.47 19.97
CA GLY A 22 1.37 47.73 20.77
C GLY A 22 1.36 49.10 21.42
N ARG A 23 2.53 49.61 21.81
CA ARG A 23 2.61 50.95 22.41
C ARG A 23 2.28 52.03 21.38
N LYS A 24 2.78 51.87 20.16
CA LYS A 24 2.47 52.77 19.06
C LYS A 24 0.95 52.92 18.87
N ALA A 25 0.24 51.80 18.89
CA ALA A 25 -1.20 51.77 18.65
C ALA A 25 -2.00 52.29 19.82
N ARG A 26 -1.43 52.33 21.02
CA ARG A 26 -2.14 52.82 22.19
C ARG A 26 -3.39 51.99 22.44
N GLY A 27 -3.29 50.68 22.15
CA GLY A 27 -4.38 49.76 22.41
C GLY A 27 -4.44 49.41 23.87
N THR A 28 -5.44 48.59 24.21
CA THR A 28 -5.72 48.28 25.61
C THR A 28 -4.70 47.33 26.24
N GLY A 29 -3.85 46.68 25.44
CA GLY A 29 -2.91 45.71 25.95
C GLY A 29 -3.38 44.27 25.95
N GLU A 30 -4.68 44.01 25.71
CA GLU A 30 -5.14 42.62 25.69
C GLU A 30 -4.46 41.87 24.57
N LEU A 31 -4.25 42.52 23.43
CA LEU A 31 -3.62 41.84 22.30
C LEU A 31 -2.17 41.45 22.59
N THR A 32 -1.44 42.28 23.35
CA THR A 32 -0.07 41.94 23.71
C THR A 32 -0.03 40.77 24.72
N GLN A 33 -0.86 40.83 25.76
CA GLN A 33 -0.92 39.68 26.66
C GLN A 33 -1.41 38.43 25.95
N LEU A 34 -2.30 38.58 24.98
CA LEU A 34 -2.68 37.46 24.13
C LEU A 34 -1.46 36.92 23.39
N LEU A 35 -0.75 37.80 22.68
CA LEU A 35 0.38 37.34 21.89
C LEU A 35 1.49 36.77 22.76
N ASN A 36 1.72 37.37 23.93
CA ASN A 36 2.76 36.86 24.82
C ASN A 36 2.39 35.49 25.38
N SER A 37 1.11 35.27 25.66
CA SER A 37 0.68 33.96 26.12
C SER A 37 0.83 32.91 25.03
N LEU A 38 0.49 33.29 23.80
CA LEU A 38 0.64 32.38 22.67
C LEU A 38 2.10 32.02 22.43
N CYS A 39 3.00 32.98 22.64
CA CYS A 39 4.43 32.71 22.56
C CYS A 39 4.84 31.64 23.59
N THR A 40 4.32 31.74 24.81
CA THR A 40 4.65 30.76 25.84
C THR A 40 4.14 29.37 25.45
N ALA A 41 2.91 29.28 24.93
CA ALA A 41 2.39 27.99 24.49
C ALA A 41 3.25 27.37 23.39
N VAL A 42 3.72 28.19 22.47
CA VAL A 42 4.50 27.71 21.34
C VAL A 42 5.83 27.12 21.81
N LYS A 43 6.47 27.76 22.80
CA LYS A 43 7.70 27.21 23.33
C LYS A 43 7.45 25.89 24.09
N ALA A 44 6.33 25.79 24.81
CA ALA A 44 6.04 24.54 25.52
C ALA A 44 5.70 23.43 24.52
N ILE A 45 4.99 23.78 23.44
CA ILE A 45 4.71 22.79 22.41
C ILE A 45 6.02 22.33 21.77
N SER A 46 6.89 23.29 21.45
CA SER A 46 8.18 22.98 20.84
C SER A 46 8.97 21.98 21.67
N SER A 47 9.03 22.21 22.99
CA SER A 47 9.78 21.37 23.90
C SER A 47 9.28 19.93 23.84
N ALA A 48 7.96 19.77 23.83
CA ALA A 48 7.34 18.45 23.78
C ALA A 48 7.51 17.81 22.39
N VAL A 49 7.44 18.61 21.31
CA VAL A 49 7.61 18.05 19.97
C VAL A 49 9.02 17.52 19.78
N ARG A 50 10.03 18.22 20.32
CA ARG A 50 11.41 17.75 20.23
C ARG A 50 11.70 16.57 21.18
N LYS A 51 10.69 16.10 21.90
CA LYS A 51 10.71 14.90 22.75
C LYS A 51 11.47 15.14 24.06
N ALA A 52 11.43 16.37 24.59
CA ALA A 52 12.01 16.62 25.91
C ALA A 52 11.34 15.74 26.97
N GLY A 53 12.18 15.04 27.75
CA GLY A 53 11.70 14.16 28.79
C GLY A 53 11.18 12.80 28.35
N ILE A 54 11.38 12.43 27.07
CA ILE A 54 10.94 11.12 26.59
C ILE A 54 11.66 9.97 27.29
N ALA A 55 12.89 10.20 27.79
CA ALA A 55 13.58 9.15 28.53
C ALA A 55 12.73 8.64 29.67
N HIS A 56 11.94 9.53 30.27
CA HIS A 56 11.08 9.11 31.35
C HIS A 56 9.93 8.24 30.83
N LEU A 57 9.51 8.47 29.57
CA LEU A 57 8.45 7.64 29.02
C LEU A 57 8.90 6.21 28.86
N TYR A 58 10.18 6.02 28.60
CA TYR A 58 10.74 4.72 28.35
C TYR A 58 11.41 4.12 29.58
N GLY A 59 11.16 4.69 30.76
CA GLY A 59 11.50 4.08 32.03
C GLY A 59 12.86 4.39 32.62
N ILE A 60 13.40 5.59 32.40
CA ILE A 60 14.71 5.90 32.98
C ILE A 60 14.68 5.85 34.50
N ALA A 61 13.52 6.09 35.11
CA ALA A 61 13.39 5.98 36.56
C ALA A 61 12.44 4.88 37.00
N GLY A 62 11.87 4.12 36.08
CA GLY A 62 10.90 3.12 36.46
C GLY A 62 9.92 2.79 35.36
N VAL A 71 2.87 12.20 29.50
CA VAL A 71 2.07 10.98 29.59
C VAL A 71 0.93 11.03 28.56
N LYS A 72 0.73 12.20 27.95
CA LYS A 72 -0.44 12.49 27.15
C LYS A 72 -0.04 12.78 25.70
N LYS A 73 -0.92 12.44 24.76
CA LYS A 73 -0.59 12.52 23.35
C LYS A 73 -0.31 13.97 22.93
N LEU A 74 0.53 14.15 21.92
CA LEU A 74 1.08 15.49 21.67
C LEU A 74 0.00 16.46 21.21
N ASP A 75 -0.95 16.01 20.40
CA ASP A 75 -1.98 16.93 19.96
C ASP A 75 -2.97 17.24 21.08
N VAL A 76 -3.17 16.32 22.02
CA VAL A 76 -3.97 16.64 23.20
C VAL A 76 -3.22 17.66 24.06
N LEU A 77 -1.91 17.46 24.25
CA LEU A 77 -1.10 18.38 25.03
C LEU A 77 -1.04 19.76 24.38
N SER A 78 -0.92 19.81 23.05
CA SER A 78 -0.88 21.08 22.34
C SER A 78 -2.16 21.87 22.54
N ASN A 79 -3.31 21.21 22.37
CA ASN A 79 -4.58 21.86 22.59
C ASN A 79 -4.67 22.41 24.01
N ASP A 80 -4.28 21.59 25.00
CA ASP A 80 -4.32 22.02 26.40
C ASP A 80 -3.36 23.18 26.66
N LEU A 81 -2.19 23.18 26.00
CA LEU A 81 -1.27 24.29 26.21
C LEU A 81 -1.82 25.60 25.67
N VAL A 82 -2.26 25.59 24.40
CA VAL A 82 -2.79 26.80 23.79
C VAL A 82 -4.07 27.25 24.50
N MET A 83 -4.99 26.30 24.72
CA MET A 83 -6.25 26.60 25.41
C MET A 83 -6.00 27.28 26.74
N ASN A 84 -5.11 26.70 27.54
CA ASN A 84 -4.95 27.17 28.90
C ASN A 84 -4.18 28.49 28.95
N MET A 85 -3.17 28.65 28.08
CA MET A 85 -2.46 29.93 28.02
C MET A 85 -3.37 31.04 27.51
N LEU A 86 -4.25 30.74 26.55
CA LEU A 86 -5.13 31.77 26.03
C LEU A 86 -6.17 32.18 27.07
N LYS A 87 -6.84 31.20 27.70
CA LYS A 87 -7.81 31.51 28.76
C LYS A 87 -7.21 32.37 29.86
N SER A 88 -6.00 32.03 30.31
CA SER A 88 -5.38 32.73 31.43
C SER A 88 -4.74 34.07 31.04
N SER A 89 -4.81 34.47 29.76
CA SER A 89 -4.33 35.76 29.31
C SER A 89 -5.29 36.90 29.65
N PHE A 90 -6.53 36.59 30.05
CA PHE A 90 -7.58 37.57 30.26
C PHE A 90 -7.85 38.41 29.02
N ALA A 91 -7.55 37.87 27.83
CA ALA A 91 -7.65 38.62 26.58
C ALA A 91 -8.62 38.03 25.56
N THR A 92 -9.20 36.86 25.82
CA THR A 92 -10.04 36.15 24.86
C THR A 92 -11.46 35.95 25.41
N CYS A 93 -12.37 35.67 24.48
CA CYS A 93 -13.76 35.41 24.86
C CYS A 93 -14.24 34.14 24.18
N VAL A 94 -13.77 33.87 22.97
CA VAL A 94 -14.16 32.70 22.21
C VAL A 94 -12.91 32.03 21.64
N LEU A 95 -12.80 30.71 21.80
CA LEU A 95 -11.66 29.97 21.28
C LEU A 95 -12.17 28.82 20.40
N VAL A 96 -11.72 28.78 19.15
CA VAL A 96 -12.08 27.73 18.23
C VAL A 96 -10.83 26.93 17.91
N SER A 97 -10.91 25.61 18.12
CA SER A 97 -9.80 24.70 17.95
C SER A 97 -10.17 23.56 17.00
N GLU A 98 -9.20 23.17 16.16
CA GLU A 98 -9.34 21.99 15.34
C GLU A 98 -9.70 20.77 16.20
N GLU A 99 -9.35 20.78 17.49
CA GLU A 99 -9.58 19.66 18.39
C GLU A 99 -10.98 19.61 18.98
N ASP A 100 -11.72 20.71 18.95
CA ASP A 100 -12.97 20.79 19.68
C ASP A 100 -14.14 21.03 18.74
N LYS A 101 -15.22 20.26 18.93
CA LYS A 101 -16.39 20.39 18.07
C LYS A 101 -17.06 21.74 18.22
N HIS A 102 -17.25 22.20 19.45
CA HIS A 102 -17.83 23.51 19.62
C HIS A 102 -16.77 24.50 20.06
N ALA A 103 -17.06 25.77 19.78
CA ALA A 103 -16.21 26.82 20.29
C ALA A 103 -16.26 26.81 21.80
N ILE A 104 -15.16 27.17 22.43
CA ILE A 104 -15.06 27.32 23.88
C ILE A 104 -15.29 28.79 24.21
N ILE A 105 -16.23 29.05 25.10
CA ILE A 105 -16.53 30.40 25.57
C ILE A 105 -15.80 30.58 26.89
N VAL A 106 -14.90 31.56 26.95
CA VAL A 106 -14.11 31.81 28.15
C VAL A 106 -15.01 32.20 29.30
N GLU A 107 -14.69 31.69 30.49
CA GLU A 107 -15.48 32.03 31.66
C GLU A 107 -15.40 33.54 31.95
N PRO A 108 -16.43 34.09 32.60
CA PRO A 108 -16.54 35.56 32.68
C PRO A 108 -15.37 36.24 33.36
N GLU A 109 -14.84 35.65 34.43
CA GLU A 109 -13.78 36.29 35.18
C GLU A 109 -12.52 36.46 34.35
N LYS A 110 -12.37 35.69 33.28
CA LYS A 110 -11.18 35.71 32.45
C LYS A 110 -11.40 36.33 31.07
N ARG A 111 -12.55 36.94 30.81
CA ARG A 111 -12.94 37.34 29.45
C ARG A 111 -12.23 38.59 28.94
N GLY A 112 -11.81 38.53 27.68
CA GLY A 112 -11.31 39.67 26.95
C GLY A 112 -12.09 39.84 25.66
N LYS A 113 -11.63 40.70 24.76
CA LYS A 113 -12.42 41.10 23.61
C LYS A 113 -12.02 40.38 22.31
N TYR A 114 -11.15 39.39 22.39
CA TYR A 114 -10.55 38.78 21.21
C TYR A 114 -11.05 37.36 20.97
N VAL A 115 -11.13 37.00 19.69
CA VAL A 115 -11.51 35.67 19.24
C VAL A 115 -10.32 35.01 18.56
N VAL A 116 -9.97 33.81 18.97
CA VAL A 116 -8.79 33.13 18.44
C VAL A 116 -9.22 31.78 17.90
N CYS A 117 -8.92 31.55 16.63
CA CYS A 117 -9.09 30.28 15.97
C CYS A 117 -7.68 29.72 15.82
N PHE A 118 -7.50 28.44 16.16
CA PHE A 118 -6.15 27.88 16.11
C PHE A 118 -6.20 26.40 15.82
N ASP A 119 -5.16 25.93 15.13
CA ASP A 119 -4.87 24.52 14.97
C ASP A 119 -3.70 24.22 15.90
N PRO A 120 -3.90 23.50 17.01
CA PRO A 120 -2.81 23.34 17.98
C PRO A 120 -1.64 22.54 17.47
N LEU A 121 -1.85 21.53 16.61
CA LEU A 121 -0.69 20.79 16.11
C LEU A 121 -1.02 20.24 14.71
N ASP A 122 -0.80 21.07 13.71
CA ASP A 122 -1.05 20.70 12.33
C ASP A 122 0.04 19.78 11.80
N GLY A 123 -0.38 18.79 11.00
CA GLY A 123 0.52 17.79 10.44
C GLY A 123 0.77 16.59 11.33
N SER A 124 0.13 16.51 12.49
CA SER A 124 0.44 15.48 13.47
C SER A 124 0.02 14.10 13.03
N SER A 125 -0.74 13.97 11.93
CA SER A 125 -1.06 12.64 11.40
C SER A 125 0.20 11.88 11.03
N ASN A 126 1.22 12.59 10.56
CA ASN A 126 2.51 11.98 10.22
C ASN A 126 3.58 12.21 11.28
N ILE A 127 3.21 12.50 12.53
CA ILE A 127 4.23 12.79 13.54
C ILE A 127 5.07 11.58 13.91
N ASP A 128 4.61 10.37 13.55
CA ASP A 128 5.39 9.13 13.77
C ASP A 128 6.64 9.08 12.91
N CYS A 129 6.64 9.78 11.78
CA CYS A 129 7.79 9.85 10.90
C CYS A 129 8.62 11.10 11.13
N LEU A 130 8.36 11.83 12.22
CA LEU A 130 9.14 13.02 12.59
C LEU A 130 9.08 14.09 11.51
N VAL A 131 7.96 14.09 10.77
CA VAL A 131 7.71 15.14 9.80
C VAL A 131 7.58 16.47 10.53
N SER A 132 7.95 17.54 9.84
CA SER A 132 7.66 18.88 10.29
C SER A 132 6.20 18.97 10.68
N VAL A 133 5.93 19.59 11.84
CA VAL A 133 4.58 19.92 12.31
C VAL A 133 4.55 21.41 12.64
N GLY A 134 3.37 21.89 13.06
CA GLY A 134 3.21 23.32 13.32
C GLY A 134 1.90 23.67 14.01
N THR A 135 1.86 24.90 14.51
CA THR A 135 0.67 25.51 15.06
C THR A 135 0.23 26.64 14.15
N ILE A 136 -1.08 26.74 13.89
CA ILE A 136 -1.62 27.81 13.05
C ILE A 136 -2.58 28.62 13.89
N PHE A 137 -2.59 29.95 13.69
CA PHE A 137 -3.49 30.75 14.52
C PHE A 137 -3.92 32.02 13.80
N GLY A 138 -5.17 32.41 14.05
CA GLY A 138 -5.69 33.69 13.61
C GLY A 138 -6.47 34.39 14.72
N ILE A 139 -6.28 35.70 14.83
CA ILE A 139 -6.87 36.46 15.94
C ILE A 139 -7.85 37.47 15.37
N TYR A 140 -9.10 37.43 15.86
CA TYR A 140 -10.12 38.40 15.49
C TYR A 140 -10.52 39.25 16.69
N ARG A 141 -11.13 40.40 16.39
CA ARG A 141 -11.78 41.20 17.40
C ARG A 141 -13.26 40.79 17.49
N LYS A 142 -13.81 40.90 18.68
CA LYS A 142 -15.24 40.65 18.86
C LYS A 142 -16.02 41.85 18.37
N LYS A 143 -17.12 41.58 17.66
CA LYS A 143 -17.79 42.65 16.92
C LYS A 143 -19.06 43.14 17.59
N SER A 144 -19.78 42.28 18.30
CA SER A 144 -21.06 42.67 18.88
C SER A 144 -20.98 42.65 20.40
N THR A 145 -21.94 43.33 21.03
CA THR A 145 -22.06 43.38 22.48
C THR A 145 -22.93 42.26 23.04
N ASP A 146 -23.46 41.37 22.20
CA ASP A 146 -24.17 40.23 22.74
C ASP A 146 -23.22 39.37 23.55
N GLU A 147 -23.79 38.50 24.37
CA GLU A 147 -22.99 37.55 25.11
C GLU A 147 -22.16 36.73 24.12
N PRO A 148 -20.90 36.42 24.43
CA PRO A 148 -20.06 35.72 23.45
C PRO A 148 -20.60 34.34 23.11
N SER A 149 -20.52 33.99 21.83
CA SER A 149 -21.02 32.72 21.33
C SER A 149 -20.18 32.28 20.15
N GLU A 150 -20.46 31.06 19.69
CA GLU A 150 -19.71 30.50 18.56
C GLU A 150 -19.78 31.37 17.31
N LYS A 151 -20.92 32.02 17.05
CA LYS A 151 -21.00 32.85 15.85
C LYS A 151 -19.98 33.99 15.82
N ASP A 152 -19.45 34.43 16.98
CA ASP A 152 -18.41 35.47 16.94
C ASP A 152 -17.16 35.00 16.20
N ALA A 153 -17.03 33.70 15.94
CA ALA A 153 -15.91 33.20 15.15
C ALA A 153 -16.25 33.11 13.66
N LEU A 154 -17.50 33.37 13.29
CA LEU A 154 -17.86 33.35 11.89
C LEU A 154 -17.69 34.75 11.30
N GLN A 155 -16.43 35.18 11.30
CA GLN A 155 -16.06 36.40 10.63
C GLN A 155 -15.16 36.05 9.45
N PRO A 156 -15.23 36.79 8.37
CA PRO A 156 -14.31 36.54 7.25
C PRO A 156 -12.88 36.91 7.60
N GLY A 157 -11.93 36.26 6.91
CA GLY A 157 -10.53 36.49 7.18
C GLY A 157 -10.09 37.95 7.05
N ARG A 158 -10.77 38.73 6.20
CA ARG A 158 -10.47 40.15 6.08
C ARG A 158 -10.45 40.84 7.43
N ASN A 159 -11.23 40.34 8.38
CA ASN A 159 -11.35 40.92 9.71
C ASN A 159 -10.21 40.51 10.64
N LEU A 160 -9.17 39.85 10.13
CA LEU A 160 -8.10 39.41 11.01
C LEU A 160 -7.33 40.59 11.54
N VAL A 161 -7.12 40.57 12.86
CA VAL A 161 -6.30 41.54 13.56
C VAL A 161 -4.82 41.14 13.45
N ALA A 162 -4.53 39.84 13.59
CA ALA A 162 -3.20 39.28 13.48
C ALA A 162 -3.33 37.81 13.15
N ALA A 163 -2.31 37.26 12.49
CA ALA A 163 -2.33 35.85 12.15
C ALA A 163 -0.89 35.37 12.03
N GLY A 164 -0.73 34.05 12.15
CA GLY A 164 0.58 33.47 11.92
C GLY A 164 0.64 32.00 12.27
N TYR A 165 1.87 31.52 12.39
CA TYR A 165 2.05 30.11 12.63
C TYR A 165 3.40 29.90 13.29
N ALA A 166 3.52 28.77 13.98
CA ALA A 166 4.78 28.24 14.46
C ALA A 166 5.12 27.01 13.64
N LEU A 167 6.32 26.99 13.08
CA LEU A 167 6.79 25.82 12.35
C LEU A 167 7.79 25.08 13.23
N TYR A 168 7.48 23.82 13.59
CA TYR A 168 8.39 22.94 14.34
C TYR A 168 9.15 22.07 13.36
N GLY A 169 10.14 22.67 12.71
CA GLY A 169 10.91 21.95 11.73
C GLY A 169 12.30 21.65 12.25
N SER A 170 13.27 21.74 11.34
CA SER A 170 14.67 21.59 11.72
C SER A 170 15.03 22.58 12.81
N ALA A 171 14.45 23.77 12.75
CA ALA A 171 14.46 24.71 13.86
C ALA A 171 13.02 25.13 14.10
N THR A 172 12.77 25.83 15.21
CA THR A 172 11.41 26.29 15.50
C THR A 172 11.28 27.78 15.20
N MET A 173 10.41 28.11 14.26
CA MET A 173 10.23 29.49 13.84
C MET A 173 8.77 29.90 14.05
N LEU A 174 8.58 31.13 14.49
CA LEU A 174 7.27 31.73 14.58
C LEU A 174 7.19 32.82 13.53
N VAL A 175 6.20 32.69 12.65
CA VAL A 175 5.90 33.65 11.60
C VAL A 175 4.64 34.40 12.02
N LEU A 176 4.75 35.71 12.21
CA LEU A 176 3.64 36.52 12.70
C LEU A 176 3.26 37.56 11.66
N ALA A 177 1.99 37.59 11.28
CA ALA A 177 1.48 38.56 10.32
C ALA A 177 0.47 39.48 10.99
N MET A 178 0.69 40.78 10.84
CA MET A 178 -0.21 41.82 11.31
C MET A 178 -0.33 42.86 10.21
N ASP A 179 -0.98 43.99 10.50
CA ASP A 179 -1.08 45.02 9.47
C ASP A 179 0.29 45.57 9.08
N CYS A 180 1.24 45.64 10.03
CA CYS A 180 2.54 46.16 9.64
C CYS A 180 3.31 45.20 8.73
N GLY A 181 2.81 43.98 8.51
CA GLY A 181 3.46 43.02 7.65
C GLY A 181 3.83 41.74 8.39
N VAL A 182 4.69 40.94 7.76
CA VAL A 182 5.07 39.62 8.23
C VAL A 182 6.48 39.68 8.81
N ASN A 183 6.65 39.10 10.00
CA ASN A 183 7.94 39.01 10.66
C ASN A 183 8.18 37.59 11.14
N CYS A 184 9.43 37.14 11.00
CA CYS A 184 9.84 35.77 11.31
C CYS A 184 10.74 35.77 12.52
N PHE A 185 10.46 34.87 13.46
CA PHE A 185 11.20 34.78 14.71
C PHE A 185 11.73 33.38 14.87
N MET A 186 13.03 33.27 15.10
CA MET A 186 13.67 31.99 15.35
C MET A 186 13.70 31.73 16.85
N LEU A 187 13.33 30.52 17.25
CA LEU A 187 13.42 30.12 18.65
C LEU A 187 14.86 29.74 18.98
N ASP A 188 15.48 30.47 19.89
CA ASP A 188 16.77 30.04 20.41
C ASP A 188 16.50 29.18 21.64
N PRO A 189 16.61 27.86 21.55
CA PRO A 189 16.24 27.04 22.71
C PRO A 189 17.19 27.22 23.88
N ALA A 190 18.39 27.75 23.64
CA ALA A 190 19.34 27.92 24.73
C ALA A 190 18.86 28.95 25.74
N ILE A 191 18.04 29.91 25.33
CA ILE A 191 17.54 30.92 26.23
C ILE A 191 16.03 31.07 26.20
N GLY A 192 15.33 30.27 25.40
CA GLY A 192 13.88 30.35 25.34
C GLY A 192 13.38 31.69 24.86
N GLU A 193 14.03 32.27 23.85
CA GLU A 193 13.64 33.55 23.28
C GLU A 193 13.44 33.41 21.79
N PHE A 194 12.43 34.10 21.29
CA PHE A 194 12.16 34.18 19.85
C PHE A 194 12.92 35.37 19.26
N ILE A 195 13.88 35.10 18.37
CA ILE A 195 14.75 36.13 17.83
C ILE A 195 14.26 36.58 16.44
N LEU A 196 14.10 37.89 16.28
CA LEU A 196 13.71 38.45 15.01
C LEU A 196 14.85 38.29 14.02
N VAL A 197 14.59 37.54 12.96
CA VAL A 197 15.61 37.21 11.98
C VAL A 197 15.23 37.64 10.58
N ASP A 198 13.95 37.81 10.28
CA ASP A 198 13.52 38.26 8.97
C ASP A 198 12.42 39.29 9.14
N LYS A 199 12.73 40.55 8.83
CA LYS A 199 11.78 41.65 8.99
C LYS A 199 11.08 41.90 7.67
N ASP A 200 9.77 42.07 7.74
CA ASP A 200 8.95 42.56 6.62
C ASP A 200 9.08 41.68 5.39
N VAL A 201 8.80 40.39 5.56
CA VAL A 201 9.08 39.44 4.51
C VAL A 201 8.04 39.58 3.40
N LYS A 202 8.49 39.39 2.16
CA LYS A 202 7.65 39.46 0.98
C LYS A 202 7.93 38.24 0.10
N ILE A 203 6.88 37.63 -0.47
CA ILE A 203 7.08 36.43 -1.29
C ILE A 203 7.55 36.83 -2.67
N LYS A 204 8.36 35.97 -3.29
CA LYS A 204 8.78 36.16 -4.67
C LYS A 204 7.57 36.41 -5.58
N LYS A 205 7.77 37.21 -6.62
CA LYS A 205 6.70 37.42 -7.60
C LYS A 205 6.36 36.13 -8.33
N LYS A 206 7.35 35.29 -8.65
CA LYS A 206 7.07 34.05 -9.35
C LYS A 206 8.10 33.00 -8.95
N GLY A 207 7.63 31.79 -8.68
CA GLY A 207 8.46 30.72 -8.17
C GLY A 207 8.75 29.59 -9.15
N LYS A 208 9.35 28.53 -8.59
CA LYS A 208 9.80 27.38 -9.36
C LYS A 208 9.33 26.05 -8.75
N ILE A 209 8.41 26.09 -7.79
CA ILE A 209 7.93 24.89 -7.10
C ILE A 209 6.42 24.94 -6.93
N TYR A 210 5.75 23.85 -7.27
CA TYR A 210 4.35 23.66 -6.95
C TYR A 210 4.23 22.53 -5.94
N SER A 211 3.19 22.62 -5.12
CA SER A 211 3.00 21.75 -3.96
C SER A 211 1.57 21.23 -3.94
N LEU A 212 1.40 19.93 -4.13
CA LEU A 212 0.11 19.27 -3.93
C LEU A 212 0.32 17.75 -3.95
N ASN A 213 -0.72 17.02 -3.53
CA ASN A 213 -0.68 15.56 -3.49
C ASN A 213 -1.10 15.00 -4.85
N GLU A 214 -0.12 14.75 -5.73
CA GLU A 214 -0.37 14.20 -7.05
C GLU A 214 -0.78 12.74 -7.06
N GLY A 215 -0.74 12.05 -5.92
CA GLY A 215 -1.22 10.69 -5.89
C GLY A 215 -2.70 10.59 -6.14
N TYR A 216 -3.45 11.64 -5.82
CA TYR A 216 -4.89 11.72 -6.04
C TYR A 216 -5.25 12.42 -7.35
N ALA A 217 -4.35 12.35 -8.33
CA ALA A 217 -4.58 13.01 -9.62
C ALA A 217 -5.81 12.44 -10.33
N LYS A 218 -6.12 11.16 -10.10
CA LYS A 218 -7.28 10.52 -10.73
C LYS A 218 -8.58 11.21 -10.38
N ASP A 219 -8.60 11.99 -9.30
CA ASP A 219 -9.80 12.69 -8.85
C ASP A 219 -9.70 14.20 -9.07
N PHE A 220 -8.68 14.66 -9.81
CA PHE A 220 -8.47 16.08 -10.06
C PHE A 220 -9.63 16.71 -10.82
N ASP A 221 -9.93 17.96 -10.50
CA ASP A 221 -10.73 18.78 -11.39
C ASP A 221 -9.91 19.08 -12.65
N PRO A 222 -10.56 19.24 -13.81
CA PRO A 222 -9.80 19.40 -15.08
C PRO A 222 -8.84 20.56 -15.10
N ALA A 223 -9.13 21.66 -14.39
CA ALA A 223 -8.21 22.79 -14.35
C ALA A 223 -6.90 22.44 -13.64
N VAL A 224 -6.99 21.75 -12.50
CA VAL A 224 -5.78 21.35 -11.79
C VAL A 224 -4.94 20.42 -12.64
N THR A 225 -5.60 19.45 -13.28
CA THR A 225 -4.91 18.51 -14.15
C THR A 225 -4.13 19.23 -15.26
N GLU A 226 -4.76 20.23 -15.91
CA GLU A 226 -4.04 20.92 -16.98
C GLU A 226 -2.94 21.83 -16.42
N TYR A 227 -3.21 22.51 -15.30
CA TYR A 227 -2.18 23.37 -14.71
C TYR A 227 -0.97 22.55 -14.29
N ILE A 228 -1.18 21.42 -13.62
CA ILE A 228 -0.05 20.56 -13.27
C ILE A 228 0.62 20.04 -14.54
N GLN A 229 -0.17 19.72 -15.56
CA GLN A 229 0.39 19.37 -16.87
C GLN A 229 1.26 20.47 -17.43
N ARG A 230 0.83 21.72 -17.29
CA ARG A 230 1.65 22.83 -17.77
C ARG A 230 2.91 23.02 -16.96
N LYS A 231 2.89 22.63 -15.69
CA LYS A 231 4.09 22.78 -14.89
C LYS A 231 5.13 21.73 -15.27
N LYS A 232 4.71 20.50 -15.60
CA LYS A 232 5.67 19.47 -15.98
C LYS A 232 6.07 19.54 -17.45
N PHE A 233 5.15 19.88 -18.33
CA PHE A 233 5.42 19.95 -19.77
C PHE A 233 5.02 21.35 -20.21
N PRO A 234 5.84 22.34 -19.90
CA PRO A 234 5.47 23.74 -20.18
C PRO A 234 5.21 23.96 -21.65
N PRO A 235 4.12 24.64 -22.01
CA PRO A 235 3.83 24.87 -23.44
C PRO A 235 4.83 25.79 -24.12
N ASP A 236 5.64 26.54 -23.36
CA ASP A 236 6.67 27.41 -23.93
C ASP A 236 8.05 26.78 -23.81
N ASN A 237 8.13 25.47 -23.57
CA ASN A 237 9.35 24.69 -23.53
C ASN A 237 10.39 25.24 -22.55
N SER A 238 9.94 25.97 -21.53
CA SER A 238 10.84 26.47 -20.50
C SER A 238 11.17 25.34 -19.54
N ALA A 239 11.95 25.64 -18.51
CA ALA A 239 12.30 24.61 -17.56
C ALA A 239 11.08 24.24 -16.71
N PRO A 240 10.83 22.96 -16.50
CA PRO A 240 9.74 22.54 -15.61
C PRO A 240 9.99 22.94 -14.17
N TYR A 241 8.90 23.15 -13.44
CA TYR A 241 8.99 23.37 -12.01
C TYR A 241 9.44 22.09 -11.31
N GLY A 242 10.00 22.25 -10.12
CA GLY A 242 10.18 21.13 -9.25
C GLY A 242 8.93 20.86 -8.42
N ALA A 243 8.80 19.60 -7.99
CA ALA A 243 7.69 19.21 -7.12
C ALA A 243 8.21 18.95 -5.72
N ARG A 244 7.50 19.47 -4.73
CA ARG A 244 7.76 19.23 -3.33
C ARG A 244 6.39 19.11 -2.68
N TYR A 245 6.20 18.07 -1.86
CA TYR A 245 4.99 18.02 -1.03
C TYR A 245 5.34 17.34 0.28
N VAL A 246 5.38 18.11 1.37
CA VAL A 246 5.71 17.52 2.66
C VAL A 246 4.56 16.69 3.17
N GLY A 247 3.33 17.12 2.88
CA GLY A 247 2.14 16.53 3.46
C GLY A 247 1.79 17.13 4.80
N SER A 248 2.58 18.08 5.26
CA SER A 248 2.32 18.84 6.48
C SER A 248 2.10 20.28 6.06
N MET A 249 0.91 20.82 6.36
CA MET A 249 0.51 22.07 5.73
C MET A 249 1.45 23.22 6.10
N VAL A 250 1.81 23.33 7.38
CA VAL A 250 2.65 24.44 7.83
C VAL A 250 4.02 24.40 7.14
N ALA A 251 4.59 23.22 6.96
CA ALA A 251 5.88 23.12 6.28
C ALA A 251 5.76 23.51 4.80
N ASP A 252 4.73 23.04 4.12
CA ASP A 252 4.57 23.34 2.70
C ASP A 252 4.33 24.83 2.47
N VAL A 253 3.53 25.48 3.32
CA VAL A 253 3.23 26.90 3.10
C VAL A 253 4.41 27.79 3.43
N HIS A 254 5.18 27.45 4.46
CA HIS A 254 6.37 28.24 4.79
C HIS A 254 7.42 28.14 3.70
N ARG A 255 7.59 26.96 3.11
CA ARG A 255 8.51 26.84 1.99
C ARG A 255 8.06 27.72 0.83
N THR A 256 6.74 27.78 0.59
CA THR A 256 6.19 28.64 -0.45
C THR A 256 6.50 30.10 -0.18
N LEU A 257 6.31 30.56 1.07
CA LEU A 257 6.64 31.94 1.41
C LEU A 257 8.13 32.22 1.26
N VAL A 258 8.98 31.28 1.66
CA VAL A 258 10.42 31.54 1.64
C VAL A 258 10.96 31.40 0.23
N TYR A 259 10.55 30.37 -0.51
CA TYR A 259 11.15 30.09 -1.80
C TYR A 259 10.30 30.53 -2.99
N GLY A 260 9.04 30.90 -2.76
CA GLY A 260 8.14 31.17 -3.85
C GLY A 260 7.56 29.89 -4.42
N GLY A 261 6.60 30.06 -5.34
CA GLY A 261 5.90 28.95 -5.93
C GLY A 261 4.43 28.98 -5.56
N ILE A 262 3.81 27.81 -5.57
CA ILE A 262 2.37 27.70 -5.36
C ILE A 262 2.07 26.49 -4.49
N PHE A 263 1.12 26.66 -3.57
CA PHE A 263 0.65 25.55 -2.75
C PHE A 263 -0.82 25.33 -3.07
N LEU A 264 -1.17 24.08 -3.37
CA LEU A 264 -2.53 23.74 -3.79
C LEU A 264 -3.11 22.65 -2.89
N TYR A 265 -4.30 22.91 -2.39
CA TYR A 265 -5.20 21.88 -1.88
C TYR A 265 -6.54 22.21 -2.53
N PRO A 266 -6.73 21.81 -3.78
CA PRO A 266 -7.87 22.33 -4.55
C PRO A 266 -9.10 21.46 -4.37
N ALA A 267 -10.24 22.02 -4.77
CA ALA A 267 -11.49 21.31 -4.73
C ALA A 267 -11.56 20.30 -5.86
N ASN A 268 -12.20 19.15 -5.58
CA ASN A 268 -12.46 18.20 -6.64
C ASN A 268 -13.93 17.76 -6.60
N LYS A 269 -14.26 16.70 -7.32
CA LYS A 269 -15.65 16.26 -7.38
C LYS A 269 -16.08 15.64 -6.06
N LYS A 270 -15.22 14.82 -5.46
CA LYS A 270 -15.49 14.18 -4.18
C LYS A 270 -15.44 15.16 -3.01
N SER A 271 -14.73 16.29 -3.15
CA SER A 271 -14.62 17.30 -2.08
C SER A 271 -14.81 18.68 -2.67
N PRO A 272 -16.06 19.07 -2.97
CA PRO A 272 -16.30 20.35 -3.65
C PRO A 272 -15.96 21.56 -2.82
N ASN A 273 -15.81 21.43 -1.52
CA ASN A 273 -15.41 22.55 -0.68
C ASN A 273 -13.98 22.40 -0.18
N GLY A 274 -13.17 21.57 -0.84
CA GLY A 274 -11.82 21.34 -0.41
C GLY A 274 -11.80 20.48 0.84
N LYS A 275 -10.62 20.34 1.41
CA LYS A 275 -10.49 19.55 2.62
C LYS A 275 -9.96 20.35 3.80
N LEU A 276 -9.11 21.35 3.56
CA LEU A 276 -8.55 22.16 4.64
C LEU A 276 -9.63 23.04 5.28
N ARG A 277 -9.45 23.33 6.58
CA ARG A 277 -10.40 24.11 7.37
C ARG A 277 -10.20 25.61 7.22
N LEU A 278 -11.32 26.34 7.07
CA LEU A 278 -11.25 27.75 6.69
C LEU A 278 -10.78 28.61 7.85
N LEU A 279 -11.30 28.40 9.06
CA LEU A 279 -11.02 29.32 10.15
C LEU A 279 -9.58 29.23 10.66
N TYR A 280 -9.06 28.03 10.84
CA TYR A 280 -7.78 27.88 11.55
C TYR A 280 -6.69 27.23 10.71
N GLU A 281 -6.87 27.13 9.40
CA GLU A 281 -5.77 26.73 8.52
C GLU A 281 -5.70 27.67 7.33
N CYS A 282 -6.80 27.79 6.58
CA CYS A 282 -6.80 28.59 5.36
C CYS A 282 -6.71 30.09 5.66
N ASN A 283 -7.57 30.59 6.54
CA ASN A 283 -7.59 32.03 6.79
C ASN A 283 -6.26 32.53 7.32
N PRO A 284 -5.68 31.96 8.37
CA PRO A 284 -4.36 32.49 8.81
C PRO A 284 -3.30 32.41 7.73
N MET A 285 -3.25 31.31 6.95
CA MET A 285 -2.26 31.21 5.88
C MET A 285 -2.53 32.20 4.75
N ALA A 286 -3.80 32.43 4.41
CA ALA A 286 -4.13 33.44 3.41
C ALA A 286 -3.74 34.83 3.88
N TYR A 287 -3.95 35.10 5.18
CA TYR A 287 -3.55 36.37 5.75
C TYR A 287 -2.03 36.58 5.64
N VAL A 288 -1.24 35.60 6.04
CA VAL A 288 0.22 35.75 5.94
C VAL A 288 0.64 35.98 4.48
N MET A 289 0.11 35.18 3.55
CA MET A 289 0.50 35.30 2.14
C MET A 289 0.26 36.70 1.58
N GLU A 290 -0.93 37.26 1.84
CA GLU A 290 -1.28 38.57 1.26
C GLU A 290 -0.49 39.69 1.93
N LYS A 291 -0.27 39.60 3.24
CA LYS A 291 0.60 40.56 3.93
C LYS A 291 2.04 40.45 3.46
N ALA A 292 2.45 39.32 2.90
CA ALA A 292 3.75 39.16 2.30
C ALA A 292 3.69 39.41 0.79
N GLY A 293 2.56 39.92 0.31
CA GLY A 293 2.38 40.23 -1.09
C GLY A 293 1.99 39.07 -1.99
N GLY A 294 1.55 37.93 -1.43
CA GLY A 294 1.14 36.80 -2.24
C GLY A 294 -0.36 36.69 -2.38
N MET A 295 -0.80 35.57 -2.95
CA MET A 295 -2.22 35.38 -3.17
C MET A 295 -2.69 34.05 -2.59
N ALA A 296 -3.98 34.03 -2.28
CA ALA A 296 -4.66 32.85 -1.79
C ALA A 296 -6.11 32.95 -2.22
N THR A 297 -6.54 32.03 -3.07
CA THR A 297 -7.88 32.01 -3.65
C THR A 297 -8.51 30.65 -3.39
N THR A 298 -9.84 30.61 -3.36
CA THR A 298 -10.55 29.34 -3.32
C THR A 298 -10.78 28.79 -4.72
N GLY A 299 -10.43 29.54 -5.75
CA GLY A 299 -10.81 29.24 -7.11
C GLY A 299 -11.87 30.21 -7.57
N LYS A 300 -12.91 30.35 -6.76
CA LYS A 300 -14.01 31.26 -7.04
C LYS A 300 -13.87 32.61 -6.39
N GLU A 301 -13.20 32.69 -5.23
CA GLU A 301 -13.11 33.94 -4.49
C GLU A 301 -11.85 33.95 -3.68
N ALA A 302 -11.56 35.11 -3.08
CA ALA A 302 -10.44 35.21 -2.15
C ALA A 302 -10.75 34.40 -0.89
N VAL A 303 -9.75 33.65 -0.41
CA VAL A 303 -9.92 32.89 0.81
C VAL A 303 -10.40 33.80 1.94
N LEU A 304 -9.78 34.97 2.05
CA LEU A 304 -10.12 35.93 3.09
C LEU A 304 -11.52 36.52 2.93
N ASP A 305 -12.18 36.34 1.78
CA ASP A 305 -13.52 36.91 1.63
C ASP A 305 -14.63 35.92 1.95
N VAL A 306 -14.34 34.62 2.04
CA VAL A 306 -15.41 33.68 2.33
C VAL A 306 -15.98 33.98 3.71
N ILE A 307 -17.29 34.15 3.76
CA ILE A 307 -18.00 34.33 5.03
C ILE A 307 -18.39 32.94 5.50
N PRO A 308 -17.88 32.47 6.62
CA PRO A 308 -18.18 31.11 7.05
C PRO A 308 -19.54 31.02 7.75
N THR A 309 -20.12 29.82 7.68
CA THR A 309 -21.35 29.53 8.43
C THR A 309 -21.17 28.40 9.45
N ASP A 310 -20.03 27.71 9.44
CA ASP A 310 -19.70 26.65 10.39
C ASP A 310 -18.22 26.77 10.74
N ILE A 311 -17.89 26.73 12.04
CA ILE A 311 -16.52 27.04 12.45
C ILE A 311 -15.55 26.02 11.90
N HIS A 312 -16.02 24.80 11.61
CA HIS A 312 -15.22 23.73 11.04
C HIS A 312 -15.50 23.50 9.57
N GLN A 313 -16.09 24.48 8.89
CA GLN A 313 -16.32 24.33 7.46
C GLN A 313 -14.99 24.35 6.72
N ARG A 314 -14.95 23.63 5.62
CA ARG A 314 -13.76 23.50 4.81
C ARG A 314 -13.77 24.50 3.65
N ALA A 315 -12.58 24.75 3.12
CA ALA A 315 -12.44 25.61 1.96
C ALA A 315 -11.30 25.04 1.12
N PRO A 316 -11.39 25.09 -0.20
CA PRO A 316 -10.21 24.84 -1.02
C PRO A 316 -9.28 26.03 -0.98
N VAL A 317 -7.99 25.78 -1.19
CA VAL A 317 -6.99 26.84 -1.08
C VAL A 317 -5.93 26.64 -2.15
N ILE A 318 -5.58 27.75 -2.81
CA ILE A 318 -4.48 27.84 -3.76
C ILE A 318 -3.72 29.12 -3.41
N LEU A 319 -2.47 28.98 -2.94
CA LEU A 319 -1.74 30.14 -2.47
C LEU A 319 -0.29 30.08 -2.90
N GLY A 320 0.39 31.23 -2.74
CA GLY A 320 1.78 31.37 -3.12
C GLY A 320 2.07 32.66 -3.85
N SER A 321 3.06 32.60 -4.73
CA SER A 321 3.48 33.76 -5.52
C SER A 321 2.32 34.25 -6.40
N PRO A 322 2.19 35.57 -6.62
CA PRO A 322 1.06 36.06 -7.42
C PRO A 322 1.05 35.61 -8.88
N ASP A 323 2.18 35.59 -9.59
CA ASP A 323 2.19 35.10 -10.98
C ASP A 323 1.85 33.60 -11.08
N ASP A 324 2.20 32.80 -10.07
CA ASP A 324 1.86 31.39 -10.16
C ASP A 324 0.38 31.16 -9.89
N VAL A 325 -0.21 31.91 -8.96
CA VAL A 325 -1.64 31.77 -8.72
C VAL A 325 -2.44 32.27 -9.92
N LEU A 326 -2.05 33.40 -10.51
CA LEU A 326 -2.77 33.90 -11.68
C LEU A 326 -2.72 32.91 -12.82
N GLU A 327 -1.55 32.29 -13.04
CA GLU A 327 -1.46 31.27 -14.08
C GLU A 327 -2.40 30.12 -13.77
N PHE A 328 -2.55 29.76 -12.50
CA PHE A 328 -3.55 28.75 -12.14
C PHE A 328 -4.96 29.25 -12.45
N LEU A 329 -5.27 30.47 -12.03
CA LEU A 329 -6.60 31.04 -12.29
C LEU A 329 -6.89 31.17 -13.77
N LYS A 330 -5.87 31.44 -14.59
CA LYS A 330 -6.13 31.46 -16.04
C LYS A 330 -6.62 30.10 -16.49
N VAL A 331 -6.01 29.04 -15.95
CA VAL A 331 -6.44 27.69 -16.26
C VAL A 331 -7.81 27.42 -15.65
N TYR A 332 -8.05 27.92 -14.45
CA TYR A 332 -9.33 27.67 -13.80
C TYR A 332 -10.49 28.28 -14.58
N GLU A 333 -10.30 29.51 -15.09
CA GLU A 333 -11.39 30.15 -15.83
C GLU A 333 -11.57 29.51 -17.19
N LYS A 334 -10.50 28.98 -17.76
CA LYS A 334 -10.59 28.28 -19.04
C LYS A 334 -11.52 27.08 -18.94
N HIS A 335 -11.65 26.50 -17.73
CA HIS A 335 -12.54 25.39 -17.49
C HIS A 335 -13.84 25.83 -16.82
N SER A 336 -14.21 27.11 -16.97
CA SER A 336 -15.44 27.72 -16.45
C SER A 336 -15.46 27.89 -14.93
N ASP B 10 12.91 -2.72 30.02
CA ASP B 10 14.11 -2.03 30.50
C ASP B 10 14.60 -0.96 29.54
N VAL B 11 14.89 0.22 30.07
CA VAL B 11 15.36 1.34 29.25
C VAL B 11 16.76 1.06 28.69
N ASN B 12 16.98 1.54 27.49
CA ASN B 12 18.25 1.32 26.81
C ASN B 12 18.67 2.63 26.15
N THR B 13 19.97 2.85 26.10
CA THR B 13 20.52 4.03 25.47
C THR B 13 21.39 3.62 24.30
N LEU B 14 21.66 4.58 23.41
CA LEU B 14 22.57 4.29 22.30
C LEU B 14 23.91 3.80 22.82
N THR B 15 24.47 4.47 23.83
CA THR B 15 25.78 4.09 24.33
C THR B 15 25.77 2.70 24.94
N ARG B 16 24.80 2.41 25.81
CA ARG B 16 24.67 1.09 26.42
C ARG B 16 24.40 0.01 25.36
N PHE B 17 23.58 0.32 24.36
CA PHE B 17 23.27 -0.65 23.31
C PHE B 17 24.49 -1.04 22.51
N VAL B 18 25.26 -0.04 22.06
CA VAL B 18 26.45 -0.35 21.28
C VAL B 18 27.44 -1.16 22.10
N MET B 19 27.65 -0.77 23.36
CA MET B 19 28.64 -1.44 24.20
C MET B 19 28.32 -2.92 24.38
N GLU B 20 27.03 -3.24 24.58
CA GLU B 20 26.63 -4.63 24.75
C GLU B 20 26.83 -5.42 23.48
N GLU B 21 26.55 -4.81 22.33
CA GLU B 21 26.82 -5.48 21.07
C GLU B 21 28.31 -5.73 20.87
N GLY B 22 29.13 -4.76 21.26
CA GLY B 22 30.57 -4.93 21.11
C GLY B 22 31.12 -6.01 22.02
N ARG B 23 30.56 -6.13 23.23
CA ARG B 23 31.04 -7.16 24.15
C ARG B 23 30.72 -8.54 23.61
N LYS B 24 29.49 -8.73 23.13
CA LYS B 24 29.09 -9.98 22.50
C LYS B 24 30.07 -10.36 21.38
N ALA B 25 30.39 -9.40 20.50
CA ALA B 25 31.26 -9.66 19.35
C ALA B 25 32.72 -9.81 19.72
N ARG B 26 33.11 -9.30 20.89
CA ARG B 26 34.48 -9.42 21.38
C ARG B 26 35.49 -8.73 20.45
N GLY B 27 35.09 -7.61 19.87
CA GLY B 27 35.97 -6.86 19.00
C GLY B 27 36.98 -6.01 19.76
N THR B 28 37.77 -5.25 18.99
CA THR B 28 38.84 -4.44 19.55
C THR B 28 38.32 -3.23 20.33
N GLY B 29 37.03 -2.90 20.19
CA GLY B 29 36.48 -1.73 20.80
C GLY B 29 36.52 -0.51 19.92
N GLU B 30 37.23 -0.57 18.79
CA GLU B 30 37.32 0.58 17.91
C GLU B 30 35.96 0.97 17.35
N LEU B 31 35.13 -0.02 17.00
CA LEU B 31 33.83 0.33 16.42
C LEU B 31 32.93 0.96 17.47
N THR B 32 33.06 0.56 18.73
CA THR B 32 32.30 1.21 19.80
C THR B 32 32.76 2.65 20.02
N GLN B 33 34.08 2.86 20.05
CA GLN B 33 34.63 4.21 20.16
C GLN B 33 34.25 5.04 18.94
N LEU B 34 34.14 4.40 17.77
CA LEU B 34 33.68 5.09 16.58
C LEU B 34 32.25 5.58 16.75
N LEU B 35 31.34 4.67 17.07
CA LEU B 35 29.93 5.03 17.15
C LEU B 35 29.68 6.05 18.28
N ASN B 36 30.39 5.92 19.40
CA ASN B 36 30.17 6.84 20.50
C ASN B 36 30.58 8.27 20.13
N SER B 37 31.67 8.40 19.38
CA SER B 37 32.09 9.71 18.93
C SER B 37 31.07 10.31 17.95
N LEU B 38 30.57 9.49 17.03
CA LEU B 38 29.57 9.95 16.08
C LEU B 38 28.30 10.34 16.79
N CYS B 39 27.92 9.58 17.82
CA CYS B 39 26.75 9.93 18.62
C CYS B 39 26.88 11.33 19.22
N THR B 40 28.07 11.67 19.73
CA THR B 40 28.30 13.01 20.25
C THR B 40 28.29 14.06 19.13
N ALA B 41 28.86 13.74 17.96
CA ALA B 41 28.83 14.71 16.85
C ALA B 41 27.40 15.04 16.43
N VAL B 42 26.52 14.02 16.41
CA VAL B 42 25.13 14.21 16.01
C VAL B 42 24.41 15.11 16.99
N LYS B 43 24.68 14.93 18.29
CA LYS B 43 24.08 15.79 19.32
C LYS B 43 24.54 17.23 19.17
N ALA B 44 25.81 17.44 18.78
CA ALA B 44 26.30 18.79 18.55
C ALA B 44 25.69 19.40 17.28
N ILE B 45 25.52 18.59 16.24
CA ILE B 45 24.85 19.07 15.03
C ILE B 45 23.40 19.39 15.33
N SER B 46 22.71 18.50 16.05
CA SER B 46 21.32 18.75 16.41
C SER B 46 21.20 20.10 17.11
N SER B 47 22.09 20.38 18.07
CA SER B 47 22.04 21.63 18.80
C SER B 47 22.17 22.83 17.89
N ALA B 48 23.08 22.80 16.93
CA ALA B 48 23.25 23.94 16.04
C ALA B 48 22.07 24.06 15.08
N VAL B 49 21.55 22.93 14.61
CA VAL B 49 20.41 22.95 13.68
C VAL B 49 19.19 23.58 14.35
N ARG B 50 18.94 23.23 15.60
CA ARG B 50 17.86 23.84 16.36
C ARG B 50 18.18 25.27 16.74
N LYS B 51 19.34 25.77 16.29
CA LYS B 51 19.65 27.19 16.41
C LYS B 51 19.99 27.56 17.85
N ALA B 52 20.65 26.63 18.56
CA ALA B 52 21.22 26.99 19.85
C ALA B 52 22.22 28.12 19.67
N GLY B 53 22.07 29.17 20.47
CA GLY B 53 22.96 30.31 20.41
C GLY B 53 22.75 31.26 19.25
N ILE B 54 21.64 31.16 18.50
CA ILE B 54 21.47 32.10 17.40
C ILE B 54 21.30 33.55 17.91
N ALA B 55 20.80 33.72 19.14
CA ALA B 55 20.68 35.05 19.73
C ALA B 55 22.04 35.76 19.79
N HIS B 56 23.12 35.00 20.01
CA HIS B 56 24.45 35.59 20.03
C HIS B 56 24.90 35.98 18.64
N LEU B 57 24.42 35.28 17.62
CA LEU B 57 24.68 35.66 16.24
C LEU B 57 24.06 37.01 15.91
N TYR B 58 22.91 37.31 16.52
CA TYR B 58 22.14 38.51 16.23
C TYR B 58 22.35 39.63 17.25
N GLY B 59 23.41 39.56 18.04
CA GLY B 59 23.83 40.70 18.83
C GLY B 59 23.20 40.89 20.19
N ILE B 60 22.79 39.80 20.87
CA ILE B 60 22.20 39.92 22.20
C ILE B 60 23.20 40.46 23.22
N ALA B 61 24.49 40.32 22.99
CA ALA B 61 25.50 40.84 23.91
C ALA B 61 26.31 41.96 23.31
N GLY B 62 26.02 42.36 22.08
CA GLY B 62 26.79 43.38 21.39
C GLY B 62 26.69 43.20 19.89
N LYS B 73 27.16 27.92 6.22
CA LYS B 73 27.98 27.73 7.43
C LYS B 73 27.65 26.44 8.17
N LEU B 74 26.36 26.09 8.17
CA LEU B 74 25.91 25.02 9.05
C LEU B 74 26.44 23.67 8.62
N ASP B 75 26.51 23.42 7.32
CA ASP B 75 27.09 22.17 6.89
C ASP B 75 28.61 22.18 6.99
N VAL B 76 29.22 23.37 6.93
CA VAL B 76 30.65 23.48 7.21
C VAL B 76 30.92 23.13 8.68
N LEU B 77 30.12 23.66 9.61
CA LEU B 77 30.28 23.29 11.01
C LEU B 77 30.04 21.80 11.24
N SER B 78 29.00 21.25 10.59
CA SER B 78 28.68 19.83 10.72
C SER B 78 29.80 18.95 10.24
N ASN B 79 30.39 19.28 9.10
CA ASN B 79 31.53 18.52 8.60
C ASN B 79 32.67 18.56 9.61
N ASP B 80 32.96 19.74 10.16
CA ASP B 80 34.06 19.86 11.12
C ASP B 80 33.79 19.05 12.37
N LEU B 81 32.53 18.99 12.82
CA LEU B 81 32.21 18.19 13.99
C LEU B 81 32.42 16.70 13.70
N VAL B 82 31.88 16.21 12.58
CA VAL B 82 32.04 14.79 12.27
C VAL B 82 33.51 14.47 12.06
N MET B 83 34.21 15.28 11.25
CA MET B 83 35.63 15.07 10.99
C MET B 83 36.42 15.00 12.28
N ASN B 84 36.19 15.95 13.17
CA ASN B 84 37.01 16.06 14.36
C ASN B 84 36.69 14.99 15.41
N MET B 85 35.41 14.60 15.54
CA MET B 85 35.08 13.51 16.46
C MET B 85 35.58 12.17 15.94
N LEU B 86 35.55 11.95 14.62
CA LEU B 86 36.00 10.69 14.08
C LEU B 86 37.53 10.56 14.19
N LYS B 87 38.26 11.61 13.78
CA LYS B 87 39.71 11.63 13.90
C LYS B 87 40.16 11.32 15.32
N SER B 88 39.54 11.95 16.30
CA SER B 88 39.93 11.82 17.70
C SER B 88 39.42 10.54 18.36
N SER B 89 38.66 9.72 17.63
CA SER B 89 38.19 8.46 18.18
C SER B 89 39.25 7.38 18.17
N PHE B 90 40.31 7.60 17.40
CA PHE B 90 41.39 6.64 17.14
C PHE B 90 40.89 5.35 16.50
N ALA B 91 39.75 5.41 15.80
CA ALA B 91 39.16 4.22 15.23
C ALA B 91 39.08 4.27 13.72
N THR B 92 39.45 5.39 13.11
CA THR B 92 39.30 5.60 11.67
C THR B 92 40.66 5.89 11.03
N CYS B 93 40.71 5.71 9.71
CA CYS B 93 41.90 6.03 8.94
C CYS B 93 41.58 6.81 7.66
N VAL B 94 40.41 6.54 7.07
CA VAL B 94 40.04 7.17 5.81
C VAL B 94 38.62 7.73 5.96
N LEU B 95 38.45 8.99 5.63
CA LEU B 95 37.15 9.64 5.76
C LEU B 95 36.75 10.26 4.42
N VAL B 96 35.58 9.88 3.91
CA VAL B 96 35.03 10.44 2.68
C VAL B 96 33.79 11.23 3.01
N SER B 97 33.78 12.49 2.58
CA SER B 97 32.73 13.42 2.93
C SER B 97 32.14 14.05 1.69
N GLU B 98 30.82 14.27 1.71
CA GLU B 98 30.19 15.07 0.68
C GLU B 98 30.85 16.45 0.60
N GLU B 99 31.40 16.94 1.71
CA GLU B 99 31.94 18.28 1.82
C GLU B 99 33.38 18.40 1.32
N ASP B 100 34.10 17.28 1.15
CA ASP B 100 35.52 17.29 0.79
C ASP B 100 35.75 16.57 -0.53
N LYS B 101 36.51 17.20 -1.43
CA LYS B 101 36.73 16.62 -2.75
C LYS B 101 37.55 15.35 -2.66
N HIS B 102 38.62 15.36 -1.87
CA HIS B 102 39.45 14.19 -1.66
C HIS B 102 39.16 13.60 -0.29
N ALA B 103 39.43 12.32 -0.14
CA ALA B 103 39.28 11.68 1.16
C ALA B 103 40.29 12.25 2.16
N ILE B 104 39.90 12.25 3.42
CA ILE B 104 40.75 12.72 4.51
C ILE B 104 41.45 11.52 5.11
N ILE B 105 42.77 11.57 5.15
CA ILE B 105 43.57 10.50 5.71
C ILE B 105 43.89 10.89 7.14
N VAL B 106 43.41 10.10 8.09
CA VAL B 106 43.63 10.44 9.50
C VAL B 106 45.12 10.44 9.78
N GLU B 107 45.54 11.37 10.65
CA GLU B 107 46.94 11.44 11.05
C GLU B 107 47.36 10.16 11.77
N PRO B 108 48.65 9.80 11.67
CA PRO B 108 49.08 8.46 12.09
C PRO B 108 48.84 8.12 13.55
N GLU B 109 49.07 9.07 14.46
CA GLU B 109 48.88 8.73 15.86
C GLU B 109 47.42 8.46 16.16
N LYS B 110 46.51 8.88 15.29
CA LYS B 110 45.09 8.74 15.53
C LYS B 110 44.45 7.65 14.67
N ARG B 111 45.25 6.88 13.94
CA ARG B 111 44.71 5.95 12.95
C ARG B 111 44.09 4.72 13.59
N GLY B 112 42.95 4.31 13.05
CA GLY B 112 42.31 3.04 13.40
C GLY B 112 42.00 2.27 12.14
N LYS B 113 41.24 1.18 12.24
CA LYS B 113 41.08 0.27 11.11
C LYS B 113 39.79 0.47 10.34
N TYR B 114 39.00 1.51 10.63
CA TYR B 114 37.68 1.66 10.04
C TYR B 114 37.65 2.83 9.05
N VAL B 115 36.84 2.67 8.01
CA VAL B 115 36.63 3.69 6.97
C VAL B 115 35.20 4.21 7.08
N VAL B 116 35.05 5.52 7.12
CA VAL B 116 33.75 6.14 7.31
C VAL B 116 33.47 7.07 6.14
N CYS B 117 32.34 6.84 5.48
CA CYS B 117 31.77 7.75 4.49
C CYS B 117 30.54 8.39 5.10
N PHE B 118 30.43 9.71 5.00
CA PHE B 118 29.32 10.38 5.66
C PHE B 118 28.93 11.63 4.88
N ASP B 119 27.64 11.94 4.92
CA ASP B 119 27.07 13.22 4.50
C ASP B 119 26.67 13.97 5.76
N PRO B 120 27.43 14.99 6.17
CA PRO B 120 27.20 15.60 7.49
C PRO B 120 25.90 16.35 7.63
N LEU B 121 25.41 17.00 6.58
CA LEU B 121 24.17 17.72 6.71
C LEU B 121 23.47 17.66 5.35
N ASP B 122 22.83 16.51 5.09
CA ASP B 122 22.14 16.29 3.83
C ASP B 122 20.83 17.05 3.79
N GLY B 123 20.55 17.63 2.62
CA GLY B 123 19.38 18.46 2.43
C GLY B 123 19.60 19.92 2.78
N SER B 124 20.84 20.30 3.11
CA SER B 124 21.07 21.63 3.68
C SER B 124 20.88 22.75 2.66
N SER B 125 20.85 22.44 1.36
CA SER B 125 20.56 23.49 0.38
C SER B 125 19.19 24.12 0.63
N ASN B 126 18.22 23.35 1.13
CA ASN B 126 16.89 23.85 1.45
C ASN B 126 16.72 24.20 2.92
N ILE B 127 17.79 24.40 3.68
CA ILE B 127 17.65 24.68 5.11
C ILE B 127 17.08 26.07 5.40
N ASP B 128 16.95 26.95 4.40
CA ASP B 128 16.35 28.26 4.62
C ASP B 128 14.86 28.16 4.95
N CYS B 129 14.18 27.13 4.49
CA CYS B 129 12.77 26.91 4.80
C CYS B 129 12.58 25.94 5.97
N LEU B 130 13.65 25.62 6.68
CA LEU B 130 13.57 24.78 7.86
C LEU B 130 13.04 23.40 7.54
N VAL B 131 13.34 22.93 6.33
CA VAL B 131 13.09 21.53 6.02
C VAL B 131 13.93 20.67 6.97
N SER B 132 13.41 19.50 7.30
CA SER B 132 14.22 18.50 7.99
C SER B 132 15.54 18.27 7.26
N VAL B 133 16.62 18.16 8.03
CA VAL B 133 17.92 17.80 7.49
C VAL B 133 18.45 16.56 8.21
N GLY B 134 19.62 16.09 7.82
CA GLY B 134 20.10 14.86 8.42
C GLY B 134 21.55 14.59 8.11
N THR B 135 22.12 13.69 8.89
CA THR B 135 23.47 13.18 8.70
C THR B 135 23.33 11.72 8.34
N ILE B 136 24.07 11.28 7.33
CA ILE B 136 24.11 9.88 6.89
C ILE B 136 25.54 9.39 6.98
N PHE B 137 25.72 8.13 7.36
CA PHE B 137 27.06 7.57 7.49
C PHE B 137 27.01 6.08 7.21
N GLY B 138 28.11 5.58 6.65
CA GLY B 138 28.35 4.15 6.46
C GLY B 138 29.76 3.83 6.89
N ILE B 139 29.95 2.71 7.58
CA ILE B 139 31.23 2.35 8.15
C ILE B 139 31.71 1.06 7.51
N TYR B 140 32.91 1.10 6.92
CA TYR B 140 33.53 -0.08 6.34
C TYR B 140 34.80 -0.42 7.13
N ARG B 141 35.10 -1.71 7.21
CA ARG B 141 36.42 -2.07 7.67
C ARG B 141 37.44 -1.75 6.56
N LYS B 142 38.68 -1.52 6.98
CA LYS B 142 39.74 -1.15 6.05
C LYS B 142 40.13 -2.36 5.21
N LYS B 143 40.87 -2.11 4.12
CA LYS B 143 41.11 -3.15 3.13
C LYS B 143 42.49 -3.80 3.19
N SER B 144 43.55 -3.10 3.61
CA SER B 144 44.86 -3.74 3.63
C SER B 144 45.72 -3.08 4.69
N THR B 145 46.82 -3.75 5.05
CA THR B 145 47.74 -3.17 6.03
C THR B 145 48.72 -2.20 5.36
N ASP B 146 48.58 -2.01 4.05
CA ASP B 146 49.35 -0.99 3.37
C ASP B 146 48.95 0.36 3.96
N GLU B 147 49.75 1.39 3.67
CA GLU B 147 49.41 2.71 4.14
C GLU B 147 48.01 3.07 3.63
N PRO B 148 47.14 3.63 4.47
CA PRO B 148 45.75 3.86 4.06
C PRO B 148 45.62 4.88 2.94
N SER B 149 44.66 4.63 2.04
CA SER B 149 44.42 5.56 0.95
C SER B 149 42.95 5.53 0.57
N GLU B 150 42.61 6.45 -0.34
CA GLU B 150 41.24 6.60 -0.83
C GLU B 150 40.68 5.30 -1.36
N LYS B 151 41.55 4.43 -1.87
CA LYS B 151 41.10 3.13 -2.37
C LYS B 151 40.33 2.36 -1.31
N ASP B 152 40.57 2.65 -0.03
CA ASP B 152 39.86 2.00 1.06
C ASP B 152 38.39 2.38 1.09
N ALA B 153 38.02 3.48 0.44
CA ALA B 153 36.64 3.90 0.39
C ALA B 153 35.92 3.38 -0.84
N LEU B 154 36.62 2.72 -1.75
CA LEU B 154 36.02 2.15 -2.95
C LEU B 154 35.59 0.71 -2.70
N GLN B 155 34.60 0.57 -1.83
CA GLN B 155 34.00 -0.72 -1.51
C GLN B 155 32.53 -0.76 -1.89
N PRO B 156 32.02 -1.94 -2.25
CA PRO B 156 30.57 -2.08 -2.43
C PRO B 156 29.90 -1.97 -1.08
N GLY B 157 28.64 -1.53 -1.10
CA GLY B 157 27.89 -1.41 0.13
C GLY B 157 27.75 -2.72 0.89
N ARG B 158 27.83 -3.87 0.21
CA ARG B 158 27.78 -5.16 0.87
C ARG B 158 28.78 -5.29 2.00
N ASN B 159 29.94 -4.66 1.87
CA ASN B 159 31.00 -4.72 2.86
C ASN B 159 30.74 -3.86 4.10
N LEU B 160 29.55 -3.30 4.26
CA LEU B 160 29.29 -2.42 5.39
C LEU B 160 29.27 -3.22 6.68
N VAL B 161 30.00 -2.71 7.69
CA VAL B 161 29.95 -3.18 9.07
C VAL B 161 28.77 -2.53 9.80
N ALA B 162 28.55 -1.23 9.56
CA ALA B 162 27.45 -0.49 10.15
C ALA B 162 27.17 0.73 9.28
N ALA B 163 25.92 1.19 9.31
CA ALA B 163 25.50 2.36 8.57
C ALA B 163 24.22 2.89 9.20
N GLY B 164 23.92 4.16 8.94
CA GLY B 164 22.67 4.70 9.43
C GLY B 164 22.57 6.19 9.21
N TYR B 165 21.64 6.80 9.93
CA TYR B 165 21.41 8.22 9.70
C TYR B 165 20.83 8.83 10.95
N ALA B 166 21.04 10.14 11.06
CA ALA B 166 20.34 10.95 12.04
C ALA B 166 19.42 11.89 11.27
N LEU B 167 18.16 11.93 11.69
CA LEU B 167 17.17 12.84 11.11
C LEU B 167 16.96 13.99 12.09
N TYR B 168 17.20 15.22 11.64
CA TYR B 168 16.87 16.42 12.42
C TYR B 168 15.50 16.89 11.94
N GLY B 169 14.47 16.18 12.38
CA GLY B 169 13.12 16.49 11.98
C GLY B 169 12.36 17.22 13.06
N SER B 170 11.08 16.88 13.20
CA SER B 170 10.30 17.48 14.28
C SER B 170 10.94 17.19 15.63
N ALA B 171 11.51 15.99 15.78
CA ALA B 171 12.42 15.62 16.84
C ALA B 171 13.65 15.02 16.19
N THR B 172 14.66 14.72 17.01
CA THR B 172 15.92 14.18 16.52
C THR B 172 16.00 12.69 16.81
N MET B 173 16.10 11.88 15.75
CA MET B 173 16.17 10.44 15.87
C MET B 173 17.41 9.92 15.14
N LEU B 174 18.02 8.89 15.71
CA LEU B 174 19.14 8.18 15.12
C LEU B 174 18.74 6.75 14.81
N VAL B 175 18.89 6.36 13.55
CA VAL B 175 18.63 5.01 13.06
C VAL B 175 19.97 4.36 12.78
N LEU B 176 20.25 3.22 13.44
CA LEU B 176 21.50 2.50 13.31
C LEU B 176 21.25 1.08 12.79
N ALA B 177 21.95 0.71 11.71
CA ALA B 177 21.87 -0.61 11.12
C ALA B 177 23.20 -1.34 11.30
N MET B 178 23.12 -2.57 11.80
CA MET B 178 24.29 -3.43 11.91
C MET B 178 23.85 -4.82 11.46
N ASP B 179 24.75 -5.79 11.62
CA ASP B 179 24.39 -7.14 11.27
C ASP B 179 23.19 -7.62 12.07
N CYS B 180 23.04 -7.13 13.32
CA CYS B 180 21.93 -7.49 14.19
C CYS B 180 20.60 -6.84 13.80
N GLY B 181 20.58 -5.90 12.85
CA GLY B 181 19.34 -5.27 12.42
C GLY B 181 19.36 -3.77 12.61
N VAL B 182 18.16 -3.18 12.53
CA VAL B 182 17.95 -1.74 12.59
C VAL B 182 17.28 -1.39 13.91
N ASN B 183 17.81 -0.39 14.60
CA ASN B 183 17.23 0.14 15.83
C ASN B 183 17.15 1.65 15.74
N CYS B 184 16.09 2.23 16.31
CA CYS B 184 15.84 3.67 16.29
C CYS B 184 15.98 4.25 17.69
N PHE B 185 16.70 5.37 17.79
CA PHE B 185 17.01 6.00 19.07
C PHE B 185 16.52 7.45 19.04
N MET B 186 15.74 7.83 20.02
CA MET B 186 15.26 9.20 20.13
C MET B 186 16.21 10.00 21.00
N LEU B 187 16.61 11.17 20.51
CA LEU B 187 17.42 12.07 21.32
C LEU B 187 16.52 12.78 22.31
N ASP B 188 16.77 12.59 23.60
CA ASP B 188 16.09 13.34 24.65
C ASP B 188 16.91 14.60 24.93
N PRO B 189 16.47 15.74 24.40
CA PRO B 189 17.28 16.96 24.54
C PRO B 189 17.41 17.47 25.96
N ALA B 190 16.53 17.10 26.89
CA ALA B 190 16.68 17.49 28.29
C ALA B 190 17.84 16.80 28.99
N ILE B 191 18.30 15.64 28.50
CA ILE B 191 19.41 14.91 29.11
C ILE B 191 20.49 14.53 28.12
N GLY B 192 20.34 14.87 26.85
CA GLY B 192 21.40 14.58 25.90
C GLY B 192 21.70 13.11 25.71
N GLU B 193 20.66 12.27 25.69
CA GLU B 193 20.82 10.84 25.48
C GLU B 193 19.96 10.34 24.32
N PHE B 194 20.48 9.36 23.59
CA PHE B 194 19.68 8.65 22.59
C PHE B 194 18.99 7.46 23.26
N ILE B 195 17.66 7.50 23.31
CA ILE B 195 16.85 6.51 23.99
C ILE B 195 16.35 5.52 22.94
N LEU B 196 16.50 4.21 23.20
CA LEU B 196 16.03 3.18 22.26
C LEU B 196 14.51 3.14 22.27
N VAL B 197 13.88 3.39 21.11
CA VAL B 197 12.42 3.49 21.02
C VAL B 197 11.81 2.52 20.00
N ASP B 198 12.58 2.09 19.02
CA ASP B 198 12.11 1.14 18.01
C ASP B 198 13.18 0.08 17.85
N LYS B 199 12.91 -1.10 18.36
CA LYS B 199 13.86 -2.19 18.36
C LYS B 199 13.65 -3.02 17.12
N ASP B 200 14.72 -3.36 16.42
CA ASP B 200 14.70 -4.40 15.41
C ASP B 200 13.61 -4.11 14.38
N VAL B 201 13.64 -2.90 13.83
CA VAL B 201 12.51 -2.44 13.04
C VAL B 201 12.43 -3.23 11.76
N LYS B 202 11.21 -3.45 11.30
CA LYS B 202 10.97 -4.14 10.05
C LYS B 202 10.06 -3.28 9.20
N ILE B 203 10.41 -3.10 7.91
CA ILE B 203 9.61 -2.25 7.03
C ILE B 203 8.40 -3.05 6.54
N LYS B 204 7.29 -2.35 6.34
CA LYS B 204 6.11 -2.98 5.77
C LYS B 204 6.49 -3.67 4.47
N LYS B 205 5.87 -4.82 4.21
CA LYS B 205 6.09 -5.52 2.96
C LYS B 205 5.57 -4.70 1.77
N LYS B 206 4.50 -3.95 1.98
CA LYS B 206 3.85 -3.16 0.94
C LYS B 206 3.34 -1.88 1.55
N GLY B 207 3.62 -0.75 0.89
CA GLY B 207 3.18 0.54 1.37
C GLY B 207 2.08 1.16 0.53
N LYS B 208 1.76 2.41 0.88
CA LYS B 208 0.69 3.16 0.24
C LYS B 208 1.13 4.57 -0.13
N ILE B 209 2.42 4.84 -0.14
CA ILE B 209 2.98 6.13 -0.49
C ILE B 209 4.14 5.91 -1.46
N TYR B 210 4.20 6.72 -2.50
CA TYR B 210 5.37 6.79 -3.35
C TYR B 210 5.98 8.19 -3.20
N SER B 211 7.30 8.27 -3.35
CA SER B 211 8.02 9.51 -3.08
C SER B 211 9.03 9.75 -4.19
N LEU B 212 8.81 10.80 -4.98
CA LEU B 212 9.79 11.24 -5.96
C LEU B 212 9.41 12.64 -6.44
N ASN B 213 10.34 13.26 -7.15
CA ASN B 213 10.16 14.60 -7.70
C ASN B 213 9.42 14.47 -9.03
N GLU B 214 8.09 14.58 -8.97
CA GLU B 214 7.31 14.47 -10.19
C GLU B 214 7.44 15.68 -11.10
N GLY B 215 8.08 16.76 -10.65
CA GLY B 215 8.32 17.92 -11.49
C GLY B 215 9.23 17.64 -12.66
N TYR B 216 10.09 16.63 -12.57
CA TYR B 216 10.98 16.26 -13.66
C TYR B 216 10.41 15.17 -14.56
N ALA B 217 9.08 15.08 -14.65
CA ALA B 217 8.39 14.02 -15.40
C ALA B 217 8.75 14.01 -16.87
N LYS B 218 9.11 15.15 -17.45
CA LYS B 218 9.47 15.20 -18.86
C LYS B 218 10.67 14.33 -19.23
N ASP B 219 11.55 14.00 -18.28
CA ASP B 219 12.74 13.23 -18.61
C ASP B 219 12.71 11.80 -18.07
N PHE B 220 11.58 11.35 -17.54
CA PHE B 220 11.54 10.03 -16.94
C PHE B 220 11.80 8.95 -17.98
N ASP B 221 12.50 7.91 -17.57
CA ASP B 221 12.52 6.68 -18.35
C ASP B 221 11.13 6.06 -18.36
N PRO B 222 10.76 5.35 -19.43
CA PRO B 222 9.40 4.80 -19.52
C PRO B 222 9.00 3.94 -18.34
N ALA B 223 9.93 3.25 -17.69
CA ALA B 223 9.56 2.43 -16.55
C ALA B 223 9.05 3.27 -15.38
N VAL B 224 9.77 4.35 -15.03
CA VAL B 224 9.32 5.25 -13.97
C VAL B 224 7.97 5.85 -14.36
N THR B 225 7.86 6.29 -15.61
CA THR B 225 6.59 6.83 -16.10
C THR B 225 5.46 5.82 -15.93
N GLU B 226 5.69 4.57 -16.36
CA GLU B 226 4.63 3.58 -16.27
C GLU B 226 4.36 3.18 -14.82
N TYR B 227 5.41 3.06 -14.01
CA TYR B 227 5.23 2.70 -12.61
C TYR B 227 4.45 3.78 -11.87
N ILE B 228 4.80 5.05 -12.07
CA ILE B 228 4.06 6.12 -11.41
C ILE B 228 2.63 6.16 -11.90
N GLN B 229 2.43 5.92 -13.20
CA GLN B 229 1.07 5.81 -13.72
C GLN B 229 0.27 4.79 -12.94
N ARG B 230 0.89 3.66 -12.59
CA ARG B 230 0.21 2.63 -11.82
C ARG B 230 -0.14 3.11 -10.42
N LYS B 231 0.62 4.05 -9.87
CA LYS B 231 0.33 4.53 -8.52
C LYS B 231 -0.88 5.47 -8.51
N LYS B 232 -1.05 6.27 -9.56
CA LYS B 232 -2.21 7.17 -9.61
C LYS B 232 -3.46 6.48 -10.18
N PHE B 233 -3.27 5.57 -11.14
CA PHE B 233 -4.37 4.94 -11.87
C PHE B 233 -4.21 3.43 -11.79
N PRO B 234 -4.53 2.82 -10.66
CA PRO B 234 -4.31 1.39 -10.48
C PRO B 234 -5.11 0.58 -11.48
N PRO B 235 -4.48 -0.31 -12.25
CA PRO B 235 -5.24 -1.12 -13.21
C PRO B 235 -6.10 -2.20 -12.55
N ASP B 236 -5.89 -2.52 -11.27
CA ASP B 236 -6.67 -3.55 -10.58
C ASP B 236 -7.74 -2.99 -9.64
N ASN B 237 -8.10 -1.71 -9.78
CA ASN B 237 -9.15 -1.10 -8.97
C ASN B 237 -8.75 -0.93 -7.51
N SER B 238 -7.45 -0.88 -7.21
CA SER B 238 -7.06 -0.61 -5.85
C SER B 238 -7.05 0.90 -5.58
N ALA B 239 -6.82 1.26 -4.32
CA ALA B 239 -6.76 2.67 -3.97
C ALA B 239 -5.45 3.27 -4.47
N PRO B 240 -5.47 4.49 -5.01
CA PRO B 240 -4.22 5.12 -5.41
C PRO B 240 -3.34 5.38 -4.20
N TYR B 241 -2.03 5.29 -4.41
CA TYR B 241 -1.08 5.65 -3.37
C TYR B 241 -1.14 7.16 -3.15
N GLY B 242 -0.79 7.59 -1.94
CA GLY B 242 -0.55 8.99 -1.73
C GLY B 242 0.85 9.39 -2.13
N ALA B 243 1.04 10.68 -2.40
CA ALA B 243 2.36 11.18 -2.77
C ALA B 243 2.91 12.02 -1.62
N ARG B 244 4.19 11.83 -1.32
CA ARG B 244 4.92 12.70 -0.39
C ARG B 244 6.33 12.86 -0.94
N TYR B 245 6.81 14.10 -0.98
CA TYR B 245 8.21 14.35 -1.33
C TYR B 245 8.66 15.59 -0.58
N VAL B 246 9.49 15.39 0.43
CA VAL B 246 10.01 16.50 1.23
C VAL B 246 11.14 17.21 0.53
N GLY B 247 11.94 16.50 -0.28
CA GLY B 247 13.13 17.10 -0.83
C GLY B 247 14.35 16.97 0.06
N SER B 248 14.22 16.30 1.20
CA SER B 248 15.35 15.98 2.06
C SER B 248 15.42 14.47 2.16
N MET B 249 16.53 13.89 1.71
CA MET B 249 16.59 12.44 1.51
C MET B 249 16.41 11.68 2.81
N VAL B 250 17.04 12.13 3.89
CA VAL B 250 16.88 11.44 5.16
C VAL B 250 15.42 11.45 5.59
N ALA B 251 14.72 12.57 5.37
CA ALA B 251 13.32 12.66 5.79
C ALA B 251 12.40 11.75 4.98
N ASP B 252 12.58 11.68 3.66
CA ASP B 252 11.74 10.83 2.82
C ASP B 252 12.02 9.36 3.10
N VAL B 253 13.29 9.02 3.30
CA VAL B 253 13.67 7.64 3.53
C VAL B 253 13.22 7.19 4.92
N HIS B 254 13.28 8.08 5.89
CA HIS B 254 12.78 7.69 7.19
C HIS B 254 11.29 7.42 7.10
N ARG B 255 10.56 8.26 6.37
CA ARG B 255 9.13 8.03 6.20
C ARG B 255 8.85 6.72 5.48
N THR B 256 9.64 6.39 4.47
CA THR B 256 9.42 5.12 3.77
C THR B 256 9.60 3.94 4.73
N LEU B 257 10.61 4.02 5.60
CA LEU B 257 10.86 2.99 6.61
C LEU B 257 9.74 2.93 7.65
N VAL B 258 9.23 4.10 8.06
CA VAL B 258 8.22 4.14 9.13
C VAL B 258 6.82 3.80 8.60
N TYR B 259 6.44 4.32 7.43
CA TYR B 259 5.09 4.13 6.91
C TYR B 259 5.00 3.08 5.81
N GLY B 260 6.12 2.62 5.27
CA GLY B 260 6.12 1.76 4.11
C GLY B 260 5.99 2.57 2.84
N GLY B 261 6.20 1.89 1.72
CA GLY B 261 6.12 2.56 0.46
C GLY B 261 7.44 2.55 -0.29
N ILE B 262 7.60 3.50 -1.20
CA ILE B 262 8.72 3.49 -2.12
C ILE B 262 9.23 4.91 -2.29
N PHE B 263 10.55 5.05 -2.36
CA PHE B 263 11.23 6.31 -2.63
C PHE B 263 12.05 6.14 -3.89
N LEU B 264 11.95 7.09 -4.81
CA LEU B 264 12.63 6.98 -6.10
C LEU B 264 13.43 8.25 -6.37
N TYR B 265 14.71 8.09 -6.68
CA TYR B 265 15.52 9.13 -7.32
C TYR B 265 16.19 8.43 -8.47
N PRO B 266 15.47 8.22 -9.56
CA PRO B 266 15.89 7.27 -10.57
C PRO B 266 16.76 7.89 -11.65
N ALA B 267 17.32 7.01 -12.48
CA ALA B 267 18.09 7.40 -13.64
C ALA B 267 17.15 7.85 -14.75
N ASN B 268 17.57 8.87 -15.49
CA ASN B 268 16.84 9.34 -16.67
C ASN B 268 17.88 9.53 -17.78
N LYS B 269 17.50 10.26 -18.83
CA LYS B 269 18.44 10.50 -19.91
C LYS B 269 19.50 11.52 -19.50
N LYS B 270 19.09 12.61 -18.84
CA LYS B 270 20.03 13.65 -18.41
C LYS B 270 20.92 13.24 -17.24
N SER B 271 20.54 12.22 -16.49
CA SER B 271 21.34 11.74 -15.35
C SER B 271 21.37 10.22 -15.40
N PRO B 272 22.22 9.65 -16.26
CA PRO B 272 22.20 8.19 -16.46
C PRO B 272 22.60 7.41 -15.22
N ASN B 273 23.27 8.04 -14.26
CA ASN B 273 23.62 7.45 -12.99
C ASN B 273 22.90 8.08 -11.81
N GLY B 274 21.77 8.74 -12.04
CA GLY B 274 21.14 9.38 -10.90
C GLY B 274 21.88 10.64 -10.44
N LYS B 275 21.47 11.11 -9.27
CA LYS B 275 22.02 12.30 -8.60
C LYS B 275 22.60 12.01 -7.23
N LEU B 276 21.98 11.10 -6.48
CA LEU B 276 22.47 10.84 -5.14
C LEU B 276 23.82 10.13 -5.19
N ARG B 277 24.63 10.41 -4.18
CA ARG B 277 25.99 9.86 -4.13
C ARG B 277 25.97 8.47 -3.53
N LEU B 278 26.73 7.58 -4.13
CA LEU B 278 26.64 6.17 -3.77
C LEU B 278 27.24 5.88 -2.40
N LEU B 279 28.40 6.45 -2.10
CA LEU B 279 29.18 6.02 -0.94
C LEU B 279 28.51 6.45 0.38
N TYR B 280 28.06 7.70 0.45
CA TYR B 280 27.56 8.27 1.69
C TYR B 280 26.12 8.78 1.59
N GLU B 281 25.37 8.42 0.55
CA GLU B 281 23.93 8.65 0.53
C GLU B 281 23.20 7.36 0.13
N CYS B 282 23.54 6.78 -1.03
CA CYS B 282 22.82 5.59 -1.50
C CYS B 282 23.16 4.36 -0.65
N ASN B 283 24.45 4.06 -0.49
CA ASN B 283 24.85 2.81 0.18
C ASN B 283 24.35 2.73 1.61
N PRO B 284 24.56 3.72 2.49
CA PRO B 284 24.04 3.57 3.86
C PRO B 284 22.53 3.36 3.89
N MET B 285 21.78 4.03 3.01
CA MET B 285 20.32 3.84 2.99
C MET B 285 19.93 2.45 2.46
N ALA B 286 20.62 1.94 1.46
CA ALA B 286 20.33 0.59 1.00
C ALA B 286 20.58 -0.43 2.10
N TYR B 287 21.67 -0.24 2.86
CA TYR B 287 21.99 -1.12 3.97
C TYR B 287 20.93 -1.04 5.06
N VAL B 288 20.53 0.19 5.44
CA VAL B 288 19.47 0.34 6.42
C VAL B 288 18.21 -0.36 5.94
N MET B 289 17.87 -0.15 4.66
CA MET B 289 16.72 -0.79 4.05
C MET B 289 16.83 -2.31 4.07
N GLU B 290 17.98 -2.86 3.66
CA GLU B 290 18.02 -4.32 3.55
C GLU B 290 18.03 -4.99 4.91
N LYS B 291 18.69 -4.38 5.90
CA LYS B 291 18.62 -4.90 7.26
C LYS B 291 17.22 -4.75 7.86
N ALA B 292 16.38 -3.86 7.32
CA ALA B 292 15.01 -3.77 7.79
C ALA B 292 14.03 -4.60 6.95
N GLY B 293 14.55 -5.45 6.05
CA GLY B 293 13.76 -6.34 5.22
C GLY B 293 13.19 -5.71 3.97
N GLY B 294 13.61 -4.50 3.62
CA GLY B 294 13.21 -3.85 2.40
C GLY B 294 14.23 -4.07 1.30
N MET B 295 14.07 -3.33 0.20
CA MET B 295 14.95 -3.51 -0.93
C MET B 295 15.50 -2.17 -1.40
N ALA B 296 16.62 -2.23 -2.12
CA ALA B 296 17.23 -1.04 -2.67
C ALA B 296 17.94 -1.43 -3.94
N THR B 297 17.45 -0.86 -5.05
CA THR B 297 17.89 -1.20 -6.38
C THR B 297 18.26 0.09 -7.11
N THR B 298 19.14 -0.04 -8.11
CA THR B 298 19.36 1.01 -9.09
C THR B 298 18.45 0.89 -10.30
N GLY B 299 17.68 -0.19 -10.38
CA GLY B 299 16.99 -0.56 -11.60
C GLY B 299 17.64 -1.78 -12.25
N LYS B 300 18.96 -1.73 -12.41
CA LYS B 300 19.73 -2.82 -13.00
C LYS B 300 20.33 -3.77 -11.96
N GLU B 301 20.68 -3.27 -10.78
CA GLU B 301 21.30 -4.14 -9.79
C GLU B 301 20.99 -3.59 -8.41
N ALA B 302 21.27 -4.41 -7.39
CA ALA B 302 21.15 -3.97 -6.01
C ALA B 302 22.19 -2.90 -5.72
N VAL B 303 21.77 -1.85 -5.01
CA VAL B 303 22.69 -0.75 -4.70
C VAL B 303 23.95 -1.27 -4.01
N LEU B 304 23.79 -2.17 -3.04
CA LEU B 304 24.95 -2.61 -2.28
C LEU B 304 25.97 -3.38 -3.13
N ASP B 305 25.57 -3.82 -4.32
CA ASP B 305 26.45 -4.59 -5.19
C ASP B 305 27.24 -3.74 -6.18
N VAL B 306 26.90 -2.46 -6.32
CA VAL B 306 27.68 -1.57 -7.17
C VAL B 306 29.07 -1.40 -6.61
N ILE B 307 30.09 -1.67 -7.42
CA ILE B 307 31.49 -1.44 -7.06
C ILE B 307 31.87 -0.05 -7.49
N PRO B 308 32.16 0.88 -6.58
CA PRO B 308 32.42 2.26 -6.96
C PRO B 308 33.81 2.41 -7.55
N THR B 309 33.96 3.41 -8.39
CA THR B 309 35.27 3.75 -8.93
C THR B 309 35.72 5.16 -8.55
N ASP B 310 34.82 5.96 -7.99
CA ASP B 310 35.07 7.33 -7.54
C ASP B 310 34.24 7.56 -6.28
N ILE B 311 34.83 8.21 -5.26
CA ILE B 311 34.12 8.34 -3.98
C ILE B 311 32.86 9.18 -4.12
N HIS B 312 32.80 10.08 -5.11
CA HIS B 312 31.64 10.92 -5.32
C HIS B 312 30.78 10.47 -6.49
N GLN B 313 30.97 9.23 -6.96
CA GLN B 313 30.13 8.82 -8.08
C GLN B 313 28.69 8.68 -7.62
N ARG B 314 27.77 8.95 -8.54
CA ARG B 314 26.34 8.92 -8.26
C ARG B 314 25.75 7.58 -8.66
N ALA B 315 24.57 7.28 -8.10
CA ALA B 315 23.82 6.08 -8.42
C ALA B 315 22.33 6.42 -8.39
N PRO B 316 21.54 5.87 -9.30
CA PRO B 316 20.09 5.93 -9.14
C PRO B 316 19.67 4.99 -8.02
N VAL B 317 18.57 5.31 -7.36
CA VAL B 317 18.17 4.54 -6.21
C VAL B 317 16.64 4.44 -6.17
N ILE B 318 16.14 3.24 -5.92
CA ILE B 318 14.73 2.97 -5.67
C ILE B 318 14.70 2.02 -4.50
N LEU B 319 14.18 2.47 -3.36
CA LEU B 319 14.25 1.66 -2.15
C LEU B 319 12.91 1.65 -1.43
N GLY B 320 12.75 0.73 -0.49
CA GLY B 320 11.51 0.70 0.28
C GLY B 320 10.90 -0.67 0.51
N SER B 321 9.57 -0.71 0.64
CA SER B 321 8.87 -1.95 0.87
C SER B 321 9.17 -2.95 -0.25
N PRO B 322 9.35 -4.23 0.07
CA PRO B 322 9.76 -5.19 -0.97
C PRO B 322 8.74 -5.39 -2.06
N ASP B 323 7.43 -5.46 -1.73
CA ASP B 323 6.41 -5.61 -2.77
C ASP B 323 6.42 -4.44 -3.73
N ASP B 324 6.70 -3.23 -3.23
CA ASP B 324 6.66 -2.04 -4.07
C ASP B 324 7.90 -1.95 -4.96
N VAL B 325 9.08 -2.35 -4.45
CA VAL B 325 10.28 -2.39 -5.30
C VAL B 325 10.18 -3.47 -6.34
N LEU B 326 9.71 -4.67 -5.94
CA LEU B 326 9.54 -5.76 -6.90
C LEU B 326 8.56 -5.38 -8.01
N GLU B 327 7.49 -4.67 -7.64
CA GLU B 327 6.57 -4.15 -8.62
C GLU B 327 7.26 -3.21 -9.61
N PHE B 328 8.17 -2.37 -9.11
CA PHE B 328 8.91 -1.48 -9.99
C PHE B 328 9.82 -2.26 -10.93
N LEU B 329 10.51 -3.25 -10.40
CA LEU B 329 11.47 -4.02 -11.21
C LEU B 329 10.82 -4.73 -12.39
N LYS B 330 9.64 -5.32 -12.19
CA LYS B 330 8.97 -5.98 -13.31
C LYS B 330 8.55 -4.97 -14.38
N VAL B 331 8.17 -3.76 -13.95
CA VAL B 331 7.93 -2.70 -14.93
C VAL B 331 9.23 -2.31 -15.60
N TYR B 332 10.33 -2.34 -14.84
CA TYR B 332 11.64 -2.06 -15.43
C TYR B 332 12.05 -3.13 -16.43
N GLU B 333 11.81 -4.40 -16.10
CA GLU B 333 12.16 -5.50 -17.01
C GLU B 333 11.20 -5.59 -18.20
N LYS B 334 9.96 -5.11 -18.07
CA LYS B 334 9.06 -5.08 -19.22
C LYS B 334 9.63 -4.20 -20.32
N HIS B 335 10.41 -3.19 -19.96
CA HIS B 335 11.09 -2.31 -20.92
C HIS B 335 12.53 -2.74 -21.11
N SER B 336 12.84 -4.00 -20.81
CA SER B 336 14.17 -4.61 -20.90
C SER B 336 15.10 -4.02 -19.87
N ASP C 10 -4.10 29.59 38.77
CA ASP C 10 -3.79 30.16 37.46
C ASP C 10 -2.28 30.33 37.27
N VAL C 11 -1.72 29.77 36.19
CA VAL C 11 -0.28 29.88 35.96
C VAL C 11 0.07 31.31 35.56
N ASN C 12 1.23 31.76 35.99
CA ASN C 12 1.68 33.11 35.71
C ASN C 12 3.15 33.03 35.33
N THR C 13 3.58 33.91 34.44
CA THR C 13 4.97 34.00 34.05
C THR C 13 5.46 35.39 34.43
N LEU C 14 6.78 35.57 34.41
CA LEU C 14 7.34 36.88 34.71
C LEU C 14 6.77 37.95 33.78
N THR C 15 6.73 37.66 32.48
CA THR C 15 6.26 38.64 31.51
C THR C 15 4.79 39.02 31.75
N ARG C 16 3.91 38.03 31.89
CA ARG C 16 2.50 38.34 32.14
C ARG C 16 2.34 39.07 33.46
N PHE C 17 3.13 38.68 34.47
CA PHE C 17 3.00 39.31 35.78
C PHE C 17 3.35 40.80 35.70
N VAL C 18 4.50 41.13 35.09
CA VAL C 18 4.92 42.52 34.97
C VAL C 18 3.90 43.30 34.14
N MET C 19 3.48 42.73 33.01
CA MET C 19 2.52 43.40 32.13
C MET C 19 1.19 43.65 32.81
N GLU C 20 0.74 42.70 33.63
CA GLU C 20 -0.51 42.91 34.36
C GLU C 20 -0.35 43.98 35.44
N GLU C 21 0.76 43.94 36.19
CA GLU C 21 1.03 45.00 37.15
C GLU C 21 1.28 46.33 36.44
N GLY C 22 1.92 46.27 35.26
CA GLY C 22 2.12 47.47 34.48
C GLY C 22 0.84 48.07 33.94
N ARG C 23 -0.15 47.23 33.59
CA ARG C 23 -1.44 47.73 33.11
C ARG C 23 -2.23 48.43 34.22
N LYS C 24 -2.28 47.80 35.40
CA LYS C 24 -2.94 48.42 36.54
C LYS C 24 -2.39 49.82 36.82
N ALA C 25 -1.06 49.96 36.81
CA ALA C 25 -0.47 51.26 37.09
C ALA C 25 -0.65 52.24 35.93
N ARG C 26 -0.97 51.75 34.74
CA ARG C 26 -1.25 52.59 33.56
C ARG C 26 -0.09 53.55 33.27
N GLY C 27 1.13 53.12 33.56
CA GLY C 27 2.32 53.90 33.29
C GLY C 27 2.67 53.84 31.81
N THR C 28 3.82 54.45 31.48
CA THR C 28 4.20 54.57 30.07
C THR C 28 4.61 53.27 29.40
N GLY C 29 4.89 52.20 30.16
CA GLY C 29 5.38 50.98 29.55
C GLY C 29 6.89 50.84 29.48
N GLU C 30 7.65 51.90 29.82
CA GLU C 30 9.12 51.81 29.80
C GLU C 30 9.64 50.80 30.83
N LEU C 31 9.01 50.73 32.01
CA LEU C 31 9.47 49.82 33.05
C LEU C 31 9.28 48.36 32.64
N THR C 32 8.21 48.06 31.90
CA THR C 32 7.97 46.71 31.40
C THR C 32 8.99 46.31 30.35
N GLN C 33 9.28 47.19 29.39
CA GLN C 33 10.33 46.83 28.44
C GLN C 33 11.69 46.68 29.13
N LEU C 34 11.96 47.50 30.16
CA LEU C 34 13.21 47.34 30.87
C LEU C 34 13.29 45.98 31.54
N LEU C 35 12.26 45.63 32.34
CA LEU C 35 12.23 44.36 33.04
C LEU C 35 12.23 43.20 32.05
N ASN C 36 11.54 43.35 30.93
CA ASN C 36 11.52 42.28 29.95
C ASN C 36 12.89 42.05 29.36
N SER C 37 13.62 43.14 29.09
CA SER C 37 14.99 43.01 28.58
C SER C 37 15.91 42.42 29.63
N LEU C 38 15.71 42.83 30.89
CA LEU C 38 16.55 42.30 31.95
C LEU C 38 16.36 40.79 32.05
N CYS C 39 15.10 40.35 31.94
CA CYS C 39 14.77 38.92 31.98
C CYS C 39 15.46 38.14 30.86
N THR C 40 15.49 38.69 29.65
CA THR C 40 16.20 38.02 28.56
C THR C 40 17.69 37.88 28.87
N ALA C 41 18.30 38.94 29.41
CA ALA C 41 19.71 38.86 29.76
C ALA C 41 19.95 37.81 30.83
N VAL C 42 19.03 37.68 31.79
CA VAL C 42 19.18 36.71 32.86
C VAL C 42 19.17 35.30 32.30
N LYS C 43 18.31 35.05 31.32
CA LYS C 43 18.29 33.73 30.70
C LYS C 43 19.58 33.44 29.94
N ALA C 44 20.14 34.45 29.29
CA ALA C 44 21.39 34.24 28.57
C ALA C 44 22.53 33.99 29.55
N ILE C 45 22.51 34.68 30.69
CA ILE C 45 23.55 34.50 31.68
C ILE C 45 23.47 33.11 32.28
N SER C 46 22.26 32.68 32.67
CA SER C 46 22.05 31.32 33.19
C SER C 46 22.55 30.27 32.19
N SER C 47 22.24 30.43 30.91
CA SER C 47 22.71 29.46 29.93
C SER C 47 24.24 29.41 29.88
N ALA C 48 24.91 30.56 29.94
CA ALA C 48 26.38 30.56 29.96
C ALA C 48 26.93 30.08 31.31
N VAL C 49 26.27 30.39 32.42
CA VAL C 49 26.77 29.94 33.73
C VAL C 49 26.71 28.43 33.84
N ARG C 50 25.63 27.81 33.35
CA ARG C 50 25.49 26.36 33.28
C ARG C 50 26.39 25.73 32.20
N LYS C 51 27.18 26.53 31.49
CA LYS C 51 28.21 26.07 30.58
C LYS C 51 27.63 25.49 29.28
N ALA C 52 26.47 25.99 28.87
CA ALA C 52 25.97 25.64 27.55
C ALA C 52 27.01 26.04 26.50
N GLY C 53 27.37 25.08 25.65
CA GLY C 53 28.35 25.32 24.63
C GLY C 53 29.80 25.26 25.08
N ILE C 54 30.09 24.82 26.30
CA ILE C 54 31.49 24.75 26.71
C ILE C 54 32.24 23.71 25.89
N ALA C 55 31.53 22.68 25.39
CA ALA C 55 32.17 21.70 24.52
C ALA C 55 32.85 22.38 23.33
N HIS C 56 32.27 23.47 22.81
CA HIS C 56 32.92 24.17 21.70
C HIS C 56 34.17 24.90 22.15
N LEU C 57 34.23 25.36 23.39
CA LEU C 57 35.48 25.99 23.85
C LEU C 57 36.61 24.97 23.91
N TYR C 58 36.29 23.70 24.19
CA TYR C 58 37.29 22.67 24.35
C TYR C 58 37.51 21.88 23.05
N GLY C 59 37.10 22.43 21.91
CA GLY C 59 37.52 21.91 20.63
C GLY C 59 36.71 20.79 20.04
N ILE C 60 35.41 20.73 20.33
CA ILE C 60 34.56 19.67 19.78
C ILE C 60 34.49 19.76 18.26
N ALA C 61 34.76 20.94 17.68
CA ALA C 61 34.75 21.12 16.24
C ALA C 61 36.13 21.42 15.66
N GLY C 62 37.17 21.43 16.49
CA GLY C 62 38.49 21.82 16.07
C GLY C 62 38.84 23.22 16.54
N LYS C 73 35.63 35.47 29.06
CA LYS C 73 35.50 35.68 30.49
C LYS C 73 34.02 35.84 30.82
N LEU C 74 33.55 35.18 31.89
CA LEU C 74 32.10 35.07 32.12
C LEU C 74 31.49 36.35 32.64
N ASP C 75 32.16 37.05 33.56
CA ASP C 75 31.54 38.27 34.08
C ASP C 75 31.59 39.37 33.04
N VAL C 76 32.52 39.28 32.11
CA VAL C 76 32.50 40.18 30.96
C VAL C 76 31.30 39.89 30.07
N LEU C 77 31.04 38.61 29.78
CA LEU C 77 29.87 38.27 28.95
C LEU C 77 28.56 38.70 29.64
N SER C 78 28.46 38.48 30.96
CA SER C 78 27.25 38.87 31.67
C SER C 78 27.02 40.37 31.63
N ASN C 79 28.07 41.15 31.92
CA ASN C 79 27.97 42.59 31.85
C ASN C 79 27.55 43.02 30.45
N ASP C 80 28.17 42.44 29.42
CA ASP C 80 27.82 42.81 28.05
C ASP C 80 26.38 42.43 27.71
N LEU C 81 25.90 41.31 28.25
CA LEU C 81 24.51 40.93 27.99
C LEU C 81 23.55 41.91 28.65
N VAL C 82 23.76 42.23 29.92
CA VAL C 82 22.89 43.15 30.63
C VAL C 82 22.99 44.55 30.04
N MET C 83 24.20 45.05 29.79
CA MET C 83 24.40 46.38 29.19
C MET C 83 23.63 46.50 27.89
N ASN C 84 23.76 45.49 27.04
CA ASN C 84 23.21 45.60 25.70
C ASN C 84 21.70 45.43 25.66
N MET C 85 21.14 44.53 26.48
CA MET C 85 19.68 44.44 26.53
C MET C 85 19.07 45.68 27.19
N LEU C 86 19.76 46.29 28.15
CA LEU C 86 19.21 47.47 28.81
C LEU C 86 19.25 48.70 27.91
N LYS C 87 20.39 48.97 27.27
CA LYS C 87 20.50 50.05 26.30
C LYS C 87 19.47 49.92 25.18
N SER C 88 19.30 48.71 24.65
CA SER C 88 18.41 48.53 23.51
C SER C 88 16.94 48.46 23.91
N SER C 89 16.62 48.57 25.19
CA SER C 89 15.21 48.56 25.59
C SER C 89 14.55 49.90 25.39
N PHE C 90 15.33 50.94 25.11
CA PHE C 90 14.89 52.33 25.09
C PHE C 90 14.33 52.76 26.44
N ALA C 91 14.71 52.10 27.53
CA ALA C 91 14.11 52.43 28.80
C ALA C 91 15.08 53.01 29.84
N THR C 92 16.37 53.05 29.54
CA THR C 92 17.35 53.48 30.53
C THR C 92 18.17 54.66 30.01
N CYS C 93 18.82 55.36 30.94
CA CYS C 93 19.67 56.46 30.51
C CYS C 93 21.05 56.35 31.15
N VAL C 94 21.10 55.85 32.37
CA VAL C 94 22.36 55.74 33.11
C VAL C 94 22.47 54.31 33.62
N LEU C 95 23.64 53.71 33.44
CA LEU C 95 23.91 52.34 33.84
C LEU C 95 25.15 52.31 34.73
N VAL C 96 25.01 51.78 35.94
CA VAL C 96 26.11 51.56 36.88
C VAL C 96 26.35 50.06 37.02
N SER C 97 27.59 49.62 36.79
CA SER C 97 27.94 48.22 36.81
C SER C 97 29.17 47.99 37.68
N GLU C 98 29.18 46.88 38.41
CA GLU C 98 30.40 46.45 39.09
C GLU C 98 31.58 46.32 38.13
N GLU C 99 31.33 46.04 36.85
CA GLU C 99 32.42 45.77 35.91
C GLU C 99 33.03 47.03 35.29
N ASP C 100 32.36 48.19 35.39
CA ASP C 100 32.78 49.42 34.72
C ASP C 100 33.11 50.49 35.74
N LYS C 101 34.26 51.15 35.56
CA LYS C 101 34.70 52.13 36.54
C LYS C 101 33.75 53.33 36.64
N HIS C 102 33.32 53.84 35.50
CA HIS C 102 32.40 54.96 35.44
C HIS C 102 31.02 54.51 34.99
N ALA C 103 30.03 55.34 35.34
CA ALA C 103 28.68 55.11 34.88
C ALA C 103 28.65 55.15 33.37
N ILE C 104 27.76 54.36 32.79
CA ILE C 104 27.57 54.37 31.35
C ILE C 104 26.40 55.29 31.07
N ILE C 105 26.62 56.30 30.23
CA ILE C 105 25.54 57.21 29.83
C ILE C 105 25.00 56.67 28.52
N VAL C 106 23.72 56.28 28.54
CA VAL C 106 23.08 55.77 27.33
C VAL C 106 23.04 56.89 26.29
N GLU C 107 23.32 56.53 25.04
CA GLU C 107 23.26 57.48 23.95
C GLU C 107 21.86 58.06 23.80
N PRO C 108 21.74 59.26 23.20
CA PRO C 108 20.46 59.97 23.21
C PRO C 108 19.32 59.23 22.51
N GLU C 109 19.55 58.55 21.39
CA GLU C 109 18.46 57.86 20.70
C GLU C 109 17.87 56.70 21.48
N LYS C 110 18.60 56.17 22.45
CA LYS C 110 18.14 55.02 23.22
C LYS C 110 17.76 55.42 24.64
N ARG C 111 17.75 56.72 24.93
CA ARG C 111 17.56 57.16 26.31
C ARG C 111 16.11 56.99 26.76
N GLY C 112 15.97 56.50 27.99
CA GLY C 112 14.71 56.39 28.69
C GLY C 112 14.85 57.03 30.06
N LYS C 113 13.89 56.85 30.96
CA LYS C 113 13.84 57.61 32.21
C LYS C 113 14.37 56.84 33.42
N TYR C 114 14.93 55.66 33.24
CA TYR C 114 15.30 54.81 34.36
C TYR C 114 16.81 54.66 34.52
N VAL C 115 17.23 54.54 35.78
CA VAL C 115 18.62 54.29 36.18
C VAL C 115 18.68 52.91 36.82
N VAL C 116 19.64 52.08 36.37
CA VAL C 116 19.78 50.71 36.79
C VAL C 116 21.18 50.49 37.33
N CYS C 117 21.27 50.04 38.58
CA CYS C 117 22.53 49.62 39.18
C CYS C 117 22.51 48.10 39.27
N PHE C 118 23.58 47.48 38.80
CA PHE C 118 23.55 46.03 38.73
C PHE C 118 24.94 45.43 38.87
N ASP C 119 24.95 44.28 39.52
CA ASP C 119 26.11 43.42 39.55
C ASP C 119 25.77 42.30 38.59
N PRO C 120 26.38 42.24 37.40
CA PRO C 120 25.95 41.24 36.42
C PRO C 120 26.22 39.79 36.84
N LEU C 121 27.32 39.52 37.59
CA LEU C 121 27.58 38.14 38.03
C LEU C 121 28.24 38.19 39.41
N ASP C 122 27.42 38.42 40.44
CA ASP C 122 27.94 38.56 41.80
C ASP C 122 28.33 37.18 42.36
N GLY C 123 29.49 37.15 43.02
CA GLY C 123 30.08 35.94 43.57
C GLY C 123 30.98 35.18 42.61
N SER C 124 31.18 35.68 41.38
CA SER C 124 31.91 34.97 40.33
C SER C 124 33.40 34.90 40.56
N SER C 125 33.92 35.65 41.53
CA SER C 125 35.33 35.50 41.88
C SER C 125 35.63 34.08 42.33
N ASN C 126 34.67 33.43 43.00
CA ASN C 126 34.76 32.05 43.45
C ASN C 126 34.11 31.07 42.50
N ILE C 127 33.86 31.46 41.24
CA ILE C 127 33.15 30.58 40.30
C ILE C 127 34.00 29.40 39.85
N ASP C 128 35.29 29.38 40.21
CA ASP C 128 36.11 28.24 39.88
C ASP C 128 35.64 26.97 40.60
N CYS C 129 34.94 27.12 41.73
CA CYS C 129 34.39 25.99 42.48
C CYS C 129 32.90 25.73 42.22
N LEU C 130 32.33 26.34 41.19
CA LEU C 130 30.94 26.10 40.81
C LEU C 130 29.98 26.47 41.92
N VAL C 131 30.40 27.39 42.78
CA VAL C 131 29.54 27.99 43.78
C VAL C 131 28.41 28.80 43.12
N SER C 132 27.27 28.88 43.80
CA SER C 132 26.19 29.74 43.34
C SER C 132 26.69 31.15 43.05
N VAL C 133 26.25 31.69 41.94
CA VAL C 133 26.43 33.07 41.63
C VAL C 133 25.08 33.67 41.26
N GLY C 134 25.10 34.94 40.93
CA GLY C 134 23.84 35.61 40.70
C GLY C 134 24.04 36.94 40.03
N THR C 135 22.92 37.50 39.59
CA THR C 135 22.81 38.87 39.10
C THR C 135 21.96 39.65 40.09
N ILE C 136 22.42 40.86 40.44
CA ILE C 136 21.71 41.75 41.35
C ILE C 136 21.44 43.03 40.57
N PHE C 137 20.26 43.62 40.75
CA PHE C 137 19.88 44.82 40.02
C PHE C 137 18.97 45.68 40.86
N GLY C 138 19.09 46.99 40.68
CA GLY C 138 18.20 47.99 41.24
C GLY C 138 17.85 49.06 40.22
N ILE C 139 16.59 49.46 40.17
CA ILE C 139 16.06 50.33 39.12
C ILE C 139 15.54 51.61 39.76
N TYR C 140 16.04 52.77 39.30
CA TYR C 140 15.50 54.06 39.76
C TYR C 140 14.89 54.83 38.60
N ARG C 141 13.93 55.68 38.92
CA ARG C 141 13.49 56.69 37.97
C ARG C 141 14.43 57.88 38.08
N LYS C 142 15.04 58.25 36.96
CA LYS C 142 15.97 59.38 36.96
C LYS C 142 15.33 60.54 37.70
N LYS C 143 16.09 61.16 38.59
CA LYS C 143 15.42 62.09 39.50
C LYS C 143 15.67 63.54 39.12
N SER C 144 16.86 63.88 38.69
CA SER C 144 17.11 65.26 38.36
C SER C 144 16.73 65.51 36.91
N THR C 145 16.50 66.78 36.58
CA THR C 145 16.20 67.17 35.20
C THR C 145 17.47 67.53 34.44
N ASP C 146 18.62 67.47 35.08
CA ASP C 146 19.89 67.73 34.40
C ASP C 146 20.15 66.69 33.31
N GLU C 147 21.10 67.02 32.42
CA GLU C 147 21.60 66.06 31.45
C GLU C 147 22.09 64.82 32.21
N PRO C 148 21.89 63.61 31.67
CA PRO C 148 22.20 62.40 32.47
C PRO C 148 23.69 62.27 32.78
N SER C 149 23.96 61.94 34.03
CA SER C 149 25.33 61.77 34.49
C SER C 149 25.33 60.80 35.64
N GLU C 150 26.54 60.48 36.11
CA GLU C 150 26.74 59.59 37.24
C GLU C 150 25.98 60.02 38.50
N LYS C 151 25.72 61.33 38.66
CA LYS C 151 24.98 61.82 39.82
C LYS C 151 23.60 61.19 39.93
N ASP C 152 23.03 60.77 38.81
CA ASP C 152 21.69 60.22 38.78
C ASP C 152 21.58 58.85 39.44
N ALA C 153 22.70 58.16 39.65
CA ALA C 153 22.70 56.89 40.37
C ALA C 153 22.99 57.07 41.84
N LEU C 154 23.29 58.29 42.28
CA LEU C 154 23.55 58.55 43.70
C LEU C 154 22.25 58.91 44.41
N GLN C 155 21.32 57.97 44.43
CA GLN C 155 20.05 58.12 45.10
C GLN C 155 19.96 57.19 46.29
N PRO C 156 19.24 57.55 47.33
CA PRO C 156 19.02 56.60 48.41
C PRO C 156 18.15 55.44 47.93
N GLY C 157 18.37 54.27 48.53
CA GLY C 157 17.62 53.08 48.16
C GLY C 157 16.12 53.23 48.35
N ARG C 158 15.69 54.11 49.27
CA ARG C 158 14.28 54.41 49.45
C ARG C 158 13.59 54.72 48.13
N ASN C 159 14.35 55.27 47.18
CA ASN C 159 13.90 55.66 45.85
C ASN C 159 13.81 54.51 44.85
N LEU C 160 13.99 53.25 45.25
CA LEU C 160 13.99 52.18 44.26
C LEU C 160 12.58 51.96 43.72
N VAL C 161 12.48 51.86 42.40
CA VAL C 161 11.23 51.50 41.74
C VAL C 161 11.08 49.98 41.69
N ALA C 162 12.17 49.29 41.42
CA ALA C 162 12.18 47.85 41.32
C ALA C 162 13.58 47.39 41.70
N ALA C 163 13.67 46.19 42.27
CA ALA C 163 14.95 45.61 42.64
C ALA C 163 14.79 44.11 42.77
N GLY C 164 15.91 43.40 42.67
CA GLY C 164 15.88 41.97 42.89
C GLY C 164 17.14 41.28 42.38
N TYR C 165 17.02 39.97 42.22
CA TYR C 165 18.18 39.21 41.81
C TYR C 165 17.79 37.92 41.11
N ALA C 166 18.72 37.44 40.29
CA ALA C 166 18.64 36.09 39.78
C ALA C 166 19.76 35.28 40.44
N LEU C 167 19.40 34.15 41.04
CA LEU C 167 20.33 33.21 41.66
C LEU C 167 20.52 32.05 40.71
N TYR C 168 21.75 31.85 40.25
CA TYR C 168 22.09 30.73 39.39
C TYR C 168 22.64 29.59 40.25
N GLY C 169 21.73 28.98 40.98
CA GLY C 169 22.05 27.96 41.94
C GLY C 169 21.70 26.57 41.48
N SER C 170 21.15 25.75 42.38
CA SER C 170 20.72 24.42 41.97
C SER C 170 19.78 24.54 40.78
N ALA C 171 18.93 25.56 40.82
CA ALA C 171 18.16 26.00 39.68
C ALA C 171 18.32 27.50 39.59
N THR C 172 17.76 28.11 38.54
CA THR C 172 17.84 29.54 38.36
C THR C 172 16.52 30.17 38.77
N MET C 173 16.56 31.04 39.79
CA MET C 173 15.38 31.71 40.30
C MET C 173 15.55 33.22 40.12
N LEU C 174 14.46 33.91 39.82
CA LEU C 174 14.44 35.37 39.75
C LEU C 174 13.53 35.93 40.85
N VAL C 175 14.09 36.72 41.74
CA VAL C 175 13.32 37.37 42.80
C VAL C 175 13.15 38.83 42.39
N LEU C 176 11.89 39.27 42.33
CA LEU C 176 11.53 40.64 41.95
C LEU C 176 10.71 41.29 43.07
N ALA C 177 11.16 42.45 43.53
CA ALA C 177 10.46 43.24 44.55
C ALA C 177 10.05 44.58 43.96
N MET C 178 8.77 44.91 44.12
CA MET C 178 8.21 46.19 43.71
C MET C 178 7.31 46.68 44.84
N ASP C 179 6.53 47.72 44.58
CA ASP C 179 5.62 48.22 45.60
C ASP C 179 4.62 47.16 46.06
N CYS C 180 4.21 46.29 45.15
CA CYS C 180 3.24 45.26 45.48
C CYS C 180 3.82 44.15 46.37
N GLY C 181 5.15 44.12 46.57
CA GLY C 181 5.78 43.11 47.40
C GLY C 181 6.77 42.29 46.60
N VAL C 182 7.17 41.14 47.17
CA VAL C 182 8.23 40.31 46.61
C VAL C 182 7.60 39.08 45.98
N ASN C 183 8.02 38.77 44.75
CA ASN C 183 7.55 37.59 44.02
C ASN C 183 8.75 36.81 43.48
N CYS C 184 8.67 35.49 43.52
CA CYS C 184 9.77 34.61 43.10
C CYS C 184 9.40 33.82 41.85
N PHE C 185 10.30 33.79 40.88
CA PHE C 185 10.06 33.14 39.59
C PHE C 185 11.14 32.13 39.32
N MET C 186 10.73 30.89 39.08
CA MET C 186 11.63 29.79 38.77
C MET C 186 11.80 29.74 37.25
N LEU C 187 13.04 29.66 36.80
CA LEU C 187 13.28 29.54 35.36
C LEU C 187 13.15 28.07 34.92
N ASP C 188 12.16 27.78 34.06
CA ASP C 188 12.01 26.47 33.41
C ASP C 188 12.85 26.46 32.15
N PRO C 189 14.03 25.84 32.19
CA PRO C 189 14.92 25.88 31.03
C PRO C 189 14.40 25.12 29.82
N ALA C 190 13.44 24.21 30.00
CA ALA C 190 12.90 23.49 28.85
C ALA C 190 12.13 24.40 27.91
N ILE C 191 11.59 25.50 28.43
CA ILE C 191 10.79 26.42 27.65
C ILE C 191 11.28 27.86 27.76
N GLY C 192 12.34 28.09 28.53
CA GLY C 192 12.89 29.43 28.65
C GLY C 192 11.91 30.45 29.16
N GLU C 193 11.07 30.08 30.13
CA GLU C 193 10.10 30.99 30.73
C GLU C 193 10.28 31.03 32.24
N PHE C 194 10.09 32.21 32.85
CA PHE C 194 10.12 32.36 34.29
C PHE C 194 8.73 32.11 34.84
N ILE C 195 8.60 31.09 35.67
CA ILE C 195 7.32 30.66 36.21
C ILE C 195 7.16 31.20 37.61
N LEU C 196 6.01 31.82 37.89
CA LEU C 196 5.72 32.28 39.24
C LEU C 196 5.46 31.11 40.19
N VAL C 197 6.29 30.97 41.23
CA VAL C 197 6.14 29.85 42.15
C VAL C 197 5.92 30.29 43.58
N ASP C 198 6.32 31.49 43.98
CA ASP C 198 6.12 31.97 45.34
C ASP C 198 5.61 33.40 45.27
N LYS C 199 4.33 33.61 45.59
CA LYS C 199 3.73 34.94 45.50
C LYS C 199 3.77 35.66 46.84
N ASP C 200 4.19 36.93 46.81
CA ASP C 200 4.15 37.88 47.93
C ASP C 200 4.86 37.35 49.18
N VAL C 201 6.13 37.00 48.99
CA VAL C 201 6.85 36.22 49.99
C VAL C 201 7.16 37.08 51.20
N LYS C 202 7.11 36.47 52.39
CA LYS C 202 7.40 37.17 53.64
C LYS C 202 8.36 36.35 54.47
N ILE C 203 9.35 37.03 55.03
CA ILE C 203 10.38 36.38 55.81
C ILE C 203 9.89 36.09 57.21
N LYS C 204 10.37 35.00 57.80
CA LYS C 204 10.04 34.71 59.18
C LYS C 204 10.42 35.87 60.11
N LYS C 205 9.61 36.05 61.13
CA LYS C 205 9.89 37.04 62.17
C LYS C 205 11.21 36.74 62.86
N LYS C 206 11.56 35.45 62.99
CA LYS C 206 12.79 35.06 63.66
C LYS C 206 13.30 33.79 63.00
N GLY C 207 14.59 33.76 62.70
CA GLY C 207 15.23 32.62 62.07
C GLY C 207 16.16 31.86 63.00
N LYS C 208 16.86 30.88 62.42
CA LYS C 208 17.75 30.02 63.20
C LYS C 208 19.10 29.80 62.54
N ILE C 209 19.47 30.65 61.61
CA ILE C 209 20.74 30.56 60.90
C ILE C 209 21.33 31.96 60.89
N TYR C 210 22.60 32.05 61.23
CA TYR C 210 23.32 33.30 61.03
C TYR C 210 24.40 33.08 59.98
N SER C 211 24.69 34.14 59.22
CA SER C 211 25.53 34.05 58.04
C SER C 211 26.58 35.16 58.06
N LEU C 212 27.85 34.78 58.23
CA LEU C 212 28.96 35.71 58.04
C LEU C 212 30.26 34.93 57.96
N ASN C 213 31.30 35.60 57.46
CA ASN C 213 32.66 35.04 57.37
C ASN C 213 33.31 35.26 58.74
N GLU C 214 33.26 34.24 59.59
CA GLU C 214 33.84 34.32 60.93
C GLU C 214 35.37 34.36 60.91
N GLY C 215 36.00 34.18 59.73
CA GLY C 215 37.44 34.31 59.63
C GLY C 215 37.98 35.69 59.99
N TYR C 216 37.15 36.73 59.88
CA TYR C 216 37.52 38.06 60.30
C TYR C 216 37.23 38.28 61.77
N ALA C 217 37.19 37.21 62.57
CA ALA C 217 36.81 37.35 63.97
C ALA C 217 37.76 38.26 64.74
N LYS C 218 39.05 38.26 64.37
CA LYS C 218 40.07 39.10 65.00
C LYS C 218 39.83 40.60 64.79
N ASP C 219 39.09 40.98 63.75
CA ASP C 219 38.90 42.39 63.45
C ASP C 219 37.47 42.87 63.71
N PHE C 220 36.63 42.04 64.33
CA PHE C 220 35.24 42.44 64.60
C PHE C 220 35.17 43.53 65.66
N ASP C 221 34.23 44.46 65.49
CA ASP C 221 33.84 45.36 66.56
C ASP C 221 33.15 44.58 67.69
N PRO C 222 33.19 45.10 68.92
CA PRO C 222 32.63 44.36 70.06
C PRO C 222 31.16 43.99 69.94
N ALA C 223 30.33 44.80 69.28
CA ALA C 223 28.92 44.43 69.14
C ALA C 223 28.75 43.17 68.30
N VAL C 224 29.45 43.09 67.16
CA VAL C 224 29.38 41.89 66.34
C VAL C 224 29.91 40.68 67.10
N THR C 225 31.05 40.83 67.78
CA THR C 225 31.61 39.75 68.59
C THR C 225 30.60 39.24 69.60
N GLU C 226 29.93 40.15 70.29
CA GLU C 226 28.97 39.77 71.33
C GLU C 226 27.71 39.15 70.73
N TYR C 227 27.24 39.67 69.59
CA TYR C 227 26.05 39.11 68.97
C TYR C 227 26.31 37.69 68.50
N ILE C 228 27.46 37.45 67.88
CA ILE C 228 27.79 36.12 67.39
C ILE C 228 27.94 35.16 68.57
N GLN C 229 28.54 35.62 69.67
CA GLN C 229 28.62 34.85 70.91
C GLN C 229 27.26 34.40 71.39
N ARG C 230 26.27 35.31 71.35
CA ARG C 230 24.91 34.97 71.76
C ARG C 230 24.25 33.94 70.84
N LYS C 231 24.70 33.84 69.58
CA LYS C 231 24.12 32.84 68.70
C LYS C 231 24.64 31.44 69.03
N LYS C 232 25.92 31.33 69.40
CA LYS C 232 26.50 30.03 69.73
C LYS C 232 26.22 29.59 71.16
N PHE C 233 26.13 30.54 72.10
CA PHE C 233 25.90 30.23 73.52
C PHE C 233 24.73 31.09 73.98
N PRO C 234 23.51 30.70 73.65
CA PRO C 234 22.35 31.53 73.98
C PRO C 234 22.23 31.77 75.47
N PRO C 235 22.03 33.04 75.87
CA PRO C 235 21.87 33.34 77.30
C PRO C 235 20.58 32.83 77.90
N ASP C 236 19.60 32.46 77.08
CA ASP C 236 18.34 31.89 77.54
C ASP C 236 18.27 30.38 77.35
N ASN C 237 19.40 29.70 77.24
CA ASN C 237 19.43 28.24 77.07
C ASN C 237 18.54 27.75 75.93
N SER C 238 18.30 28.60 74.92
CA SER C 238 17.59 28.17 73.74
C SER C 238 18.57 27.44 72.81
N ALA C 239 18.09 26.93 71.70
CA ALA C 239 18.99 26.20 70.81
C ALA C 239 19.96 27.18 70.14
N PRO C 240 21.22 26.82 70.02
CA PRO C 240 22.18 27.63 69.26
C PRO C 240 21.78 27.66 67.80
N TYR C 241 22.09 28.77 67.13
CA TYR C 241 21.85 28.88 65.70
C TYR C 241 22.86 28.05 64.94
N GLY C 242 22.48 27.57 63.75
CA GLY C 242 23.45 27.03 62.83
C GLY C 242 24.09 28.13 61.99
N ALA C 243 25.28 27.86 61.49
CA ALA C 243 25.99 28.81 60.66
C ALA C 243 25.99 28.32 59.23
N ARG C 244 25.78 29.24 58.29
CA ARG C 244 25.93 28.97 56.87
C ARG C 244 26.59 30.20 56.25
N TYR C 245 27.63 30.00 55.46
CA TYR C 245 28.22 31.13 54.74
C TYR C 245 28.73 30.59 53.42
N VAL C 246 28.01 30.91 52.37
CA VAL C 246 28.35 30.44 51.04
C VAL C 246 29.55 31.21 50.49
N GLY C 247 29.71 32.47 50.87
CA GLY C 247 30.72 33.29 50.26
C GLY C 247 30.28 33.94 48.97
N SER C 248 29.04 33.71 48.55
CA SER C 248 28.41 34.39 47.43
C SER C 248 27.15 35.09 47.91
N MET C 249 27.10 36.41 47.75
CA MET C 249 26.05 37.16 48.46
C MET C 249 24.63 36.80 47.98
N VAL C 250 24.43 36.56 46.69
CA VAL C 250 23.08 36.24 46.23
C VAL C 250 22.58 34.96 46.90
N ALA C 251 23.44 33.94 46.96
CA ALA C 251 23.07 32.67 47.57
C ALA C 251 22.81 32.82 49.06
N ASP C 252 23.65 33.62 49.75
CA ASP C 252 23.46 33.84 51.17
C ASP C 252 22.18 34.60 51.48
N VAL C 253 21.87 35.66 50.70
CA VAL C 253 20.69 36.48 51.02
C VAL C 253 19.42 35.70 50.68
N HIS C 254 19.46 34.92 49.60
CA HIS C 254 18.27 34.14 49.24
C HIS C 254 17.97 33.07 50.29
N ARG C 255 18.99 32.41 50.82
CA ARG C 255 18.75 31.42 51.87
C ARG C 255 18.13 32.09 53.09
N THR C 256 18.59 33.29 53.43
CA THR C 256 18.04 34.02 54.56
C THR C 256 16.56 34.32 54.33
N LEU C 257 16.22 34.80 53.14
CA LEU C 257 14.84 35.10 52.79
C LEU C 257 13.96 33.86 52.86
N VAL C 258 14.44 32.74 52.34
CA VAL C 258 13.63 31.52 52.29
C VAL C 258 13.57 30.86 53.67
N TYR C 259 14.66 30.84 54.41
CA TYR C 259 14.67 30.11 55.66
C TYR C 259 14.53 30.97 56.89
N GLY C 260 14.68 32.29 56.77
CA GLY C 260 14.77 33.15 57.92
C GLY C 260 16.20 33.21 58.44
N GLY C 261 16.40 34.11 59.41
CA GLY C 261 17.73 34.26 59.97
C GLY C 261 18.36 35.61 59.72
N ILE C 262 19.69 35.66 59.77
CA ILE C 262 20.42 36.92 59.72
C ILE C 262 21.68 36.76 58.88
N PHE C 263 21.98 37.78 58.07
CA PHE C 263 23.20 37.84 57.28
C PHE C 263 23.98 39.10 57.65
N LEU C 264 25.27 38.93 57.94
CA LEU C 264 26.13 40.03 58.37
C LEU C 264 27.34 40.07 57.47
N TYR C 265 27.65 41.25 56.94
CA TYR C 265 28.98 41.56 56.42
C TYR C 265 29.35 42.91 57.04
N PRO C 266 29.91 42.90 58.24
CA PRO C 266 30.18 44.15 58.95
C PRO C 266 31.54 44.67 58.51
N ALA C 267 31.86 45.88 58.98
CA ALA C 267 33.15 46.45 58.66
C ALA C 267 34.26 45.72 59.44
N ASN C 268 35.42 45.56 58.80
CA ASN C 268 36.62 44.99 59.44
C ASN C 268 37.83 45.85 59.03
N LYS C 269 39.05 45.33 59.27
CA LYS C 269 40.27 46.13 59.02
C LYS C 269 40.56 46.29 57.53
N LYS C 270 40.44 45.21 56.75
CA LYS C 270 40.70 45.33 55.32
C LYS C 270 39.63 46.14 54.61
N SER C 271 38.46 46.31 55.23
CA SER C 271 37.35 47.03 54.65
C SER C 271 36.67 47.92 55.68
N PRO C 272 37.27 49.08 55.97
CA PRO C 272 36.70 49.94 57.04
C PRO C 272 35.33 50.55 56.70
N ASN C 273 34.95 50.61 55.42
CA ASN C 273 33.61 51.04 55.07
C ASN C 273 32.74 49.86 54.67
N GLY C 274 33.10 48.66 55.12
CA GLY C 274 32.50 47.42 54.66
C GLY C 274 33.10 47.01 53.33
N LYS C 275 32.57 45.91 52.81
CA LYS C 275 33.08 45.29 51.59
C LYS C 275 32.03 45.21 50.50
N LEU C 276 30.78 44.96 50.85
CA LEU C 276 29.73 44.89 49.84
C LEU C 276 29.40 46.30 49.35
N ARG C 277 29.07 46.40 48.06
CA ARG C 277 28.82 47.69 47.41
C ARG C 277 27.39 48.15 47.65
N LEU C 278 27.24 49.43 47.98
CA LEU C 278 25.94 49.95 48.39
C LEU C 278 24.96 50.02 47.23
N LEU C 279 25.44 50.43 46.05
CA LEU C 279 24.56 50.78 44.94
C LEU C 279 23.91 49.53 44.33
N TYR C 280 24.71 48.50 44.05
CA TYR C 280 24.23 47.36 43.29
C TYR C 280 24.39 46.03 44.04
N GLU C 281 24.65 46.06 45.35
CA GLU C 281 24.59 44.84 46.14
C GLU C 281 23.71 45.06 47.37
N CYS C 282 24.03 46.07 48.20
CA CYS C 282 23.33 46.26 49.48
C CYS C 282 21.92 46.78 49.28
N ASN C 283 21.75 47.85 48.49
CA ASN C 283 20.43 48.48 48.32
C ASN C 283 19.39 47.53 47.73
N PRO C 284 19.65 46.80 46.62
CA PRO C 284 18.62 45.88 46.13
C PRO C 284 18.24 44.83 47.14
N MET C 285 19.22 44.32 47.91
CA MET C 285 18.91 43.33 48.93
C MET C 285 18.12 43.97 50.07
N ALA C 286 18.54 45.18 50.48
CA ALA C 286 17.79 45.91 51.49
C ALA C 286 16.37 46.19 51.01
N TYR C 287 16.21 46.51 49.73
CA TYR C 287 14.88 46.72 49.18
C TYR C 287 14.06 45.44 49.29
N VAL C 288 14.59 44.31 48.81
CA VAL C 288 13.89 43.03 48.88
C VAL C 288 13.57 42.68 50.33
N MET C 289 14.55 42.83 51.22
CA MET C 289 14.30 42.50 52.62
C MET C 289 13.14 43.31 53.16
N GLU C 290 13.12 44.60 52.88
CA GLU C 290 12.09 45.43 53.51
C GLU C 290 10.71 45.16 52.91
N LYS C 291 10.62 44.98 51.59
CA LYS C 291 9.32 44.63 51.03
C LYS C 291 8.83 43.25 51.47
N ALA C 292 9.72 42.35 51.87
CA ALA C 292 9.32 41.04 52.38
C ALA C 292 9.20 41.03 53.89
N GLY C 293 9.21 42.21 54.51
CA GLY C 293 9.02 42.34 55.94
C GLY C 293 10.24 42.15 56.77
N GLY C 294 11.42 42.21 56.18
CA GLY C 294 12.67 42.11 56.90
C GLY C 294 13.28 43.46 57.21
N MET C 295 14.50 43.41 57.70
CA MET C 295 15.24 44.60 58.03
C MET C 295 16.62 44.55 57.39
N ALA C 296 17.19 45.72 57.18
CA ALA C 296 18.54 45.84 56.65
C ALA C 296 19.13 47.15 57.17
N THR C 297 20.15 47.03 58.02
CA THR C 297 20.77 48.17 58.67
C THR C 297 22.28 48.11 58.42
N THR C 298 22.90 49.29 58.46
CA THR C 298 24.35 49.39 58.47
C THR C 298 24.92 49.29 59.87
N GLY C 299 24.05 49.25 60.88
CA GLY C 299 24.44 49.42 62.25
C GLY C 299 23.96 50.77 62.76
N LYS C 300 24.23 51.82 61.99
CA LYS C 300 23.84 53.17 62.39
C LYS C 300 22.52 53.66 61.80
N GLU C 301 22.16 53.23 60.60
CA GLU C 301 20.96 53.71 59.93
C GLU C 301 20.45 52.63 59.00
N ALA C 302 19.26 52.85 58.45
CA ALA C 302 18.76 51.92 57.44
C ALA C 302 19.65 51.93 56.21
N VAL C 303 19.93 50.75 55.66
CA VAL C 303 20.69 50.68 54.41
C VAL C 303 20.04 51.55 53.37
N LEU C 304 18.71 51.46 53.27
CA LEU C 304 17.96 52.20 52.29
C LEU C 304 18.02 53.71 52.52
N ASP C 305 18.45 54.15 53.70
CA ASP C 305 18.52 55.57 54.02
C ASP C 305 19.89 56.18 53.79
N VAL C 306 20.91 55.38 53.53
CA VAL C 306 22.20 55.97 53.20
C VAL C 306 22.08 56.68 51.86
N ILE C 307 22.45 57.96 51.83
CA ILE C 307 22.55 58.71 50.59
C ILE C 307 23.98 58.58 50.07
N PRO C 308 24.19 57.95 48.92
CA PRO C 308 25.55 57.71 48.43
C PRO C 308 26.18 58.96 47.83
N THR C 309 27.51 58.95 47.80
CA THR C 309 28.31 59.98 47.15
C THR C 309 29.25 59.44 46.06
N ASP C 310 29.40 58.12 45.95
CA ASP C 310 30.27 57.46 44.99
C ASP C 310 29.60 56.16 44.52
N ILE C 311 29.65 55.89 43.22
CA ILE C 311 28.85 54.79 42.69
C ILE C 311 29.42 53.42 43.09
N HIS C 312 30.71 53.30 43.35
CA HIS C 312 31.26 52.02 43.76
C HIS C 312 31.58 51.99 45.25
N GLN C 313 30.98 52.89 46.03
CA GLN C 313 31.26 52.95 47.46
C GLN C 313 30.77 51.70 48.21
N ARG C 314 31.47 51.34 49.26
CA ARG C 314 31.12 50.18 50.06
C ARG C 314 30.29 50.56 51.30
N ALA C 315 29.60 49.57 51.84
CA ALA C 315 28.79 49.70 53.06
C ALA C 315 28.84 48.42 53.90
N PRO C 316 28.87 48.54 55.21
CA PRO C 316 28.63 47.37 56.04
C PRO C 316 27.14 47.07 56.02
N VAL C 317 26.80 45.79 56.18
CA VAL C 317 25.40 45.39 56.04
C VAL C 317 25.08 44.25 57.00
N ILE C 318 23.93 44.37 57.65
CA ILE C 318 23.30 43.34 58.46
C ILE C 318 21.83 43.32 58.09
N LEU C 319 21.35 42.19 57.57
CA LEU C 319 19.97 42.10 57.08
C LEU C 319 19.36 40.77 57.46
N GLY C 320 18.04 40.68 57.29
CA GLY C 320 17.36 39.42 57.52
C GLY C 320 16.06 39.51 58.28
N SER C 321 15.73 38.43 59.00
CA SER C 321 14.51 38.37 59.79
C SER C 321 14.51 39.52 60.80
N PRO C 322 13.36 40.18 61.02
CA PRO C 322 13.37 41.40 61.85
C PRO C 322 13.82 41.18 63.29
N ASP C 323 13.42 40.09 63.92
CA ASP C 323 13.85 39.83 65.30
C ASP C 323 15.35 39.67 65.40
N ASP C 324 15.97 39.09 64.37
CA ASP C 324 17.41 38.89 64.44
C ASP C 324 18.18 40.20 64.21
N VAL C 325 17.69 41.05 63.31
CA VAL C 325 18.34 42.32 63.09
C VAL C 325 18.13 43.25 64.27
N LEU C 326 16.91 43.29 64.81
CA LEU C 326 16.65 44.12 65.99
C LEU C 326 17.47 43.67 67.19
N GLU C 327 17.61 42.35 67.38
CA GLU C 327 18.43 41.86 68.49
C GLU C 327 19.86 42.33 68.36
N PHE C 328 20.40 42.32 67.13
CA PHE C 328 21.74 42.86 66.88
C PHE C 328 21.79 44.37 67.13
N LEU C 329 20.80 45.12 66.64
CA LEU C 329 20.79 46.55 66.94
C LEU C 329 20.70 46.79 68.44
N LYS C 330 19.96 45.94 69.16
CA LYS C 330 19.92 46.09 70.62
C LYS C 330 21.31 45.90 71.23
N VAL C 331 22.06 44.92 70.74
CA VAL C 331 23.44 44.70 71.18
C VAL C 331 24.33 45.84 70.70
N TYR C 332 24.09 46.32 69.48
CA TYR C 332 24.89 47.42 68.93
C TYR C 332 24.79 48.66 69.80
N GLU C 333 23.59 48.95 70.30
CA GLU C 333 23.40 50.14 71.14
C GLU C 333 24.01 49.93 72.52
N LYS C 334 24.14 48.69 72.96
CA LYS C 334 24.81 48.46 74.23
C LYS C 334 26.24 48.97 74.18
N HIS C 335 26.85 48.91 72.99
CA HIS C 335 28.21 49.37 72.76
C HIS C 335 28.25 50.77 72.14
N SER C 336 27.19 51.56 72.36
CA SER C 336 27.05 52.96 71.94
C SER C 336 26.82 53.10 70.44
N ASP D 10 43.15 17.78 22.08
CA ASP D 10 42.09 16.86 21.66
C ASP D 10 40.94 16.91 22.66
N VAL D 11 39.72 17.07 22.16
CA VAL D 11 38.56 17.11 23.03
C VAL D 11 38.31 15.73 23.61
N ASN D 12 37.86 15.67 24.88
CA ASN D 12 37.62 14.38 25.51
C ASN D 12 36.34 14.47 26.31
N THR D 13 35.59 13.37 26.33
CA THR D 13 34.37 13.23 27.10
C THR D 13 34.53 12.12 28.12
N LEU D 14 33.62 12.08 29.08
CA LEU D 14 33.63 11.00 30.08
C LEU D 14 33.53 9.62 29.41
N THR D 15 32.58 9.47 28.50
CA THR D 15 32.33 8.16 27.89
C THR D 15 33.53 7.68 27.08
N ARG D 16 34.12 8.56 26.27
CA ARG D 16 35.34 8.19 25.57
C ARG D 16 36.47 7.89 26.55
N PHE D 17 36.57 8.71 27.61
CA PHE D 17 37.65 8.58 28.59
C PHE D 17 37.58 7.26 29.34
N VAL D 18 36.41 6.93 29.90
CA VAL D 18 36.28 5.70 30.68
C VAL D 18 36.62 4.51 29.79
N MET D 19 36.09 4.50 28.58
CA MET D 19 36.35 3.40 27.66
C MET D 19 37.84 3.26 27.39
N GLU D 20 38.54 4.38 27.25
CA GLU D 20 39.97 4.30 26.98
C GLU D 20 40.69 3.72 28.19
N GLU D 21 40.28 4.09 29.39
CA GLU D 21 40.82 3.45 30.59
C GLU D 21 40.48 1.97 30.64
N GLY D 22 39.28 1.60 30.21
CA GLY D 22 38.92 0.19 30.22
C GLY D 22 39.71 -0.64 29.22
N ARG D 23 40.02 -0.08 28.05
CA ARG D 23 40.82 -0.84 27.09
C ARG D 23 42.25 -1.03 27.56
N LYS D 24 42.85 0.02 28.13
CA LYS D 24 44.19 -0.15 28.70
C LYS D 24 44.18 -1.27 29.74
N ALA D 25 43.18 -1.25 30.62
CA ALA D 25 43.04 -2.21 31.70
C ALA D 25 42.58 -3.57 31.23
N ARG D 26 41.98 -3.64 30.05
CA ARG D 26 41.54 -4.91 29.47
C ARG D 26 40.57 -5.63 30.41
N GLY D 27 39.70 -4.86 31.08
CA GLY D 27 38.71 -5.47 31.95
C GLY D 27 37.54 -6.04 31.17
N THR D 28 36.58 -6.58 31.91
CA THR D 28 35.47 -7.25 31.25
C THR D 28 34.50 -6.29 30.58
N GLY D 29 34.56 -5.00 30.89
CA GLY D 29 33.61 -4.03 30.40
C GLY D 29 32.43 -3.72 31.32
N GLU D 30 32.22 -4.49 32.39
CA GLU D 30 31.11 -4.18 33.31
C GLU D 30 31.29 -2.81 33.96
N LEU D 31 32.52 -2.44 34.33
CA LEU D 31 32.74 -1.15 35.01
C LEU D 31 32.49 0.01 34.05
N THR D 32 32.85 -0.18 32.78
CA THR D 32 32.54 0.83 31.77
C THR D 32 31.03 0.97 31.60
N GLN D 33 30.30 -0.15 31.54
CA GLN D 33 28.85 -0.05 31.49
C GLN D 33 28.28 0.56 32.76
N LEU D 34 28.89 0.30 33.91
CA LEU D 34 28.40 0.92 35.14
C LEU D 34 28.54 2.44 35.08
N LEU D 35 29.73 2.93 34.75
CA LEU D 35 29.98 4.37 34.74
C LEU D 35 29.15 5.07 33.68
N ASN D 36 28.97 4.45 32.52
CA ASN D 36 28.14 5.06 31.50
C ASN D 36 26.70 5.16 31.98
N SER D 37 26.23 4.15 32.71
CA SER D 37 24.88 4.19 33.26
C SER D 37 24.73 5.27 34.31
N LEU D 38 25.72 5.40 35.19
CA LEU D 38 25.67 6.43 36.23
C LEU D 38 25.68 7.83 35.61
N CYS D 39 26.48 8.01 34.56
CA CYS D 39 26.52 9.29 33.86
C CYS D 39 25.16 9.69 33.31
N THR D 40 24.43 8.74 32.70
CA THR D 40 23.07 9.00 32.24
C THR D 40 22.16 9.37 33.39
N ALA D 41 22.29 8.68 34.53
CA ALA D 41 21.51 9.04 35.70
C ALA D 41 21.84 10.46 36.17
N VAL D 42 23.13 10.84 36.16
CA VAL D 42 23.51 12.17 36.63
C VAL D 42 22.95 13.24 35.68
N LYS D 43 22.98 12.98 34.38
CA LYS D 43 22.41 13.95 33.45
C LYS D 43 20.90 14.10 33.68
N ALA D 44 20.22 13.00 34.02
CA ALA D 44 18.79 13.07 34.32
C ALA D 44 18.53 13.80 35.63
N ILE D 45 19.35 13.53 36.64
CA ILE D 45 19.17 14.21 37.92
C ILE D 45 19.37 15.71 37.75
N SER D 46 20.43 16.10 37.04
CA SER D 46 20.73 17.50 36.80
C SER D 46 19.57 18.24 36.14
N SER D 47 18.98 17.63 35.11
CA SER D 47 17.84 18.22 34.43
C SER D 47 16.71 18.46 35.40
N ALA D 48 16.51 17.51 36.31
CA ALA D 48 15.44 17.69 37.29
C ALA D 48 15.80 18.73 38.34
N VAL D 49 17.07 18.76 38.80
CA VAL D 49 17.45 19.76 39.82
C VAL D 49 17.29 21.16 39.25
N ARG D 50 17.66 21.34 37.98
CA ARG D 50 17.52 22.62 37.31
C ARG D 50 16.08 22.95 36.96
N LYS D 51 15.13 22.09 37.32
CA LYS D 51 13.70 22.39 37.25
C LYS D 51 13.18 22.40 35.81
N ALA D 52 13.76 21.57 34.94
CA ALA D 52 13.18 21.35 33.63
C ALA D 52 11.78 20.80 33.80
N GLY D 53 10.81 21.40 33.09
CA GLY D 53 9.44 20.97 33.18
C GLY D 53 8.66 21.43 34.39
N ILE D 54 9.19 22.35 35.20
CA ILE D 54 8.42 22.86 36.33
C ILE D 54 7.18 23.61 35.86
N ALA D 55 7.20 24.13 34.63
CA ALA D 55 6.02 24.79 34.10
C ALA D 55 4.82 23.86 34.11
N HIS D 56 5.05 22.57 33.88
CA HIS D 56 3.94 21.62 33.86
C HIS D 56 3.39 21.37 35.25
N LEU D 57 4.21 21.50 36.29
CA LEU D 57 3.71 21.36 37.66
C LEU D 57 2.79 22.50 38.06
N TYR D 58 2.99 23.70 37.53
CA TYR D 58 2.23 24.86 37.98
C TYR D 58 1.02 25.16 37.11
N GLY D 59 0.58 24.19 36.30
CA GLY D 59 -0.71 24.27 35.64
C GLY D 59 -0.72 24.99 34.32
N ILE D 60 0.39 24.99 33.59
CA ILE D 60 0.48 25.61 32.27
C ILE D 60 -0.36 24.89 31.23
N ALA D 61 -0.66 23.60 31.43
CA ALA D 61 -1.42 22.81 30.47
C ALA D 61 -2.76 22.36 31.01
N GLY D 62 -3.17 22.84 32.20
CA GLY D 62 -4.43 22.41 32.81
C GLY D 62 -4.54 22.60 34.31
N LYS D 73 9.59 15.06 46.05
CA LYS D 73 9.90 13.93 45.19
C LYS D 73 11.33 13.98 44.59
N LEU D 74 12.05 15.09 44.75
CA LEU D 74 13.33 15.22 44.05
C LEU D 74 14.37 14.23 44.58
N ASP D 75 14.34 13.93 45.88
CA ASP D 75 15.25 12.93 46.41
C ASP D 75 14.81 11.51 46.06
N VAL D 76 13.50 11.30 45.89
CA VAL D 76 12.97 10.00 45.46
C VAL D 76 13.33 9.71 44.01
N LEU D 77 13.14 10.70 43.11
CA LEU D 77 13.45 10.54 41.68
C LEU D 77 14.94 10.26 41.44
N SER D 78 15.79 11.01 42.15
CA SER D 78 17.24 10.83 42.04
C SER D 78 17.60 9.39 42.41
N ASN D 79 17.02 8.91 43.52
CA ASN D 79 17.22 7.55 43.96
C ASN D 79 16.75 6.56 42.90
N ASP D 80 15.55 6.76 42.36
CA ASP D 80 15.01 5.87 41.33
C ASP D 80 15.82 5.92 40.05
N LEU D 81 16.38 7.08 39.70
CA LEU D 81 17.18 7.15 38.47
C LEU D 81 18.46 6.34 38.62
N VAL D 82 19.18 6.55 39.73
CA VAL D 82 20.42 5.82 39.97
C VAL D 82 20.14 4.32 40.09
N MET D 83 19.12 3.95 40.88
CA MET D 83 18.73 2.55 41.05
C MET D 83 18.43 1.87 39.73
N ASN D 84 17.64 2.54 38.88
CA ASN D 84 17.20 1.87 37.67
C ASN D 84 18.31 1.81 36.62
N MET D 85 19.16 2.85 36.55
CA MET D 85 20.28 2.81 35.63
C MET D 85 21.33 1.81 36.09
N LEU D 86 21.50 1.66 37.40
CA LEU D 86 22.47 0.70 37.91
C LEU D 86 22.00 -0.74 37.72
N LYS D 87 20.77 -1.04 38.12
CA LYS D 87 20.21 -2.37 37.91
C LYS D 87 20.27 -2.76 36.45
N SER D 88 19.86 -1.85 35.56
CA SER D 88 19.78 -2.17 34.14
C SER D 88 21.14 -2.12 33.42
N SER D 89 22.21 -1.79 34.13
CA SER D 89 23.55 -1.85 33.56
C SER D 89 24.09 -3.28 33.48
N PHE D 90 23.47 -4.23 34.18
CA PHE D 90 24.02 -5.58 34.33
C PHE D 90 25.42 -5.58 34.96
N ALA D 91 25.76 -4.56 35.75
CA ALA D 91 27.11 -4.44 36.30
C ALA D 91 27.16 -4.51 37.82
N THR D 92 26.02 -4.56 38.49
CA THR D 92 25.89 -4.46 39.93
C THR D 92 25.21 -5.68 40.52
N CYS D 93 25.40 -5.88 41.82
CA CYS D 93 24.73 -6.98 42.50
C CYS D 93 24.14 -6.52 43.82
N VAL D 94 24.77 -5.53 44.45
CA VAL D 94 24.32 -4.98 45.72
C VAL D 94 24.37 -3.46 45.65
N LEU D 95 23.29 -2.80 46.05
CA LEU D 95 23.19 -1.36 45.99
C LEU D 95 22.85 -0.86 47.38
N VAL D 96 23.65 0.06 47.91
CA VAL D 96 23.35 0.74 49.17
C VAL D 96 23.07 2.20 48.88
N SER D 97 21.92 2.69 49.36
CA SER D 97 21.48 4.05 49.10
C SER D 97 21.20 4.74 50.42
N GLU D 98 21.50 6.05 50.47
CA GLU D 98 21.06 6.89 51.57
C GLU D 98 19.56 6.81 51.77
N GLU D 99 18.80 6.56 50.70
CA GLU D 99 17.34 6.55 50.74
C GLU D 99 16.73 5.23 51.15
N ASP D 100 17.49 4.13 51.19
CA ASP D 100 16.95 2.81 51.44
C ASP D 100 17.48 2.22 52.73
N LYS D 101 16.58 1.69 53.56
CA LYS D 101 16.97 1.16 54.87
C LYS D 101 17.89 -0.04 54.75
N HIS D 102 17.54 -1.00 53.91
CA HIS D 102 18.37 -2.18 53.72
C HIS D 102 19.07 -2.08 52.37
N ALA D 103 20.16 -2.82 52.22
CA ALA D 103 20.78 -2.87 50.92
C ALA D 103 19.81 -3.49 49.92
N ILE D 104 19.95 -3.09 48.67
CA ILE D 104 19.14 -3.61 47.57
C ILE D 104 19.93 -4.71 46.87
N ILE D 105 19.35 -5.88 46.76
CA ILE D 105 19.98 -6.98 46.05
C ILE D 105 19.43 -6.99 44.64
N VAL D 106 20.31 -6.81 43.66
CA VAL D 106 19.90 -6.87 42.27
C VAL D 106 19.35 -8.25 41.96
N GLU D 107 18.30 -8.31 41.15
CA GLU D 107 17.73 -9.58 40.76
C GLU D 107 18.76 -10.41 39.97
N PRO D 108 18.65 -11.74 40.02
CA PRO D 108 19.72 -12.59 39.47
C PRO D 108 19.96 -12.39 37.98
N GLU D 109 18.91 -12.12 37.21
CA GLU D 109 19.06 -11.97 35.78
C GLU D 109 19.88 -10.74 35.42
N LYS D 110 19.97 -9.77 36.32
CA LYS D 110 20.68 -8.52 36.05
C LYS D 110 21.96 -8.37 36.86
N ARG D 111 22.39 -9.41 37.57
CA ARG D 111 23.47 -9.26 38.53
C ARG D 111 24.81 -9.10 37.81
N GLY D 112 25.60 -8.13 38.29
CA GLY D 112 26.95 -7.93 37.80
C GLY D 112 27.91 -7.92 38.97
N LYS D 113 29.19 -7.59 38.76
CA LYS D 113 30.17 -7.92 39.78
C LYS D 113 30.53 -6.77 40.71
N TYR D 114 29.85 -5.62 40.63
CA TYR D 114 30.25 -4.46 41.40
C TYR D 114 29.21 -4.07 42.46
N VAL D 115 29.70 -3.50 43.54
CA VAL D 115 28.88 -3.04 44.63
C VAL D 115 28.98 -1.52 44.63
N VAL D 116 27.84 -0.84 44.69
CA VAL D 116 27.77 0.63 44.58
C VAL D 116 27.05 1.20 45.80
N CYS D 117 27.73 2.08 46.51
CA CYS D 117 27.15 2.86 47.60
C CYS D 117 27.00 4.30 47.13
N PHE D 118 25.84 4.91 47.37
CA PHE D 118 25.63 6.25 46.83
C PHE D 118 24.63 7.02 47.66
N ASP D 119 24.82 8.34 47.66
CA ASP D 119 23.82 9.31 48.09
C ASP D 119 23.22 9.94 46.85
N PRO D 120 21.96 9.65 46.48
CA PRO D 120 21.48 10.12 45.16
C PRO D 120 21.38 11.63 45.07
N LEU D 121 21.04 12.30 46.16
CA LEU D 121 20.93 13.76 46.11
C LEU D 121 21.35 14.30 47.47
N ASP D 122 22.66 14.44 47.65
CA ASP D 122 23.17 14.98 48.89
C ASP D 122 22.91 16.48 48.99
N GLY D 123 22.51 16.92 50.18
CA GLY D 123 22.18 18.29 50.42
C GLY D 123 20.73 18.68 50.15
N SER D 124 19.88 17.72 49.77
CA SER D 124 18.53 18.03 49.31
C SER D 124 17.59 18.48 50.43
N SER D 125 17.97 18.32 51.70
CA SER D 125 17.14 18.84 52.79
C SER D 125 16.98 20.36 52.71
N ASN D 126 18.03 21.07 52.29
CA ASN D 126 17.99 22.51 52.11
C ASN D 126 17.82 22.94 50.65
N ILE D 127 17.36 22.04 49.78
CA ILE D 127 17.26 22.37 48.36
C ILE D 127 16.19 23.42 48.09
N ASP D 128 15.37 23.73 49.10
CA ASP D 128 14.37 24.78 48.96
C ASP D 128 15.00 26.15 48.77
N CYS D 129 16.23 26.37 49.26
CA CYS D 129 16.90 27.65 49.08
C CYS D 129 17.83 27.64 47.87
N LEU D 130 17.78 26.58 47.06
CA LEU D 130 18.55 26.39 45.82
C LEU D 130 20.06 26.36 46.06
N VAL D 131 20.45 25.91 47.25
CA VAL D 131 21.85 25.58 47.53
C VAL D 131 22.29 24.48 46.57
N SER D 132 23.57 24.48 46.23
CA SER D 132 24.15 23.36 45.47
C SER D 132 23.82 22.02 46.12
N VAL D 133 23.49 21.05 45.29
CA VAL D 133 23.34 19.69 45.73
C VAL D 133 24.24 18.80 44.88
N GLY D 134 24.26 17.51 45.19
CA GLY D 134 25.17 16.63 44.48
C GLY D 134 24.86 15.17 44.68
N THR D 135 25.43 14.35 43.80
CA THR D 135 25.37 12.90 43.89
C THR D 135 26.75 12.38 44.25
N ILE D 136 26.84 11.54 45.28
CA ILE D 136 28.10 10.95 45.73
C ILE D 136 28.01 9.46 45.48
N PHE D 137 29.08 8.86 45.00
CA PHE D 137 29.00 7.44 44.71
C PHE D 137 30.35 6.79 44.95
N GLY D 138 30.30 5.55 45.41
CA GLY D 138 31.50 4.76 45.56
C GLY D 138 31.29 3.36 45.02
N ILE D 139 32.25 2.86 44.25
CA ILE D 139 32.08 1.59 43.57
C ILE D 139 33.10 0.61 44.12
N TYR D 140 32.62 -0.52 44.63
CA TYR D 140 33.49 -1.61 45.07
C TYR D 140 33.26 -2.87 44.23
N ARG D 141 34.32 -3.65 44.10
CA ARG D 141 34.18 -5.01 43.58
C ARG D 141 33.64 -5.90 44.70
N LYS D 142 32.68 -6.75 44.35
CA LYS D 142 32.25 -7.77 45.32
C LYS D 142 33.38 -8.75 45.56
N LYS D 143 33.56 -9.15 46.82
CA LYS D 143 34.76 -9.85 47.26
C LYS D 143 34.64 -11.36 47.25
N SER D 144 33.44 -11.89 47.47
CA SER D 144 33.23 -13.34 47.53
C SER D 144 32.29 -13.79 46.41
N THR D 145 32.26 -15.10 46.20
CA THR D 145 31.27 -15.69 45.31
C THR D 145 30.01 -16.08 46.06
N ASP D 146 29.90 -15.75 47.34
CA ASP D 146 28.69 -16.05 48.08
C ASP D 146 27.51 -15.29 47.48
N GLU D 147 26.31 -15.74 47.85
CA GLU D 147 25.10 -15.08 47.40
C GLU D 147 25.16 -13.60 47.80
N PRO D 148 24.76 -12.68 46.92
CA PRO D 148 24.88 -11.26 47.25
C PRO D 148 24.01 -10.91 48.46
N SER D 149 24.58 -10.15 49.38
CA SER D 149 23.87 -9.75 50.59
C SER D 149 24.44 -8.42 51.05
N GLU D 150 23.83 -7.84 52.09
CA GLU D 150 24.36 -6.59 52.63
C GLU D 150 25.82 -6.71 53.03
N LYS D 151 26.27 -7.90 53.47
CA LYS D 151 27.66 -8.03 53.89
C LYS D 151 28.62 -7.61 52.79
N ASP D 152 28.20 -7.69 51.53
CA ASP D 152 29.06 -7.34 50.41
C ASP D 152 29.40 -5.85 50.35
N ALA D 153 28.69 -5.01 51.11
CA ALA D 153 28.98 -3.59 51.21
C ALA D 153 29.84 -3.24 52.40
N LEU D 154 30.16 -4.20 53.26
CA LEU D 154 30.98 -3.85 54.43
C LEU D 154 32.46 -4.01 54.12
N GLN D 155 32.93 -3.20 53.19
CA GLN D 155 34.35 -3.13 52.87
C GLN D 155 34.87 -1.75 53.27
N PRO D 156 36.14 -1.65 53.68
CA PRO D 156 36.71 -0.32 53.94
C PRO D 156 36.91 0.42 52.63
N GLY D 157 36.89 1.76 52.73
CA GLY D 157 37.04 2.60 51.55
C GLY D 157 38.29 2.32 50.74
N ARG D 158 39.33 1.76 51.40
CA ARG D 158 40.54 1.33 50.70
C ARG D 158 40.25 0.38 49.54
N ASN D 159 39.18 -0.43 49.64
CA ASN D 159 38.86 -1.39 48.58
C ASN D 159 38.14 -0.77 47.36
N LEU D 160 38.00 0.55 47.33
CA LEU D 160 37.25 1.23 46.28
C LEU D 160 37.96 1.10 44.96
N VAL D 161 37.22 0.70 43.94
CA VAL D 161 37.67 0.70 42.55
C VAL D 161 37.44 2.07 41.90
N ALA D 162 36.35 2.74 42.26
CA ALA D 162 36.04 4.06 41.72
C ALA D 162 35.13 4.81 42.70
N ALA D 163 35.25 6.12 42.70
CA ALA D 163 34.45 6.97 43.58
C ALA D 163 34.38 8.37 42.98
N GLY D 164 33.38 9.12 43.41
CA GLY D 164 33.29 10.50 42.97
C GLY D 164 31.96 11.14 43.32
N TYR D 165 31.69 12.24 42.64
CA TYR D 165 30.48 12.98 42.92
C TYR D 165 30.14 13.77 41.68
N ALA D 166 28.85 14.11 41.61
CA ALA D 166 28.36 15.14 40.72
C ALA D 166 27.94 16.34 41.57
N LEU D 167 28.42 17.51 41.19
CA LEU D 167 28.02 18.76 41.83
C LEU D 167 27.05 19.44 40.87
N TYR D 168 25.81 19.62 41.33
CA TYR D 168 24.76 20.38 40.63
C TYR D 168 24.82 21.79 41.20
N GLY D 169 25.84 22.53 40.75
CA GLY D 169 26.10 23.88 41.24
C GLY D 169 25.73 24.93 40.20
N SER D 170 26.53 25.99 40.12
CA SER D 170 26.31 26.97 39.07
C SER D 170 26.39 26.32 37.70
N ALA D 171 27.26 25.33 37.56
CA ALA D 171 27.21 24.36 36.47
C ALA D 171 27.28 22.95 37.05
N THR D 172 27.13 21.94 36.19
CA THR D 172 27.17 20.55 36.62
C THR D 172 28.51 19.92 36.23
N MET D 173 29.24 19.45 37.23
CA MET D 173 30.53 18.79 37.02
C MET D 173 30.51 17.39 37.61
N LEU D 174 31.19 16.47 36.95
CA LEU D 174 31.39 15.11 37.49
C LEU D 174 32.86 14.94 37.83
N VAL D 175 33.14 14.65 39.10
CA VAL D 175 34.52 14.44 39.55
C VAL D 175 34.67 12.94 39.77
N LEU D 176 35.57 12.30 39.03
CA LEU D 176 35.76 10.85 39.02
C LEU D 176 37.20 10.49 39.42
N ALA D 177 37.33 9.65 40.46
CA ALA D 177 38.63 9.21 40.96
C ALA D 177 38.80 7.70 40.76
N MET D 178 39.93 7.32 40.17
CA MET D 178 40.31 5.92 39.98
C MET D 178 41.80 5.80 40.32
N ASP D 179 42.39 4.65 40.02
CA ASP D 179 43.83 4.50 40.25
C ASP D 179 44.63 5.52 39.46
N CYS D 180 44.14 5.93 38.29
CA CYS D 180 44.83 6.92 37.48
C CYS D 180 44.73 8.34 38.03
N GLY D 181 43.93 8.58 39.05
CA GLY D 181 43.83 9.91 39.62
C GLY D 181 42.43 10.47 39.50
N VAL D 182 42.34 11.77 39.76
CA VAL D 182 41.06 12.46 39.85
C VAL D 182 40.93 13.33 38.61
N ASN D 183 39.81 13.19 37.91
CA ASN D 183 39.51 13.98 36.72
C ASN D 183 38.14 14.63 36.81
N CYS D 184 38.03 15.87 36.32
CA CYS D 184 36.81 16.64 36.39
C CYS D 184 36.24 16.81 34.99
N PHE D 185 34.95 16.56 34.87
CA PHE D 185 34.22 16.60 33.62
C PHE D 185 33.08 17.61 33.78
N MET D 186 33.01 18.57 32.86
CA MET D 186 31.92 19.54 32.85
C MET D 186 30.77 19.06 31.97
N LEU D 187 29.55 19.09 32.50
CA LEU D 187 28.39 18.75 31.69
C LEU D 187 28.00 19.95 30.85
N ASP D 188 28.07 19.79 29.53
CA ASP D 188 27.56 20.76 28.58
C ASP D 188 26.09 20.45 28.37
N PRO D 189 25.16 21.22 28.95
CA PRO D 189 23.74 20.88 28.80
C PRO D 189 23.26 21.00 27.36
N ALA D 190 23.98 21.67 26.46
CA ALA D 190 23.53 21.78 25.08
C ALA D 190 23.59 20.46 24.34
N ILE D 191 24.50 19.56 24.74
CA ILE D 191 24.69 18.31 24.03
C ILE D 191 24.67 17.09 24.95
N GLY D 192 24.49 17.29 26.25
CA GLY D 192 24.43 16.18 27.19
C GLY D 192 25.69 15.35 27.21
N GLU D 193 26.84 15.99 27.11
CA GLU D 193 28.13 15.33 27.18
C GLU D 193 28.92 15.97 28.32
N PHE D 194 29.66 15.14 29.05
CA PHE D 194 30.56 15.58 30.11
C PHE D 194 31.91 15.87 29.46
N ILE D 195 32.36 17.12 29.52
CA ILE D 195 33.59 17.50 28.83
C ILE D 195 34.74 17.42 29.82
N LEU D 196 35.83 16.75 29.43
CA LEU D 196 37.03 16.70 30.26
C LEU D 196 37.69 18.07 30.31
N VAL D 197 37.76 18.65 31.49
CA VAL D 197 38.28 20.01 31.66
C VAL D 197 39.42 20.11 32.65
N ASP D 198 39.55 19.20 33.63
CA ASP D 198 40.63 19.23 34.61
C ASP D 198 41.21 17.82 34.72
N LYS D 199 42.43 17.62 34.22
CA LYS D 199 43.06 16.30 34.27
C LYS D 199 43.92 16.15 35.50
N ASP D 200 43.77 15.01 36.18
CA ASP D 200 44.67 14.53 37.22
C ASP D 200 44.90 15.60 38.27
N VAL D 201 43.81 16.08 38.85
CA VAL D 201 43.90 17.29 39.65
C VAL D 201 44.52 16.92 41.00
N LYS D 202 45.29 17.86 41.54
CA LYS D 202 45.97 17.70 42.80
C LYS D 202 45.64 18.87 43.69
N ILE D 203 45.31 18.58 44.94
CA ILE D 203 44.91 19.60 45.89
C ILE D 203 46.13 20.36 46.38
N LYS D 204 45.94 21.63 46.72
CA LYS D 204 47.01 22.43 47.29
C LYS D 204 47.58 21.73 48.51
N LYS D 205 48.89 21.82 48.67
CA LYS D 205 49.52 21.26 49.87
C LYS D 205 48.94 21.89 51.13
N LYS D 206 48.59 23.17 51.08
CA LYS D 206 48.04 23.88 52.23
C LYS D 206 47.09 24.97 51.75
N GLY D 207 45.93 25.09 52.37
CA GLY D 207 44.92 26.05 51.99
C GLY D 207 44.78 27.20 52.97
N LYS D 208 43.74 28.02 52.72
CA LYS D 208 43.46 29.23 53.51
C LYS D 208 41.99 29.35 53.89
N ILE D 209 41.25 28.24 53.82
CA ILE D 209 39.82 28.22 54.15
C ILE D 209 39.56 27.00 55.01
N TYR D 210 38.81 27.20 56.08
CA TYR D 210 38.29 26.11 56.89
C TYR D 210 36.79 26.07 56.77
N SER D 211 36.22 24.86 56.82
CA SER D 211 34.81 24.66 56.53
C SER D 211 34.21 23.76 57.60
N LEU D 212 33.33 24.34 58.42
CA LEU D 212 32.54 23.55 59.34
C LEU D 212 31.39 24.43 59.82
N ASN D 213 30.44 23.79 60.48
CA ASN D 213 29.31 24.49 61.08
C ASN D 213 29.71 25.07 62.43
N GLU D 214 30.15 26.32 62.46
CA GLU D 214 30.52 26.89 63.75
C GLU D 214 29.35 27.19 64.68
N GLY D 215 28.11 27.01 64.26
CA GLY D 215 27.00 27.26 65.16
C GLY D 215 26.96 26.33 66.37
N TYR D 216 27.53 25.14 66.25
CA TYR D 216 27.57 24.17 67.34
C TYR D 216 28.86 24.24 68.14
N ALA D 217 29.47 25.42 68.25
CA ALA D 217 30.73 25.55 68.97
C ALA D 217 30.57 25.15 70.42
N LYS D 218 29.38 25.36 71.00
CA LYS D 218 29.11 24.96 72.38
C LYS D 218 29.32 23.46 72.59
N ASP D 219 29.26 22.66 71.54
CA ASP D 219 29.40 21.21 71.65
C ASP D 219 30.65 20.67 70.98
N PHE D 220 31.58 21.53 70.57
CA PHE D 220 32.79 21.06 69.91
C PHE D 220 33.63 20.20 70.84
N ASP D 221 34.35 19.27 70.26
CA ASP D 221 35.45 18.68 71.00
C ASP D 221 36.44 19.80 71.32
N PRO D 222 37.10 19.73 72.47
CA PRO D 222 38.04 20.81 72.85
C PRO D 222 39.15 21.01 71.84
N ALA D 223 39.57 19.93 71.18
CA ALA D 223 40.59 20.01 70.14
C ALA D 223 40.08 20.78 68.93
N VAL D 224 38.82 20.58 68.54
CA VAL D 224 38.23 21.36 67.45
C VAL D 224 38.20 22.83 67.82
N THR D 225 37.79 23.13 69.05
CA THR D 225 37.79 24.51 69.54
C THR D 225 39.17 25.16 69.41
N GLU D 226 40.22 24.45 69.81
CA GLU D 226 41.54 25.07 69.72
C GLU D 226 41.98 25.22 68.25
N TYR D 227 41.64 24.25 67.40
CA TYR D 227 42.07 24.33 66.01
C TYR D 227 41.44 25.51 65.29
N ILE D 228 40.13 25.67 65.43
CA ILE D 228 39.44 26.78 64.75
C ILE D 228 39.90 28.12 65.31
N GLN D 229 40.10 28.20 66.63
CA GLN D 229 40.72 29.40 67.21
C GLN D 229 42.05 29.74 66.54
N ARG D 230 42.87 28.73 66.22
CA ARG D 230 44.14 29.01 65.54
C ARG D 230 43.93 29.56 64.14
N LYS D 231 42.84 29.18 63.48
CA LYS D 231 42.60 29.70 62.15
C LYS D 231 42.18 31.16 62.22
N LYS D 232 41.42 31.54 63.25
CA LYS D 232 41.00 32.92 63.40
C LYS D 232 42.05 33.79 64.08
N PHE D 233 42.82 33.23 65.00
CA PHE D 233 43.80 33.99 65.78
C PHE D 233 45.17 33.32 65.71
N PRO D 234 45.84 33.40 64.57
CA PRO D 234 47.12 32.71 64.40
C PRO D 234 48.14 33.22 65.38
N PRO D 235 48.89 32.33 66.04
CA PRO D 235 49.87 32.80 67.03
C PRO D 235 51.03 33.56 66.41
N ASP D 236 51.27 33.42 65.11
CA ASP D 236 52.33 34.14 64.43
C ASP D 236 51.73 35.32 63.65
N ASN D 237 52.44 35.80 62.63
CA ASN D 237 51.96 36.91 61.82
C ASN D 237 51.35 36.46 60.50
N SER D 238 50.84 35.24 60.44
CA SER D 238 50.21 34.79 59.22
C SER D 238 48.78 35.33 59.14
N ALA D 239 48.18 35.21 57.96
CA ALA D 239 46.81 35.67 57.76
C ALA D 239 45.80 34.70 58.38
N PRO D 240 44.78 35.20 59.08
CA PRO D 240 43.72 34.29 59.53
C PRO D 240 42.99 33.75 58.31
N TYR D 241 42.54 32.49 58.40
CA TYR D 241 41.82 31.86 57.30
C TYR D 241 40.44 32.49 57.12
N GLY D 242 39.93 32.41 55.90
CA GLY D 242 38.55 32.72 55.68
C GLY D 242 37.67 31.51 55.93
N ALA D 243 36.40 31.79 56.26
CA ALA D 243 35.44 30.75 56.55
C ALA D 243 34.43 30.64 55.41
N ARG D 244 34.17 29.40 55.00
CA ARG D 244 33.14 29.05 54.02
C ARG D 244 32.46 27.79 54.51
N TYR D 245 31.13 27.82 54.59
CA TYR D 245 30.35 26.61 54.89
C TYR D 245 29.02 26.71 54.17
N VAL D 246 28.90 25.94 53.07
CA VAL D 246 27.65 25.90 52.33
C VAL D 246 26.59 25.08 53.06
N GLY D 247 27.01 24.06 53.80
CA GLY D 247 26.08 23.14 54.41
C GLY D 247 25.68 22.00 53.50
N SER D 248 26.20 21.96 52.27
CA SER D 248 26.04 20.83 51.38
C SER D 248 27.42 20.26 51.10
N MET D 249 27.59 18.97 51.42
CA MET D 249 28.91 18.36 51.48
C MET D 249 29.61 18.38 50.13
N VAL D 250 28.89 18.06 49.06
CA VAL D 250 29.53 18.02 47.76
C VAL D 250 30.13 19.38 47.43
N ALA D 251 29.39 20.46 47.67
CA ALA D 251 29.92 21.78 47.34
C ALA D 251 31.10 22.15 48.23
N ASP D 252 30.98 21.93 49.55
CA ASP D 252 32.05 22.30 50.47
C ASP D 252 33.31 21.50 50.21
N VAL D 253 33.19 20.19 49.93
CA VAL D 253 34.35 19.39 49.66
C VAL D 253 34.92 19.72 48.30
N HIS D 254 34.04 19.98 47.31
CA HIS D 254 34.55 20.36 46.00
C HIS D 254 35.28 21.70 46.05
N ARG D 255 34.78 22.65 46.84
CA ARG D 255 35.53 23.89 47.03
C ARG D 255 36.89 23.60 47.68
N THR D 256 36.94 22.67 48.63
CA THR D 256 38.20 22.27 49.25
C THR D 256 39.15 21.66 48.21
N LEU D 257 38.66 20.81 47.32
CA LEU D 257 39.50 20.19 46.29
C LEU D 257 40.12 21.22 45.34
N VAL D 258 39.33 22.20 44.90
CA VAL D 258 39.80 23.14 43.89
C VAL D 258 40.66 24.23 44.51
N TYR D 259 40.32 24.70 45.71
CA TYR D 259 40.98 25.83 46.34
C TYR D 259 41.96 25.47 47.43
N GLY D 260 41.95 24.23 47.91
CA GLY D 260 42.70 23.88 49.09
C GLY D 260 41.96 24.31 50.34
N GLY D 261 42.49 23.90 51.49
CA GLY D 261 41.89 24.17 52.78
C GLY D 261 41.49 22.91 53.53
N ILE D 262 40.53 23.02 54.45
CA ILE D 262 40.16 21.90 55.31
C ILE D 262 38.64 21.89 55.47
N PHE D 263 38.06 20.69 55.46
CA PHE D 263 36.64 20.48 55.72
C PHE D 263 36.47 19.58 56.95
N LEU D 264 35.65 20.03 57.88
CA LEU D 264 35.50 19.35 59.16
C LEU D 264 34.04 19.02 59.37
N TYR D 265 33.77 17.73 59.66
CA TYR D 265 32.50 17.30 60.26
C TYR D 265 32.95 16.32 61.33
N PRO D 266 33.39 16.82 62.47
CA PRO D 266 34.11 16.01 63.44
C PRO D 266 33.22 15.36 64.50
N ALA D 267 33.85 14.47 65.25
CA ALA D 267 33.23 13.87 66.42
C ALA D 267 33.27 14.86 67.57
N ASN D 268 32.23 14.81 68.40
CA ASN D 268 32.21 15.53 69.67
C ASN D 268 31.68 14.54 70.70
N LYS D 269 31.28 15.04 71.87
CA LYS D 269 30.76 14.15 72.89
C LYS D 269 29.35 13.67 72.55
N LYS D 270 28.48 14.59 72.13
CA LYS D 270 27.08 14.23 71.87
C LYS D 270 26.91 13.35 70.64
N SER D 271 27.91 13.33 69.76
CA SER D 271 27.87 12.51 68.55
C SER D 271 29.25 11.87 68.38
N PRO D 272 29.53 10.82 69.14
CA PRO D 272 30.90 10.28 69.17
C PRO D 272 31.36 9.74 67.84
N ASN D 273 30.46 9.47 66.90
CA ASN D 273 30.89 9.01 65.59
C ASN D 273 30.64 10.03 64.49
N GLY D 274 30.51 11.30 64.84
CA GLY D 274 30.22 12.24 63.80
C GLY D 274 28.77 12.12 63.37
N LYS D 275 28.48 12.78 62.25
CA LYS D 275 27.14 12.77 61.68
C LYS D 275 27.11 12.25 60.27
N LEU D 276 28.16 12.46 59.48
CA LEU D 276 28.14 12.01 58.10
C LEU D 276 28.18 10.50 58.01
N ARG D 277 27.58 9.97 56.93
CA ARG D 277 27.52 8.53 56.70
C ARG D 277 28.79 8.08 56.01
N LEU D 278 29.35 6.95 56.48
CA LEU D 278 30.68 6.53 56.06
C LEU D 278 30.69 6.00 54.62
N LEU D 279 29.70 5.19 54.26
CA LEU D 279 29.76 4.47 52.99
C LEU D 279 29.57 5.38 51.79
N TYR D 280 28.60 6.27 51.85
CA TYR D 280 28.20 7.02 50.66
C TYR D 280 28.34 8.52 50.85
N GLU D 281 29.06 8.95 51.89
CA GLU D 281 29.48 10.33 52.02
C GLU D 281 30.98 10.39 52.35
N CYS D 282 31.40 9.74 53.45
CA CYS D 282 32.78 9.86 53.90
C CYS D 282 33.76 9.15 52.98
N ASN D 283 33.52 7.88 52.69
CA ASN D 283 34.49 7.13 51.90
C ASN D 283 34.71 7.66 50.49
N PRO D 284 33.68 7.90 49.65
CA PRO D 284 33.97 8.39 48.30
C PRO D 284 34.74 9.69 48.32
N MET D 285 34.38 10.59 49.22
CA MET D 285 35.11 11.85 49.32
C MET D 285 36.53 11.63 49.84
N ALA D 286 36.68 10.72 50.81
CA ALA D 286 38.01 10.43 51.35
C ALA D 286 38.89 9.87 50.25
N TYR D 287 38.30 9.03 49.40
CA TYR D 287 38.98 8.46 48.25
C TYR D 287 39.38 9.54 47.24
N VAL D 288 38.45 10.44 46.91
CA VAL D 288 38.76 11.52 45.98
C VAL D 288 39.92 12.35 46.51
N MET D 289 39.87 12.70 47.80
CA MET D 289 40.93 13.50 48.41
C MET D 289 42.27 12.80 48.32
N GLU D 290 42.31 11.51 48.64
CA GLU D 290 43.60 10.84 48.70
C GLU D 290 44.19 10.64 47.29
N LYS D 291 43.36 10.31 46.30
CA LYS D 291 43.91 10.20 44.95
C LYS D 291 44.36 11.56 44.41
N ALA D 292 43.81 12.66 44.94
CA ALA D 292 44.23 14.01 44.60
C ALA D 292 45.28 14.55 45.57
N GLY D 293 45.85 13.70 46.40
CA GLY D 293 46.90 14.16 47.27
C GLY D 293 46.47 14.81 48.55
N GLY D 294 45.21 14.66 48.93
CA GLY D 294 44.76 15.14 50.22
C GLY D 294 44.81 14.04 51.24
N MET D 295 44.27 14.34 52.41
CA MET D 295 44.21 13.38 53.49
C MET D 295 42.78 13.37 54.00
N ALA D 296 42.39 12.27 54.63
CA ALA D 296 41.06 12.22 55.21
C ALA D 296 41.09 11.29 56.42
N THR D 297 40.83 11.86 57.59
CA THR D 297 40.96 11.19 58.87
C THR D 297 39.67 11.33 59.68
N THR D 298 39.44 10.37 60.57
CA THR D 298 38.37 10.44 61.54
C THR D 298 38.79 11.17 62.80
N GLY D 299 40.08 11.50 62.91
CA GLY D 299 40.70 11.91 64.14
C GLY D 299 41.64 10.82 64.65
N LYS D 300 41.15 9.59 64.72
CA LYS D 300 41.94 8.47 65.18
C LYS D 300 42.59 7.67 64.05
N GLU D 301 42.00 7.65 62.86
CA GLU D 301 42.54 6.85 61.77
C GLU D 301 42.08 7.45 60.46
N ALA D 302 42.68 6.97 59.37
CA ALA D 302 42.22 7.39 58.06
C ALA D 302 40.80 6.83 57.81
N VAL D 303 39.97 7.66 57.18
CA VAL D 303 38.61 7.23 56.84
C VAL D 303 38.61 5.91 56.08
N LEU D 304 39.48 5.80 55.08
CA LEU D 304 39.46 4.62 54.22
C LEU D 304 39.83 3.34 54.97
N ASP D 305 40.38 3.43 56.18
CA ASP D 305 40.78 2.22 56.88
C ASP D 305 39.70 1.70 57.80
N VAL D 306 38.67 2.49 58.07
CA VAL D 306 37.59 2.04 58.92
C VAL D 306 36.91 0.85 58.27
N ILE D 307 36.77 -0.24 59.03
CA ILE D 307 36.00 -1.40 58.59
C ILE D 307 34.56 -1.18 59.04
N PRO D 308 33.60 -1.06 58.13
CA PRO D 308 32.22 -0.80 58.56
C PRO D 308 31.54 -2.06 59.07
N THR D 309 30.62 -1.85 60.01
CA THR D 309 29.78 -2.92 60.55
C THR D 309 28.29 -2.67 60.29
N ASP D 310 27.93 -1.50 59.77
CA ASP D 310 26.56 -1.18 59.44
C ASP D 310 26.60 -0.29 58.22
N ILE D 311 25.76 -0.59 57.22
CA ILE D 311 25.86 0.10 55.93
C ILE D 311 25.56 1.58 56.10
N HIS D 312 24.82 1.98 57.14
CA HIS D 312 24.49 3.36 57.43
C HIS D 312 25.26 3.93 58.62
N GLN D 313 26.37 3.32 59.03
CA GLN D 313 27.04 3.83 60.22
C GLN D 313 27.66 5.20 59.95
N ARG D 314 27.76 6.00 61.00
CA ARG D 314 28.34 7.33 60.85
C ARG D 314 29.85 7.30 61.09
N ALA D 315 30.52 8.32 60.59
CA ALA D 315 31.94 8.50 60.79
C ALA D 315 32.23 9.99 60.92
N PRO D 316 33.16 10.36 61.77
CA PRO D 316 33.73 11.70 61.67
C PRO D 316 34.71 11.75 60.51
N VAL D 317 34.84 12.92 59.91
CA VAL D 317 35.67 13.11 58.74
C VAL D 317 36.29 14.49 58.84
N ILE D 318 37.59 14.56 58.56
CA ILE D 318 38.33 15.81 58.41
C ILE D 318 39.24 15.61 57.21
N LEU D 319 38.99 16.36 56.14
CA LEU D 319 39.70 16.16 54.88
C LEU D 319 40.12 17.51 54.32
N GLY D 320 40.97 17.46 53.30
CA GLY D 320 41.43 18.65 52.64
C GLY D 320 42.92 18.64 52.36
N SER D 321 43.51 19.83 52.33
CA SER D 321 44.95 19.93 52.08
C SER D 321 45.71 19.17 53.17
N PRO D 322 46.77 18.45 52.80
CA PRO D 322 47.45 17.59 53.80
C PRO D 322 48.11 18.38 54.93
N ASP D 323 48.76 19.50 54.62
CA ASP D 323 49.35 20.28 55.70
C ASP D 323 48.29 20.72 56.71
N ASP D 324 47.07 20.97 56.25
CA ASP D 324 46.01 21.41 57.16
C ASP D 324 45.43 20.26 57.98
N VAL D 325 45.30 19.07 57.37
CA VAL D 325 44.81 17.92 58.14
C VAL D 325 45.84 17.50 59.18
N LEU D 326 47.13 17.51 58.82
CA LEU D 326 48.18 17.19 59.80
C LEU D 326 48.18 18.17 60.96
N GLU D 327 47.96 19.47 60.69
CA GLU D 327 47.86 20.44 61.79
C GLU D 327 46.66 20.15 62.69
N PHE D 328 45.54 19.72 62.10
CA PHE D 328 44.44 19.26 62.94
C PHE D 328 44.85 18.04 63.75
N LEU D 329 45.50 17.05 63.12
CA LEU D 329 45.90 15.88 63.90
C LEU D 329 46.86 16.26 65.02
N LYS D 330 47.73 17.23 64.79
CA LYS D 330 48.59 17.73 65.86
C LYS D 330 47.79 18.30 67.01
N VAL D 331 46.75 19.07 66.72
CA VAL D 331 45.90 19.56 67.81
C VAL D 331 45.08 18.42 68.40
N TYR D 332 44.66 17.47 67.57
CA TYR D 332 43.85 16.36 68.07
C TYR D 332 44.62 15.53 69.10
N GLU D 333 45.92 15.26 68.83
CA GLU D 333 46.71 14.46 69.75
C GLU D 333 46.97 15.21 71.07
N LYS D 334 47.04 16.55 71.01
CA LYS D 334 47.25 17.32 72.22
C LYS D 334 46.14 17.10 73.21
N HIS D 335 44.93 16.80 72.73
CA HIS D 335 43.80 16.54 73.61
C HIS D 335 43.47 15.05 73.75
N SER D 336 44.38 14.16 73.38
CA SER D 336 44.12 12.72 73.50
C SER D 336 44.72 12.10 74.75
N ASP E 10 -10.47 -45.65 -36.22
CA ASP E 10 -11.19 -45.56 -34.96
C ASP E 10 -10.77 -44.32 -34.12
N VAL E 11 -11.77 -43.54 -33.70
CA VAL E 11 -11.49 -42.31 -32.96
C VAL E 11 -10.99 -42.63 -31.55
N ASN E 12 -10.08 -41.78 -31.06
CA ASN E 12 -9.48 -41.95 -29.74
C ASN E 12 -9.40 -40.59 -29.05
N THR E 13 -9.57 -40.59 -27.73
CA THR E 13 -9.43 -39.37 -26.95
C THR E 13 -8.30 -39.55 -25.95
N LEU E 14 -7.85 -38.41 -25.39
CA LEU E 14 -6.78 -38.43 -24.39
C LEU E 14 -7.15 -39.31 -23.19
N THR E 15 -8.38 -39.20 -22.68
CA THR E 15 -8.76 -39.99 -21.51
C THR E 15 -8.77 -41.48 -21.84
N ARG E 16 -9.38 -41.85 -22.96
CA ARG E 16 -9.36 -43.23 -23.37
C ARG E 16 -7.93 -43.71 -23.60
N PHE E 17 -7.10 -42.87 -24.20
CA PHE E 17 -5.72 -43.25 -24.48
C PHE E 17 -4.94 -43.48 -23.19
N VAL E 18 -5.05 -42.54 -22.25
CA VAL E 18 -4.34 -42.66 -20.97
C VAL E 18 -4.79 -43.92 -20.24
N MET E 19 -6.11 -44.14 -20.18
CA MET E 19 -6.64 -45.32 -19.49
C MET E 19 -6.15 -46.62 -20.12
N GLU E 20 -6.06 -46.66 -21.45
CA GLU E 20 -5.65 -47.88 -22.15
C GLU E 20 -4.16 -48.19 -21.98
N GLU E 21 -3.30 -47.17 -22.01
CA GLU E 21 -1.89 -47.41 -21.69
C GLU E 21 -1.75 -47.80 -20.23
N GLY E 22 -2.54 -47.18 -19.36
CA GLY E 22 -2.51 -47.50 -17.95
C GLY E 22 -2.99 -48.90 -17.60
N ARG E 23 -3.99 -49.40 -18.36
CA ARG E 23 -4.47 -50.76 -18.14
C ARG E 23 -3.43 -51.78 -18.58
N LYS E 24 -2.82 -51.55 -19.74
CA LYS E 24 -1.75 -52.42 -20.22
C LYS E 24 -0.70 -52.61 -19.14
N ALA E 25 -0.29 -51.51 -18.53
CA ALA E 25 0.77 -51.48 -17.53
C ALA E 25 0.34 -52.02 -16.17
N ARG E 26 -0.95 -52.03 -15.85
CA ARG E 26 -1.44 -52.56 -14.58
C ARG E 26 -0.83 -51.84 -13.39
N GLY E 27 -0.67 -50.52 -13.51
CA GLY E 27 -0.15 -49.70 -12.44
C GLY E 27 -1.21 -49.41 -11.39
N THR E 28 -0.84 -48.56 -10.42
CA THR E 28 -1.76 -48.21 -9.35
C THR E 28 -2.91 -47.34 -9.82
N GLY E 29 -2.80 -46.74 -11.01
CA GLY E 29 -3.80 -45.81 -11.46
C GLY E 29 -3.52 -44.38 -11.07
N GLU E 30 -2.50 -44.15 -10.24
CA GLU E 30 -2.18 -42.78 -9.82
C GLU E 30 -1.76 -41.91 -11.00
N LEU E 31 -1.03 -42.49 -11.95
CA LEU E 31 -0.58 -41.70 -13.09
C LEU E 31 -1.76 -41.30 -13.98
N THR E 32 -2.77 -42.16 -14.11
CA THR E 32 -3.94 -41.80 -14.90
C THR E 32 -4.72 -40.68 -14.22
N GLN E 33 -4.90 -40.76 -12.90
CA GLN E 33 -5.55 -39.65 -12.21
C GLN E 33 -4.74 -38.37 -12.37
N LEU E 34 -3.41 -38.49 -12.42
CA LEU E 34 -2.56 -37.33 -12.64
C LEU E 34 -2.84 -36.67 -14.00
N LEU E 35 -2.77 -37.45 -15.08
CA LEU E 35 -2.90 -36.93 -16.44
C LEU E 35 -4.30 -36.36 -16.69
N ASN E 36 -5.33 -37.01 -16.14
CA ASN E 36 -6.70 -36.52 -16.28
C ASN E 36 -6.90 -35.19 -15.58
N SER E 37 -6.29 -35.03 -14.40
CA SER E 37 -6.37 -33.76 -13.70
C SER E 37 -5.64 -32.67 -14.45
N LEU E 38 -4.47 -32.99 -15.01
CA LEU E 38 -3.72 -32.02 -15.78
C LEU E 38 -4.47 -31.66 -17.06
N CYS E 39 -5.03 -32.67 -17.74
CA CYS E 39 -5.82 -32.46 -18.96
C CYS E 39 -6.99 -31.52 -18.70
N THR E 40 -7.67 -31.70 -17.57
CA THR E 40 -8.72 -30.78 -17.17
C THR E 40 -8.15 -29.39 -16.89
N ALA E 41 -6.98 -29.34 -16.25
CA ALA E 41 -6.35 -28.06 -15.97
C ALA E 41 -6.05 -27.32 -17.26
N VAL E 42 -5.59 -28.04 -18.27
CA VAL E 42 -5.25 -27.43 -19.55
C VAL E 42 -6.49 -26.90 -20.24
N LYS E 43 -7.59 -27.65 -20.21
CA LYS E 43 -8.79 -27.15 -20.86
C LYS E 43 -9.28 -25.85 -20.22
N ALA E 44 -9.16 -25.73 -18.89
CA ALA E 44 -9.54 -24.48 -18.23
C ALA E 44 -8.59 -23.34 -18.57
N ILE E 45 -7.30 -23.66 -18.70
CA ILE E 45 -6.32 -22.64 -19.10
C ILE E 45 -6.60 -22.18 -20.52
N SER E 46 -6.82 -23.13 -21.44
CA SER E 46 -7.14 -22.80 -22.83
C SER E 46 -8.34 -21.88 -22.90
N SER E 47 -9.39 -22.17 -22.12
CA SER E 47 -10.56 -21.32 -22.10
C SER E 47 -10.23 -19.89 -21.64
N ALA E 48 -9.39 -19.77 -20.61
CA ALA E 48 -9.02 -18.46 -20.08
C ALA E 48 -8.09 -17.69 -21.03
N VAL E 49 -7.13 -18.37 -21.65
CA VAL E 49 -6.25 -17.75 -22.63
C VAL E 49 -7.05 -17.26 -23.83
N ARG E 50 -8.04 -18.05 -24.27
CA ARG E 50 -8.86 -17.59 -25.39
C ARG E 50 -9.83 -16.49 -24.98
N LYS E 51 -9.79 -16.03 -23.73
CA LYS E 51 -10.54 -14.88 -23.22
C LYS E 51 -12.04 -15.17 -23.06
N ALA E 52 -12.42 -16.43 -22.82
CA ALA E 52 -13.82 -16.71 -22.51
C ALA E 52 -14.25 -15.91 -21.29
N GLY E 53 -15.33 -15.16 -21.42
CA GLY E 53 -15.80 -14.33 -20.33
C GLY E 53 -15.09 -13.00 -20.17
N ILE E 54 -14.30 -12.57 -21.15
CA ILE E 54 -13.65 -11.26 -21.03
C ILE E 54 -14.67 -10.14 -21.07
N ALA E 55 -15.86 -10.38 -21.65
CA ALA E 55 -16.92 -9.37 -21.63
C ALA E 55 -17.22 -8.93 -20.21
N HIS E 56 -17.14 -9.85 -19.27
CA HIS E 56 -17.40 -9.52 -17.87
C HIS E 56 -16.26 -8.70 -17.26
N LEU E 57 -15.05 -8.79 -17.81
CA LEU E 57 -13.97 -7.92 -17.35
C LEU E 57 -14.28 -6.46 -17.66
N TYR E 58 -14.96 -6.21 -18.78
CA TYR E 58 -15.18 -4.88 -19.32
C TYR E 58 -16.56 -4.32 -18.98
N GLY E 59 -17.23 -4.91 -17.99
CA GLY E 59 -18.38 -4.28 -17.38
C GLY E 59 -19.69 -4.54 -18.09
N ILE E 60 -19.82 -5.69 -18.77
CA ILE E 60 -21.04 -6.00 -19.49
C ILE E 60 -22.22 -6.07 -18.52
N ALA E 61 -21.97 -6.38 -17.24
CA ALA E 61 -23.02 -6.38 -16.23
C ALA E 61 -22.78 -5.42 -15.06
N GLY E 62 -21.66 -4.70 -15.03
CA GLY E 62 -21.34 -3.89 -13.86
C GLY E 62 -20.55 -2.61 -14.04
N VAL E 71 -9.55 -9.34 -9.98
CA VAL E 71 -8.26 -8.76 -9.69
C VAL E 71 -7.15 -9.67 -10.25
N LYS E 72 -7.47 -10.96 -10.38
CA LYS E 72 -6.49 -12.00 -10.68
C LYS E 72 -5.92 -11.84 -12.10
N LYS E 73 -4.66 -12.27 -12.27
CA LYS E 73 -3.90 -12.17 -13.51
C LYS E 73 -3.84 -13.53 -14.19
N LEU E 74 -3.66 -13.52 -15.52
CA LEU E 74 -3.79 -14.77 -16.27
C LEU E 74 -2.70 -15.77 -15.91
N ASP E 75 -1.49 -15.30 -15.62
CA ASP E 75 -0.44 -16.25 -15.25
C ASP E 75 -0.62 -16.79 -13.82
N VAL E 76 -1.18 -15.98 -12.92
CA VAL E 76 -1.50 -16.51 -11.60
C VAL E 76 -2.65 -17.51 -11.69
N LEU E 77 -3.69 -17.19 -12.46
CA LEU E 77 -4.80 -18.11 -12.60
C LEU E 77 -4.36 -19.43 -13.21
N SER E 78 -3.44 -19.39 -14.18
CA SER E 78 -2.91 -20.63 -14.73
C SER E 78 -2.23 -21.46 -13.64
N ASN E 79 -1.39 -20.82 -12.83
CA ASN E 79 -0.70 -21.56 -11.77
C ASN E 79 -1.67 -22.20 -10.81
N ASP E 80 -2.68 -21.43 -10.33
CA ASP E 80 -3.67 -21.95 -9.39
C ASP E 80 -4.46 -23.12 -9.97
N LEU E 81 -4.66 -23.14 -11.28
CA LEU E 81 -5.39 -24.24 -11.90
C LEU E 81 -4.59 -25.54 -11.85
N VAL E 82 -3.33 -25.50 -12.26
CA VAL E 82 -2.50 -26.70 -12.26
C VAL E 82 -2.26 -27.19 -10.83
N MET E 83 -1.93 -26.26 -9.92
CA MET E 83 -1.74 -26.59 -8.51
C MET E 83 -2.97 -27.26 -7.90
N ASN E 84 -4.16 -26.70 -8.13
CA ASN E 84 -5.33 -27.25 -7.43
C ASN E 84 -5.74 -28.59 -8.02
N MET E 85 -5.59 -28.76 -9.33
CA MET E 85 -5.92 -30.02 -9.98
C MET E 85 -4.91 -31.11 -9.65
N LEU E 86 -3.64 -30.76 -9.54
CA LEU E 86 -2.64 -31.75 -9.16
C LEU E 86 -2.78 -32.13 -7.69
N LYS E 87 -2.94 -31.13 -6.80
CA LYS E 87 -3.20 -31.42 -5.38
C LYS E 87 -4.43 -32.30 -5.22
N SER E 88 -5.51 -31.97 -5.91
CA SER E 88 -6.73 -32.76 -5.71
C SER E 88 -6.76 -34.08 -6.48
N SER E 89 -5.71 -34.40 -7.26
CA SER E 89 -5.66 -35.69 -7.95
C SER E 89 -5.26 -36.82 -7.03
N PHE E 90 -4.82 -36.51 -5.80
CA PHE E 90 -4.32 -37.46 -4.81
C PHE E 90 -3.17 -38.31 -5.35
N ALA E 91 -2.45 -37.80 -6.33
CA ALA E 91 -1.37 -38.56 -6.95
C ALA E 91 0.00 -37.89 -6.88
N THR E 92 0.10 -36.67 -6.33
CA THR E 92 1.37 -35.94 -6.31
C THR E 92 1.78 -35.66 -4.87
N CYS E 93 3.08 -35.40 -4.68
CA CYS E 93 3.64 -35.11 -3.36
C CYS E 93 4.53 -33.88 -3.37
N VAL E 94 5.21 -33.62 -4.48
CA VAL E 94 6.10 -32.47 -4.64
C VAL E 94 5.76 -31.79 -5.95
N LEU E 95 5.50 -30.49 -5.91
CA LEU E 95 5.14 -29.72 -7.10
C LEU E 95 6.07 -28.53 -7.25
N VAL E 96 6.76 -28.46 -8.39
CA VAL E 96 7.68 -27.37 -8.68
C VAL E 96 7.11 -26.55 -9.81
N SER E 97 6.92 -25.26 -9.58
CA SER E 97 6.33 -24.34 -10.53
C SER E 97 7.22 -23.11 -10.72
N GLU E 98 7.27 -22.63 -11.96
CA GLU E 98 7.94 -21.38 -12.32
C GLU E 98 7.46 -20.21 -11.45
N GLU E 99 6.22 -20.26 -10.96
CA GLU E 99 5.60 -19.20 -10.18
C GLU E 99 5.97 -19.23 -8.71
N ASP E 100 6.56 -20.33 -8.22
CA ASP E 100 6.85 -20.50 -6.81
C ASP E 100 8.35 -20.61 -6.61
N LYS E 101 8.86 -19.88 -5.61
CA LYS E 101 10.29 -19.90 -5.33
C LYS E 101 10.71 -21.28 -4.83
N HIS E 102 9.96 -21.85 -3.89
CA HIS E 102 10.23 -23.17 -3.37
C HIS E 102 9.25 -24.20 -3.87
N ALA E 103 9.69 -25.45 -3.86
CA ALA E 103 8.80 -26.54 -4.19
C ALA E 103 7.69 -26.61 -3.14
N ILE E 104 6.50 -26.96 -3.60
CA ILE E 104 5.30 -27.06 -2.77
C ILE E 104 5.14 -28.51 -2.36
N ILE E 105 5.03 -28.74 -1.05
CA ILE E 105 4.84 -30.08 -0.52
C ILE E 105 3.37 -30.28 -0.25
N VAL E 106 2.77 -31.25 -0.97
CA VAL E 106 1.34 -31.52 -0.83
C VAL E 106 1.05 -31.99 0.59
N GLU E 107 -0.10 -31.55 1.13
CA GLU E 107 -0.47 -31.97 2.47
C GLU E 107 -0.63 -33.49 2.52
N PRO E 108 -0.44 -34.11 3.70
CA PRO E 108 -0.39 -35.58 3.75
C PRO E 108 -1.66 -36.26 3.25
N GLU E 109 -2.86 -35.74 3.57
CA GLU E 109 -4.08 -36.43 3.19
C GLU E 109 -4.27 -36.52 1.68
N LYS E 110 -3.58 -35.69 0.90
CA LYS E 110 -3.70 -35.72 -0.55
C LYS E 110 -2.44 -36.23 -1.25
N ARG E 111 -1.48 -36.79 -0.52
CA ARG E 111 -0.18 -37.15 -1.09
C ARG E 111 -0.27 -38.41 -1.93
N GLY E 112 0.38 -38.38 -3.08
CA GLY E 112 0.54 -39.55 -3.93
C GLY E 112 2.00 -39.67 -4.26
N LYS E 113 2.39 -40.54 -5.20
CA LYS E 113 3.79 -40.91 -5.36
C LYS E 113 4.52 -40.17 -6.48
N TYR E 114 3.93 -39.13 -7.08
CA TYR E 114 4.51 -38.50 -8.26
C TYR E 114 5.03 -37.10 -7.98
N VAL E 115 6.06 -36.73 -8.73
CA VAL E 115 6.66 -35.40 -8.66
C VAL E 115 6.35 -34.71 -9.97
N VAL E 116 5.82 -33.50 -9.90
CA VAL E 116 5.42 -32.78 -11.11
C VAL E 116 6.10 -31.42 -11.13
N CYS E 117 6.88 -31.17 -12.17
CA CYS E 117 7.48 -29.86 -12.46
C CYS E 117 6.78 -29.27 -13.68
N PHE E 118 6.42 -27.99 -13.60
CA PHE E 118 5.66 -27.39 -14.68
C PHE E 118 5.85 -25.89 -14.77
N ASP E 119 5.78 -25.36 -16.02
CA ASP E 119 5.63 -23.94 -16.27
C ASP E 119 4.18 -23.69 -16.68
N PRO E 120 3.36 -23.08 -15.82
CA PRO E 120 1.90 -23.03 -16.07
C PRO E 120 1.48 -22.21 -17.26
N LEU E 121 2.19 -21.14 -17.59
CA LEU E 121 1.84 -20.33 -18.76
C LEU E 121 3.15 -19.75 -19.28
N ASP E 122 3.92 -20.60 -19.96
CA ASP E 122 5.21 -20.17 -20.46
C ASP E 122 5.02 -19.24 -21.65
N GLY E 123 5.77 -18.14 -21.66
CA GLY E 123 5.63 -17.13 -22.68
C GLY E 123 4.60 -16.05 -22.38
N SER E 124 4.00 -16.06 -21.19
CA SER E 124 2.88 -15.19 -20.84
C SER E 124 3.30 -13.74 -20.63
N SER E 125 4.59 -13.47 -20.48
CA SER E 125 5.05 -12.09 -20.44
C SER E 125 4.73 -11.35 -21.73
N ASN E 126 4.77 -12.08 -22.85
CA ASN E 126 4.46 -11.56 -24.18
C ASN E 126 3.03 -11.84 -24.62
N ILE E 127 2.14 -12.18 -23.69
CA ILE E 127 0.77 -12.50 -24.07
C ILE E 127 -0.02 -11.27 -24.50
N ASP E 128 0.52 -10.07 -24.26
CA ASP E 128 -0.15 -8.85 -24.68
C ASP E 128 -0.24 -8.73 -26.19
N CYS E 129 0.69 -9.34 -26.91
CA CYS E 129 0.65 -9.35 -28.36
C CYS E 129 0.00 -10.61 -28.89
N LEU E 130 -0.66 -11.36 -28.00
CA LEU E 130 -1.45 -12.54 -28.35
C LEU E 130 -0.58 -13.59 -29.04
N VAL E 131 0.72 -13.60 -28.72
CA VAL E 131 1.59 -14.69 -29.10
C VAL E 131 1.13 -16.01 -28.45
N SER E 132 1.44 -17.13 -29.12
CA SER E 132 1.28 -18.46 -28.52
C SER E 132 1.85 -18.50 -27.10
N VAL E 133 1.11 -19.13 -26.22
CA VAL E 133 1.56 -19.41 -24.86
C VAL E 133 1.42 -20.91 -24.71
N GLY E 134 1.85 -21.45 -23.57
CA GLY E 134 1.84 -22.89 -23.42
C GLY E 134 2.10 -23.29 -22.00
N THR E 135 1.73 -24.54 -21.70
CA THR E 135 2.04 -25.15 -20.42
C THR E 135 3.00 -26.30 -20.69
N ILE E 136 4.06 -26.40 -19.88
CA ILE E 136 5.03 -27.47 -19.98
C ILE E 136 4.99 -28.26 -18.67
N PHE E 137 5.16 -29.56 -18.76
CA PHE E 137 5.10 -30.33 -17.53
C PHE E 137 6.04 -31.52 -17.63
N GLY E 138 6.59 -31.91 -16.50
CA GLY E 138 7.37 -33.13 -16.40
C GLY E 138 6.93 -33.90 -15.18
N ILE E 139 6.82 -35.22 -15.34
CA ILE E 139 6.31 -36.10 -14.30
C ILE E 139 7.41 -37.06 -13.92
N TYR E 140 7.80 -37.02 -12.64
CA TYR E 140 8.78 -37.95 -12.07
C TYR E 140 8.15 -38.74 -10.93
N ARG E 141 8.63 -39.97 -10.76
CA ARG E 141 8.25 -40.82 -9.64
C ARG E 141 9.16 -40.49 -8.47
N LYS E 142 8.56 -40.22 -7.31
CA LYS E 142 9.37 -40.08 -6.11
C LYS E 142 10.19 -41.36 -5.90
N LYS E 143 11.45 -41.19 -5.52
CA LYS E 143 12.39 -42.31 -5.58
C LYS E 143 12.58 -43.01 -4.25
N SER E 144 12.42 -42.31 -3.14
CA SER E 144 12.58 -42.84 -1.80
C SER E 144 11.24 -42.77 -1.06
N THR E 145 11.17 -43.48 0.07
CA THR E 145 10.03 -43.45 0.97
C THR E 145 10.15 -42.42 2.09
N ASP E 146 11.23 -41.65 2.12
CA ASP E 146 11.43 -40.56 3.08
C ASP E 146 10.46 -39.40 2.82
N GLU E 147 10.41 -38.48 3.79
CA GLU E 147 9.54 -37.31 3.71
C GLU E 147 9.75 -36.56 2.39
N PRO E 148 8.67 -36.15 1.74
CA PRO E 148 8.79 -35.41 0.47
C PRO E 148 9.35 -34.01 0.71
N SER E 149 10.25 -33.59 -0.19
CA SER E 149 10.83 -32.26 -0.09
C SER E 149 11.32 -31.84 -1.48
N GLU E 150 11.77 -30.59 -1.57
CA GLU E 150 12.34 -30.08 -2.81
C GLU E 150 13.44 -31.01 -3.34
N LYS E 151 14.08 -31.76 -2.44
CA LYS E 151 15.13 -32.69 -2.82
C LYS E 151 14.62 -33.70 -3.84
N ASP E 152 13.32 -34.04 -3.78
CA ASP E 152 12.71 -35.01 -4.70
C ASP E 152 12.54 -34.49 -6.12
N ALA E 153 12.63 -33.19 -6.33
CA ALA E 153 12.51 -32.63 -7.66
C ALA E 153 13.86 -32.45 -8.34
N LEU E 154 14.96 -32.74 -7.62
CA LEU E 154 16.31 -32.64 -8.18
C LEU E 154 16.70 -33.97 -8.80
N GLN E 155 15.95 -34.35 -9.82
CA GLN E 155 16.19 -35.56 -10.56
C GLN E 155 16.58 -35.23 -12.00
N PRO E 156 17.43 -36.04 -12.63
CA PRO E 156 17.71 -35.83 -14.05
C PRO E 156 16.51 -36.20 -14.92
N GLY E 157 16.44 -35.56 -16.08
CA GLY E 157 15.33 -35.79 -16.98
C GLY E 157 15.17 -37.25 -17.37
N ARG E 158 16.27 -38.02 -17.34
CA ARG E 158 16.23 -39.45 -17.59
C ARG E 158 15.18 -40.17 -16.76
N ASN E 159 14.89 -39.67 -15.57
CA ASN E 159 13.91 -40.29 -14.69
C ASN E 159 12.46 -39.95 -15.02
N LEU E 160 12.20 -39.21 -16.10
CA LEU E 160 10.84 -38.79 -16.41
C LEU E 160 9.99 -40.00 -16.80
N VAL E 161 8.83 -40.11 -16.17
CA VAL E 161 7.89 -41.14 -16.56
C VAL E 161 7.05 -40.68 -17.74
N ALA E 162 6.62 -39.42 -17.71
CA ALA E 162 5.82 -38.83 -18.76
C ALA E 162 6.04 -37.33 -18.74
N ALA E 163 5.96 -36.72 -19.91
CA ALA E 163 6.15 -35.29 -20.02
C ALA E 163 5.52 -34.81 -21.31
N GLY E 164 5.29 -33.50 -21.39
CA GLY E 164 4.77 -32.94 -22.61
C GLY E 164 4.42 -31.48 -22.43
N TYR E 165 3.59 -31.01 -23.35
CA TYR E 165 3.21 -29.61 -23.34
C TYR E 165 1.86 -29.43 -23.99
N ALA E 166 1.20 -28.35 -23.59
CA ALA E 166 0.02 -27.85 -24.26
C ALA E 166 0.43 -26.59 -24.98
N LEU E 167 0.09 -26.53 -26.26
CA LEU E 167 0.30 -25.33 -27.07
C LEU E 167 -1.06 -24.67 -27.31
N TYR E 168 -1.22 -23.45 -26.80
CA TYR E 168 -2.42 -22.64 -27.04
C TYR E 168 -2.15 -21.71 -28.22
N GLY E 169 -2.14 -22.28 -29.41
CA GLY E 169 -1.84 -21.52 -30.62
C GLY E 169 -3.10 -21.23 -31.41
N SER E 170 -2.99 -21.30 -32.73
CA SER E 170 -4.18 -21.17 -33.57
C SER E 170 -5.22 -22.24 -33.19
N ALA E 171 -4.76 -23.39 -32.75
CA ALA E 171 -5.61 -24.36 -32.06
C ALA E 171 -4.89 -24.75 -30.78
N THR E 172 -5.56 -25.55 -29.96
CA THR E 172 -5.02 -26.03 -28.69
C THR E 172 -4.59 -27.48 -28.88
N MET E 173 -3.31 -27.76 -28.67
CA MET E 173 -2.83 -29.11 -28.83
C MET E 173 -2.15 -29.56 -27.55
N LEU E 174 -2.32 -30.83 -27.23
CA LEU E 174 -1.59 -31.46 -26.15
C LEU E 174 -0.66 -32.47 -26.76
N VAL E 175 0.63 -32.31 -26.49
CA VAL E 175 1.63 -33.28 -26.92
C VAL E 175 2.07 -34.04 -25.68
N LEU E 176 1.91 -35.36 -25.72
CA LEU E 176 2.21 -36.24 -24.59
C LEU E 176 3.26 -37.27 -24.99
N ALA E 177 4.35 -37.30 -24.25
CA ALA E 177 5.42 -38.27 -24.45
C ALA E 177 5.53 -39.14 -23.20
N MET E 178 5.52 -40.45 -23.41
CA MET E 178 5.71 -41.45 -22.36
C MET E 178 6.65 -42.49 -22.93
N ASP E 179 6.80 -43.61 -22.23
CA ASP E 179 7.66 -44.67 -22.72
C ASP E 179 7.20 -45.16 -24.08
N CYS E 180 5.90 -45.15 -24.33
CA CYS E 180 5.36 -45.65 -25.59
C CYS E 180 5.62 -44.73 -26.77
N GLY E 181 6.09 -43.52 -26.55
CA GLY E 181 6.33 -42.59 -27.64
C GLY E 181 5.54 -41.31 -27.46
N VAL E 182 5.46 -40.52 -28.54
CA VAL E 182 4.90 -39.17 -28.51
C VAL E 182 3.55 -39.16 -29.23
N ASN E 183 2.54 -38.61 -28.57
CA ASN E 183 1.23 -38.52 -29.19
C ASN E 183 0.66 -37.12 -29.00
N CYS E 184 -0.04 -36.64 -30.04
CA CYS E 184 -0.58 -35.29 -30.13
C CYS E 184 -2.10 -35.31 -30.11
N PHE E 185 -2.69 -34.47 -29.29
CA PHE E 185 -4.14 -34.44 -29.12
C PHE E 185 -4.64 -33.02 -29.35
N MET E 186 -5.58 -32.87 -30.27
CA MET E 186 -6.18 -31.59 -30.59
C MET E 186 -7.39 -31.38 -29.69
N LEU E 187 -7.45 -30.24 -29.04
CA LEU E 187 -8.61 -29.91 -28.21
C LEU E 187 -9.74 -29.42 -29.10
N ASP E 188 -10.88 -30.15 -29.09
CA ASP E 188 -12.12 -29.72 -29.74
C ASP E 188 -12.91 -28.88 -28.76
N PRO E 189 -12.90 -27.55 -28.93
CA PRO E 189 -13.56 -26.68 -27.95
C PRO E 189 -15.07 -26.84 -27.91
N ALA E 190 -15.68 -27.38 -28.96
CA ALA E 190 -17.14 -27.55 -28.98
C ALA E 190 -17.62 -28.60 -28.01
N ILE E 191 -16.77 -29.57 -27.66
CA ILE E 191 -17.16 -30.68 -26.80
C ILE E 191 -16.17 -30.94 -25.68
N GLY E 192 -15.07 -30.21 -25.62
CA GLY E 192 -14.12 -30.40 -24.52
C GLY E 192 -13.45 -31.75 -24.43
N GLU E 193 -13.07 -32.33 -25.56
CA GLU E 193 -12.31 -33.56 -25.56
C GLU E 193 -11.03 -33.34 -26.35
N PHE E 194 -9.95 -33.98 -25.91
CA PHE E 194 -8.69 -33.98 -26.64
C PHE E 194 -8.72 -35.16 -27.60
N ILE E 195 -8.71 -34.87 -28.89
CA ILE E 195 -8.84 -35.88 -29.94
C ILE E 195 -7.46 -36.22 -30.44
N LEU E 196 -7.15 -37.51 -30.52
CA LEU E 196 -5.87 -37.96 -31.03
C LEU E 196 -5.80 -37.72 -32.53
N VAL E 197 -4.83 -36.92 -32.96
CA VAL E 197 -4.68 -36.63 -34.39
C VAL E 197 -3.34 -37.08 -34.94
N ASP E 198 -2.32 -37.24 -34.11
CA ASP E 198 -1.00 -37.69 -34.54
C ASP E 198 -0.52 -38.75 -33.57
N LYS E 199 -0.46 -39.99 -34.04
CA LYS E 199 -0.05 -41.13 -33.22
C LYS E 199 1.44 -41.40 -33.39
N ASP E 200 2.14 -41.56 -32.27
CA ASP E 200 3.50 -42.09 -32.28
C ASP E 200 4.43 -41.25 -33.15
N VAL E 201 4.51 -39.97 -32.82
CA VAL E 201 5.12 -38.97 -33.69
C VAL E 201 6.64 -39.09 -33.67
N LYS E 202 7.26 -38.88 -34.85
CA LYS E 202 8.71 -38.89 -35.05
C LYS E 202 9.17 -37.63 -35.79
N ILE E 203 10.27 -37.02 -35.33
CA ILE E 203 10.77 -35.76 -35.91
C ILE E 203 11.62 -36.04 -37.15
N LYS E 204 11.60 -35.10 -38.11
CA LYS E 204 12.41 -35.22 -39.32
C LYS E 204 13.89 -35.44 -39.00
N LYS E 205 14.55 -36.24 -39.83
CA LYS E 205 15.97 -36.54 -39.64
C LYS E 205 16.84 -35.29 -39.80
N LYS E 206 16.46 -34.41 -40.73
CA LYS E 206 17.15 -33.14 -40.92
C LYS E 206 16.12 -32.14 -41.41
N GLY E 207 16.13 -30.94 -40.83
CA GLY E 207 15.15 -29.93 -41.12
C GLY E 207 15.69 -28.83 -42.00
N LYS E 208 14.85 -27.78 -42.13
CA LYS E 208 15.11 -26.66 -43.04
C LYS E 208 14.88 -25.33 -42.32
N ILE E 209 14.82 -25.34 -40.99
CA ILE E 209 14.54 -24.16 -40.18
C ILE E 209 15.48 -24.13 -38.98
N TYR E 210 16.10 -22.96 -38.71
CA TYR E 210 16.80 -22.70 -37.45
C TYR E 210 16.08 -21.62 -36.66
N SER E 211 16.11 -21.76 -35.33
CA SER E 211 15.30 -20.93 -34.44
C SER E 211 16.11 -20.46 -33.24
N LEU E 212 16.39 -19.16 -33.19
CA LEU E 212 17.03 -18.55 -32.02
C LEU E 212 16.86 -17.03 -32.10
N ASN E 213 17.12 -16.36 -30.98
CA ASN E 213 17.02 -14.90 -30.88
C ASN E 213 18.32 -14.26 -31.35
N GLU E 214 18.38 -13.91 -32.63
CA GLU E 214 19.61 -13.31 -33.14
C GLU E 214 19.84 -11.90 -32.63
N GLY E 215 18.93 -11.33 -31.85
CA GLY E 215 19.21 -10.05 -31.23
C GLY E 215 20.37 -10.10 -30.26
N TYR E 216 20.65 -11.28 -29.70
CA TYR E 216 21.80 -11.49 -28.83
C TYR E 216 23.05 -11.89 -29.60
N ALA E 217 23.13 -11.55 -30.89
CA ALA E 217 24.28 -11.95 -31.69
C ALA E 217 25.58 -11.39 -31.15
N LYS E 218 25.54 -10.20 -30.53
CA LYS E 218 26.75 -9.59 -29.98
C LYS E 218 27.36 -10.42 -28.86
N ASP E 219 26.61 -11.31 -28.23
CA ASP E 219 27.12 -12.10 -27.11
C ASP E 219 27.31 -13.58 -27.45
N PHE E 220 27.20 -13.97 -28.72
CA PHE E 220 27.32 -15.38 -29.10
C PHE E 220 28.71 -15.92 -28.81
N ASP E 221 28.76 -17.18 -28.39
CA ASP E 221 29.99 -17.95 -28.45
C ASP E 221 30.35 -18.23 -29.91
N PRO E 222 31.65 -18.37 -30.22
CA PRO E 222 32.07 -18.56 -31.63
C PRO E 222 31.47 -19.78 -32.33
N ALA E 223 31.18 -20.86 -31.61
CA ALA E 223 30.56 -22.03 -32.23
C ALA E 223 29.14 -21.71 -32.68
N VAL E 224 28.38 -21.00 -31.85
CA VAL E 224 27.03 -20.60 -32.22
C VAL E 224 27.07 -19.71 -33.45
N THR E 225 27.99 -18.73 -33.45
CA THR E 225 28.16 -17.87 -34.63
C THR E 225 28.45 -18.68 -35.88
N GLU E 226 29.35 -19.67 -35.80
CA GLU E 226 29.65 -20.42 -37.02
C GLU E 226 28.49 -21.29 -37.46
N TYR E 227 27.77 -21.92 -36.52
CA TYR E 227 26.65 -22.77 -36.94
C TYR E 227 25.59 -21.93 -37.63
N ILE E 228 25.27 -20.77 -37.07
CA ILE E 228 24.30 -19.88 -37.70
C ILE E 228 24.84 -19.43 -39.06
N GLN E 229 26.15 -19.18 -39.14
CA GLN E 229 26.80 -18.84 -40.40
C GLN E 229 26.62 -19.91 -41.47
N ARG E 230 26.78 -21.20 -41.11
CA ARG E 230 26.61 -22.25 -42.12
C ARG E 230 25.16 -22.38 -42.57
N LYS E 231 24.20 -22.01 -41.72
CA LYS E 231 22.80 -22.11 -42.13
C LYS E 231 22.40 -20.99 -43.10
N LYS E 232 22.95 -19.78 -42.96
CA LYS E 232 22.63 -18.71 -43.91
C LYS E 232 23.47 -18.83 -45.18
N PHE E 233 24.71 -19.34 -45.05
CA PHE E 233 25.66 -19.50 -46.15
C PHE E 233 26.15 -20.93 -46.17
N PRO E 234 25.37 -21.87 -46.68
CA PRO E 234 25.80 -23.26 -46.64
C PRO E 234 27.08 -23.44 -47.43
N PRO E 235 28.12 -24.00 -46.81
CA PRO E 235 29.39 -24.16 -47.54
C PRO E 235 29.38 -25.26 -48.59
N ASP E 236 28.45 -26.20 -48.52
CA ASP E 236 28.42 -27.34 -49.43
C ASP E 236 27.37 -27.20 -50.53
N ASN E 237 27.08 -25.96 -50.95
CA ASN E 237 26.15 -25.71 -52.05
C ASN E 237 24.73 -26.18 -51.73
N SER E 238 24.37 -26.35 -50.46
CA SER E 238 22.99 -26.66 -50.15
C SER E 238 22.16 -25.38 -50.05
N ALA E 239 20.86 -25.55 -49.88
CA ALA E 239 19.96 -24.41 -49.75
C ALA E 239 20.10 -23.77 -48.37
N PRO E 240 20.08 -22.45 -48.28
CA PRO E 240 20.07 -21.83 -46.95
C PRO E 240 18.80 -22.19 -46.21
N TYR E 241 18.93 -22.38 -44.90
CA TYR E 241 17.79 -22.65 -44.04
C TYR E 241 16.91 -21.41 -43.89
N GLY E 242 15.62 -21.63 -43.56
CA GLY E 242 14.77 -20.55 -43.11
C GLY E 242 14.91 -20.29 -41.62
N ALA E 243 14.57 -19.07 -41.21
CA ALA E 243 14.65 -18.61 -39.81
C ALA E 243 13.26 -18.40 -39.23
N ARG E 244 13.06 -18.86 -37.99
CA ARG E 244 11.82 -18.64 -37.23
C ARG E 244 12.12 -18.45 -35.75
N TYR E 245 11.55 -17.41 -35.14
CA TYR E 245 11.64 -17.29 -33.68
C TYR E 245 10.39 -16.59 -33.19
N VAL E 246 9.49 -17.37 -32.59
CA VAL E 246 8.24 -16.83 -32.06
C VAL E 246 8.45 -16.11 -30.73
N GLY E 247 9.44 -16.53 -29.95
CA GLY E 247 9.64 -16.02 -28.62
C GLY E 247 8.90 -16.77 -27.53
N SER E 248 8.12 -17.78 -27.87
CA SER E 248 7.48 -18.63 -26.89
C SER E 248 7.99 -20.05 -27.12
N MET E 249 8.59 -20.63 -26.09
CA MET E 249 9.37 -21.85 -26.25
C MET E 249 8.50 -23.02 -26.73
N VAL E 250 7.27 -23.13 -26.21
CA VAL E 250 6.38 -24.21 -26.64
C VAL E 250 6.09 -24.10 -28.12
N ALA E 251 5.79 -22.89 -28.60
CA ALA E 251 5.46 -22.72 -30.01
C ALA E 251 6.65 -23.01 -30.90
N ASP E 252 7.84 -22.55 -30.53
CA ASP E 252 9.04 -22.80 -31.33
C ASP E 252 9.37 -24.28 -31.36
N VAL E 253 9.20 -24.98 -30.24
CA VAL E 253 9.54 -26.41 -30.18
C VAL E 253 8.54 -27.24 -30.97
N HIS E 254 7.25 -26.88 -30.90
CA HIS E 254 6.26 -27.67 -31.61
C HIS E 254 6.45 -27.60 -33.11
N ARG E 255 6.77 -26.40 -33.63
CA ARG E 255 7.14 -26.26 -35.04
C ARG E 255 8.39 -27.06 -35.37
N THR E 256 9.37 -27.05 -34.45
CA THR E 256 10.57 -27.85 -34.64
C THR E 256 10.21 -29.33 -34.75
N LEU E 257 9.34 -29.79 -33.87
CA LEU E 257 8.87 -31.17 -33.92
C LEU E 257 8.07 -31.47 -35.19
N VAL E 258 7.16 -30.59 -35.58
CA VAL E 258 6.26 -30.87 -36.69
C VAL E 258 6.98 -30.69 -38.03
N TYR E 259 7.82 -29.67 -38.16
CA TYR E 259 8.49 -29.41 -39.44
C TYR E 259 9.95 -29.85 -39.47
N GLY E 260 10.54 -30.21 -38.34
CA GLY E 260 11.97 -30.47 -38.29
C GLY E 260 12.77 -29.20 -38.14
N GLY E 261 14.08 -29.37 -37.99
CA GLY E 261 14.96 -28.24 -37.83
C GLY E 261 15.69 -28.25 -36.49
N ILE E 262 16.11 -27.09 -36.02
CA ILE E 262 16.91 -26.96 -34.82
C ILE E 262 16.47 -25.72 -34.06
N PHE E 263 16.40 -25.82 -32.74
CA PHE E 263 16.10 -24.71 -31.86
C PHE E 263 17.25 -24.56 -30.89
N LEU E 264 17.73 -23.32 -30.73
CA LEU E 264 18.85 -22.98 -29.86
C LEU E 264 18.49 -21.82 -28.95
N TYR E 265 18.74 -21.99 -27.65
CA TYR E 265 18.89 -20.88 -26.70
C TYR E 265 20.16 -21.18 -25.92
N PRO E 266 21.31 -20.97 -26.54
CA PRO E 266 22.55 -21.54 -26.01
C PRO E 266 23.27 -20.65 -25.01
N ALA E 267 24.29 -21.23 -24.39
CA ALA E 267 25.11 -20.50 -23.45
C ALA E 267 25.99 -19.52 -24.22
N ASN E 268 26.20 -18.36 -23.62
CA ASN E 268 27.05 -17.32 -24.18
C ASN E 268 28.00 -16.86 -23.08
N LYS E 269 28.60 -15.69 -23.27
CA LYS E 269 29.49 -15.16 -22.25
C LYS E 269 28.69 -14.63 -21.05
N LYS E 270 27.64 -13.84 -21.32
CA LYS E 270 26.81 -13.26 -20.27
C LYS E 270 25.87 -14.26 -19.59
N SER E 271 25.60 -15.42 -20.19
CA SER E 271 24.74 -16.42 -19.57
C SER E 271 25.36 -17.81 -19.71
N PRO E 272 26.32 -18.14 -18.85
CA PRO E 272 27.00 -19.45 -18.97
C PRO E 272 26.09 -20.63 -18.67
N ASN E 273 24.94 -20.38 -18.02
CA ASN E 273 23.96 -21.43 -17.77
C ASN E 273 22.70 -21.26 -18.63
N GLY E 274 22.78 -20.49 -19.71
CA GLY E 274 21.58 -20.27 -20.48
C GLY E 274 20.62 -19.35 -19.74
N LYS E 275 19.40 -19.27 -20.29
CA LYS E 275 18.32 -18.48 -19.72
C LYS E 275 17.10 -19.32 -19.37
N LEU E 276 16.84 -20.38 -20.13
CA LEU E 276 15.72 -21.28 -19.87
C LEU E 276 15.98 -22.14 -18.63
N ARG E 277 14.91 -22.49 -17.92
CA ARG E 277 15.00 -23.28 -16.70
C ARG E 277 15.03 -24.77 -16.99
N LEU E 278 15.88 -25.51 -16.27
CA LEU E 278 16.12 -26.92 -16.61
C LEU E 278 14.96 -27.82 -16.20
N LEU E 279 14.35 -27.58 -15.04
CA LEU E 279 13.41 -28.54 -14.47
C LEU E 279 12.09 -28.58 -15.26
N TYR E 280 11.53 -27.42 -15.59
CA TYR E 280 10.18 -27.35 -16.15
C TYR E 280 10.12 -26.71 -17.53
N GLU E 281 11.26 -26.52 -18.19
CA GLU E 281 11.28 -26.08 -19.58
C GLU E 281 12.16 -27.00 -20.40
N CYS E 282 13.41 -27.14 -19.99
CA CYS E 282 14.38 -27.88 -20.78
C CYS E 282 14.12 -29.38 -20.74
N ASN E 283 13.97 -29.96 -19.55
CA ASN E 283 13.84 -31.40 -19.45
C ASN E 283 12.60 -31.95 -20.16
N PRO E 284 11.38 -31.44 -19.91
CA PRO E 284 10.22 -32.00 -20.63
C PRO E 284 10.35 -31.86 -22.14
N MET E 285 10.89 -30.72 -22.61
CA MET E 285 11.08 -30.56 -24.05
C MET E 285 12.12 -31.54 -24.58
N ALA E 286 13.20 -31.76 -23.81
CA ALA E 286 14.22 -32.74 -24.19
C ALA E 286 13.67 -34.16 -24.23
N TYR E 287 12.83 -34.52 -23.26
CA TYR E 287 12.21 -35.85 -23.27
C TYR E 287 11.29 -36.01 -24.48
N VAL E 288 10.41 -35.03 -24.73
CA VAL E 288 9.53 -35.12 -25.90
C VAL E 288 10.34 -35.30 -27.16
N MET E 289 11.38 -34.46 -27.32
CA MET E 289 12.25 -34.54 -28.48
C MET E 289 12.86 -35.92 -28.62
N GLU E 290 13.40 -36.46 -27.52
CA GLU E 290 14.15 -37.71 -27.59
C GLU E 290 13.23 -38.90 -27.88
N LYS E 291 12.02 -38.91 -27.29
CA LYS E 291 11.04 -39.93 -27.65
C LYS E 291 10.53 -39.76 -29.08
N ALA E 292 10.68 -38.58 -29.65
CA ALA E 292 10.26 -38.34 -31.03
C ALA E 292 11.39 -38.51 -32.03
N GLY E 293 12.53 -39.04 -31.60
CA GLY E 293 13.65 -39.27 -32.51
C GLY E 293 14.55 -38.08 -32.74
N GLY E 294 14.42 -37.01 -31.97
CA GLY E 294 15.33 -35.89 -32.02
C GLY E 294 16.37 -35.97 -30.92
N MET E 295 17.14 -34.89 -30.80
CA MET E 295 18.18 -34.80 -29.80
C MET E 295 18.05 -33.48 -29.06
N ALA E 296 18.65 -33.45 -27.87
CA ALA E 296 18.67 -32.23 -27.07
C ALA E 296 19.93 -32.24 -26.22
N THR E 297 20.81 -31.27 -26.48
CA THR E 297 22.11 -31.16 -25.83
C THR E 297 22.27 -29.78 -25.23
N THR E 298 23.12 -29.69 -24.22
CA THR E 298 23.57 -28.39 -23.72
C THR E 298 24.82 -27.91 -24.44
N GLY E 299 25.38 -28.72 -25.33
CA GLY E 299 26.70 -28.50 -25.87
C GLY E 299 27.68 -29.51 -25.28
N LYS E 300 27.67 -29.67 -23.95
CA LYS E 300 28.57 -30.61 -23.29
C LYS E 300 27.95 -31.96 -23.04
N GLU E 301 26.65 -32.03 -22.82
CA GLU E 301 26.00 -33.29 -22.52
C GLU E 301 24.53 -33.18 -22.89
N ALA E 302 23.85 -34.32 -22.85
CA ALA E 302 22.42 -34.36 -23.08
C ALA E 302 21.69 -33.62 -21.96
N VAL E 303 20.67 -32.86 -22.34
CA VAL E 303 19.86 -32.13 -21.36
C VAL E 303 19.34 -33.09 -20.28
N LEU E 304 18.92 -34.28 -20.69
CA LEU E 304 18.32 -35.22 -19.76
C LEU E 304 19.31 -35.76 -18.72
N ASP E 305 20.61 -35.60 -18.94
CA ASP E 305 21.60 -36.13 -18.00
C ASP E 305 22.07 -35.13 -16.96
N VAL E 306 21.73 -33.84 -17.10
CA VAL E 306 22.10 -32.86 -16.08
C VAL E 306 21.43 -33.20 -14.76
N ILE E 307 22.21 -33.34 -13.70
CA ILE E 307 21.70 -33.54 -12.36
C ILE E 307 21.54 -32.17 -11.71
N PRO E 308 20.34 -31.70 -11.43
CA PRO E 308 20.17 -30.36 -10.91
C PRO E 308 20.51 -30.32 -9.43
N THR E 309 20.91 -29.14 -8.98
CA THR E 309 21.12 -28.91 -7.56
C THR E 309 20.22 -27.83 -7.00
N ASP E 310 19.48 -27.11 -7.85
CA ASP E 310 18.52 -26.10 -7.44
C ASP E 310 17.35 -26.14 -8.41
N ILE E 311 16.11 -26.08 -7.88
CA ILE E 311 14.92 -26.32 -8.69
C ILE E 311 14.71 -25.24 -9.76
N HIS E 312 15.28 -24.04 -9.60
CA HIS E 312 15.14 -22.99 -10.59
C HIS E 312 16.41 -22.76 -11.41
N GLN E 313 17.31 -23.73 -11.43
CA GLN E 313 18.54 -23.53 -12.19
C GLN E 313 18.28 -23.53 -13.69
N ARG E 314 19.12 -22.79 -14.40
CA ARG E 314 19.04 -22.66 -15.84
C ARG E 314 19.96 -23.65 -16.54
N ALA E 315 19.68 -23.87 -17.82
CA ALA E 315 20.43 -24.77 -18.66
C ALA E 315 20.48 -24.22 -20.08
N PRO E 316 21.59 -24.37 -20.79
CA PRO E 316 21.58 -24.13 -22.24
C PRO E 316 20.88 -25.27 -22.95
N VAL E 317 20.31 -24.98 -24.11
CA VAL E 317 19.54 -26.00 -24.82
C VAL E 317 19.76 -25.88 -26.33
N ILE E 318 19.98 -27.02 -26.97
CA ILE E 318 19.97 -27.16 -28.41
C ILE E 318 19.21 -28.43 -28.71
N LEU E 319 18.07 -28.32 -29.40
CA LEU E 319 17.21 -29.48 -29.61
C LEU E 319 16.68 -29.48 -31.05
N GLY E 320 16.14 -30.63 -31.46
CA GLY E 320 15.54 -30.75 -32.78
C GLY E 320 15.89 -32.04 -33.51
N SER E 321 15.94 -31.95 -34.84
CA SER E 321 16.31 -33.09 -35.68
C SER E 321 17.71 -33.57 -35.34
N PRO E 322 17.97 -34.88 -35.38
CA PRO E 322 19.30 -35.36 -34.98
C PRO E 322 20.43 -34.82 -35.84
N ASP E 323 20.23 -34.75 -37.17
CA ASP E 323 21.27 -34.26 -38.06
C ASP E 323 21.63 -32.81 -37.78
N ASP E 324 20.66 -32.01 -37.34
CA ASP E 324 20.94 -30.60 -37.06
C ASP E 324 21.67 -30.45 -35.73
N VAL E 325 21.36 -31.30 -34.74
CA VAL E 325 22.15 -31.30 -33.51
C VAL E 325 23.53 -31.87 -33.76
N LEU E 326 23.62 -32.94 -34.55
CA LEU E 326 24.93 -33.51 -34.85
C LEU E 326 25.83 -32.51 -35.56
N GLU E 327 25.27 -31.75 -36.52
CA GLU E 327 26.06 -30.71 -37.20
C GLU E 327 26.48 -29.62 -36.23
N PHE E 328 25.60 -29.23 -35.31
CA PHE E 328 25.95 -28.24 -34.30
C PHE E 328 27.06 -28.75 -33.38
N LEU E 329 26.97 -30.02 -32.94
CA LEU E 329 28.00 -30.58 -32.07
C LEU E 329 29.37 -30.64 -32.74
N LYS E 330 29.43 -30.97 -34.04
CA LYS E 330 30.72 -30.98 -34.75
C LYS E 330 31.35 -29.60 -34.79
N VAL E 331 30.52 -28.56 -34.99
CA VAL E 331 31.02 -27.20 -34.92
C VAL E 331 31.42 -26.84 -33.49
N TYR E 332 30.66 -27.34 -32.51
CA TYR E 332 30.99 -27.13 -31.10
C TYR E 332 32.32 -27.80 -30.74
N GLU E 333 32.55 -29.00 -31.25
CA GLU E 333 33.81 -29.69 -30.99
C GLU E 333 34.96 -29.02 -31.74
N LYS E 334 34.65 -28.34 -32.85
CA LYS E 334 35.67 -27.60 -33.60
C LYS E 334 36.36 -26.53 -32.76
N HIS E 335 35.65 -25.95 -31.80
CA HIS E 335 36.22 -24.90 -30.97
C HIS E 335 36.73 -25.43 -29.64
N SER E 336 37.06 -26.72 -29.58
CA SER E 336 37.53 -27.37 -28.35
C SER E 336 36.41 -27.27 -27.33
N ASP F 10 -18.01 2.04 -19.63
CA ASP F 10 -19.12 1.44 -20.37
C ASP F 10 -18.59 0.44 -21.38
N VAL F 11 -19.13 -0.78 -21.36
CA VAL F 11 -18.67 -1.79 -22.30
C VAL F 11 -19.10 -1.41 -23.71
N ASN F 12 -18.25 -1.69 -24.68
CA ASN F 12 -18.56 -1.36 -26.07
C ASN F 12 -18.21 -2.55 -26.93
N THR F 13 -19.03 -2.80 -27.94
CA THR F 13 -18.77 -3.90 -28.85
C THR F 13 -18.52 -3.37 -30.24
N LEU F 14 -17.94 -4.23 -31.08
CA LEU F 14 -17.65 -3.83 -32.46
C LEU F 14 -18.91 -3.32 -33.13
N THR F 15 -20.02 -4.05 -32.99
CA THR F 15 -21.25 -3.70 -33.66
C THR F 15 -21.81 -2.36 -33.19
N ARG F 16 -21.84 -2.14 -31.86
CA ARG F 16 -22.27 -0.83 -31.36
C ARG F 16 -21.30 0.28 -31.77
N PHE F 17 -19.99 0.00 -31.73
CA PHE F 17 -18.99 1.02 -32.03
C PHE F 17 -19.13 1.52 -33.46
N VAL F 18 -19.24 0.60 -34.41
CA VAL F 18 -19.40 0.98 -35.81
C VAL F 18 -20.69 1.78 -36.00
N MET F 19 -21.77 1.34 -35.35
CA MET F 19 -23.08 1.96 -35.51
C MET F 19 -23.08 3.42 -35.04
N GLU F 20 -22.40 3.72 -33.92
CA GLU F 20 -22.36 5.11 -33.48
C GLU F 20 -21.49 5.96 -34.39
N GLU F 21 -20.39 5.40 -34.88
CA GLU F 21 -19.56 6.11 -35.86
C GLU F 21 -20.30 6.36 -37.17
N GLY F 22 -21.08 5.38 -37.64
CA GLY F 22 -21.84 5.59 -38.86
C GLY F 22 -22.91 6.64 -38.70
N ARG F 23 -23.49 6.74 -37.50
CA ARG F 23 -24.50 7.74 -37.21
C ARG F 23 -23.90 9.14 -37.18
N LYS F 24 -22.73 9.30 -36.54
CA LYS F 24 -22.05 10.59 -36.58
C LYS F 24 -21.79 11.02 -38.02
N ALA F 25 -21.23 10.12 -38.82
CA ALA F 25 -20.86 10.45 -40.19
C ALA F 25 -22.06 10.53 -41.13
N ARG F 26 -23.21 9.96 -40.76
CA ARG F 26 -24.46 10.08 -41.53
C ARG F 26 -24.32 9.52 -42.95
N GLY F 27 -23.62 8.40 -43.08
CA GLY F 27 -23.49 7.72 -44.35
C GLY F 27 -24.73 6.92 -44.71
N THR F 28 -24.63 6.19 -45.83
CA THR F 28 -25.77 5.44 -46.33
C THR F 28 -26.07 4.19 -45.51
N GLY F 29 -25.14 3.72 -44.69
CA GLY F 29 -25.30 2.47 -43.97
C GLY F 29 -24.72 1.22 -44.64
N GLU F 30 -24.32 1.31 -45.90
CA GLU F 30 -23.69 0.15 -46.54
C GLU F 30 -22.39 -0.22 -45.84
N LEU F 31 -21.64 0.77 -45.36
CA LEU F 31 -20.37 0.50 -44.70
C LEU F 31 -20.55 -0.24 -43.37
N THR F 32 -21.58 0.11 -42.60
CA THR F 32 -21.84 -0.58 -41.33
C THR F 32 -22.28 -2.02 -41.55
N GLN F 33 -23.21 -2.25 -42.49
CA GLN F 33 -23.60 -3.62 -42.78
C GLN F 33 -22.43 -4.41 -43.34
N LEU F 34 -21.54 -3.74 -44.07
CA LEU F 34 -20.35 -4.39 -44.57
C LEU F 34 -19.46 -4.85 -43.41
N LEU F 35 -19.12 -3.92 -42.52
CA LEU F 35 -18.24 -4.27 -41.41
C LEU F 35 -18.87 -5.32 -40.52
N ASN F 36 -20.19 -5.24 -40.32
CA ASN F 36 -20.88 -6.21 -39.48
C ASN F 36 -20.88 -7.59 -40.14
N SER F 37 -21.03 -7.65 -41.47
CA SER F 37 -20.97 -8.93 -42.14
C SER F 37 -19.58 -9.53 -42.01
N LEU F 38 -18.56 -8.70 -42.13
CA LEU F 38 -17.19 -9.17 -41.97
C LEU F 38 -16.95 -9.66 -40.55
N CYS F 39 -17.52 -8.97 -39.56
CA CYS F 39 -17.40 -9.44 -38.18
C CYS F 39 -17.95 -10.86 -38.03
N THR F 40 -19.11 -11.12 -38.64
CA THR F 40 -19.70 -12.46 -38.60
C THR F 40 -18.79 -13.49 -39.27
N ALA F 41 -18.20 -13.14 -40.41
CA ALA F 41 -17.31 -14.09 -41.08
C ALA F 41 -16.10 -14.42 -40.21
N VAL F 42 -15.53 -13.40 -39.55
CA VAL F 42 -14.30 -13.58 -38.77
C VAL F 42 -14.53 -14.49 -37.59
N LYS F 43 -15.67 -14.33 -36.92
CA LYS F 43 -16.01 -15.22 -35.81
C LYS F 43 -16.16 -16.66 -36.29
N ALA F 44 -16.65 -16.83 -37.52
CA ALA F 44 -16.76 -18.17 -38.08
C ALA F 44 -15.40 -18.73 -38.41
N ILE F 45 -14.49 -17.89 -38.90
CA ILE F 45 -13.12 -18.33 -39.19
C ILE F 45 -12.43 -18.75 -37.91
N SER F 46 -12.52 -17.90 -36.87
CA SER F 46 -11.95 -18.24 -35.57
C SER F 46 -12.43 -19.60 -35.09
N SER F 47 -13.74 -19.83 -35.11
CA SER F 47 -14.31 -21.06 -34.60
C SER F 47 -13.72 -22.26 -35.31
N ALA F 48 -13.60 -22.18 -36.63
CA ALA F 48 -13.02 -23.29 -37.36
C ALA F 48 -11.51 -23.39 -37.11
N VAL F 49 -10.83 -22.24 -37.00
CA VAL F 49 -9.38 -22.23 -36.76
C VAL F 49 -9.03 -22.88 -35.43
N ARG F 50 -9.83 -22.63 -34.39
CA ARG F 50 -9.65 -23.29 -33.11
C ARG F 50 -10.09 -24.76 -33.13
N LYS F 51 -10.52 -25.28 -34.29
CA LYS F 51 -10.76 -26.71 -34.52
C LYS F 51 -12.05 -27.21 -33.89
N ALA F 52 -13.07 -26.36 -33.82
CA ALA F 52 -14.41 -26.82 -33.46
C ALA F 52 -14.88 -27.90 -34.44
N GLY F 53 -15.44 -28.97 -33.91
CA GLY F 53 -15.90 -30.03 -34.78
C GLY F 53 -14.79 -30.88 -35.34
N ILE F 54 -13.57 -30.78 -34.82
CA ILE F 54 -12.51 -31.64 -35.33
C ILE F 54 -12.83 -33.11 -35.01
N ALA F 55 -13.56 -33.36 -33.91
CA ALA F 55 -13.94 -34.71 -33.52
C ALA F 55 -14.73 -35.45 -34.60
N HIS F 56 -15.61 -34.74 -35.32
CA HIS F 56 -16.31 -35.42 -36.40
C HIS F 56 -15.37 -35.75 -37.54
N LEU F 57 -14.31 -34.98 -37.70
CA LEU F 57 -13.34 -35.29 -38.72
C LEU F 57 -12.63 -36.59 -38.43
N TYR F 58 -12.42 -36.91 -37.15
CA TYR F 58 -11.67 -38.09 -36.77
C TYR F 58 -12.58 -39.25 -36.40
N GLY F 59 -13.84 -39.19 -36.83
CA GLY F 59 -14.71 -40.34 -36.78
C GLY F 59 -15.47 -40.53 -35.49
N ILE F 60 -15.80 -39.45 -34.77
CA ILE F 60 -16.50 -39.63 -33.50
C ILE F 60 -17.89 -40.24 -33.71
N ALA F 61 -18.50 -40.01 -34.87
CA ALA F 61 -19.81 -40.60 -35.16
C ALA F 61 -19.79 -41.60 -36.30
N GLY F 62 -18.64 -41.87 -36.91
CA GLY F 62 -18.57 -42.77 -38.04
C GLY F 62 -17.41 -42.45 -38.96
N LYS F 73 -8.07 -27.08 -47.19
CA LYS F 73 -9.51 -26.86 -47.08
C LYS F 73 -9.84 -25.70 -46.16
N LEU F 74 -9.04 -25.51 -45.10
CA LEU F 74 -9.36 -24.47 -44.12
C LEU F 74 -9.22 -23.08 -44.75
N ASP F 75 -8.24 -22.89 -45.62
CA ASP F 75 -8.12 -21.61 -46.32
C ASP F 75 -9.16 -21.49 -47.42
N VAL F 76 -9.67 -22.60 -47.93
CA VAL F 76 -10.81 -22.57 -48.85
C VAL F 76 -12.06 -22.16 -48.09
N LEU F 77 -12.28 -22.76 -46.92
CA LEU F 77 -13.42 -22.40 -46.09
C LEU F 77 -13.35 -20.95 -45.65
N SER F 78 -12.14 -20.47 -45.38
CA SER F 78 -11.96 -19.09 -44.99
C SER F 78 -12.41 -18.14 -46.10
N ASN F 79 -11.95 -18.39 -47.33
CA ASN F 79 -12.38 -17.56 -48.45
C ASN F 79 -13.89 -17.63 -48.66
N ASP F 80 -14.47 -18.84 -48.63
CA ASP F 80 -15.90 -18.97 -48.91
C ASP F 80 -16.75 -18.21 -47.90
N LEU F 81 -16.32 -18.18 -46.63
CA LEU F 81 -17.05 -17.42 -45.62
C LEU F 81 -16.99 -15.92 -45.88
N VAL F 82 -15.80 -15.38 -46.17
CA VAL F 82 -15.65 -13.95 -46.42
C VAL F 82 -16.39 -13.57 -47.70
N MET F 83 -16.19 -14.35 -48.75
CA MET F 83 -16.92 -14.13 -50.00
C MET F 83 -18.42 -14.11 -49.73
N ASN F 84 -18.91 -15.09 -48.99
CA ASN F 84 -20.35 -15.26 -48.88
C ASN F 84 -20.97 -14.21 -47.97
N MET F 85 -20.29 -13.84 -46.90
CA MET F 85 -20.81 -12.78 -46.04
C MET F 85 -20.73 -11.42 -46.73
N LEU F 86 -19.71 -11.18 -47.55
CA LEU F 86 -19.59 -9.89 -48.22
C LEU F 86 -20.63 -9.73 -49.34
N LYS F 87 -20.77 -10.75 -50.18
CA LYS F 87 -21.79 -10.71 -51.24
C LYS F 87 -23.18 -10.46 -50.68
N SER F 88 -23.53 -11.13 -49.59
CA SER F 88 -24.87 -11.04 -49.02
C SER F 88 -25.06 -9.78 -48.17
N SER F 89 -24.07 -8.90 -48.08
CA SER F 89 -24.24 -7.67 -47.33
C SER F 89 -25.02 -6.60 -48.07
N PHE F 90 -25.24 -6.75 -49.38
CA PHE F 90 -25.78 -5.69 -50.24
C PHE F 90 -24.90 -4.43 -50.23
N ALA F 91 -23.61 -4.57 -49.89
CA ALA F 91 -22.72 -3.42 -49.78
C ALA F 91 -21.50 -3.46 -50.69
N THR F 92 -21.25 -4.55 -51.43
CA THR F 92 -20.02 -4.66 -52.21
C THR F 92 -20.35 -4.84 -53.69
N CYS F 93 -19.34 -4.59 -54.51
CA CYS F 93 -19.43 -4.75 -55.96
C CYS F 93 -18.23 -5.51 -56.53
N VAL F 94 -17.04 -5.32 -55.94
CA VAL F 94 -15.81 -5.96 -56.42
C VAL F 94 -15.06 -6.56 -55.23
N LEU F 95 -14.68 -7.84 -55.36
CA LEU F 95 -13.97 -8.55 -54.29
C LEU F 95 -12.67 -9.14 -54.82
N VAL F 96 -11.56 -8.78 -54.15
CA VAL F 96 -10.23 -9.30 -54.45
C VAL F 96 -9.80 -10.16 -53.27
N SER F 97 -9.46 -11.41 -53.55
CA SER F 97 -9.12 -12.40 -52.54
C SER F 97 -7.77 -12.99 -52.89
N GLU F 98 -6.94 -13.24 -51.87
CA GLU F 98 -5.69 -13.98 -52.08
C GLU F 98 -5.96 -15.31 -52.77
N GLU F 99 -7.16 -15.87 -52.58
CA GLU F 99 -7.51 -17.20 -53.06
C GLU F 99 -8.02 -17.25 -54.50
N ASP F 100 -8.42 -16.14 -55.09
CA ASP F 100 -9.07 -16.14 -56.40
C ASP F 100 -8.17 -15.44 -57.42
N LYS F 101 -8.01 -16.07 -58.59
CA LYS F 101 -7.09 -15.55 -59.60
C LYS F 101 -7.54 -14.19 -60.13
N HIS F 102 -8.82 -14.05 -60.46
CA HIS F 102 -9.36 -12.78 -60.94
C HIS F 102 -10.24 -12.15 -59.88
N ALA F 103 -10.45 -10.85 -60.02
CA ALA F 103 -11.39 -10.17 -59.15
C ALA F 103 -12.79 -10.72 -59.32
N ILE F 104 -13.57 -10.70 -58.25
CA ILE F 104 -14.97 -11.12 -58.28
C ILE F 104 -15.84 -9.89 -58.42
N ILE F 105 -16.70 -9.89 -59.43
CA ILE F 105 -17.68 -8.82 -59.62
C ILE F 105 -19.01 -9.32 -59.09
N VAL F 106 -19.54 -8.64 -58.07
CA VAL F 106 -20.81 -9.06 -57.47
C VAL F 106 -21.94 -8.96 -58.48
N GLU F 107 -22.83 -9.95 -58.46
CA GLU F 107 -24.00 -9.93 -59.32
C GLU F 107 -24.88 -8.73 -58.95
N PRO F 108 -25.68 -8.23 -59.90
CA PRO F 108 -26.29 -6.90 -59.71
C PRO F 108 -27.22 -6.73 -58.51
N GLU F 109 -28.08 -7.70 -58.20
CA GLU F 109 -29.06 -7.52 -57.13
C GLU F 109 -28.42 -7.43 -55.74
N LYS F 110 -27.16 -7.86 -55.58
CA LYS F 110 -26.51 -7.82 -54.28
C LYS F 110 -25.46 -6.70 -54.18
N ARG F 111 -25.42 -5.81 -55.18
CA ARG F 111 -24.38 -4.81 -55.30
C ARG F 111 -24.55 -3.63 -54.35
N GLY F 112 -23.42 -3.19 -53.78
CA GLY F 112 -23.29 -1.97 -53.03
C GLY F 112 -22.11 -1.22 -53.58
N LYS F 113 -21.67 -0.15 -52.92
CA LYS F 113 -20.72 0.76 -53.54
C LYS F 113 -19.27 0.52 -53.14
N TYR F 114 -18.99 -0.55 -52.41
CA TYR F 114 -17.68 -0.74 -51.82
C TYR F 114 -16.90 -1.89 -52.45
N VAL F 115 -15.58 -1.75 -52.44
CA VAL F 115 -14.63 -2.76 -52.92
C VAL F 115 -13.82 -3.23 -51.73
N VAL F 116 -13.67 -4.54 -51.58
CA VAL F 116 -12.99 -5.16 -50.43
C VAL F 116 -11.88 -6.09 -50.93
N CYS F 117 -10.64 -5.81 -50.51
CA CYS F 117 -9.52 -6.72 -50.76
C CYS F 117 -9.18 -7.43 -49.46
N PHE F 118 -8.97 -8.73 -49.51
CA PHE F 118 -8.78 -9.45 -48.27
C PHE F 118 -7.93 -10.69 -48.46
N ASP F 119 -7.18 -11.01 -47.42
CA ASP F 119 -6.50 -12.28 -47.31
C ASP F 119 -7.28 -13.12 -46.30
N PRO F 120 -8.03 -14.14 -46.72
CA PRO F 120 -8.92 -14.83 -45.75
C PRO F 120 -8.18 -15.60 -44.66
N LEU F 121 -7.02 -16.17 -44.94
CA LEU F 121 -6.33 -16.90 -43.87
C LEU F 121 -4.83 -16.78 -44.11
N ASP F 122 -4.29 -15.62 -43.75
CA ASP F 122 -2.88 -15.36 -43.96
C ASP F 122 -2.04 -16.21 -43.01
N GLY F 123 -0.97 -16.78 -43.55
CA GLY F 123 -0.08 -17.64 -42.79
C GLY F 123 -0.49 -19.10 -42.71
N SER F 124 -1.59 -19.49 -43.36
CA SER F 124 -2.14 -20.83 -43.15
C SER F 124 -1.29 -21.93 -43.77
N SER F 125 -0.31 -21.59 -44.62
CA SER F 125 0.64 -22.60 -45.07
C SER F 125 1.43 -23.15 -43.89
N ASN F 126 1.67 -22.33 -42.87
CA ASN F 126 2.34 -22.78 -41.65
C ASN F 126 1.33 -23.18 -40.57
N ILE F 127 0.06 -23.37 -40.92
CA ILE F 127 -0.93 -23.70 -39.89
C ILE F 127 -0.76 -25.13 -39.40
N ASP F 128 0.06 -25.94 -40.07
CA ASP F 128 0.34 -27.30 -39.62
C ASP F 128 1.10 -27.33 -38.30
N CYS F 129 1.84 -26.28 -37.96
CA CYS F 129 2.52 -26.16 -36.67
C CYS F 129 1.73 -25.31 -35.66
N LEU F 130 0.45 -25.02 -35.96
CA LEU F 130 -0.46 -24.27 -35.10
C LEU F 130 0.03 -22.85 -34.79
N VAL F 131 0.85 -22.29 -35.67
CA VAL F 131 1.28 -20.90 -35.58
C VAL F 131 0.10 -19.97 -35.77
N SER F 132 0.18 -18.79 -35.13
CA SER F 132 -0.81 -17.74 -35.34
C SER F 132 -1.09 -17.51 -36.82
N VAL F 133 -2.37 -17.38 -37.16
CA VAL F 133 -2.79 -16.95 -38.48
C VAL F 133 -3.79 -15.82 -38.33
N GLY F 134 -4.28 -15.29 -39.45
CA GLY F 134 -5.14 -14.12 -39.38
C GLY F 134 -5.78 -13.83 -40.70
N THR F 135 -6.79 -12.95 -40.66
CA THR F 135 -7.46 -12.44 -41.85
C THR F 135 -7.12 -10.95 -42.00
N ILE F 136 -6.80 -10.52 -43.21
CA ILE F 136 -6.47 -9.13 -43.53
C ILE F 136 -7.48 -8.59 -44.55
N PHE F 137 -7.90 -7.34 -44.37
CA PHE F 137 -8.91 -6.78 -45.26
C PHE F 137 -8.72 -5.27 -45.40
N GLY F 138 -8.99 -4.77 -46.61
CA GLY F 138 -9.02 -3.33 -46.86
C GLY F 138 -10.25 -2.97 -47.65
N ILE F 139 -10.89 -1.87 -47.27
CA ILE F 139 -12.16 -1.44 -47.85
C ILE F 139 -11.97 -0.13 -48.59
N TYR F 140 -12.37 -0.12 -49.86
CA TYR F 140 -12.35 1.08 -50.69
C TYR F 140 -13.77 1.48 -51.06
N ARG F 141 -13.98 2.79 -51.16
CA ARG F 141 -15.16 3.32 -51.84
C ARG F 141 -14.93 3.30 -53.34
N LYS F 142 -15.97 2.99 -54.11
CA LYS F 142 -15.83 2.92 -55.57
C LYS F 142 -15.72 4.33 -56.17
N LYS F 143 -14.85 4.47 -57.16
CA LYS F 143 -14.47 5.79 -57.66
C LYS F 143 -15.14 6.18 -58.97
N SER F 144 -15.48 5.23 -59.83
CA SER F 144 -16.04 5.59 -61.13
C SER F 144 -17.51 5.19 -61.22
N THR F 145 -18.22 5.83 -62.15
CA THR F 145 -19.63 5.55 -62.36
C THR F 145 -19.86 4.46 -63.41
N ASP F 146 -18.80 3.96 -64.02
CA ASP F 146 -18.90 2.85 -64.95
C ASP F 146 -19.34 1.59 -64.22
N GLU F 147 -19.73 0.59 -65.00
CA GLU F 147 -20.06 -0.71 -64.44
C GLU F 147 -18.84 -1.24 -63.67
N PRO F 148 -19.03 -1.83 -62.49
CA PRO F 148 -17.88 -2.22 -61.67
C PRO F 148 -17.02 -3.29 -62.34
N SER F 149 -15.70 -3.12 -62.19
CA SER F 149 -14.71 -3.98 -62.82
C SER F 149 -13.47 -4.02 -61.94
N GLU F 150 -12.50 -4.85 -62.35
CA GLU F 150 -11.26 -5.00 -61.59
C GLU F 150 -10.55 -3.68 -61.33
N LYS F 151 -10.63 -2.73 -62.27
CA LYS F 151 -9.97 -1.45 -62.03
C LYS F 151 -10.45 -0.76 -60.78
N ASP F 152 -11.68 -1.05 -60.33
CA ASP F 152 -12.20 -0.41 -59.12
C ASP F 152 -11.40 -0.76 -57.86
N ALA F 153 -10.64 -1.87 -57.89
CA ALA F 153 -9.79 -2.24 -56.76
C ALA F 153 -8.34 -1.81 -56.92
N LEU F 154 -7.97 -1.24 -58.07
CA LEU F 154 -6.59 -0.76 -58.29
C LEU F 154 -6.45 0.71 -57.87
N GLN F 155 -6.64 0.93 -56.60
CA GLN F 155 -6.48 2.24 -55.99
C GLN F 155 -5.30 2.22 -55.03
N PRO F 156 -4.65 3.36 -54.81
CA PRO F 156 -3.63 3.41 -53.77
C PRO F 156 -4.25 3.29 -52.40
N GLY F 157 -3.47 2.79 -51.45
CA GLY F 157 -3.97 2.66 -50.09
C GLY F 157 -4.47 3.96 -49.48
N ARG F 158 -3.96 5.10 -49.98
CA ARG F 158 -4.46 6.41 -49.54
C ARG F 158 -5.98 6.51 -49.67
N ASN F 159 -6.59 5.82 -50.63
CA ASN F 159 -8.03 5.88 -50.82
C ASN F 159 -8.80 4.97 -49.87
N LEU F 160 -8.14 4.34 -48.90
CA LEU F 160 -8.82 3.38 -48.04
C LEU F 160 -9.83 4.07 -47.15
N VAL F 161 -11.04 3.52 -47.14
CA VAL F 161 -12.05 3.98 -46.20
C VAL F 161 -11.83 3.31 -44.86
N ALA F 162 -11.50 2.01 -44.89
CA ALA F 162 -11.22 1.25 -43.68
C ALA F 162 -10.42 0.02 -44.04
N ALA F 163 -9.63 -0.44 -43.07
CA ALA F 163 -8.82 -1.63 -43.23
C ALA F 163 -8.57 -2.18 -41.86
N GLY F 164 -8.16 -3.45 -41.81
CA GLY F 164 -7.78 -4.03 -40.54
C GLY F 164 -7.53 -5.51 -40.66
N TYR F 165 -7.52 -6.16 -39.51
CA TYR F 165 -7.18 -7.57 -39.48
C TYR F 165 -7.76 -8.19 -38.22
N ALA F 166 -7.97 -9.49 -38.29
CA ALA F 166 -8.22 -10.30 -37.12
C ALA F 166 -7.06 -11.28 -36.96
N LEU F 167 -6.50 -11.36 -35.76
CA LEU F 167 -5.44 -12.31 -35.44
C LEU F 167 -6.03 -13.47 -34.64
N TYR F 168 -5.88 -14.69 -35.17
CA TYR F 168 -6.29 -15.91 -34.47
C TYR F 168 -5.06 -16.46 -33.74
N GLY F 169 -4.75 -15.81 -32.62
CA GLY F 169 -3.57 -16.14 -31.82
C GLY F 169 -3.90 -16.87 -30.53
N SER F 170 -3.21 -16.50 -29.44
CA SER F 170 -3.62 -17.03 -28.14
C SER F 170 -5.09 -16.70 -27.90
N ALA F 171 -5.51 -15.52 -28.31
CA ALA F 171 -6.92 -15.20 -28.40
C ALA F 171 -7.18 -14.65 -29.79
N THR F 172 -8.45 -14.39 -30.06
CA THR F 172 -8.89 -13.81 -31.32
C THR F 172 -9.16 -12.33 -31.11
N MET F 173 -8.40 -11.49 -31.81
CA MET F 173 -8.55 -10.05 -31.72
C MET F 173 -8.86 -9.47 -33.10
N LEU F 174 -9.71 -8.44 -33.12
CA LEU F 174 -10.04 -7.67 -34.31
C LEU F 174 -9.48 -6.25 -34.15
N VAL F 175 -8.63 -5.85 -35.08
CA VAL F 175 -8.07 -4.50 -35.11
C VAL F 175 -8.72 -3.73 -36.26
N LEU F 176 -9.41 -2.63 -35.95
CA LEU F 176 -10.13 -1.86 -36.96
C LEU F 176 -9.51 -0.49 -37.07
N ALA F 177 -9.09 -0.11 -38.29
CA ALA F 177 -8.54 1.22 -38.53
C ALA F 177 -9.48 1.98 -39.46
N MET F 178 -9.88 3.17 -39.03
CA MET F 178 -10.73 4.05 -39.84
C MET F 178 -10.16 5.46 -39.73
N ASP F 179 -10.91 6.44 -40.27
CA ASP F 179 -10.41 7.81 -40.21
C ASP F 179 -10.20 8.23 -38.76
N CYS F 180 -11.06 7.77 -37.84
CA CYS F 180 -10.94 8.13 -36.43
C CYS F 180 -9.77 7.46 -35.72
N GLY F 181 -9.06 6.53 -36.38
CA GLY F 181 -7.95 5.85 -35.73
C GLY F 181 -8.06 4.33 -35.66
N VAL F 182 -7.26 3.70 -34.80
CA VAL F 182 -7.18 2.25 -34.65
C VAL F 182 -7.79 1.88 -33.32
N ASN F 183 -8.72 0.91 -33.32
CA ASN F 183 -9.36 0.38 -32.12
C ASN F 183 -9.26 -1.14 -32.11
N CYS F 184 -9.08 -1.72 -30.94
CA CYS F 184 -8.89 -3.16 -30.80
C CYS F 184 -10.06 -3.81 -30.09
N PHE F 185 -10.57 -4.87 -30.68
CA PHE F 185 -11.74 -5.57 -30.16
C PHE F 185 -11.33 -7.01 -29.93
N MET F 186 -11.45 -7.47 -28.68
CA MET F 186 -11.14 -8.85 -28.32
C MET F 186 -12.39 -9.71 -28.46
N LEU F 187 -12.26 -10.86 -29.12
CA LEU F 187 -13.39 -11.75 -29.28
C LEU F 187 -13.63 -12.55 -27.98
N ASP F 188 -14.80 -12.37 -27.37
CA ASP F 188 -15.23 -13.20 -26.25
C ASP F 188 -15.97 -14.40 -26.80
N PRO F 189 -15.32 -15.57 -26.85
CA PRO F 189 -15.99 -16.74 -27.44
C PRO F 189 -17.19 -17.24 -26.66
N ALA F 190 -17.33 -16.88 -25.39
CA ALA F 190 -18.49 -17.33 -24.62
C ALA F 190 -19.79 -16.68 -25.10
N ILE F 191 -19.71 -15.52 -25.75
CA ILE F 191 -20.90 -14.86 -26.25
C ILE F 191 -20.75 -14.46 -27.70
N GLY F 192 -19.60 -14.73 -28.32
CA GLY F 192 -19.41 -14.42 -29.73
C GLY F 192 -19.52 -12.95 -30.05
N GLU F 193 -19.02 -12.09 -29.15
CA GLU F 193 -19.04 -10.65 -29.39
C GLU F 193 -17.61 -10.12 -29.25
N PHE F 194 -17.26 -9.15 -30.08
CA PHE F 194 -15.97 -8.48 -30.02
C PHE F 194 -16.06 -7.31 -29.05
N ILE F 195 -15.33 -7.39 -27.94
CA ILE F 195 -15.36 -6.36 -26.89
C ILE F 195 -14.23 -5.38 -27.16
N LEU F 196 -14.54 -4.09 -27.10
CA LEU F 196 -13.54 -3.04 -27.31
C LEU F 196 -12.57 -3.00 -26.14
N VAL F 197 -11.29 -3.27 -26.40
CA VAL F 197 -10.30 -3.35 -25.31
C VAL F 197 -9.13 -2.36 -25.44
N ASP F 198 -8.79 -1.87 -26.63
CA ASP F 198 -7.73 -0.88 -26.81
C ASP F 198 -8.31 0.23 -27.66
N LYS F 199 -8.56 1.39 -27.06
CA LYS F 199 -9.19 2.50 -27.76
C LYS F 199 -8.13 3.41 -28.33
N ASP F 200 -8.30 3.78 -29.59
CA ASP F 200 -7.54 4.88 -30.18
C ASP F 200 -6.03 4.63 -29.99
N VAL F 201 -5.60 3.43 -30.39
CA VAL F 201 -4.26 2.94 -30.08
C VAL F 201 -3.22 3.66 -30.93
N LYS F 202 -2.04 3.88 -30.36
CA LYS F 202 -0.91 4.52 -31.03
C LYS F 202 0.35 3.68 -30.84
N ILE F 203 1.17 3.58 -31.92
CA ILE F 203 2.40 2.79 -31.85
C ILE F 203 3.51 3.61 -31.18
N LYS F 204 4.41 2.92 -30.48
CA LYS F 204 5.57 3.55 -29.86
C LYS F 204 6.37 4.33 -30.90
N LYS F 205 6.98 5.44 -30.44
CA LYS F 205 7.88 6.18 -31.33
C LYS F 205 9.08 5.32 -31.72
N LYS F 206 9.60 4.55 -30.78
CA LYS F 206 10.74 3.69 -31.02
C LYS F 206 10.64 2.43 -30.17
N GLY F 207 10.86 1.28 -30.80
CA GLY F 207 10.83 0.00 -30.15
C GLY F 207 12.21 -0.64 -30.08
N LYS F 208 12.22 -1.92 -29.68
CA LYS F 208 13.45 -2.67 -29.47
C LYS F 208 13.41 -4.05 -30.11
N ILE F 209 12.55 -4.27 -31.11
CA ILE F 209 12.46 -5.54 -31.82
C ILE F 209 12.49 -5.29 -33.32
N TYR F 210 13.32 -6.04 -34.02
CA TYR F 210 13.32 -6.08 -35.48
C TYR F 210 12.85 -7.46 -35.90
N SER F 211 12.13 -7.52 -37.02
CA SER F 211 11.40 -8.73 -37.40
C SER F 211 11.61 -9.00 -38.88
N LEU F 212 12.36 -10.04 -39.19
CA LEU F 212 12.51 -10.42 -40.59
C LEU F 212 13.09 -11.83 -40.71
N ASN F 213 12.96 -12.39 -41.91
CA ASN F 213 13.49 -13.73 -42.16
C ASN F 213 14.97 -13.61 -42.47
N GLU F 214 15.80 -13.76 -41.44
CA GLU F 214 17.23 -13.64 -41.66
C GLU F 214 17.82 -14.81 -42.43
N GLY F 215 17.02 -15.85 -42.73
CA GLY F 215 17.53 -16.94 -43.55
C GLY F 215 17.91 -16.51 -44.95
N TYR F 216 17.31 -15.42 -45.42
CA TYR F 216 17.65 -14.87 -46.74
C TYR F 216 18.82 -13.89 -46.64
N ALA F 217 19.67 -14.06 -45.63
CA ALA F 217 20.79 -13.15 -45.44
C ALA F 217 21.75 -13.17 -46.61
N LYS F 218 21.91 -14.32 -47.25
CA LYS F 218 22.78 -14.44 -48.41
C LYS F 218 22.26 -13.61 -49.60
N ASP F 219 20.97 -13.30 -49.64
CA ASP F 219 20.41 -12.53 -50.74
C ASP F 219 19.97 -11.14 -50.30
N PHE F 220 20.29 -10.75 -49.07
CA PHE F 220 19.84 -9.46 -48.58
C PHE F 220 20.44 -8.30 -49.36
N ASP F 221 19.62 -7.27 -49.50
CA ASP F 221 20.11 -5.99 -49.94
C ASP F 221 21.12 -5.48 -48.91
N PRO F 222 22.24 -4.90 -49.34
CA PRO F 222 23.25 -4.43 -48.37
C PRO F 222 22.70 -3.43 -47.37
N ALA F 223 21.67 -2.68 -47.74
CA ALA F 223 21.05 -1.78 -46.78
C ALA F 223 20.40 -2.57 -45.64
N VAL F 224 19.68 -3.65 -45.95
CA VAL F 224 19.11 -4.50 -44.90
C VAL F 224 20.23 -5.17 -44.10
N THR F 225 21.26 -5.68 -44.79
CA THR F 225 22.41 -6.25 -44.08
C THR F 225 22.91 -5.27 -43.04
N GLU F 226 23.07 -4.01 -43.44
CA GLU F 226 23.62 -2.98 -42.59
C GLU F 226 22.65 -2.58 -41.48
N TYR F 227 21.35 -2.51 -41.79
CA TYR F 227 20.38 -2.13 -40.76
C TYR F 227 20.28 -3.19 -39.65
N ILE F 228 20.19 -4.47 -40.03
CA ILE F 228 20.12 -5.51 -39.00
C ILE F 228 21.44 -5.58 -38.25
N GLN F 229 22.56 -5.43 -38.98
CA GLN F 229 23.87 -5.34 -38.34
C GLN F 229 23.91 -4.22 -37.31
N ARG F 230 23.30 -3.07 -37.64
CA ARG F 230 23.19 -1.97 -36.69
C ARG F 230 22.26 -2.30 -35.53
N LYS F 231 21.26 -3.19 -35.74
CA LYS F 231 20.39 -3.59 -34.64
C LYS F 231 21.11 -4.52 -33.68
N LYS F 232 22.01 -5.38 -34.18
CA LYS F 232 22.73 -6.31 -33.33
C LYS F 232 23.95 -5.67 -32.66
N PHE F 233 24.60 -4.72 -33.33
CA PHE F 233 25.81 -4.03 -32.84
C PHE F 233 25.56 -2.53 -32.94
N PRO F 234 24.86 -1.96 -31.97
CA PRO F 234 24.38 -0.57 -32.09
C PRO F 234 25.50 0.44 -32.29
N PRO F 235 25.36 1.31 -33.29
CA PRO F 235 26.40 2.33 -33.53
C PRO F 235 26.42 3.43 -32.48
N ASP F 236 25.36 3.58 -31.68
CA ASP F 236 25.34 4.55 -30.60
C ASP F 236 25.53 3.85 -29.25
N ASN F 237 25.92 2.57 -29.26
CA ASN F 237 26.25 1.78 -28.07
C ASN F 237 25.04 1.50 -27.18
N SER F 238 23.84 1.52 -27.75
CA SER F 238 22.67 1.19 -26.95
C SER F 238 22.60 -0.34 -26.79
N ALA F 239 21.62 -0.79 -26.04
CA ALA F 239 21.45 -2.23 -25.91
C ALA F 239 20.93 -2.79 -27.23
N PRO F 240 21.43 -3.95 -27.66
CA PRO F 240 20.93 -4.53 -28.91
C PRO F 240 19.44 -4.85 -28.84
N TYR F 241 18.80 -4.75 -30.00
CA TYR F 241 17.40 -5.17 -30.13
C TYR F 241 17.31 -6.69 -30.05
N GLY F 242 16.14 -7.18 -29.62
CA GLY F 242 15.81 -8.58 -29.73
C GLY F 242 15.23 -8.93 -31.09
N ALA F 243 15.25 -10.22 -31.42
CA ALA F 243 14.71 -10.72 -32.67
C ALA F 243 13.43 -11.51 -32.43
N ARG F 244 12.41 -11.24 -33.25
CA ARG F 244 11.16 -11.98 -33.27
C ARG F 244 10.74 -12.15 -34.71
N TYR F 245 10.48 -13.39 -35.12
CA TYR F 245 9.89 -13.61 -36.43
C TYR F 245 8.99 -14.83 -36.36
N VAL F 246 7.69 -14.58 -36.35
CA VAL F 246 6.69 -15.64 -36.28
C VAL F 246 6.56 -16.36 -37.61
N GLY F 247 6.77 -15.65 -38.71
CA GLY F 247 6.51 -16.20 -40.02
C GLY F 247 5.08 -16.06 -40.45
N SER F 248 4.23 -15.48 -39.62
CA SER F 248 2.86 -15.17 -39.96
C SER F 248 2.71 -13.66 -39.86
N MET F 249 2.38 -13.03 -40.98
CA MET F 249 2.52 -11.59 -41.09
C MET F 249 1.60 -10.86 -40.13
N VAL F 250 0.38 -11.35 -39.95
CA VAL F 250 -0.55 -10.67 -39.06
C VAL F 250 -0.01 -10.66 -37.62
N ALA F 251 0.56 -11.77 -37.16
CA ALA F 251 1.06 -11.80 -35.79
C ALA F 251 2.27 -10.90 -35.64
N ASP F 252 3.20 -10.91 -36.60
CA ASP F 252 4.39 -10.07 -36.49
C ASP F 252 4.03 -8.58 -36.59
N VAL F 253 3.08 -8.23 -37.46
CA VAL F 253 2.67 -6.84 -37.60
C VAL F 253 1.90 -6.38 -36.36
N HIS F 254 1.09 -7.28 -35.77
CA HIS F 254 0.36 -6.95 -34.55
C HIS F 254 1.31 -6.77 -33.36
N ARG F 255 2.34 -7.62 -33.24
CA ARG F 255 3.35 -7.41 -32.21
C ARG F 255 4.07 -6.09 -32.42
N THR F 256 4.34 -5.74 -33.69
CA THR F 256 4.94 -4.47 -33.99
C THR F 256 4.06 -3.33 -33.51
N LEU F 257 2.75 -3.42 -33.75
CA LEU F 257 1.82 -2.39 -33.29
C LEU F 257 1.76 -2.30 -31.77
N VAL F 258 1.78 -3.46 -31.07
CA VAL F 258 1.56 -3.50 -29.62
C VAL F 258 2.84 -3.17 -28.83
N TYR F 259 3.98 -3.72 -29.22
CA TYR F 259 5.20 -3.52 -28.45
C TYR F 259 6.12 -2.49 -29.08
N GLY F 260 5.86 -2.11 -30.32
CA GLY F 260 6.76 -1.26 -31.07
C GLY F 260 7.87 -2.04 -31.71
N GLY F 261 8.62 -1.34 -32.54
CA GLY F 261 9.70 -1.93 -33.28
C GLY F 261 9.49 -1.82 -34.78
N ILE F 262 10.09 -2.74 -35.52
CA ILE F 262 10.11 -2.67 -36.98
C ILE F 262 9.87 -4.06 -37.54
N PHE F 263 9.09 -4.14 -38.62
CA PHE F 263 8.88 -5.37 -39.37
C PHE F 263 9.32 -5.12 -40.81
N LEU F 264 10.11 -6.05 -41.36
CA LEU F 264 10.67 -5.90 -42.70
C LEU F 264 10.36 -7.15 -43.52
N TYR F 265 9.85 -6.93 -44.74
CA TYR F 265 9.88 -7.95 -45.81
C TYR F 265 10.33 -7.23 -47.07
N PRO F 266 11.62 -6.97 -47.20
CA PRO F 266 12.11 -6.02 -48.21
C PRO F 266 12.48 -6.65 -49.55
N ALA F 267 12.71 -5.77 -50.52
CA ALA F 267 13.15 -6.17 -51.84
C ALA F 267 14.63 -6.58 -51.81
N ASN F 268 14.94 -7.60 -52.58
CA ASN F 268 16.31 -8.09 -52.78
C ASN F 268 16.48 -8.36 -54.28
N LYS F 269 17.51 -9.13 -54.64
CA LYS F 269 17.73 -9.41 -56.06
C LYS F 269 16.71 -10.42 -56.59
N LYS F 270 16.44 -11.49 -55.83
CA LYS F 270 15.51 -12.54 -56.25
C LYS F 270 14.04 -12.12 -56.15
N SER F 271 13.73 -11.05 -55.41
CA SER F 271 12.35 -10.54 -55.31
C SER F 271 12.43 -9.03 -55.45
N PRO F 272 12.59 -8.53 -56.68
CA PRO F 272 12.80 -7.09 -56.86
C PRO F 272 11.61 -6.25 -56.46
N ASN F 273 10.41 -6.85 -56.40
CA ASN F 273 9.22 -6.20 -55.88
C ASN F 273 8.76 -6.84 -54.56
N GLY F 274 9.65 -7.50 -53.84
CA GLY F 274 9.21 -8.15 -52.62
C GLY F 274 8.40 -9.41 -52.87
N LYS F 275 7.79 -9.90 -51.78
CA LYS F 275 6.97 -11.10 -51.80
C LYS F 275 5.56 -10.90 -51.28
N LEU F 276 5.34 -9.98 -50.35
CA LEU F 276 4.01 -9.75 -49.84
C LEU F 276 3.16 -9.05 -50.89
N ARG F 277 1.86 -9.30 -50.83
CA ARG F 277 0.91 -8.75 -51.79
C ARG F 277 0.45 -7.36 -51.37
N LEU F 278 0.38 -6.45 -52.35
CA LEU F 278 0.12 -5.06 -52.03
C LEU F 278 -1.33 -4.82 -51.61
N LEU F 279 -2.28 -5.40 -52.33
CA LEU F 279 -3.69 -5.04 -52.14
C LEU F 279 -4.23 -5.57 -50.82
N TYR F 280 -3.94 -6.82 -50.49
CA TYR F 280 -4.59 -7.45 -49.34
C TYR F 280 -3.58 -7.93 -48.30
N GLU F 281 -2.33 -7.48 -48.40
CA GLU F 281 -1.38 -7.68 -47.31
C GLU F 281 -0.71 -6.35 -46.96
N CYS F 282 -0.06 -5.71 -47.92
CA CYS F 282 0.71 -4.50 -47.62
C CYS F 282 -0.20 -3.28 -47.37
N ASN F 283 -1.17 -3.02 -48.25
CA ASN F 283 -1.99 -1.82 -48.08
C ASN F 283 -2.79 -1.79 -46.78
N PRO F 284 -3.51 -2.84 -46.38
CA PRO F 284 -4.21 -2.74 -45.09
C PRO F 284 -3.26 -2.56 -43.92
N MET F 285 -2.13 -3.26 -43.93
CA MET F 285 -1.21 -3.11 -42.80
C MET F 285 -0.60 -1.73 -42.77
N ALA F 286 -0.28 -1.18 -43.94
CA ALA F 286 0.23 0.18 -44.02
C ALA F 286 -0.80 1.16 -43.48
N TYR F 287 -2.07 0.93 -43.81
CA TYR F 287 -3.13 1.80 -43.33
C TYR F 287 -3.22 1.77 -41.82
N VAL F 288 -3.23 0.57 -41.22
CA VAL F 288 -3.30 0.44 -39.77
C VAL F 288 -2.12 1.15 -39.10
N MET F 289 -0.92 0.93 -39.64
CA MET F 289 0.29 1.55 -39.08
C MET F 289 0.20 3.08 -39.09
N GLU F 290 -0.20 3.68 -40.21
CA GLU F 290 -0.19 5.14 -40.27
C GLU F 290 -1.27 5.77 -39.40
N LYS F 291 -2.46 5.15 -39.36
CA LYS F 291 -3.49 5.62 -38.44
C LYS F 291 -3.09 5.43 -36.99
N ALA F 292 -2.12 4.57 -36.71
CA ALA F 292 -1.62 4.45 -35.35
C ALA F 292 -0.38 5.30 -35.12
N GLY F 293 -0.05 6.18 -36.05
CA GLY F 293 1.11 7.04 -35.92
C GLY F 293 2.41 6.39 -36.33
N GLY F 294 2.36 5.23 -36.98
CA GLY F 294 3.54 4.57 -37.51
C GLY F 294 3.70 4.81 -39.00
N MET F 295 4.66 4.11 -39.59
CA MET F 295 5.01 4.31 -40.99
C MET F 295 5.09 2.99 -41.75
N ALA F 296 4.96 3.07 -43.08
CA ALA F 296 5.06 1.89 -43.93
C ALA F 296 5.60 2.31 -45.29
N THR F 297 6.80 1.84 -45.61
CA THR F 297 7.49 2.24 -46.83
C THR F 297 7.92 1.03 -47.62
N THR F 298 8.04 1.20 -48.94
CA THR F 298 8.68 0.20 -49.78
C THR F 298 10.19 0.41 -49.84
N GLY F 299 10.69 1.48 -49.23
CA GLY F 299 12.07 1.88 -49.45
C GLY F 299 12.13 3.08 -50.34
N LYS F 300 11.41 3.04 -51.47
CA LYS F 300 11.37 4.17 -52.40
C LYS F 300 10.21 5.12 -52.12
N GLU F 301 9.09 4.63 -51.59
CA GLU F 301 7.95 5.48 -51.32
C GLU F 301 7.11 4.85 -50.21
N ALA F 302 6.18 5.63 -49.68
CA ALA F 302 5.23 5.12 -48.72
C ALA F 302 4.33 4.08 -49.37
N VAL F 303 4.12 2.96 -48.68
CA VAL F 303 3.33 1.86 -49.24
C VAL F 303 1.98 2.33 -49.73
N LEU F 304 1.31 3.20 -48.97
CA LEU F 304 -0.01 3.63 -49.37
C LEU F 304 -0.01 4.50 -50.63
N ASP F 305 1.14 5.00 -51.08
CA ASP F 305 1.20 5.89 -52.24
C ASP F 305 1.42 5.15 -53.55
N VAL F 306 1.69 3.84 -53.47
CA VAL F 306 1.83 3.02 -54.67
C VAL F 306 0.49 2.91 -55.38
N ILE F 307 0.47 3.24 -56.67
CA ILE F 307 -0.71 3.00 -57.51
C ILE F 307 -0.58 1.61 -58.10
N PRO F 308 -1.47 0.68 -57.77
CA PRO F 308 -1.31 -0.69 -58.27
C PRO F 308 -1.73 -0.78 -59.72
N THR F 309 -1.12 -1.72 -60.41
CA THR F 309 -1.47 -2.06 -61.77
C THR F 309 -1.93 -3.49 -61.91
N ASP F 310 -1.83 -4.29 -60.84
CA ASP F 310 -2.24 -5.68 -60.83
C ASP F 310 -2.78 -6.02 -59.45
N ILE F 311 -3.90 -6.77 -59.39
CA ILE F 311 -4.50 -7.01 -58.07
C ILE F 311 -3.63 -7.92 -57.22
N HIS F 312 -2.81 -8.77 -57.84
CA HIS F 312 -1.95 -9.67 -57.10
C HIS F 312 -0.50 -9.26 -57.15
N GLN F 313 -0.22 -8.00 -57.47
CA GLN F 313 1.16 -7.55 -57.55
C GLN F 313 1.79 -7.52 -56.16
N ARG F 314 3.10 -7.75 -56.13
CA ARG F 314 3.85 -7.80 -54.89
C ARG F 314 4.49 -6.45 -54.61
N ALA F 315 4.80 -6.21 -53.33
CA ALA F 315 5.50 -5.01 -52.89
C ALA F 315 6.36 -5.36 -51.68
N PRO F 316 7.57 -4.82 -51.59
CA PRO F 316 8.31 -4.91 -50.32
C PRO F 316 7.71 -3.95 -49.31
N VAL F 317 7.86 -4.29 -48.04
CA VAL F 317 7.23 -3.51 -46.98
C VAL F 317 8.17 -3.48 -45.77
N ILE F 318 8.31 -2.30 -45.18
CA ILE F 318 9.04 -2.09 -43.94
C ILE F 318 8.19 -1.17 -43.08
N LEU F 319 7.68 -1.67 -41.96
CA LEU F 319 6.75 -0.88 -41.17
C LEU F 319 7.04 -1.07 -39.69
N GLY F 320 6.41 -0.20 -38.89
CA GLY F 320 6.51 -0.20 -37.46
C GLY F 320 6.65 1.18 -36.85
N SER F 321 7.29 1.28 -35.69
CA SER F 321 7.48 2.56 -35.01
C SER F 321 8.21 3.54 -35.92
N PRO F 322 7.85 4.83 -35.90
CA PRO F 322 8.45 5.76 -36.86
C PRO F 322 9.96 5.92 -36.73
N ASP F 323 10.50 5.99 -35.49
CA ASP F 323 11.95 6.17 -35.33
C ASP F 323 12.74 5.03 -35.95
N ASP F 324 12.20 3.81 -35.94
CA ASP F 324 12.90 2.65 -36.49
C ASP F 324 12.82 2.60 -38.01
N VAL F 325 11.68 3.00 -38.59
CA VAL F 325 11.55 3.06 -40.04
C VAL F 325 12.41 4.19 -40.62
N LEU F 326 12.42 5.36 -39.95
CA LEU F 326 13.26 6.47 -40.41
C LEU F 326 14.73 6.09 -40.38
N GLU F 327 15.14 5.35 -39.35
CA GLU F 327 16.51 4.85 -39.31
C GLU F 327 16.77 3.96 -40.50
N PHE F 328 15.80 3.11 -40.86
CA PHE F 328 15.98 2.26 -42.02
C PHE F 328 16.07 3.11 -43.29
N LEU F 329 15.14 4.04 -43.46
CA LEU F 329 15.13 4.88 -44.65
C LEU F 329 16.45 5.66 -44.76
N LYS F 330 16.99 6.12 -43.62
CA LYS F 330 18.28 6.80 -43.64
C LYS F 330 19.39 5.90 -44.16
N VAL F 331 19.37 4.61 -43.78
CA VAL F 331 20.35 3.67 -44.32
C VAL F 331 20.06 3.37 -45.79
N TYR F 332 18.77 3.27 -46.17
CA TYR F 332 18.46 2.95 -47.57
C TYR F 332 18.90 4.06 -48.53
N GLU F 333 18.69 5.32 -48.15
CA GLU F 333 19.11 6.46 -48.97
C GLU F 333 20.62 6.63 -49.01
N LYS F 334 21.33 6.09 -48.02
CA LYS F 334 22.79 6.02 -48.03
C LYS F 334 23.32 5.15 -49.17
N HIS F 335 22.58 4.12 -49.56
CA HIS F 335 23.05 3.18 -50.57
C HIS F 335 22.52 3.51 -51.96
N SER F 336 22.15 4.77 -52.20
CA SER F 336 21.65 5.29 -53.48
C SER F 336 20.23 4.79 -53.80
N ASP G 10 -13.07 -29.82 -2.38
CA ASP G 10 -12.31 -30.29 -3.54
C ASP G 10 -13.20 -30.53 -4.73
N VAL G 11 -12.84 -29.92 -5.87
CA VAL G 11 -13.64 -30.08 -7.06
C VAL G 11 -13.51 -31.51 -7.55
N ASN G 12 -14.59 -32.03 -8.12
CA ASN G 12 -14.62 -33.38 -8.62
C ASN G 12 -15.28 -33.38 -9.98
N THR G 13 -14.78 -34.22 -10.86
CA THR G 13 -15.34 -34.36 -12.18
C THR G 13 -15.90 -35.76 -12.35
N LEU G 14 -16.75 -35.91 -13.36
CA LEU G 14 -17.30 -37.22 -13.67
C LEU G 14 -16.19 -38.23 -13.89
N THR G 15 -15.17 -37.85 -14.69
CA THR G 15 -14.09 -38.77 -14.99
C THR G 15 -13.34 -39.19 -13.73
N ARG G 16 -12.99 -38.21 -12.89
CA ARG G 16 -12.34 -38.53 -11.61
C ARG G 16 -13.27 -39.33 -10.71
N PHE G 17 -14.55 -38.96 -10.66
CA PHE G 17 -15.47 -39.66 -9.78
C PHE G 17 -15.59 -41.13 -10.17
N VAL G 18 -15.77 -41.39 -11.46
CA VAL G 18 -15.91 -42.76 -11.93
C VAL G 18 -14.65 -43.56 -11.64
N MET G 19 -13.48 -42.98 -11.93
CA MET G 19 -12.24 -43.74 -11.80
C MET G 19 -11.97 -44.19 -10.37
N GLU G 20 -12.20 -43.34 -9.36
CA GLU G 20 -11.89 -43.84 -8.02
C GLU G 20 -12.91 -44.88 -7.55
N GLU G 21 -14.17 -44.75 -7.98
CA GLU G 21 -15.12 -45.83 -7.72
C GLU G 21 -14.68 -47.12 -8.40
N GLY G 22 -14.07 -47.01 -9.58
CA GLY G 22 -13.51 -48.18 -10.23
C GLY G 22 -12.28 -48.73 -9.54
N ARG G 23 -11.44 -47.84 -8.96
CA ARG G 23 -10.28 -48.31 -8.20
C ARG G 23 -10.70 -48.97 -6.91
N LYS G 24 -11.61 -48.34 -6.15
CA LYS G 24 -12.08 -49.01 -4.95
C LYS G 24 -12.67 -50.37 -5.28
N ALA G 25 -13.55 -50.45 -6.28
CA ALA G 25 -14.17 -51.72 -6.57
C ALA G 25 -13.18 -52.70 -7.19
N ARG G 26 -12.07 -52.21 -7.74
CA ARG G 26 -11.00 -53.07 -8.28
C ARG G 26 -11.47 -53.96 -9.43
N GLY G 27 -12.35 -53.44 -10.28
CA GLY G 27 -12.81 -54.12 -11.47
C GLY G 27 -11.78 -54.07 -12.58
N THR G 28 -12.17 -54.58 -13.75
CA THR G 28 -11.25 -54.72 -14.88
C THR G 28 -10.97 -53.42 -15.62
N GLY G 29 -11.79 -52.38 -15.41
CA GLY G 29 -11.69 -51.14 -16.17
C GLY G 29 -12.61 -51.04 -17.36
N GLU G 30 -13.30 -52.11 -17.76
CA GLU G 30 -14.22 -52.01 -18.90
C GLU G 30 -15.37 -51.05 -18.59
N LEU G 31 -15.87 -51.05 -17.36
CA LEU G 31 -16.99 -50.18 -17.04
C LEU G 31 -16.57 -48.71 -17.03
N THR G 32 -15.35 -48.43 -16.57
CA THR G 32 -14.84 -47.08 -16.59
C THR G 32 -14.61 -46.57 -18.01
N GLN G 33 -14.07 -47.40 -18.89
CA GLN G 33 -13.95 -46.97 -20.27
C GLN G 33 -15.33 -46.73 -20.89
N LEU G 34 -16.31 -47.57 -20.53
CA LEU G 34 -17.67 -47.41 -21.04
C LEU G 34 -18.28 -46.08 -20.60
N LEU G 35 -18.27 -45.80 -19.29
CA LEU G 35 -18.85 -44.56 -18.79
C LEU G 35 -18.12 -43.34 -19.34
N ASN G 36 -16.80 -43.45 -19.51
CA ASN G 36 -16.04 -42.36 -20.10
C ASN G 36 -16.46 -42.13 -21.54
N SER G 37 -16.72 -43.23 -22.27
CA SER G 37 -17.16 -43.11 -23.65
C SER G 37 -18.55 -42.49 -23.74
N LEU G 38 -19.45 -42.86 -22.82
CA LEU G 38 -20.78 -42.29 -22.85
C LEU G 38 -20.73 -40.79 -22.58
N CYS G 39 -19.87 -40.37 -21.65
CA CYS G 39 -19.66 -38.96 -21.34
C CYS G 39 -19.20 -38.17 -22.56
N THR G 40 -18.29 -38.75 -23.35
CA THR G 40 -17.86 -38.09 -24.57
C THR G 40 -19.03 -37.95 -25.52
N ALA G 41 -19.83 -39.01 -25.69
CA ALA G 41 -21.00 -38.92 -26.56
C ALA G 41 -22.00 -37.87 -26.03
N VAL G 42 -22.18 -37.80 -24.71
CA VAL G 42 -23.14 -36.85 -24.18
C VAL G 42 -22.70 -35.43 -24.51
N LYS G 43 -21.41 -35.14 -24.42
CA LYS G 43 -20.95 -33.80 -24.77
C LYS G 43 -21.14 -33.52 -26.25
N ALA G 44 -20.91 -34.51 -27.10
CA ALA G 44 -21.12 -34.29 -28.52
C ALA G 44 -22.60 -34.11 -28.83
N ILE G 45 -23.47 -34.86 -28.16
CA ILE G 45 -24.90 -34.69 -28.41
C ILE G 45 -25.35 -33.31 -27.94
N SER G 46 -24.91 -32.91 -26.75
CA SER G 46 -25.23 -31.58 -26.22
C SER G 46 -24.83 -30.48 -27.18
N SER G 47 -23.63 -30.60 -27.76
CA SER G 47 -23.15 -29.59 -28.70
C SER G 47 -24.08 -29.46 -29.91
N ALA G 48 -24.51 -30.60 -30.47
CA ALA G 48 -25.40 -30.55 -31.63
C ALA G 48 -26.82 -30.15 -31.21
N VAL G 49 -27.29 -30.61 -30.06
CA VAL G 49 -28.61 -30.19 -29.62
C VAL G 49 -28.66 -28.66 -29.43
N ARG G 50 -27.62 -28.05 -28.86
CA ARG G 50 -27.58 -26.58 -28.71
C ARG G 50 -27.38 -25.86 -30.03
N LYS G 51 -27.29 -26.59 -31.14
CA LYS G 51 -27.28 -26.04 -32.49
C LYS G 51 -25.96 -25.38 -32.84
N ALA G 52 -24.87 -25.83 -32.25
CA ALA G 52 -23.55 -25.36 -32.64
C ALA G 52 -23.29 -25.66 -34.12
N GLY G 53 -22.88 -24.63 -34.87
CA GLY G 53 -22.57 -24.75 -36.28
C GLY G 53 -23.75 -24.74 -37.22
N ILE G 54 -24.95 -24.40 -36.73
CA ILE G 54 -26.12 -24.39 -37.61
C ILE G 54 -25.99 -23.32 -38.70
N ALA G 55 -25.22 -22.25 -38.42
CA ALA G 55 -24.99 -21.23 -39.45
C ALA G 55 -24.47 -21.88 -40.73
N HIS G 56 -23.65 -22.93 -40.61
CA HIS G 56 -23.17 -23.59 -41.81
C HIS G 56 -24.29 -24.36 -42.49
N LEU G 57 -25.28 -24.83 -41.72
CA LEU G 57 -26.42 -25.45 -42.37
C LEU G 57 -27.19 -24.42 -43.18
N TYR G 58 -27.24 -23.18 -42.72
CA TYR G 58 -28.04 -22.14 -43.35
C TYR G 58 -27.22 -21.26 -44.28
N GLY G 59 -26.02 -21.70 -44.66
CA GLY G 59 -25.32 -21.07 -45.75
C GLY G 59 -24.45 -19.89 -45.40
N ILE G 60 -23.90 -19.83 -44.17
CA ILE G 60 -22.98 -18.77 -43.83
C ILE G 60 -21.73 -18.84 -44.72
N ALA G 61 -21.44 -20.02 -45.28
CA ALA G 61 -20.33 -20.23 -46.20
C ALA G 61 -20.79 -20.59 -47.60
N GLY G 62 -22.09 -20.59 -47.85
CA GLY G 62 -22.58 -20.98 -49.17
C GLY G 62 -23.98 -21.51 -49.16
N LYS G 73 -30.09 -35.42 -39.52
CA LYS G 73 -31.11 -35.25 -38.51
C LYS G 73 -30.53 -35.61 -37.15
N LEU G 74 -31.07 -34.95 -36.11
CA LEU G 74 -30.43 -34.89 -34.80
C LEU G 74 -30.48 -36.21 -34.04
N ASP G 75 -31.58 -36.95 -34.15
CA ASP G 75 -31.65 -38.23 -33.44
C ASP G 75 -30.84 -39.32 -34.12
N VAL G 76 -30.69 -39.24 -35.44
CA VAL G 76 -29.79 -40.18 -36.14
C VAL G 76 -28.34 -39.92 -35.74
N LEU G 77 -27.95 -38.64 -35.68
CA LEU G 77 -26.59 -38.28 -35.25
C LEU G 77 -26.33 -38.70 -33.80
N SER G 78 -27.30 -38.47 -32.92
CA SER G 78 -27.13 -38.83 -31.52
C SER G 78 -26.91 -40.33 -31.38
N ASN G 79 -27.71 -41.11 -32.10
CA ASN G 79 -27.56 -42.56 -32.08
C ASN G 79 -26.19 -42.96 -32.61
N ASP G 80 -25.77 -42.40 -33.74
CA ASP G 80 -24.46 -42.74 -34.30
C ASP G 80 -23.32 -42.38 -33.35
N LEU G 81 -23.45 -41.28 -32.59
CA LEU G 81 -22.42 -40.93 -31.61
C LEU G 81 -22.39 -41.93 -30.47
N VAL G 82 -23.55 -42.28 -29.91
CA VAL G 82 -23.55 -43.24 -28.80
C VAL G 82 -23.09 -44.61 -29.31
N MET G 83 -23.60 -45.04 -30.46
CA MET G 83 -23.21 -46.30 -31.06
C MET G 83 -21.70 -46.38 -31.26
N ASN G 84 -21.10 -45.37 -31.87
CA ASN G 84 -19.69 -45.46 -32.21
C ASN G 84 -18.81 -45.32 -30.97
N MET G 85 -19.21 -44.48 -30.01
CA MET G 85 -18.41 -44.37 -28.81
C MET G 85 -18.52 -45.62 -27.94
N LEU G 86 -19.67 -46.29 -27.91
CA LEU G 86 -19.79 -47.52 -27.12
C LEU G 86 -19.02 -48.67 -27.77
N LYS G 87 -19.17 -48.85 -29.08
CA LYS G 87 -18.40 -49.86 -29.82
C LYS G 87 -16.91 -49.68 -29.62
N SER G 88 -16.41 -48.45 -29.70
CA SER G 88 -14.98 -48.13 -29.64
C SER G 88 -14.45 -48.17 -28.21
N SER G 89 -15.29 -48.43 -27.22
CA SER G 89 -14.86 -48.56 -25.84
C SER G 89 -14.26 -49.94 -25.55
N PHE G 90 -14.44 -50.90 -26.45
CA PHE G 90 -14.13 -52.31 -26.18
C PHE G 90 -14.84 -52.81 -24.93
N ALA G 91 -15.94 -52.16 -24.54
CA ALA G 91 -16.60 -52.50 -23.28
C ALA G 91 -17.99 -53.09 -23.46
N THR G 92 -18.51 -53.13 -24.68
CA THR G 92 -19.88 -53.54 -24.90
C THR G 92 -19.93 -54.74 -25.85
N CYS G 93 -21.06 -55.45 -25.86
CA CYS G 93 -21.24 -56.56 -26.81
C CYS G 93 -22.60 -56.49 -27.49
N VAL G 94 -23.58 -56.01 -26.76
CA VAL G 94 -24.94 -55.88 -27.24
C VAL G 94 -25.43 -54.48 -26.91
N LEU G 95 -25.92 -53.76 -27.91
CA LEU G 95 -26.36 -52.39 -27.77
C LEU G 95 -27.81 -52.29 -28.27
N VAL G 96 -28.73 -51.84 -27.43
CA VAL G 96 -30.12 -51.65 -27.81
C VAL G 96 -30.46 -50.16 -27.81
N SER G 97 -30.96 -49.68 -28.94
CA SER G 97 -31.25 -48.27 -29.17
C SER G 97 -32.69 -48.10 -29.63
N GLU G 98 -33.36 -47.06 -29.12
CA GLU G 98 -34.69 -46.71 -29.61
C GLU G 98 -34.72 -46.56 -31.12
N GLU G 99 -33.58 -46.20 -31.74
CA GLU G 99 -33.48 -45.93 -33.17
C GLU G 99 -33.32 -47.16 -34.05
N ASP G 100 -32.96 -48.31 -33.49
CA ASP G 100 -32.65 -49.50 -34.29
C ASP G 100 -33.68 -50.58 -33.96
N LYS G 101 -34.26 -51.20 -34.98
CA LYS G 101 -35.34 -52.16 -34.73
C LYS G 101 -34.83 -53.38 -33.97
N HIS G 102 -33.71 -53.95 -34.41
CA HIS G 102 -33.13 -55.10 -33.74
C HIS G 102 -31.96 -54.63 -32.88
N ALA G 103 -31.59 -55.44 -31.91
CA ALA G 103 -30.42 -55.12 -31.13
C ALA G 103 -29.18 -55.14 -32.01
N ILE G 104 -28.20 -54.34 -31.62
CA ILE G 104 -26.93 -54.25 -32.33
C ILE G 104 -25.92 -55.16 -31.64
N ILE G 105 -25.34 -56.07 -32.40
CA ILE G 105 -24.33 -56.99 -31.88
C ILE G 105 -22.97 -56.45 -32.25
N VAL G 106 -22.16 -56.15 -31.23
CA VAL G 106 -20.83 -55.64 -31.48
C VAL G 106 -19.98 -56.70 -32.18
N GLU G 107 -19.23 -56.25 -33.18
CA GLU G 107 -18.31 -57.10 -33.91
C GLU G 107 -17.24 -57.64 -32.95
N PRO G 108 -16.67 -58.81 -33.26
CA PRO G 108 -15.90 -59.53 -32.22
C PRO G 108 -14.69 -58.82 -31.67
N GLU G 109 -13.92 -58.12 -32.50
CA GLU G 109 -12.68 -57.49 -32.03
C GLU G 109 -12.92 -56.38 -31.02
N LYS G 110 -14.13 -55.83 -30.96
CA LYS G 110 -14.45 -54.73 -30.06
C LYS G 110 -15.29 -55.22 -28.90
N ARG G 111 -15.48 -56.52 -28.77
CA ARG G 111 -16.45 -57.06 -27.83
C ARG G 111 -15.96 -56.95 -26.40
N GLY G 112 -16.84 -56.48 -25.53
CA GLY G 112 -16.63 -56.45 -24.09
C GLY G 112 -17.81 -57.08 -23.41
N LYS G 113 -17.91 -56.98 -22.09
CA LYS G 113 -18.88 -57.79 -21.37
C LYS G 113 -20.16 -57.05 -21.03
N TYR G 114 -20.34 -55.84 -21.52
CA TYR G 114 -21.48 -55.05 -21.08
C TYR G 114 -22.56 -54.96 -22.16
N VAL G 115 -23.80 -54.90 -21.70
CA VAL G 115 -24.99 -54.69 -22.53
C VAL G 115 -25.56 -53.33 -22.17
N VAL G 116 -25.81 -52.51 -23.17
CA VAL G 116 -26.31 -51.15 -22.94
C VAL G 116 -27.60 -50.94 -23.71
N CYS G 117 -28.66 -50.55 -22.99
CA CYS G 117 -29.90 -50.09 -23.58
C CYS G 117 -29.99 -48.59 -23.38
N PHE G 118 -30.32 -47.85 -24.44
CA PHE G 118 -30.33 -46.40 -24.30
C PHE G 118 -31.35 -45.77 -25.23
N ASP G 119 -31.87 -44.61 -24.83
CA ASP G 119 -32.60 -43.76 -25.75
C ASP G 119 -31.70 -42.59 -26.14
N PRO G 120 -31.18 -42.53 -27.36
CA PRO G 120 -30.15 -41.53 -27.67
C PRO G 120 -30.64 -40.09 -27.64
N LEU G 121 -31.92 -39.81 -27.97
CA LEU G 121 -32.43 -38.43 -27.94
C LEU G 121 -33.92 -38.46 -27.58
N ASP G 122 -34.21 -38.67 -26.30
CA ASP G 122 -35.58 -38.78 -25.84
C ASP G 122 -36.26 -37.42 -25.79
N GLY G 123 -37.52 -37.40 -26.21
CA GLY G 123 -38.27 -36.17 -26.34
C GLY G 123 -38.10 -35.48 -27.68
N SER G 124 -37.34 -36.07 -28.60
CA SER G 124 -36.98 -35.43 -29.86
C SER G 124 -38.13 -35.35 -30.86
N SER G 125 -39.25 -36.03 -30.62
CA SER G 125 -40.42 -35.79 -31.46
C SER G 125 -40.91 -34.36 -31.33
N ASN G 126 -40.78 -33.76 -30.14
CA ASN G 126 -41.14 -32.37 -29.86
C ASN G 126 -39.94 -31.41 -29.90
N ILE G 127 -38.82 -31.78 -30.54
CA ILE G 127 -37.66 -30.88 -30.54
C ILE G 127 -37.84 -29.64 -31.40
N ASP G 128 -38.89 -29.60 -32.23
CA ASP G 128 -39.15 -28.39 -33.02
C ASP G 128 -39.52 -27.20 -32.13
N CYS G 129 -40.06 -27.44 -30.94
CA CYS G 129 -40.37 -26.37 -30.00
C CYS G 129 -39.27 -26.14 -28.95
N LEU G 130 -38.10 -26.75 -29.14
CA LEU G 130 -36.95 -26.54 -28.26
C LEU G 130 -37.27 -26.97 -26.83
N VAL G 131 -38.19 -27.92 -26.67
CA VAL G 131 -38.42 -28.53 -25.36
C VAL G 131 -37.15 -29.25 -24.92
N SER G 132 -36.93 -29.30 -23.61
CA SER G 132 -35.84 -30.11 -23.07
C SER G 132 -35.89 -31.51 -23.67
N VAL G 133 -34.71 -32.04 -24.07
CA VAL G 133 -34.59 -33.43 -24.49
C VAL G 133 -33.45 -34.11 -23.72
N GLY G 134 -33.24 -35.38 -24.00
CA GLY G 134 -32.27 -36.08 -23.19
C GLY G 134 -31.87 -37.44 -23.73
N THR G 135 -30.79 -37.96 -23.15
CA THR G 135 -30.27 -39.30 -23.36
C THR G 135 -30.54 -40.11 -22.09
N ILE G 136 -31.11 -41.31 -22.26
CA ILE G 136 -31.34 -42.23 -21.16
C ILE G 136 -30.55 -43.48 -21.47
N PHE G 137 -29.94 -44.09 -20.46
CA PHE G 137 -29.13 -45.27 -20.74
C PHE G 137 -29.19 -46.21 -19.55
N GLY G 138 -29.09 -47.50 -19.84
CA GLY G 138 -28.97 -48.51 -18.80
C GLY G 138 -27.91 -49.49 -19.18
N ILE G 139 -27.09 -49.92 -18.21
CA ILE G 139 -25.94 -50.76 -18.47
C ILE G 139 -26.11 -52.09 -17.72
N TYR G 140 -26.06 -53.21 -18.45
CA TYR G 140 -26.07 -54.55 -17.86
C TYR G 140 -24.78 -55.28 -18.19
N ARG G 141 -24.34 -56.12 -17.26
CA ARG G 141 -23.32 -57.11 -17.59
C ARG G 141 -23.98 -58.25 -18.36
N LYS G 142 -23.39 -58.64 -19.48
CA LYS G 142 -23.90 -59.79 -20.21
C LYS G 142 -24.05 -60.93 -19.22
N LYS G 143 -25.20 -61.61 -19.27
CA LYS G 143 -25.56 -62.53 -18.22
C LYS G 143 -25.36 -63.99 -18.58
N SER G 144 -25.48 -64.34 -19.85
CA SER G 144 -25.36 -65.74 -20.22
C SER G 144 -24.07 -65.92 -21.01
N THR G 145 -23.66 -67.19 -21.12
CA THR G 145 -22.46 -67.57 -21.84
C THR G 145 -22.71 -67.90 -23.30
N ASP G 146 -23.95 -67.87 -23.76
CA ASP G 146 -24.24 -68.05 -25.18
C ASP G 146 -23.63 -66.91 -26.01
N GLU G 147 -23.54 -67.14 -27.30
CA GLU G 147 -23.06 -66.13 -28.23
C GLU G 147 -23.89 -64.85 -28.07
N PRO G 148 -23.31 -63.66 -28.24
CA PRO G 148 -24.09 -62.44 -28.00
C PRO G 148 -25.25 -62.35 -28.97
N SER G 149 -26.42 -61.99 -28.42
CA SER G 149 -27.64 -61.90 -29.17
C SER G 149 -28.56 -60.90 -28.48
N GLU G 150 -29.71 -60.66 -29.12
CA GLU G 150 -30.72 -59.77 -28.58
C GLU G 150 -31.20 -60.19 -27.19
N LYS G 151 -31.26 -61.50 -26.91
CA LYS G 151 -31.72 -61.99 -25.60
C LYS G 151 -30.88 -61.47 -24.45
N ASP G 152 -29.63 -61.11 -24.71
CA ASP G 152 -28.75 -60.65 -23.65
C ASP G 152 -29.19 -59.31 -23.09
N ALA G 153 -30.06 -58.62 -23.80
CA ALA G 153 -30.62 -57.35 -23.35
C ALA G 153 -31.93 -57.51 -22.63
N LEU G 154 -32.50 -58.73 -22.60
CA LEU G 154 -33.78 -58.99 -21.95
C LEU G 154 -33.54 -59.38 -20.49
N GLN G 155 -33.02 -58.43 -19.73
CA GLN G 155 -32.81 -58.66 -18.32
C GLN G 155 -33.69 -57.71 -17.50
N PRO G 156 -34.16 -58.13 -16.33
CA PRO G 156 -34.91 -57.21 -15.47
C PRO G 156 -34.04 -56.07 -14.96
N GLY G 157 -34.69 -54.94 -14.66
CA GLY G 157 -34.01 -53.75 -14.16
C GLY G 157 -33.20 -53.99 -12.90
N ARG G 158 -33.58 -54.99 -12.10
CA ARG G 158 -32.77 -55.38 -10.95
C ARG G 158 -31.32 -55.66 -11.30
N ASN G 159 -31.06 -56.22 -12.48
CA ASN G 159 -29.69 -56.61 -12.85
C ASN G 159 -28.80 -55.43 -13.29
N LEU G 160 -29.29 -54.19 -13.19
CA LEU G 160 -28.54 -53.04 -13.67
C LEU G 160 -27.30 -52.79 -12.78
N VAL G 161 -26.15 -52.61 -13.43
CA VAL G 161 -24.92 -52.20 -12.77
C VAL G 161 -24.83 -50.68 -12.61
N ALA G 162 -25.29 -49.94 -13.60
CA ALA G 162 -25.29 -48.49 -13.60
C ALA G 162 -26.39 -48.04 -14.55
N ALA G 163 -26.94 -46.86 -14.29
CA ALA G 163 -27.98 -46.31 -15.14
C ALA G 163 -28.02 -44.81 -14.94
N GLY G 164 -28.61 -44.11 -15.92
CA GLY G 164 -28.82 -42.69 -15.72
C GLY G 164 -29.25 -41.97 -16.99
N TYR G 165 -29.12 -40.66 -16.94
CA TYR G 165 -29.59 -39.82 -18.03
C TYR G 165 -28.78 -38.53 -18.11
N ALA G 166 -28.69 -38.00 -19.33
CA ALA G 166 -28.24 -36.64 -19.58
C ALA G 166 -29.45 -35.82 -20.02
N LEU G 167 -29.69 -34.72 -19.33
CA LEU G 167 -30.76 -33.79 -19.66
C LEU G 167 -30.15 -32.61 -20.40
N TYR G 168 -30.59 -32.38 -21.62
CA TYR G 168 -30.16 -31.20 -22.36
C TYR G 168 -31.21 -30.11 -22.17
N GLY G 169 -31.20 -29.53 -20.99
CA GLY G 169 -32.20 -28.55 -20.68
C GLY G 169 -31.63 -27.16 -20.80
N SER G 170 -32.06 -26.26 -19.89
CA SER G 170 -31.50 -24.92 -19.86
C SER G 170 -29.99 -24.99 -19.72
N ALA G 171 -29.51 -25.98 -19.00
CA ALA G 171 -28.13 -26.45 -19.01
C ALA G 171 -28.15 -27.95 -19.26
N THR G 172 -26.96 -28.52 -19.43
CA THR G 172 -26.78 -29.95 -19.68
C THR G 172 -26.28 -30.62 -18.41
N MET G 173 -27.03 -31.58 -17.90
CA MET G 173 -26.67 -32.33 -16.70
C MET G 173 -26.60 -33.82 -17.00
N LEU G 174 -25.65 -34.52 -16.37
CA LEU G 174 -25.57 -35.99 -16.43
C LEU G 174 -25.86 -36.52 -15.02
N VAL G 175 -26.94 -37.28 -14.89
CA VAL G 175 -27.32 -37.89 -13.62
C VAL G 175 -26.96 -39.37 -13.73
N LEU G 176 -26.09 -39.84 -12.84
CA LEU G 176 -25.52 -41.20 -12.86
C LEU G 176 -25.88 -41.92 -11.57
N ALA G 177 -26.50 -43.08 -11.71
CA ALA G 177 -26.90 -43.91 -10.59
C ALA G 177 -26.15 -45.23 -10.65
N MET G 178 -25.56 -45.62 -9.52
CA MET G 178 -24.89 -46.91 -9.35
C MET G 178 -25.28 -47.44 -7.97
N ASP G 179 -24.64 -48.52 -7.55
CA ASP G 179 -24.95 -49.06 -6.22
C ASP G 179 -24.61 -48.04 -5.12
N CYS G 180 -23.63 -47.18 -5.35
CA CYS G 180 -23.23 -46.16 -4.38
C CYS G 180 -24.24 -45.02 -4.23
N GLY G 181 -25.25 -44.93 -5.08
CA GLY G 181 -26.23 -43.87 -5.00
C GLY G 181 -26.28 -43.07 -6.28
N VAL G 182 -26.94 -41.92 -6.19
CA VAL G 182 -27.22 -41.06 -7.34
C VAL G 182 -26.32 -39.85 -7.24
N ASN G 183 -25.61 -39.52 -8.33
CA ASN G 183 -24.78 -38.32 -8.33
C ASN G 183 -25.06 -37.49 -9.57
N CYS G 184 -25.16 -36.17 -9.37
CA CYS G 184 -25.55 -35.24 -10.43
C CYS G 184 -24.38 -34.36 -10.82
N PHE G 185 -24.12 -34.28 -12.13
CA PHE G 185 -22.97 -33.58 -12.69
C PHE G 185 -23.40 -32.56 -13.74
N MET G 186 -23.01 -31.30 -13.53
CA MET G 186 -23.32 -30.21 -14.44
C MET G 186 -22.21 -30.10 -15.51
N LEU G 187 -22.60 -30.05 -16.78
CA LEU G 187 -21.64 -29.93 -17.87
C LEU G 187 -21.23 -28.47 -18.04
N ASP G 188 -19.92 -28.18 -17.90
CA ASP G 188 -19.33 -26.88 -18.18
C ASP G 188 -18.95 -26.82 -19.65
N PRO G 189 -19.73 -26.15 -20.48
CA PRO G 189 -19.41 -26.12 -21.92
C PRO G 189 -18.15 -25.36 -22.24
N ALA G 190 -17.69 -24.50 -21.34
CA ALA G 190 -16.46 -23.74 -21.57
C ALA G 190 -15.20 -24.59 -21.49
N ILE G 191 -15.24 -25.72 -20.78
CA ILE G 191 -14.08 -26.59 -20.64
C ILE G 191 -14.41 -28.03 -20.99
N GLY G 192 -15.66 -28.32 -21.35
CA GLY G 192 -16.03 -29.68 -21.70
C GLY G 192 -15.85 -30.65 -20.57
N GLU G 193 -16.15 -30.22 -19.34
CA GLU G 193 -16.01 -31.10 -18.19
C GLU G 193 -17.34 -31.18 -17.46
N PHE G 194 -17.61 -32.35 -16.90
CA PHE G 194 -18.76 -32.62 -16.04
C PHE G 194 -18.38 -32.39 -14.58
N ILE G 195 -19.02 -31.40 -13.96
CA ILE G 195 -18.71 -30.98 -12.61
C ILE G 195 -19.68 -31.61 -11.64
N LEU G 196 -19.14 -32.21 -10.59
CA LEU G 196 -19.95 -32.81 -9.54
C LEU G 196 -20.57 -31.72 -8.67
N VAL G 197 -21.90 -31.60 -8.70
CA VAL G 197 -22.58 -30.52 -8.00
C VAL G 197 -23.60 -31.01 -7.00
N ASP G 198 -24.10 -32.22 -7.16
CA ASP G 198 -25.06 -32.81 -6.22
C ASP G 198 -24.60 -34.24 -5.99
N LYS G 199 -24.10 -34.51 -4.78
CA LYS G 199 -23.58 -35.81 -4.40
C LYS G 199 -24.65 -36.60 -3.68
N ASP G 200 -24.83 -37.87 -4.07
CA ASP G 200 -25.64 -38.84 -3.32
C ASP G 200 -27.09 -38.38 -3.14
N VAL G 201 -27.77 -38.16 -4.26
CA VAL G 201 -29.05 -37.45 -4.24
C VAL G 201 -30.17 -38.33 -3.66
N LYS G 202 -31.04 -37.71 -2.86
CA LYS G 202 -32.20 -38.37 -2.28
C LYS G 202 -33.45 -37.53 -2.52
N ILE G 203 -34.53 -38.19 -2.96
CA ILE G 203 -35.80 -37.57 -3.31
C ILE G 203 -36.62 -37.33 -2.06
N LYS G 204 -37.41 -36.26 -2.05
CA LYS G 204 -38.28 -35.98 -0.91
C LYS G 204 -39.17 -37.18 -0.64
N LYS G 205 -39.46 -37.40 0.64
CA LYS G 205 -40.38 -38.47 1.00
C LYS G 205 -41.75 -38.21 0.36
N LYS G 206 -42.15 -36.95 0.23
CA LYS G 206 -43.43 -36.64 -0.40
C LYS G 206 -43.30 -35.29 -1.12
N GLY G 207 -43.86 -35.21 -2.33
CA GLY G 207 -43.78 -34.01 -3.13
C GLY G 207 -45.11 -33.29 -3.22
N LYS G 208 -45.13 -32.25 -4.07
CA LYS G 208 -46.28 -31.36 -4.23
C LYS G 208 -46.66 -31.14 -5.68
N ILE G 209 -46.16 -31.97 -6.59
CA ILE G 209 -46.42 -31.83 -8.01
C ILE G 209 -46.81 -33.21 -8.52
N TYR G 210 -47.87 -33.28 -9.33
CA TYR G 210 -48.14 -34.49 -10.07
C TYR G 210 -47.94 -34.21 -11.54
N SER G 211 -47.46 -35.23 -12.26
CA SER G 211 -47.05 -35.03 -13.64
C SER G 211 -47.59 -36.18 -14.48
N LEU G 212 -48.55 -35.86 -15.36
CA LEU G 212 -48.97 -36.79 -16.39
C LEU G 212 -49.76 -36.00 -17.41
N ASN G 213 -49.95 -36.63 -18.57
CA ASN G 213 -50.71 -36.09 -19.69
C ASN G 213 -52.20 -36.35 -19.43
N GLU G 214 -52.90 -35.35 -18.86
CA GLU G 214 -54.32 -35.50 -18.58
C GLU G 214 -55.19 -35.47 -19.84
N GLY G 215 -54.60 -35.27 -21.01
CA GLY G 215 -55.39 -35.38 -22.24
C GLY G 215 -55.99 -36.76 -22.44
N TYR G 216 -55.41 -37.77 -21.80
CA TYR G 216 -55.96 -39.11 -21.87
C TYR G 216 -56.95 -39.38 -20.77
N ALA G 217 -57.57 -38.34 -20.22
CA ALA G 217 -58.53 -38.55 -19.14
C ALA G 217 -59.67 -39.46 -19.58
N LYS G 218 -60.04 -39.41 -20.85
CA LYS G 218 -61.11 -40.26 -21.38
C LYS G 218 -60.75 -41.75 -21.30
N ASP G 219 -59.46 -42.10 -21.24
CA ASP G 219 -59.04 -43.49 -21.24
C ASP G 219 -58.43 -43.98 -19.92
N PHE G 220 -58.44 -43.16 -18.87
CA PHE G 220 -57.83 -43.58 -17.61
C PHE G 220 -58.65 -44.69 -16.96
N ASP G 221 -57.96 -45.65 -16.34
CA ASP G 221 -58.63 -46.57 -15.43
C ASP G 221 -59.05 -45.83 -14.16
N PRO G 222 -60.11 -46.29 -13.48
CA PRO G 222 -60.64 -45.52 -12.33
C PRO G 222 -59.60 -45.24 -11.24
N ALA G 223 -58.61 -46.10 -11.06
CA ALA G 223 -57.60 -45.86 -10.03
C ALA G 223 -56.79 -44.59 -10.32
N VAL G 224 -56.34 -44.43 -11.57
CA VAL G 224 -55.66 -43.19 -11.92
C VAL G 224 -56.63 -42.02 -11.82
N THR G 225 -57.86 -42.22 -12.30
CA THR G 225 -58.87 -41.18 -12.16
C THR G 225 -59.03 -40.78 -10.70
N GLU G 226 -59.11 -41.75 -9.80
CA GLU G 226 -59.29 -41.41 -8.40
C GLU G 226 -58.05 -40.71 -7.83
N TYR G 227 -56.86 -41.20 -8.17
CA TYR G 227 -55.67 -40.59 -7.60
C TYR G 227 -55.49 -39.17 -8.07
N ILE G 228 -55.68 -38.92 -9.37
CA ILE G 228 -55.50 -37.57 -9.89
C ILE G 228 -56.54 -36.63 -9.30
N GLN G 229 -57.79 -37.08 -9.19
CA GLN G 229 -58.83 -36.29 -8.55
C GLN G 229 -58.48 -35.93 -7.10
N ARG G 230 -57.86 -36.86 -6.37
CA ARG G 230 -57.49 -36.60 -4.97
C ARG G 230 -56.42 -35.52 -4.85
N LYS G 231 -55.57 -35.36 -5.87
CA LYS G 231 -54.53 -34.34 -5.83
C LYS G 231 -55.12 -32.96 -6.05
N LYS G 232 -56.17 -32.87 -6.85
CA LYS G 232 -56.82 -31.61 -7.16
C LYS G 232 -57.82 -31.18 -6.08
N PHE G 233 -58.48 -32.14 -5.45
CA PHE G 233 -59.47 -31.89 -4.41
C PHE G 233 -59.11 -32.78 -3.23
N PRO G 234 -58.13 -32.38 -2.43
CA PRO G 234 -57.70 -33.22 -1.31
C PRO G 234 -58.84 -33.44 -0.33
N PRO G 235 -59.13 -34.69 0.02
CA PRO G 235 -60.21 -34.95 0.99
C PRO G 235 -59.84 -34.53 2.38
N ASP G 236 -58.55 -34.29 2.65
CA ASP G 236 -58.02 -33.92 3.95
C ASP G 236 -57.79 -32.43 4.09
N ASN G 237 -58.45 -31.61 3.26
CA ASN G 237 -58.37 -30.15 3.32
C ASN G 237 -56.93 -29.64 3.24
N SER G 238 -56.01 -30.43 2.68
CA SER G 238 -54.65 -29.97 2.43
C SER G 238 -54.61 -29.22 1.10
N ALA G 239 -53.44 -28.65 0.77
CA ALA G 239 -53.31 -27.90 -0.46
C ALA G 239 -53.28 -28.83 -1.66
N PRO G 240 -53.98 -28.47 -2.74
CA PRO G 240 -53.92 -29.28 -3.96
C PRO G 240 -52.51 -29.26 -4.53
N TYR G 241 -52.14 -30.36 -5.18
CA TYR G 241 -50.85 -30.39 -5.86
C TYR G 241 -50.85 -29.46 -7.06
N GLY G 242 -49.67 -29.03 -7.46
CA GLY G 242 -49.52 -28.42 -8.76
C GLY G 242 -49.30 -29.45 -9.85
N ALA G 243 -49.63 -29.07 -11.07
CA ALA G 243 -49.48 -29.94 -12.23
C ALA G 243 -48.33 -29.40 -13.07
N ARG G 244 -47.48 -30.32 -13.53
CA ARG G 244 -46.45 -30.01 -14.49
C ARG G 244 -46.33 -31.19 -15.44
N TYR G 245 -46.38 -30.95 -16.74
CA TYR G 245 -46.07 -32.01 -17.71
C TYR G 245 -45.38 -31.39 -18.91
N VAL G 246 -44.07 -31.64 -19.01
CA VAL G 246 -43.28 -31.19 -20.14
C VAL G 246 -43.50 -32.09 -21.37
N GLY G 247 -43.83 -33.36 -21.19
CA GLY G 247 -43.90 -34.18 -22.38
C GLY G 247 -42.57 -34.73 -22.87
N SER G 248 -41.48 -34.48 -22.14
CA SER G 248 -40.19 -35.11 -22.39
C SER G 248 -39.81 -35.80 -21.09
N MET G 249 -39.65 -37.13 -21.14
CA MET G 249 -39.59 -37.91 -19.92
C MET G 249 -38.36 -37.58 -19.09
N VAL G 250 -37.22 -37.33 -19.73
CA VAL G 250 -36.03 -36.94 -18.96
C VAL G 250 -36.30 -35.65 -18.20
N ALA G 251 -36.97 -34.68 -18.84
CA ALA G 251 -37.31 -33.42 -18.18
C ALA G 251 -38.29 -33.63 -17.05
N ASP G 252 -39.34 -34.44 -17.29
CA ASP G 252 -40.35 -34.68 -16.26
C ASP G 252 -39.79 -35.48 -15.09
N VAL G 253 -38.99 -36.50 -15.39
CA VAL G 253 -38.47 -37.33 -14.33
C VAL G 253 -37.44 -36.56 -13.52
N HIS G 254 -36.60 -35.76 -14.19
CA HIS G 254 -35.57 -35.03 -13.47
C HIS G 254 -36.20 -34.01 -12.53
N ARG G 255 -37.27 -33.35 -12.95
CA ARG G 255 -38.00 -32.46 -12.06
C ARG G 255 -38.51 -33.23 -10.84
N THR G 256 -39.04 -34.45 -11.07
CA THR G 256 -39.54 -35.26 -9.95
C THR G 256 -38.41 -35.62 -8.98
N LEU G 257 -37.25 -36.02 -9.52
CA LEU G 257 -36.12 -36.34 -8.66
C LEU G 257 -35.68 -35.13 -7.85
N VAL G 258 -35.63 -33.97 -8.47
CA VAL G 258 -35.10 -32.77 -7.83
C VAL G 258 -36.08 -32.16 -6.86
N TYR G 259 -37.35 -32.09 -7.23
CA TYR G 259 -38.35 -31.38 -6.45
C TYR G 259 -39.28 -32.27 -5.66
N GLY G 260 -39.27 -33.57 -5.90
CA GLY G 260 -40.23 -34.49 -5.33
C GLY G 260 -41.52 -34.55 -6.12
N GLY G 261 -42.34 -35.54 -5.78
CA GLY G 261 -43.59 -35.73 -6.46
C GLY G 261 -43.77 -37.05 -7.19
N ILE G 262 -44.65 -37.06 -8.18
CA ILE G 262 -45.06 -38.28 -8.87
C ILE G 262 -45.16 -37.99 -10.36
N PHE G 263 -44.66 -38.92 -11.16
CA PHE G 263 -44.77 -38.88 -12.61
C PHE G 263 -45.48 -40.15 -13.07
N LEU G 264 -46.50 -39.98 -13.92
CA LEU G 264 -47.32 -41.09 -14.37
C LEU G 264 -47.35 -41.14 -15.88
N TYR G 265 -47.14 -42.33 -16.42
CA TYR G 265 -47.52 -42.61 -17.80
C TYR G 265 -48.24 -43.95 -17.83
N PRO G 266 -49.55 -43.96 -17.55
CA PRO G 266 -50.27 -45.22 -17.42
C PRO G 266 -50.73 -45.71 -18.78
N ALA G 267 -51.32 -46.89 -18.85
CA ALA G 267 -51.86 -47.33 -20.12
C ALA G 267 -53.13 -46.55 -20.45
N ASN G 268 -53.33 -46.32 -21.74
CA ASN G 268 -54.57 -45.73 -22.24
C ASN G 268 -55.09 -46.61 -23.37
N LYS G 269 -56.07 -46.14 -24.15
CA LYS G 269 -56.64 -46.98 -25.20
C LYS G 269 -55.69 -47.13 -26.37
N LYS G 270 -55.01 -46.05 -26.73
CA LYS G 270 -54.05 -46.12 -27.82
C LYS G 270 -52.81 -46.90 -27.40
N SER G 271 -52.61 -47.08 -26.09
CA SER G 271 -51.41 -47.75 -25.56
C SER G 271 -51.79 -48.75 -24.48
N PRO G 272 -52.27 -49.93 -24.86
CA PRO G 272 -52.73 -50.88 -23.82
C PRO G 272 -51.62 -51.43 -22.92
N ASN G 273 -50.37 -51.38 -23.36
CA ASN G 273 -49.25 -51.85 -22.54
C ASN G 273 -48.41 -50.70 -22.01
N GLY G 274 -48.99 -49.50 -21.94
CA GLY G 274 -48.25 -48.29 -21.70
C GLY G 274 -47.58 -47.79 -22.98
N LYS G 275 -46.86 -46.67 -22.85
CA LYS G 275 -46.23 -46.02 -24.00
C LYS G 275 -44.72 -45.90 -23.86
N LEU G 276 -44.22 -45.67 -22.65
CA LEU G 276 -42.79 -45.57 -22.45
C LEU G 276 -42.15 -46.94 -22.63
N ARG G 277 -40.92 -46.95 -23.13
CA ARG G 277 -40.25 -48.22 -23.39
C ARG G 277 -39.59 -48.74 -22.11
N LEU G 278 -39.73 -50.06 -21.86
CA LEU G 278 -39.26 -50.62 -20.59
C LEU G 278 -37.73 -50.69 -20.52
N LEU G 279 -37.08 -51.04 -21.64
CA LEU G 279 -35.65 -51.32 -21.61
C LEU G 279 -34.84 -50.04 -21.47
N TYR G 280 -35.14 -49.01 -22.27
CA TYR G 280 -34.30 -47.82 -22.32
C TYR G 280 -35.05 -46.57 -21.93
N GLU G 281 -36.21 -46.71 -21.31
CA GLU G 281 -36.88 -45.59 -20.67
C GLU G 281 -37.30 -45.91 -19.24
N CYS G 282 -38.09 -46.98 -19.03
CA CYS G 282 -38.61 -47.26 -17.70
C CYS G 282 -37.53 -47.77 -16.75
N ASN G 283 -36.73 -48.72 -17.17
CA ASN G 283 -35.76 -49.29 -16.24
C ASN G 283 -34.73 -48.28 -15.73
N PRO G 284 -34.03 -47.51 -16.58
CA PRO G 284 -33.01 -46.61 -16.03
C PRO G 284 -33.57 -45.59 -15.07
N MET G 285 -34.76 -45.05 -15.36
CA MET G 285 -35.39 -44.09 -14.47
C MET G 285 -35.82 -44.76 -13.17
N ALA G 286 -36.32 -45.99 -13.25
CA ALA G 286 -36.68 -46.71 -12.03
C ALA G 286 -35.45 -46.94 -11.18
N TYR G 287 -34.34 -47.27 -11.84
CA TYR G 287 -33.09 -47.47 -11.14
C TYR G 287 -32.61 -46.19 -10.46
N VAL G 288 -32.62 -45.06 -11.18
CA VAL G 288 -32.20 -43.79 -10.55
C VAL G 288 -33.10 -43.49 -9.35
N MET G 289 -34.41 -43.63 -9.57
CA MET G 289 -35.39 -43.36 -8.52
C MET G 289 -35.15 -44.23 -7.29
N GLU G 290 -34.94 -45.54 -7.47
CA GLU G 290 -34.84 -46.41 -6.30
C GLU G 290 -33.52 -46.20 -5.60
N LYS G 291 -32.44 -45.96 -6.34
CA LYS G 291 -31.17 -45.63 -5.69
C LYS G 291 -31.25 -44.29 -4.97
N ALA G 292 -32.20 -43.44 -5.35
CA ALA G 292 -32.44 -42.17 -4.66
C ALA G 292 -33.54 -42.29 -3.63
N GLY G 293 -33.99 -43.49 -3.32
CA GLY G 293 -35.01 -43.64 -2.30
C GLY G 293 -36.43 -43.42 -2.76
N GLY G 294 -36.67 -43.42 -4.06
CA GLY G 294 -38.01 -43.31 -4.60
C GLY G 294 -38.61 -44.66 -4.92
N MET G 295 -39.74 -44.63 -5.62
CA MET G 295 -40.45 -45.83 -5.99
C MET G 295 -40.78 -45.79 -7.49
N ALA G 296 -40.99 -46.95 -8.06
CA ALA G 296 -41.36 -47.07 -9.47
C ALA G 296 -42.15 -48.35 -9.68
N THR G 297 -43.42 -48.21 -10.07
CA THR G 297 -44.35 -49.32 -10.21
C THR G 297 -44.96 -49.35 -11.60
N THR G 298 -45.35 -50.54 -12.03
CA THR G 298 -46.24 -50.65 -13.18
C THR G 298 -47.70 -50.62 -12.77
N GLY G 299 -47.95 -50.64 -11.46
CA GLY G 299 -49.25 -50.91 -10.88
C GLY G 299 -49.25 -52.31 -10.26
N LYS G 300 -48.84 -53.31 -11.02
CA LYS G 300 -48.88 -54.68 -10.52
C LYS G 300 -47.57 -55.09 -9.87
N GLU G 301 -46.45 -54.49 -10.28
CA GLU G 301 -45.15 -54.83 -9.74
C GLU G 301 -44.22 -53.63 -9.89
N ALA G 302 -43.05 -53.74 -9.26
CA ALA G 302 -42.01 -52.75 -9.46
C ALA G 302 -41.51 -52.85 -10.90
N VAL G 303 -41.27 -51.68 -11.53
CA VAL G 303 -40.71 -51.65 -12.88
C VAL G 303 -39.47 -52.55 -12.95
N LEU G 304 -38.62 -52.49 -11.94
CA LEU G 304 -37.37 -53.22 -11.94
C LEU G 304 -37.54 -54.73 -11.90
N ASP G 305 -38.71 -55.26 -11.52
CA ASP G 305 -38.95 -56.71 -11.47
C ASP G 305 -39.63 -57.26 -12.72
N VAL G 306 -40.05 -56.40 -13.64
CA VAL G 306 -40.62 -56.85 -14.90
C VAL G 306 -39.55 -57.58 -15.71
N ILE G 307 -39.85 -58.79 -16.14
CA ILE G 307 -38.95 -59.58 -16.99
C ILE G 307 -39.34 -59.32 -18.44
N PRO G 308 -38.49 -58.72 -19.26
CA PRO G 308 -38.87 -58.42 -20.64
C PRO G 308 -38.76 -59.63 -21.56
N THR G 309 -39.57 -59.61 -22.61
CA THR G 309 -39.49 -60.59 -23.68
C THR G 309 -39.27 -59.95 -25.04
N ASP G 310 -39.36 -58.62 -25.15
CA ASP G 310 -39.15 -57.88 -26.39
C ASP G 310 -38.40 -56.58 -26.08
N ILE G 311 -37.38 -56.26 -26.89
CA ILE G 311 -36.50 -55.15 -26.52
C ILE G 311 -37.23 -53.80 -26.56
N HIS G 312 -38.24 -53.64 -27.40
CA HIS G 312 -38.93 -52.35 -27.46
C HIS G 312 -40.29 -52.43 -26.81
N GLN G 313 -40.48 -53.42 -25.95
CA GLN G 313 -41.78 -53.54 -25.31
C GLN G 313 -42.03 -52.34 -24.39
N ARG G 314 -43.29 -51.99 -24.25
CA ARG G 314 -43.71 -50.89 -23.40
C ARG G 314 -44.15 -51.38 -22.03
N ALA G 315 -44.14 -50.47 -21.07
CA ALA G 315 -44.57 -50.68 -19.70
C ALA G 315 -45.27 -49.42 -19.23
N PRO G 316 -46.34 -49.54 -18.46
CA PRO G 316 -46.86 -48.39 -17.72
C PRO G 316 -45.99 -48.13 -16.51
N VAL G 317 -45.91 -46.86 -16.11
CA VAL G 317 -44.98 -46.48 -15.06
C VAL G 317 -45.58 -45.38 -14.19
N ILE G 318 -45.34 -45.49 -12.89
CA ILE G 318 -45.65 -44.47 -11.90
C ILE G 318 -44.45 -44.40 -10.96
N LEU G 319 -43.75 -43.27 -10.96
CA LEU G 319 -42.50 -43.14 -10.21
C LEU G 319 -42.46 -41.82 -9.48
N GLY G 320 -41.52 -41.72 -8.52
CA GLY G 320 -41.34 -40.49 -7.76
C GLY G 320 -41.18 -40.64 -6.26
N SER G 321 -41.63 -39.64 -5.49
CA SER G 321 -41.51 -39.68 -4.03
C SER G 321 -42.26 -40.88 -3.46
N PRO G 322 -41.68 -41.56 -2.47
CA PRO G 322 -42.28 -42.82 -1.99
C PRO G 322 -43.67 -42.67 -1.39
N ASP G 323 -43.92 -41.63 -0.60
CA ASP G 323 -45.26 -41.45 -0.07
C ASP G 323 -46.29 -41.23 -1.16
N ASP G 324 -45.90 -40.62 -2.31
CA ASP G 324 -46.86 -40.41 -3.38
C ASP G 324 -47.13 -41.69 -4.16
N VAL G 325 -46.10 -42.49 -4.42
CA VAL G 325 -46.34 -43.75 -5.12
C VAL G 325 -47.12 -44.71 -4.23
N LEU G 326 -46.82 -44.75 -2.93
CA LEU G 326 -47.58 -45.61 -2.02
C LEU G 326 -49.04 -45.21 -1.98
N GLU G 327 -49.33 -43.90 -1.94
CA GLU G 327 -50.72 -43.47 -1.95
C GLU G 327 -51.44 -43.94 -3.20
N PHE G 328 -50.77 -43.89 -4.34
CA PHE G 328 -51.37 -44.41 -5.57
C PHE G 328 -51.67 -45.89 -5.46
N LEU G 329 -50.73 -46.69 -4.92
CA LEU G 329 -50.95 -48.12 -4.79
C LEU G 329 -52.13 -48.40 -3.87
N LYS G 330 -52.30 -47.59 -2.81
CA LYS G 330 -53.46 -47.72 -1.96
C LYS G 330 -54.74 -47.46 -2.74
N VAL G 331 -54.75 -46.46 -3.64
CA VAL G 331 -55.89 -46.30 -4.54
C VAL G 331 -55.94 -47.43 -5.56
N TYR G 332 -54.78 -47.92 -6.00
CA TYR G 332 -54.75 -49.03 -6.93
C TYR G 332 -55.40 -50.26 -6.30
N GLU G 333 -55.13 -50.48 -5.01
CA GLU G 333 -55.69 -51.65 -4.34
C GLU G 333 -57.18 -51.49 -4.06
N LYS G 334 -57.64 -50.26 -3.87
CA LYS G 334 -59.07 -50.03 -3.70
C LYS G 334 -59.85 -50.49 -4.93
N HIS G 335 -59.22 -50.44 -6.11
CA HIS G 335 -59.84 -50.89 -7.36
C HIS G 335 -59.39 -52.29 -7.79
N SER G 336 -58.91 -53.11 -6.85
CA SER G 336 -58.46 -54.49 -7.07
C SER G 336 -57.13 -54.55 -7.81
N ASP H 10 -30.24 -17.08 -49.36
CA ASP H 10 -29.32 -16.13 -48.74
C ASP H 10 -29.37 -16.24 -47.23
N VAL H 11 -28.20 -16.40 -46.60
CA VAL H 11 -28.14 -16.52 -45.15
C VAL H 11 -28.42 -15.16 -44.52
N ASN H 12 -29.11 -15.16 -43.38
CA ASN H 12 -29.43 -13.90 -42.73
C ASN H 12 -29.19 -14.04 -41.24
N THR H 13 -28.73 -12.95 -40.62
CA THR H 13 -28.52 -12.91 -39.19
C THR H 13 -29.44 -11.86 -38.59
N LEU H 14 -29.60 -11.95 -37.27
CA LEU H 14 -30.40 -10.99 -36.54
C LEU H 14 -29.90 -9.57 -36.77
N THR H 15 -28.58 -9.38 -36.69
CA THR H 15 -28.00 -8.04 -36.86
C THR H 15 -28.24 -7.51 -38.26
N ARG H 16 -27.95 -8.31 -39.29
CA ARG H 16 -28.19 -7.87 -40.65
C ARG H 16 -29.68 -7.62 -40.89
N PHE H 17 -30.54 -8.48 -40.32
CA PHE H 17 -31.98 -8.35 -40.48
C PHE H 17 -32.48 -7.05 -39.87
N VAL H 18 -32.06 -6.76 -38.64
CA VAL H 18 -32.51 -5.53 -37.98
C VAL H 18 -32.07 -4.30 -38.77
N MET H 19 -30.82 -4.27 -39.21
CA MET H 19 -30.29 -3.10 -39.92
C MET H 19 -31.03 -2.84 -41.23
N GLU H 20 -31.39 -3.89 -41.96
CA GLU H 20 -32.10 -3.69 -43.23
C GLU H 20 -33.53 -3.21 -43.01
N GLU H 21 -34.19 -3.64 -41.94
CA GLU H 21 -35.50 -3.12 -41.61
C GLU H 21 -35.43 -1.65 -41.23
N GLY H 22 -34.38 -1.26 -40.49
CA GLY H 22 -34.21 0.13 -40.12
C GLY H 22 -33.88 1.02 -41.30
N ARG H 23 -33.13 0.49 -42.27
CA ARG H 23 -32.81 1.24 -43.47
C ARG H 23 -34.03 1.47 -44.35
N LYS H 24 -34.84 0.42 -44.57
CA LYS H 24 -36.07 0.63 -45.34
C LYS H 24 -36.91 1.71 -44.70
N ALA H 25 -37.12 1.65 -43.38
CA ALA H 25 -37.94 2.63 -42.68
C ALA H 25 -37.25 3.98 -42.54
N ARG H 26 -35.93 4.04 -42.70
CA ARG H 26 -35.18 5.29 -42.66
C ARG H 26 -35.38 6.04 -41.34
N GLY H 27 -35.41 5.30 -40.24
CA GLY H 27 -35.47 5.88 -38.91
C GLY H 27 -34.11 6.40 -38.46
N THR H 28 -34.07 6.83 -37.19
CA THR H 28 -32.88 7.43 -36.58
C THR H 28 -31.77 6.43 -36.25
N GLY H 29 -32.04 5.13 -36.27
CA GLY H 29 -31.04 4.14 -35.87
C GLY H 29 -31.04 3.77 -34.41
N GLU H 30 -31.80 4.49 -33.58
CA GLU H 30 -31.88 4.20 -32.15
C GLU H 30 -32.48 2.83 -31.86
N LEU H 31 -33.48 2.41 -32.63
CA LEU H 31 -34.10 1.13 -32.33
C LEU H 31 -33.16 -0.03 -32.64
N THR H 32 -32.39 0.12 -33.71
CA THR H 32 -31.45 -0.92 -34.13
C THR H 32 -30.35 -1.12 -33.08
N GLN H 33 -29.78 -0.04 -32.57
CA GLN H 33 -28.81 -0.19 -31.48
C GLN H 33 -29.45 -0.77 -30.24
N LEU H 34 -30.73 -0.46 -29.99
CA LEU H 34 -31.41 -1.10 -28.86
C LEU H 34 -31.44 -2.60 -29.07
N LEU H 35 -31.92 -3.01 -30.23
CA LEU H 35 -32.06 -4.44 -30.52
C LEU H 35 -30.69 -5.12 -30.52
N ASN H 36 -29.66 -4.43 -31.04
CA ASN H 36 -28.34 -5.05 -31.04
C ASN H 36 -27.82 -5.16 -29.62
N SER H 37 -28.09 -4.16 -28.78
CA SER H 37 -27.69 -4.25 -27.39
C SER H 37 -28.46 -5.34 -26.67
N LEU H 38 -29.78 -5.42 -26.92
CA LEU H 38 -30.63 -6.46 -26.34
C LEU H 38 -30.20 -7.84 -26.76
N CYS H 39 -29.86 -8.01 -28.03
CA CYS H 39 -29.36 -9.30 -28.52
C CYS H 39 -28.06 -9.69 -27.82
N THR H 40 -27.14 -8.75 -27.62
CA THR H 40 -25.89 -9.05 -26.92
C THR H 40 -26.14 -9.52 -25.49
N ALA H 41 -27.05 -8.86 -24.77
CA ALA H 41 -27.35 -9.33 -23.44
C ALA H 41 -27.86 -10.78 -23.47
N VAL H 42 -28.68 -11.11 -24.45
CA VAL H 42 -29.30 -12.43 -24.50
C VAL H 42 -28.27 -13.52 -24.72
N LYS H 43 -27.28 -13.28 -25.58
CA LYS H 43 -26.23 -14.28 -25.74
C LYS H 43 -25.45 -14.45 -24.44
N ALA H 44 -25.21 -13.35 -23.73
CA ALA H 44 -24.52 -13.42 -22.46
C ALA H 44 -25.36 -14.16 -21.43
N ILE H 45 -26.68 -13.96 -21.44
CA ILE H 45 -27.54 -14.70 -20.52
C ILE H 45 -27.51 -16.18 -20.87
N SER H 46 -27.63 -16.48 -22.15
CA SER H 46 -27.59 -17.87 -22.59
C SER H 46 -26.31 -18.55 -22.13
N SER H 47 -25.16 -17.87 -22.26
CA SER H 47 -23.92 -18.48 -21.80
C SER H 47 -23.97 -18.78 -20.30
N ALA H 48 -24.50 -17.85 -19.50
CA ALA H 48 -24.55 -18.07 -18.06
C ALA H 48 -25.60 -19.13 -17.71
N VAL H 49 -26.74 -19.13 -18.39
CA VAL H 49 -27.78 -20.13 -18.16
C VAL H 49 -27.25 -21.54 -18.45
N ARG H 50 -26.49 -21.69 -19.53
CA ARG H 50 -25.92 -23.01 -19.79
C ARG H 50 -24.78 -23.35 -18.84
N LYS H 51 -24.49 -22.50 -17.87
CA LYS H 51 -23.54 -22.78 -16.79
C LYS H 51 -22.07 -22.78 -17.23
N ALA H 52 -21.72 -22.00 -18.24
CA ALA H 52 -20.31 -21.81 -18.59
C ALA H 52 -19.54 -21.22 -17.40
N GLY H 53 -18.40 -21.82 -17.10
CA GLY H 53 -17.62 -21.36 -15.97
C GLY H 53 -18.11 -21.85 -14.63
N ILE H 54 -19.01 -22.84 -14.59
CA ILE H 54 -19.49 -23.38 -13.32
C ILE H 54 -18.35 -24.07 -12.58
N ALA H 55 -17.35 -24.58 -13.31
CA ALA H 55 -16.18 -25.17 -12.66
C ALA H 55 -15.52 -24.21 -11.69
N HIS H 56 -15.50 -22.92 -12.03
CA HIS H 56 -14.85 -21.96 -11.16
C HIS H 56 -15.66 -21.71 -9.89
N LEU H 57 -16.98 -21.90 -9.93
CA LEU H 57 -17.77 -21.84 -8.71
C LEU H 57 -17.48 -23.05 -7.82
N TYR H 58 -17.16 -24.19 -8.41
CA TYR H 58 -16.94 -25.42 -7.65
C TYR H 58 -15.47 -25.69 -7.37
N GLY H 59 -14.62 -24.67 -7.51
CA GLY H 59 -13.29 -24.73 -6.97
C GLY H 59 -12.23 -25.34 -7.85
N ILE H 60 -12.39 -25.24 -9.17
CA ILE H 60 -11.39 -25.76 -10.09
C ILE H 60 -10.06 -25.03 -9.96
N ALA H 61 -10.07 -23.79 -9.47
CA ALA H 61 -8.85 -23.00 -9.27
C ALA H 61 -8.51 -22.75 -7.82
N GLY H 62 -9.28 -23.30 -6.88
CA GLY H 62 -9.02 -23.08 -5.46
C GLY H 62 -10.27 -23.26 -4.64
N LYS H 73 -28.61 -16.28 -8.00
CA LYS H 73 -27.98 -15.11 -8.59
C LYS H 73 -28.30 -14.95 -10.09
N LEU H 74 -28.84 -16.01 -10.68
CA LEU H 74 -28.98 -16.05 -12.14
C LEU H 74 -30.02 -15.03 -12.65
N ASP H 75 -31.13 -14.80 -11.92
CA ASP H 75 -32.08 -13.80 -12.41
C ASP H 75 -31.58 -12.38 -12.15
N VAL H 76 -30.77 -12.19 -11.11
CA VAL H 76 -30.15 -10.89 -10.88
C VAL H 76 -29.10 -10.59 -11.94
N LEU H 77 -28.25 -11.56 -12.28
CA LEU H 77 -27.25 -11.34 -13.31
C LEU H 77 -27.92 -11.03 -14.64
N SER H 78 -29.02 -11.73 -14.95
CA SER H 78 -29.75 -11.51 -16.19
C SER H 78 -30.27 -10.09 -16.27
N ASN H 79 -30.86 -9.62 -15.17
CA ASN H 79 -31.35 -8.25 -15.08
C ASN H 79 -30.22 -7.24 -15.30
N ASP H 80 -29.09 -7.44 -14.62
CA ASP H 80 -27.99 -6.49 -14.71
C ASP H 80 -27.44 -6.43 -16.14
N LEU H 81 -27.40 -7.57 -16.81
CA LEU H 81 -26.94 -7.61 -18.20
C LEU H 81 -27.88 -6.85 -19.13
N VAL H 82 -29.20 -7.04 -18.96
CA VAL H 82 -30.18 -6.32 -19.77
C VAL H 82 -30.14 -4.83 -19.48
N MET H 83 -30.13 -4.46 -18.19
CA MET H 83 -30.09 -3.05 -17.81
C MET H 83 -28.85 -2.38 -18.42
N ASN H 84 -27.70 -2.99 -18.25
CA ASN H 84 -26.46 -2.31 -18.59
C ASN H 84 -26.21 -2.24 -20.09
N MET H 85 -26.64 -3.25 -20.86
CA MET H 85 -26.58 -3.13 -22.32
C MET H 85 -27.66 -2.16 -22.85
N LEU H 86 -28.84 -2.10 -22.21
CA LEU H 86 -29.85 -1.15 -22.68
C LEU H 86 -29.45 0.28 -22.34
N LYS H 87 -29.02 0.52 -21.09
CA LYS H 87 -28.53 1.83 -20.69
C LYS H 87 -27.42 2.31 -21.60
N SER H 88 -26.46 1.43 -21.87
CA SER H 88 -25.31 1.84 -22.66
C SER H 88 -25.60 1.90 -24.16
N SER H 89 -26.83 1.57 -24.59
CA SER H 89 -27.22 1.69 -25.98
C SER H 89 -27.55 3.14 -26.35
N PHE H 90 -27.68 4.03 -25.37
CA PHE H 90 -28.12 5.41 -25.56
C PHE H 90 -29.49 5.48 -26.23
N ALA H 91 -30.30 4.43 -26.17
CA ALA H 91 -31.56 4.44 -26.90
C ALA H 91 -32.78 4.35 -26.01
N THR H 92 -32.61 4.24 -24.70
CA THR H 92 -33.71 4.00 -23.79
C THR H 92 -33.78 5.12 -22.75
N CYS H 93 -34.94 5.29 -22.13
CA CYS H 93 -35.10 6.34 -21.11
C CYS H 93 -35.78 5.83 -19.85
N VAL H 94 -36.65 4.83 -20.01
CA VAL H 94 -37.38 4.21 -18.91
C VAL H 94 -37.26 2.71 -19.06
N LEU H 95 -36.89 2.03 -17.98
CA LEU H 95 -36.73 0.59 -18.00
C LEU H 95 -37.57 -0.02 -16.88
N VAL H 96 -38.47 -0.95 -17.23
CA VAL H 96 -39.28 -1.65 -16.25
C VAL H 96 -38.93 -3.15 -16.32
N SER H 97 -38.58 -3.72 -15.18
CA SER H 97 -38.15 -5.11 -15.12
C SER H 97 -38.93 -5.86 -14.06
N GLU H 98 -39.17 -7.15 -14.31
CA GLU H 98 -39.73 -8.02 -13.29
C GLU H 98 -38.93 -7.96 -12.00
N GLU H 99 -37.62 -7.72 -12.10
CA GLU H 99 -36.72 -7.75 -10.96
C GLU H 99 -36.71 -6.46 -10.15
N ASP H 100 -37.26 -5.37 -10.68
CA ASP H 100 -37.25 -4.08 -10.02
C ASP H 100 -38.68 -3.62 -9.77
N LYS H 101 -38.96 -3.18 -8.55
CA LYS H 101 -40.32 -2.74 -8.23
C LYS H 101 -40.68 -1.45 -8.98
N HIS H 102 -39.77 -0.48 -9.01
CA HIS H 102 -40.02 0.76 -9.71
C HIS H 102 -39.28 0.82 -11.04
N ALA H 103 -39.80 1.65 -11.94
CA ALA H 103 -39.14 1.85 -13.22
C ALA H 103 -37.78 2.52 -13.02
N ILE H 104 -36.85 2.16 -13.89
CA ILE H 104 -35.50 2.70 -13.87
C ILE H 104 -35.44 3.81 -14.90
N ILE H 105 -35.01 5.01 -14.48
CA ILE H 105 -34.86 6.15 -15.39
C ILE H 105 -33.41 6.27 -15.82
N VAL H 106 -33.17 6.12 -17.11
CA VAL H 106 -31.82 6.19 -17.66
C VAL H 106 -31.21 7.56 -17.37
N GLU H 107 -29.91 7.58 -17.09
CA GLU H 107 -29.23 8.83 -16.86
C GLU H 107 -29.38 9.72 -18.10
N PRO H 108 -29.38 11.04 -17.91
CA PRO H 108 -29.70 11.93 -19.03
C PRO H 108 -28.72 11.85 -20.18
N GLU H 109 -27.43 11.74 -19.90
CA GLU H 109 -26.44 11.66 -20.98
C GLU H 109 -26.57 10.37 -21.78
N LYS H 110 -27.25 9.36 -21.26
CA LYS H 110 -27.42 8.09 -21.95
C LYS H 110 -28.84 7.88 -22.47
N ARG H 111 -29.66 8.93 -22.44
CA ARG H 111 -31.08 8.84 -22.76
C ARG H 111 -31.35 8.73 -24.26
N GLY H 112 -32.27 7.84 -24.61
CA GLY H 112 -32.81 7.71 -25.95
C GLY H 112 -34.34 7.74 -25.87
N LYS H 113 -35.03 7.44 -26.96
CA LYS H 113 -36.47 7.69 -27.04
C LYS H 113 -37.35 6.45 -26.79
N TYR H 114 -36.79 5.32 -26.36
CA TYR H 114 -37.56 4.08 -26.25
C TYR H 114 -37.77 3.64 -24.80
N VAL H 115 -38.91 3.00 -24.57
CA VAL H 115 -39.28 2.44 -23.29
C VAL H 115 -39.29 0.93 -23.45
N VAL H 116 -38.62 0.22 -22.54
CA VAL H 116 -38.44 -1.23 -22.62
C VAL H 116 -38.92 -1.86 -21.32
N CYS H 117 -39.86 -2.79 -21.43
CA CYS H 117 -40.29 -3.63 -20.32
C CYS H 117 -39.81 -5.05 -20.56
N PHE H 118 -39.28 -5.69 -19.52
CA PHE H 118 -38.74 -7.03 -19.69
C PHE H 118 -38.82 -7.84 -18.41
N ASP H 119 -38.96 -9.15 -18.60
CA ASP H 119 -38.67 -10.13 -17.57
C ASP H 119 -37.34 -10.77 -17.96
N PRO H 120 -36.24 -10.47 -17.25
CA PRO H 120 -34.92 -10.88 -17.74
C PRO H 120 -34.72 -12.39 -17.76
N LEU H 121 -35.30 -13.14 -16.80
CA LEU H 121 -35.15 -14.60 -16.75
C LEU H 121 -36.44 -15.21 -16.21
N ASP H 122 -37.45 -15.28 -17.07
CA ASP H 122 -38.72 -15.84 -16.64
C ASP H 122 -38.63 -17.35 -16.58
N GLY H 123 -39.29 -17.93 -15.56
CA GLY H 123 -39.28 -19.35 -15.30
C GLY H 123 -38.14 -19.84 -14.43
N SER H 124 -37.30 -18.93 -13.94
CA SER H 124 -36.07 -19.25 -13.20
C SER H 124 -36.32 -19.68 -11.76
N SER H 125 -37.51 -19.46 -11.21
CA SER H 125 -37.81 -19.99 -9.88
C SER H 125 -37.71 -21.51 -9.87
N ASN H 126 -38.05 -22.15 -10.99
CA ASN H 126 -37.93 -23.60 -11.17
C ASN H 126 -36.66 -24.00 -11.90
N ILE H 127 -35.65 -23.12 -11.97
CA ILE H 127 -34.45 -23.45 -12.72
C ILE H 127 -33.56 -24.47 -12.04
N ASP H 128 -33.81 -24.80 -10.77
CA ASP H 128 -33.00 -25.82 -10.12
C ASP H 128 -33.20 -27.17 -10.78
N CYS H 129 -34.34 -27.38 -11.43
CA CYS H 129 -34.63 -28.60 -12.17
C CYS H 129 -34.34 -28.45 -13.65
N LEU H 130 -33.70 -27.35 -14.05
CA LEU H 130 -33.27 -27.10 -15.43
C LEU H 130 -34.44 -27.03 -16.41
N VAL H 131 -35.62 -26.62 -15.93
CA VAL H 131 -36.69 -26.27 -16.86
C VAL H 131 -36.19 -25.16 -17.76
N SER H 132 -36.67 -25.16 -19.01
CA SER H 132 -36.45 -24.04 -19.91
C SER H 132 -36.85 -22.73 -19.23
N VAL H 133 -36.03 -21.71 -19.45
CA VAL H 133 -36.27 -20.35 -19.00
C VAL H 133 -36.16 -19.43 -20.22
N GLY H 134 -36.42 -18.16 -20.02
CA GLY H 134 -36.45 -17.26 -21.16
C GLY H 134 -36.44 -15.81 -20.76
N THR H 135 -36.10 -14.96 -21.75
CA THR H 135 -36.14 -13.52 -21.61
C THR H 135 -37.32 -13.01 -22.41
N ILE H 136 -38.14 -12.15 -21.80
CA ILE H 136 -39.30 -11.55 -22.45
C ILE H 136 -39.11 -10.04 -22.47
N PHE H 137 -39.40 -9.42 -23.61
CA PHE H 137 -39.16 -8.00 -23.66
C PHE H 137 -40.20 -7.37 -24.57
N GLY H 138 -40.60 -6.15 -24.22
CA GLY H 138 -41.46 -5.35 -25.06
C GLY H 138 -40.91 -3.94 -25.15
N ILE H 139 -40.93 -3.40 -26.36
CA ILE H 139 -40.31 -2.11 -26.64
C ILE H 139 -41.40 -1.12 -27.05
N TYR H 140 -41.49 -0.01 -26.32
CA TYR H 140 -42.42 1.05 -26.68
C TYR H 140 -41.64 2.32 -27.01
N ARG H 141 -42.19 3.10 -27.93
CA ARG H 141 -41.71 4.45 -28.18
C ARG H 141 -42.23 5.38 -27.10
N LYS H 142 -41.33 6.11 -26.44
CA LYS H 142 -41.76 7.17 -25.53
C LYS H 142 -42.64 8.16 -26.29
N LYS H 143 -43.72 8.60 -25.65
CA LYS H 143 -44.80 9.32 -26.34
C LYS H 143 -44.84 10.83 -26.09
N SER H 144 -44.36 11.31 -24.95
CA SER H 144 -44.33 12.72 -24.65
C SER H 144 -42.89 13.20 -24.52
N THR H 145 -42.72 14.52 -24.56
CA THR H 145 -41.45 15.17 -24.33
C THR H 145 -41.20 15.49 -22.86
N ASP H 146 -42.12 15.12 -21.96
CA ASP H 146 -41.97 15.32 -20.52
C ASP H 146 -40.77 14.52 -19.98
N GLU H 147 -40.35 14.85 -18.77
CA GLU H 147 -39.30 14.08 -18.11
C GLU H 147 -39.70 12.61 -17.98
N PRO H 148 -38.77 11.68 -18.24
CA PRO H 148 -39.13 10.25 -18.16
C PRO H 148 -39.48 9.83 -16.73
N SER H 149 -40.53 9.02 -16.61
CA SER H 149 -41.06 8.55 -15.34
C SER H 149 -41.70 7.16 -15.54
N GLU H 150 -42.18 6.58 -14.42
CA GLU H 150 -42.93 5.33 -14.52
C GLU H 150 -44.14 5.46 -15.43
N LYS H 151 -44.75 6.64 -15.49
CA LYS H 151 -45.95 6.85 -16.31
C LYS H 151 -45.69 6.57 -17.80
N ASP H 152 -44.45 6.74 -18.25
CA ASP H 152 -44.10 6.54 -19.64
C ASP H 152 -44.20 5.08 -20.09
N ALA H 153 -44.26 4.13 -19.15
CA ALA H 153 -44.39 2.71 -19.46
C ALA H 153 -45.82 2.20 -19.42
N LEU H 154 -46.79 3.03 -19.05
CA LEU H 154 -48.20 2.61 -18.95
C LEU H 154 -48.93 2.88 -20.27
N GLN H 155 -48.54 2.15 -21.25
CA GLN H 155 -49.13 2.14 -22.56
C GLN H 155 -49.81 0.81 -22.80
N PRO H 156 -50.86 0.79 -23.61
CA PRO H 156 -51.42 -0.49 -24.03
C PRO H 156 -50.43 -1.19 -24.95
N GLY H 157 -50.49 -2.52 -24.92
CA GLY H 157 -49.63 -3.31 -25.78
C GLY H 157 -49.78 -2.99 -27.25
N ARG H 158 -50.94 -2.45 -27.65
CA ARG H 158 -51.12 -1.97 -29.02
C ARG H 158 -50.01 -1.03 -29.46
N ASN H 159 -49.43 -0.29 -28.51
CA ASN H 159 -48.39 0.68 -28.81
C ASN H 159 -47.00 0.09 -28.99
N LEU H 160 -46.86 -1.24 -28.96
CA LEU H 160 -45.54 -1.83 -29.03
C LEU H 160 -44.94 -1.56 -30.40
N VAL H 161 -43.66 -1.16 -30.38
CA VAL H 161 -42.89 -1.04 -31.61
C VAL H 161 -42.32 -2.39 -32.02
N ALA H 162 -41.83 -3.15 -31.03
CA ALA H 162 -41.27 -4.49 -31.18
C ALA H 162 -41.42 -5.23 -29.86
N ALA H 163 -41.48 -6.55 -29.95
CA ALA H 163 -41.61 -7.37 -28.76
C ALA H 163 -41.09 -8.75 -29.10
N GLY H 164 -40.80 -9.51 -28.07
CA GLY H 164 -40.36 -10.87 -28.34
C GLY H 164 -39.84 -11.53 -27.09
N TYR H 165 -39.11 -12.61 -27.33
CA TYR H 165 -38.63 -13.40 -26.22
C TYR H 165 -37.41 -14.17 -26.68
N ALA H 166 -36.60 -14.57 -25.71
CA ALA H 166 -35.55 -15.56 -25.91
C ALA H 166 -35.92 -16.82 -25.13
N LEU H 167 -35.86 -17.96 -25.80
CA LEU H 167 -36.07 -19.24 -25.16
C LEU H 167 -34.71 -19.90 -24.97
N TYR H 168 -34.37 -20.13 -23.69
CA TYR H 168 -33.17 -20.88 -23.31
C TYR H 168 -33.64 -22.32 -23.09
N GLY H 169 -33.85 -23.00 -24.23
CA GLY H 169 -34.34 -24.37 -24.26
C GLY H 169 -33.30 -25.40 -24.67
N SER H 170 -33.71 -26.41 -25.43
CA SER H 170 -32.73 -27.34 -25.96
C SER H 170 -31.70 -26.60 -26.79
N ALA H 171 -32.13 -25.57 -27.50
CA ALA H 171 -31.26 -24.57 -28.08
C ALA H 171 -31.77 -23.20 -27.63
N THR H 172 -31.03 -22.15 -27.95
CA THR H 172 -31.46 -20.80 -27.61
C THR H 172 -31.97 -20.13 -28.88
N MET H 173 -33.24 -19.76 -28.86
CA MET H 173 -33.85 -19.13 -30.02
C MET H 173 -34.38 -17.76 -29.64
N LEU H 174 -34.24 -16.82 -30.58
CA LEU H 174 -34.79 -15.47 -30.44
C LEU H 174 -35.95 -15.30 -31.41
N VAL H 175 -37.11 -14.96 -30.87
CA VAL H 175 -38.32 -14.67 -31.63
C VAL H 175 -38.57 -13.16 -31.57
N LEU H 176 -38.59 -12.51 -32.73
CA LEU H 176 -38.73 -11.06 -32.81
C LEU H 176 -40.00 -10.71 -33.59
N ALA H 177 -40.87 -9.93 -32.96
CA ALA H 177 -42.09 -9.46 -33.62
C ALA H 177 -42.03 -7.94 -33.76
N MET H 178 -42.24 -7.46 -34.97
CA MET H 178 -42.33 -6.05 -35.31
C MET H 178 -43.55 -5.87 -36.21
N ASP H 179 -43.75 -4.70 -36.80
CA ASP H 179 -44.88 -4.53 -37.69
C ASP H 179 -44.78 -5.47 -38.90
N CYS H 180 -43.56 -5.75 -39.36
CA CYS H 180 -43.36 -6.61 -40.52
C CYS H 180 -43.65 -8.09 -40.25
N GLY H 181 -43.90 -8.50 -39.00
CA GLY H 181 -44.22 -9.89 -38.70
C GLY H 181 -43.28 -10.51 -37.68
N VAL H 182 -43.34 -11.83 -37.58
CA VAL H 182 -42.60 -12.57 -36.57
C VAL H 182 -41.49 -13.34 -37.25
N ASN H 183 -40.27 -13.22 -36.72
CA ASN H 183 -39.13 -13.95 -37.24
C ASN H 183 -38.36 -14.63 -36.10
N CYS H 184 -37.86 -15.83 -36.37
CA CYS H 184 -37.21 -16.67 -35.38
C CYS H 184 -35.72 -16.86 -35.70
N PHE H 185 -34.88 -16.63 -34.70
CA PHE H 185 -33.44 -16.69 -34.88
C PHE H 185 -32.86 -17.70 -33.91
N MET H 186 -32.15 -18.69 -34.45
CA MET H 186 -31.45 -19.70 -33.65
C MET H 186 -30.02 -19.27 -33.37
N LEU H 187 -29.64 -19.26 -32.09
CA LEU H 187 -28.29 -18.87 -31.68
C LEU H 187 -27.33 -20.02 -31.94
N ASP H 188 -26.37 -19.77 -32.80
CA ASP H 188 -25.26 -20.68 -33.02
C ASP H 188 -24.17 -20.35 -32.01
N PRO H 189 -24.08 -21.09 -30.90
CA PRO H 189 -23.12 -20.72 -29.86
C PRO H 189 -21.67 -20.84 -30.29
N ALA H 190 -21.39 -21.56 -31.38
CA ALA H 190 -20.04 -21.65 -31.91
C ALA H 190 -19.54 -20.33 -32.51
N ILE H 191 -20.44 -19.43 -32.90
CA ILE H 191 -20.06 -18.14 -33.47
C ILE H 191 -20.78 -16.95 -32.83
N GLY H 192 -21.68 -17.19 -31.87
CA GLY H 192 -22.35 -16.09 -31.21
C GLY H 192 -23.15 -15.23 -32.16
N GLU H 193 -23.77 -15.85 -33.15
CA GLU H 193 -24.64 -15.16 -34.08
C GLU H 193 -26.01 -15.79 -34.04
N PHE H 194 -27.03 -14.95 -34.16
CA PHE H 194 -28.40 -15.42 -34.31
C PHE H 194 -28.70 -15.60 -35.79
N ILE H 195 -29.01 -16.83 -36.19
CA ILE H 195 -29.25 -17.18 -37.58
C ILE H 195 -30.75 -17.16 -37.81
N LEU H 196 -31.19 -16.49 -38.88
CA LEU H 196 -32.61 -16.49 -39.24
C LEU H 196 -32.99 -17.84 -39.84
N VAL H 197 -33.89 -18.56 -39.17
CA VAL H 197 -34.25 -19.91 -39.59
C VAL H 197 -35.73 -20.05 -39.90
N ASP H 198 -36.58 -19.18 -39.38
CA ASP H 198 -38.04 -19.23 -39.60
C ASP H 198 -38.48 -17.82 -39.95
N LYS H 199 -38.84 -17.59 -41.20
CA LYS H 199 -39.24 -16.26 -41.68
C LYS H 199 -40.76 -16.12 -41.63
N ASP H 200 -41.25 -15.00 -41.08
CA ASP H 200 -42.66 -14.61 -41.22
C ASP H 200 -43.61 -15.72 -40.74
N VAL H 201 -43.40 -16.17 -39.52
CA VAL H 201 -44.07 -17.38 -39.04
C VAL H 201 -45.52 -17.08 -38.69
N LYS H 202 -46.40 -18.05 -38.93
CA LYS H 202 -47.82 -17.93 -38.63
C LYS H 202 -48.26 -19.10 -37.78
N ILE H 203 -49.12 -18.84 -36.80
CA ILE H 203 -49.60 -19.90 -35.93
C ILE H 203 -50.71 -20.66 -36.63
N LYS H 204 -50.81 -21.96 -36.36
CA LYS H 204 -51.89 -22.78 -36.92
C LYS H 204 -53.24 -22.16 -36.59
N LYS H 205 -54.17 -22.27 -37.53
CA LYS H 205 -55.53 -21.78 -37.29
C LYS H 205 -56.19 -22.53 -36.13
N LYS H 206 -55.89 -23.81 -35.99
CA LYS H 206 -56.44 -24.59 -34.87
C LYS H 206 -55.42 -25.66 -34.46
N GLY H 207 -55.16 -25.77 -33.17
CA GLY H 207 -54.22 -26.74 -32.64
C GLY H 207 -54.88 -27.90 -31.93
N LYS H 208 -54.04 -28.74 -31.30
CA LYS H 208 -54.48 -29.96 -30.61
C LYS H 208 -53.83 -30.10 -29.23
N ILE H 209 -53.34 -29.00 -28.65
CA ILE H 209 -52.70 -29.00 -27.34
C ILE H 209 -53.27 -27.86 -26.52
N TYR H 210 -53.64 -28.16 -25.27
CA TYR H 210 -54.00 -27.13 -24.31
C TYR H 210 -52.96 -27.15 -23.20
N SER H 211 -52.68 -25.97 -22.66
CA SER H 211 -51.57 -25.73 -21.74
C SER H 211 -52.10 -24.88 -20.58
N LEU H 212 -52.14 -25.45 -19.38
CA LEU H 212 -52.48 -24.67 -18.19
C LEU H 212 -52.14 -25.49 -16.96
N ASN H 213 -52.15 -24.83 -15.82
CA ASN H 213 -51.90 -25.51 -14.55
C ASN H 213 -53.19 -26.10 -14.01
N GLU H 214 -53.48 -27.35 -14.38
CA GLU H 214 -54.70 -28.00 -13.90
C GLU H 214 -54.68 -28.35 -12.42
N GLY H 215 -53.55 -28.19 -11.73
CA GLY H 215 -53.55 -28.51 -10.32
C GLY H 215 -54.46 -27.63 -9.50
N TYR H 216 -54.70 -26.41 -9.95
CA TYR H 216 -55.59 -25.51 -9.24
C TYR H 216 -57.01 -25.56 -9.78
N ALA H 217 -57.41 -26.74 -10.28
CA ALA H 217 -58.75 -26.92 -10.83
C ALA H 217 -59.83 -26.65 -9.79
N LYS H 218 -59.54 -26.92 -8.52
CA LYS H 218 -60.50 -26.66 -7.46
C LYS H 218 -60.87 -25.19 -7.40
N ASP H 219 -60.02 -24.31 -7.94
CA ASP H 219 -60.26 -22.87 -7.96
C ASP H 219 -60.48 -22.32 -9.35
N PHE H 220 -60.68 -23.17 -10.37
CA PHE H 220 -60.95 -22.68 -11.71
C PHE H 220 -62.26 -21.90 -11.75
N ASP H 221 -62.29 -20.86 -12.55
CA ASP H 221 -63.55 -20.22 -12.89
C ASP H 221 -64.38 -21.24 -13.67
N PRO H 222 -65.71 -21.28 -13.47
CA PRO H 222 -66.52 -22.32 -14.11
C PRO H 222 -66.39 -22.36 -15.62
N ALA H 223 -66.13 -21.22 -16.25
CA ALA H 223 -65.85 -21.23 -17.68
C ALA H 223 -64.58 -22.01 -17.96
N VAL H 224 -63.56 -21.82 -17.13
CA VAL H 224 -62.31 -22.57 -17.30
C VAL H 224 -62.57 -24.06 -17.12
N THR H 225 -63.31 -24.43 -16.07
CA THR H 225 -63.66 -25.83 -15.86
C THR H 225 -64.34 -26.43 -17.08
N GLU H 226 -65.32 -25.69 -17.63
CA GLU H 226 -66.09 -26.24 -18.74
C GLU H 226 -65.27 -26.29 -20.03
N TYR H 227 -64.45 -25.27 -20.30
CA TYR H 227 -63.68 -25.31 -21.54
C TYR H 227 -62.72 -26.49 -21.57
N ILE H 228 -61.94 -26.67 -20.50
CA ILE H 228 -60.95 -27.76 -20.44
C ILE H 228 -61.64 -29.11 -20.45
N GLN H 229 -62.82 -29.22 -19.82
CA GLN H 229 -63.59 -30.45 -19.88
C GLN H 229 -63.89 -30.86 -21.33
N ARG H 230 -64.19 -29.89 -22.20
CA ARG H 230 -64.44 -30.18 -23.62
C ARG H 230 -63.21 -30.62 -24.38
N LYS H 231 -61.99 -30.22 -23.95
CA LYS H 231 -60.80 -30.70 -24.66
C LYS H 231 -60.49 -32.15 -24.34
N LYS H 232 -60.76 -32.61 -23.12
CA LYS H 232 -60.53 -34.01 -22.79
C LYS H 232 -61.71 -34.87 -23.24
N PHE H 233 -62.92 -34.31 -23.22
CA PHE H 233 -64.14 -35.04 -23.55
C PHE H 233 -64.92 -34.31 -24.63
N PRO H 234 -64.46 -34.38 -25.86
CA PRO H 234 -65.11 -33.68 -26.95
C PRO H 234 -66.53 -34.18 -27.14
N PRO H 235 -67.49 -33.25 -27.25
CA PRO H 235 -68.89 -33.65 -27.42
C PRO H 235 -69.19 -34.28 -28.77
N ASP H 236 -68.29 -34.17 -29.74
CA ASP H 236 -68.47 -34.79 -31.04
C ASP H 236 -67.62 -36.09 -31.09
N ASN H 237 -67.25 -36.53 -32.28
CA ASN H 237 -66.43 -37.75 -32.39
C ASN H 237 -64.96 -37.44 -32.64
N SER H 238 -64.53 -36.23 -32.32
CA SER H 238 -63.14 -35.84 -32.52
C SER H 238 -62.23 -36.30 -31.39
N ALA H 239 -60.94 -36.19 -31.64
CA ALA H 239 -59.91 -36.60 -30.71
C ALA H 239 -59.75 -35.59 -29.57
N PRO H 240 -59.61 -36.06 -28.33
CA PRO H 240 -59.32 -35.15 -27.21
C PRO H 240 -57.97 -34.46 -27.39
N TYR H 241 -57.87 -33.22 -26.92
CA TYR H 241 -56.57 -32.54 -27.00
C TYR H 241 -55.56 -33.17 -26.03
N GLY H 242 -54.29 -33.04 -26.37
CA GLY H 242 -53.26 -33.36 -25.41
C GLY H 242 -52.97 -32.21 -24.47
N ALA H 243 -52.39 -32.55 -23.32
CA ALA H 243 -51.96 -31.55 -22.35
C ALA H 243 -50.44 -31.48 -22.34
N ARG H 244 -49.93 -30.26 -22.28
CA ARG H 244 -48.53 -29.92 -22.02
C ARG H 244 -48.54 -28.69 -21.14
N TYR H 245 -47.82 -28.74 -20.02
CA TYR H 245 -47.65 -27.53 -19.21
C TYR H 245 -46.27 -27.55 -18.57
N VAL H 246 -45.34 -26.78 -19.14
CA VAL H 246 -43.98 -26.67 -18.66
C VAL H 246 -43.90 -25.84 -17.38
N GLY H 247 -44.78 -24.86 -17.21
CA GLY H 247 -44.64 -24.00 -16.06
C GLY H 247 -43.66 -22.86 -16.25
N SER H 248 -43.03 -22.76 -17.42
CA SER H 248 -42.22 -21.62 -17.79
C SER H 248 -42.91 -20.99 -18.97
N MET H 249 -43.33 -19.74 -18.81
CA MET H 249 -44.26 -19.16 -19.77
C MET H 249 -43.66 -19.12 -21.16
N VAL H 250 -42.38 -18.80 -21.28
CA VAL H 250 -41.78 -18.68 -22.59
C VAL H 250 -41.83 -20.00 -23.34
N ALA H 251 -41.54 -21.12 -22.65
CA ALA H 251 -41.56 -22.42 -23.31
C ALA H 251 -42.98 -22.83 -23.70
N ASP H 252 -43.94 -22.66 -22.81
CA ASP H 252 -45.30 -23.04 -23.16
C ASP H 252 -45.84 -22.18 -24.31
N VAL H 253 -45.54 -20.87 -24.31
CA VAL H 253 -46.06 -19.98 -25.35
C VAL H 253 -45.35 -20.23 -26.67
N HIS H 254 -44.05 -20.50 -26.64
CA HIS H 254 -43.33 -20.81 -27.87
C HIS H 254 -43.81 -22.12 -28.50
N ARG H 255 -44.09 -23.13 -27.67
CA ARG H 255 -44.65 -24.38 -28.21
C ARG H 255 -45.99 -24.13 -28.88
N THR H 256 -46.82 -23.28 -28.28
CA THR H 256 -48.10 -22.95 -28.90
C THR H 256 -47.89 -22.27 -30.26
N LEU H 257 -46.90 -21.40 -30.37
CA LEU H 257 -46.62 -20.78 -31.66
C LEU H 257 -46.22 -21.83 -32.69
N VAL H 258 -45.38 -22.78 -32.30
CA VAL H 258 -44.82 -23.75 -33.26
C VAL H 258 -45.84 -24.83 -33.57
N TYR H 259 -46.59 -25.30 -32.57
CA TYR H 259 -47.49 -26.44 -32.74
C TYR H 259 -48.96 -26.04 -32.83
N GLY H 260 -49.31 -24.82 -32.43
CA GLY H 260 -50.70 -24.43 -32.35
C GLY H 260 -51.29 -24.91 -31.05
N GLY H 261 -52.52 -24.46 -30.79
CA GLY H 261 -53.15 -24.80 -29.55
C GLY H 261 -53.47 -23.56 -28.73
N ILE H 262 -53.57 -23.73 -27.41
CA ILE H 262 -54.06 -22.67 -26.55
C ILE H 262 -53.29 -22.69 -25.22
N PHE H 263 -52.92 -21.50 -24.73
CA PHE H 263 -52.24 -21.36 -23.46
C PHE H 263 -53.14 -20.54 -22.57
N LEU H 264 -53.39 -21.01 -21.34
CA LEU H 264 -54.26 -20.31 -20.41
C LEU H 264 -53.54 -20.14 -19.08
N TYR H 265 -53.50 -18.91 -18.58
CA TYR H 265 -53.20 -18.61 -17.19
C TYR H 265 -54.31 -17.65 -16.81
N PRO H 266 -55.48 -18.19 -16.52
CA PRO H 266 -56.71 -17.39 -16.51
C PRO H 266 -57.04 -16.79 -15.15
N ALA H 267 -58.06 -15.95 -15.16
CA ALA H 267 -58.61 -15.38 -13.95
C ALA H 267 -59.52 -16.40 -13.27
N ASN H 268 -59.51 -16.38 -11.92
CA ASN H 268 -60.47 -17.10 -11.09
C ASN H 268 -60.96 -16.14 -10.01
N LYS H 269 -61.61 -16.63 -8.96
CA LYS H 269 -62.02 -15.71 -7.92
C LYS H 269 -60.85 -15.30 -7.04
N LYS H 270 -59.94 -16.22 -6.72
CA LYS H 270 -58.84 -15.85 -5.83
C LYS H 270 -57.85 -14.89 -6.47
N SER H 271 -57.78 -14.84 -7.79
CA SER H 271 -56.91 -13.91 -8.49
C SER H 271 -57.70 -13.32 -9.65
N PRO H 272 -58.59 -12.36 -9.36
CA PRO H 272 -59.52 -11.87 -10.39
C PRO H 272 -58.86 -11.20 -11.56
N ASN H 273 -57.57 -10.85 -11.46
CA ASN H 273 -56.86 -10.29 -12.60
C ASN H 273 -55.73 -11.18 -13.09
N GLY H 274 -55.78 -12.48 -12.81
CA GLY H 274 -54.68 -13.33 -13.22
C GLY H 274 -53.45 -13.20 -12.32
N LYS H 275 -52.39 -13.85 -12.79
CA LYS H 275 -51.12 -13.91 -12.09
C LYS H 275 -49.97 -13.37 -12.91
N LEU H 276 -50.00 -13.56 -14.23
CA LEU H 276 -48.94 -13.09 -15.10
C LEU H 276 -48.97 -11.57 -15.17
N ARG H 277 -47.78 -11.00 -15.34
CA ARG H 277 -47.59 -9.56 -15.36
C ARG H 277 -47.85 -9.00 -16.76
N LEU H 278 -48.56 -7.88 -16.84
CA LEU H 278 -49.06 -7.41 -18.14
C LEU H 278 -47.96 -6.81 -19.01
N LEU H 279 -47.11 -5.96 -18.42
CA LEU H 279 -46.18 -5.17 -19.23
C LEU H 279 -45.08 -6.04 -19.81
N TYR H 280 -44.55 -6.98 -19.04
CA TYR H 280 -43.39 -7.71 -19.49
C TYR H 280 -43.63 -9.22 -19.58
N GLU H 281 -44.89 -9.66 -19.51
CA GLU H 281 -45.17 -11.05 -19.88
C GLU H 281 -46.34 -11.12 -20.87
N CYS H 282 -47.50 -10.60 -20.49
CA CYS H 282 -48.69 -10.78 -21.31
C CYS H 282 -48.60 -10.00 -22.61
N ASN H 283 -48.26 -8.70 -22.52
CA ASN H 283 -48.20 -7.86 -23.72
C ASN H 283 -47.21 -8.36 -24.78
N PRO H 284 -45.93 -8.63 -24.49
CA PRO H 284 -45.05 -9.08 -25.57
C PRO H 284 -45.53 -10.39 -26.19
N MET H 285 -46.03 -11.31 -25.35
CA MET H 285 -46.54 -12.56 -25.89
C MET H 285 -47.81 -12.31 -26.68
N ALA H 286 -48.69 -11.42 -26.19
CA ALA H 286 -49.88 -11.07 -26.95
C ALA H 286 -49.51 -10.47 -28.30
N TYR H 287 -48.47 -9.63 -28.32
CA TYR H 287 -48.01 -8.98 -29.54
C TYR H 287 -47.49 -10.00 -30.55
N VAL H 288 -46.58 -10.88 -30.11
CA VAL H 288 -46.05 -11.93 -30.96
C VAL H 288 -47.18 -12.78 -31.49
N MET H 289 -48.08 -13.18 -30.59
CA MET H 289 -49.22 -13.99 -30.97
C MET H 289 -50.04 -13.31 -32.06
N GLU H 290 -50.31 -12.01 -31.90
CA GLU H 290 -51.13 -11.35 -32.89
C GLU H 290 -50.38 -11.12 -34.19
N LYS H 291 -49.09 -10.82 -34.12
CA LYS H 291 -48.32 -10.71 -35.36
C LYS H 291 -48.21 -12.03 -36.11
N ALA H 292 -48.43 -13.18 -35.45
CA ALA H 292 -48.41 -14.48 -36.11
C ALA H 292 -49.80 -14.99 -36.46
N GLY H 293 -50.83 -14.14 -36.38
CA GLY H 293 -52.17 -14.58 -36.71
C GLY H 293 -52.86 -15.32 -35.58
N GLY H 294 -52.35 -15.23 -34.36
CA GLY H 294 -53.01 -15.82 -33.21
C GLY H 294 -53.82 -14.79 -32.45
N MET H 295 -54.31 -15.20 -31.29
CA MET H 295 -55.14 -14.33 -30.47
C MET H 295 -54.63 -14.30 -29.05
N ALA H 296 -55.01 -13.24 -28.32
CA ALA H 296 -54.64 -13.12 -26.91
C ALA H 296 -55.69 -12.30 -26.18
N THR H 297 -56.41 -12.93 -25.25
CA THR H 297 -57.51 -12.28 -24.55
C THR H 297 -57.38 -12.51 -23.05
N THR H 298 -57.97 -11.59 -22.29
CA THR H 298 -58.17 -11.79 -20.86
C THR H 298 -59.49 -12.47 -20.57
N GLY H 299 -60.33 -12.70 -21.57
CA GLY H 299 -61.68 -13.12 -21.28
C GLY H 299 -62.64 -11.98 -21.49
N LYS H 300 -62.29 -10.82 -20.95
CA LYS H 300 -63.11 -9.63 -21.07
C LYS H 300 -62.71 -8.75 -22.25
N GLU H 301 -61.43 -8.70 -22.60
CA GLU H 301 -60.99 -7.83 -23.70
C GLU H 301 -59.69 -8.38 -24.26
N ALA H 302 -59.28 -7.85 -25.41
CA ALA H 302 -57.98 -8.20 -25.95
C ALA H 302 -56.89 -7.65 -25.03
N VAL H 303 -55.92 -8.51 -24.71
CA VAL H 303 -54.83 -8.17 -23.81
C VAL H 303 -54.12 -6.91 -24.29
N LEU H 304 -53.89 -6.80 -25.58
CA LEU H 304 -53.23 -5.60 -26.09
C LEU H 304 -54.07 -4.33 -25.92
N ASP H 305 -55.38 -4.46 -25.60
CA ASP H 305 -56.23 -3.29 -25.42
C ASP H 305 -56.33 -2.86 -23.96
N VAL H 306 -55.77 -3.63 -23.03
CA VAL H 306 -55.74 -3.19 -21.64
C VAL H 306 -54.91 -1.91 -21.51
N ILE H 307 -55.49 -0.90 -20.90
CA ILE H 307 -54.75 0.30 -20.51
C ILE H 307 -54.20 0.04 -19.10
N PRO H 308 -52.89 -0.04 -18.92
CA PRO H 308 -52.37 -0.30 -17.59
C PRO H 308 -52.38 0.95 -16.73
N THR H 309 -52.52 0.73 -15.42
CA THR H 309 -52.41 1.77 -14.40
C THR H 309 -51.30 1.53 -13.40
N ASP H 310 -50.68 0.35 -13.42
CA ASP H 310 -49.60 -0.02 -12.53
C ASP H 310 -48.64 -0.88 -13.34
N ILE H 311 -47.34 -0.58 -13.25
CA ILE H 311 -46.35 -1.24 -14.10
C ILE H 311 -46.24 -2.72 -13.79
N HIS H 312 -46.59 -3.14 -12.57
CA HIS H 312 -46.54 -4.56 -12.21
C HIS H 312 -47.92 -5.18 -12.09
N GLN H 313 -48.95 -4.54 -12.63
CA GLN H 313 -50.29 -5.10 -12.53
C GLN H 313 -50.43 -6.39 -13.33
N ARG H 314 -51.28 -7.28 -12.83
CA ARG H 314 -51.46 -8.57 -13.46
C ARG H 314 -52.66 -8.51 -14.40
N ALA H 315 -52.69 -9.45 -15.34
CA ALA H 315 -53.74 -9.63 -16.32
C ALA H 315 -53.89 -11.13 -16.54
N PRO H 316 -55.11 -11.63 -16.64
CA PRO H 316 -55.29 -13.00 -17.11
C PRO H 316 -55.02 -13.06 -18.60
N VAL H 317 -54.62 -14.24 -19.05
CA VAL H 317 -54.21 -14.39 -20.45
C VAL H 317 -54.71 -15.74 -20.95
N ILE H 318 -55.28 -15.73 -22.15
CA ILE H 318 -55.59 -16.93 -22.91
C ILE H 318 -55.15 -16.61 -24.32
N LEU H 319 -54.13 -17.29 -24.81
CA LEU H 319 -53.56 -16.98 -26.11
C LEU H 319 -53.36 -18.28 -26.86
N GLY H 320 -53.11 -18.14 -28.14
CA GLY H 320 -52.85 -19.27 -28.99
C GLY H 320 -53.59 -19.21 -30.31
N SER H 321 -53.87 -20.39 -30.87
CA SER H 321 -54.51 -20.49 -32.18
C SER H 321 -55.89 -19.82 -32.16
N PRO H 322 -56.25 -19.10 -33.22
CA PRO H 322 -57.48 -18.30 -33.18
C PRO H 322 -58.76 -19.12 -33.01
N ASP H 323 -58.89 -20.26 -33.69
CA ASP H 323 -60.09 -21.07 -33.52
C ASP H 323 -60.25 -21.54 -32.08
N ASP H 324 -59.12 -21.73 -31.39
CA ASP H 324 -59.14 -22.19 -30.01
C ASP H 324 -59.48 -21.07 -29.02
N VAL H 325 -58.98 -19.84 -29.25
CA VAL H 325 -59.32 -18.72 -28.37
C VAL H 325 -60.79 -18.29 -28.55
N LEU H 326 -61.28 -18.26 -29.77
CA LEU H 326 -62.70 -17.95 -30.00
C LEU H 326 -63.59 -18.97 -29.31
N GLU H 327 -63.23 -20.25 -29.38
CA GLU H 327 -63.96 -21.29 -28.67
C GLU H 327 -63.94 -21.07 -27.15
N PHE H 328 -62.78 -20.68 -26.61
CA PHE H 328 -62.74 -20.36 -25.19
C PHE H 328 -63.63 -19.16 -24.87
N LEU H 329 -63.55 -18.11 -25.66
CA LEU H 329 -64.43 -16.95 -25.44
C LEU H 329 -65.90 -17.37 -25.54
N LYS H 330 -66.19 -18.30 -26.45
CA LYS H 330 -67.55 -18.80 -26.55
C LYS H 330 -68.04 -19.43 -25.24
N VAL H 331 -67.20 -20.24 -24.57
CA VAL H 331 -67.59 -20.82 -23.28
C VAL H 331 -67.57 -19.77 -22.18
N TYR H 332 -66.59 -18.86 -22.21
CA TYR H 332 -66.51 -17.81 -21.20
C TYR H 332 -67.76 -16.94 -21.24
N GLU H 333 -68.25 -16.63 -22.45
CA GLU H 333 -69.44 -15.80 -22.57
C GLU H 333 -70.70 -16.54 -22.11
N LYS H 334 -70.72 -17.87 -22.21
CA LYS H 334 -71.83 -18.64 -21.67
C LYS H 334 -71.93 -18.47 -20.16
N HIS H 335 -70.82 -18.20 -19.49
CA HIS H 335 -70.79 -18.02 -18.03
C HIS H 335 -70.75 -16.55 -17.60
N SER H 336 -71.17 -15.62 -18.45
CA SER H 336 -71.19 -14.19 -18.09
C SER H 336 -72.59 -13.63 -17.84
C5 95Y I . 0.86 51.18 26.28
C7 95Y I . -1.06 47.61 23.76
C8 95Y I . 0.11 49.30 25.22
C9 95Y I . -0.72 45.07 20.59
C10 95Y I . -0.83 46.14 18.56
C2 95Y I . -1.73 45.96 20.83
C15 95Y I . 1.14 48.51 25.71
C14 95Y I . 1.95 50.49 26.81
C12 95Y I . -0.20 45.16 19.30
C18 95Y I . 2.07 49.15 26.50
C21 95Y I . -0.53 46.53 17.15
C23 95Y I . 1.01 53.00 27.87
C24 95Y I . -0.53 53.17 26.01
C25 95Y I . 0.94 44.29 18.76
C27 95Y I . -0.36 54.66 26.09
C28 95Y I . 1.14 54.50 27.84
C29 95Y I . -1.66 46.36 16.27
C30 95Y I . -2.60 44.54 15.29
N11 95Y I . -0.92 48.79 24.45
N13 95Y I . 0.66 52.49 26.54
N3 95Y I . -2.27 47.43 23.15
N6 95Y I . -0.05 50.58 25.51
O16 95Y I . -3.96 46.44 21.90
O17 95Y I . -2.39 44.92 23.02
O19 95Y I . -0.16 46.76 23.67
O20 95Y I . -0.06 55.10 27.42
O26 95Y I . -1.41 45.28 15.44
S1 95Y I . -2.63 46.10 22.28
S4 95Y I . -2.09 46.91 19.47
BR22 95Y I . 3.56 48.16 27.19
C5 95Y J . 35.01 -6.02 25.53
C7 95Y J . 34.02 -4.18 21.25
C8 95Y J . 34.39 -5.01 23.56
C9 95Y J . 31.16 -2.80 18.59
C10 95Y J . 29.97 -4.49 17.52
C2 95Y J . 32.18 -3.71 18.32
C15 95Y J . 33.73 -3.97 24.22
C14 95Y J . 34.36 -5.03 26.29
C12 95Y J . 29.90 -3.25 18.13
C18 95Y J . 33.73 -4.02 25.60
C21 95Y J . 28.85 -5.26 16.89
C23 95Y J . 35.46 -7.52 27.47
C24 95Y J . 36.70 -7.83 25.41
C25 95Y J . 28.61 -2.50 18.28
C27 95Y J . 36.35 -9.28 25.47
C28 95Y J . 35.19 -9.01 27.47
C29 95Y J . 29.17 -5.75 15.51
C30 95Y J . 28.94 -4.61 13.49
N11 95Y J . 34.49 -5.05 22.17
N13 95Y J . 35.69 -7.06 26.11
N3 95Y J . 34.33 -4.48 19.93
N6 95Y J . 35.03 -5.99 24.19
O16 95Y J . 34.57 -4.13 17.61
O17 95Y J . 34.06 -2.15 18.99
O19 95Y J . 33.32 -3.21 21.51
O20 95Y J . 36.22 -9.72 26.81
O26 95Y J . 28.27 -5.15 14.61
S1 95Y J . 33.85 -3.53 18.68
S4 95Y J . 31.62 -5.09 17.49
BR22 95Y J . 32.83 -2.64 26.56
C5 95Y K . -1.06 49.76 29.37
C7 95Y K . 3.07 50.00 31.79
C8 95Y K . 0.95 49.59 30.49
C9 95Y K . 5.44 48.39 34.88
C10 95Y K . 4.63 48.84 37.00
C2 95Y K . 5.03 49.71 34.74
C15 95Y K . 1.22 48.34 29.95
C14 95Y K . -0.86 48.51 28.76
C12 95Y K . 5.22 47.90 36.20
C18 95Y K . 0.30 47.82 29.08
C21 95Y K . 4.29 48.67 38.45
C23 95Y K . -2.55 50.84 27.71
C24 95Y K . -2.48 51.62 30.05
C25 95Y K . 5.55 46.50 36.70
C27 95Y K . -3.92 52.05 29.88
C28 95Y K . -3.97 51.34 27.66
C29 95Y K . 5.44 48.96 39.37
C30 95Y K . 5.76 50.15 41.37
N11 95Y K . 1.79 50.28 31.38
N13 95Y K . -2.17 50.52 29.12
N3 95Y K . 3.61 50.90 32.70
N6 95Y K . -0.16 50.29 30.21
O16 95Y K . 5.44 52.04 33.79
O17 95Y K . 6.02 50.11 32.40
O19 95Y K . 3.72 49.02 31.41
O20 95Y K . -4.17 52.45 28.55
O26 95Y K . 5.16 50.14 40.07
S1 95Y K . 5.12 50.74 33.31
S4 95Y K . 4.38 50.35 36.17
BR22 95Y K . 0.62 46.10 28.31
C5 95Y L . 38.11 -4.03 25.63
C7 95Y L . 36.71 -2.56 29.98
C8 95Y L . 37.35 -3.09 27.59
C9 95Y L . 36.66 0.39 33.20
C10 95Y L . 38.76 0.63 34.12
C2 95Y L . 37.11 -0.92 33.17
C15 95Y L . 36.64 -2.09 26.92
C14 95Y L . 37.43 -3.08 24.87
C12 95Y L . 37.58 1.27 33.74
C18 95Y L . 36.71 -2.11 25.54
C21 95Y L . 39.96 1.22 34.78
C23 95Y L . 38.69 -5.50 23.67
C24 95Y L . 39.91 -5.72 25.78
C25 95Y L . 37.36 2.73 33.89
C27 95Y L . 41.17 -5.65 24.99
C28 95Y L . 40.02 -5.50 22.97
C29 95Y L . 40.24 0.63 36.13
C30 95Y L . 41.88 0.51 37.80
N11 95Y L . 37.38 -3.23 29.00
N13 95Y L . 38.85 -5.03 25.07
N3 95Y L . 36.96 -2.98 31.29
N6 95Y L . 38.05 -4.03 26.97
O16 95Y L . 36.30 -3.28 33.61
O17 95Y L . 34.97 -1.83 32.19
O19 95Y L . 35.95 -1.61 29.78
O20 95Y L . 41.00 -6.22 23.71
O26 95Y L . 41.51 1.05 36.54
S1 95Y L . 36.24 -2.31 32.59
S4 95Y L . 38.67 -1.07 33.81
BR22 95Y L . 35.76 -0.75 24.55
C5 95Y M . -6.25 -51.19 -14.47
C7 95Y M . -3.19 -47.56 -14.39
C8 95Y M . -4.99 -49.29 -14.53
C9 95Y M . -0.93 -44.95 -16.54
C10 95Y M . 0.95 -45.78 -17.58
C2 95Y M . -0.42 -45.77 -15.56
C15 95Y M . -6.05 -48.51 -14.99
C14 95Y M . -7.39 -50.51 -14.92
C12 95Y M . -0.14 -44.96 -17.71
C18 95Y M . -7.25 -49.16 -15.18
C21 95Y M . 2.04 -45.99 -18.58
C23 95Y M . -7.49 -53.37 -14.38
C24 95Y M . -5.39 -53.09 -13.16
C25 95Y M . -0.44 -44.19 -18.96
C27 95Y M . -5.10 -54.53 -13.45
C28 95Y M . -7.10 -54.80 -14.60
C29 95Y M . 3.15 -45.01 -18.44
C30 95Y M . 5.48 -44.75 -18.81
N11 95Y M . -3.72 -48.80 -14.23
N13 95Y M . -6.29 -52.54 -14.18
N3 95Y M . -1.88 -47.44 -13.90
N6 95Y M . -5.09 -50.58 -14.26
O16 95Y M . 0.09 -46.36 -13.17
O17 95Y M . -1.85 -44.93 -13.64
O19 95Y M . -3.77 -46.62 -14.92
O20 95Y M . -6.29 -55.30 -13.54
O26 95Y M . 4.33 -45.60 -18.94
S1 95Y M . -1.03 -46.05 -13.98
S4 95Y M . 1.03 -46.50 -16.02
BR22 95Y M . -8.74 -48.17 -15.84
C5 95Y N . -28.13 6.51 -39.71
C7 95Y N . -24.10 4.73 -41.63
C8 95Y N . -26.16 5.55 -40.44
C9 95Y N . -20.08 3.52 -41.07
C10 95Y N . -18.55 5.24 -40.93
C2 95Y N . -20.56 4.40 -42.03
C15 95Y N . -26.23 4.52 -39.50
C14 95Y N . -28.29 5.50 -38.74
C12 95Y N . -18.92 4.00 -40.44
C18 95Y N . -27.32 4.52 -38.65
C21 95Y N . -17.36 6.06 -40.53
C23 95Y N . -29.95 7.96 -38.80
C24 95Y N . -29.13 8.33 -41.07
C25 95Y N . -18.17 3.29 -39.35
C27 95Y N . -28.93 9.76 -40.72
C28 95Y N . -29.73 9.43 -38.54
C29 95Y N . -16.54 6.44 -41.66
C30 95Y N . -14.88 5.01 -42.37
N11 95Y N . -25.10 5.64 -41.35
N13 95Y N . -29.05 7.51 -39.86
N3 95Y N . -23.20 5.12 -42.61
N6 95Y N . -27.08 6.52 -40.54
O16 95Y N . -21.56 4.60 -44.36
O17 95Y N . -22.35 2.80 -42.88
O19 95Y N . -23.98 3.66 -41.06
O20 95Y N . -29.88 10.18 -39.73
O26 95Y N . -15.26 5.99 -41.43
S1 95Y N . -21.95 4.16 -43.06
S4 95Y N . -19.59 5.77 -42.20
BR22 95Y N . -27.48 3.14 -37.35
C5 95Y O . -7.66 -50.25 -10.96
C7 95Y O . -12.08 -50.38 -12.77
C8 95Y O . -9.75 -49.99 -11.88
C9 95Y O . -16.02 -48.94 -12.72
C10 95Y O . -17.23 -49.42 -10.82
C2 95Y O . -15.64 -50.24 -12.49
C15 95Y O . -9.47 -48.70 -12.34
C14 95Y O . -7.27 -48.99 -11.39
C12 95Y O . -16.93 -48.46 -11.77
C18 95Y O . -8.19 -48.23 -12.08
C21 95Y O . -18.19 -49.31 -9.68
C23 95Y O . -5.37 -50.85 -10.25
C24 95Y O . -7.31 -52.03 -9.30
C25 95Y O . -17.51 -47.10 -11.76
C27 95Y O . -6.79 -51.67 -7.97
C28 95Y O . -4.92 -50.61 -8.83
C29 95Y O . -19.33 -50.27 -9.76
C30 95Y O . -21.67 -50.08 -9.70
N11 95Y O . -10.96 -50.67 -12.05
N13 95Y O . -6.82 -51.07 -10.29
N3 95Y O . -13.09 -51.35 -12.70
N6 95Y O . -8.87 -50.74 -11.21
O16 95Y O . -14.98 -52.56 -13.40
O17 95Y O . -14.44 -50.59 -14.76
O19 95Y O . -12.23 -49.34 -13.42
O20 95Y O . -5.38 -51.62 -7.96
O26 95Y O . -20.44 -49.71 -9.11
S1 95Y O . -14.52 -51.21 -13.47
S4 95Y O . -16.40 -50.89 -11.13
BR22 95Y O . -7.70 -46.50 -12.66
C5 95Y P . -30.09 4.30 -42.22
C7 95Y P . -32.70 2.78 -38.50
C8 95Y P . -31.18 3.38 -40.40
C9 95Y P . -35.03 -0.21 -36.86
C10 95Y P . -37.26 -0.47 -37.36
C2 95Y P . -35.46 1.09 -36.91
C15 95Y P . -30.17 2.43 -40.20
C14 95Y P . -29.03 3.39 -42.09
C12 95Y P . -36.05 -1.12 -37.13
C18 95Y P . -29.12 2.45 -41.07
C21 95Y P . -38.58 -1.12 -37.66
C23 95Y P . -28.84 5.83 -43.68
C24 95Y P . -31.20 6.21 -43.25
C25 95Y P . -35.88 -2.59 -37.17
C27 95Y P . -31.33 6.75 -44.64
C28 95Y P . -29.07 6.40 -45.05
C29 95Y P . -39.68 -0.59 -36.84
C30 95Y P . -41.82 -1.33 -36.32
N11 95Y P . -32.31 3.48 -39.60
N13 95Y P . -30.10 5.25 -43.19
N3 95Y P . -33.91 3.17 -37.94
N6 95Y P . -31.13 4.29 -41.38
O16 95Y P . -35.42 3.45 -36.09
O17 95Y P . -33.43 2.04 -35.80
O19 95Y P . -32.07 1.85 -38.02
O20 95Y P . -30.13 7.36 -45.07
O26 95Y P . -40.86 -1.05 -37.34
S1 95Y P . -34.52 2.48 -36.60
S4 95Y P . -37.11 1.24 -37.22
BR22 95Y P . -27.72 1.18 -40.86
#